data_8Q4G
#
_entry.id   8Q4G
#
loop_
_entity.id
_entity.type
_entity.pdbx_description
1 polymer 'Actin, alpha cardiac muscle 1'
2 polymer 'Tropomyosin alpha-1 chain'
#
loop_
_entity_poly.entity_id
_entity_poly.type
_entity_poly.pdbx_seq_one_letter_code
_entity_poly.pdbx_strand_id
1 'polypeptide(L)'
;ETTALVCDNGSGLVKAGFAGDDAPRAVFPSIVGRPRHQGVMVGMGQKDSYVGDEAQSKRGILTLKYPIEHGIITNWDDME
KIWHHTFYNELRVAPEEHPTLLTEAPLNPKANREKMTQIMFETFNVPAMYVAIQAVLSLYASGRTTGIVLDSGDGVTHNV
PIYEGYALPHAIMRLDLAGRDLTDYLMKILTERGYSFVTTAEREIVRDIKEKLCYVALDFENEMATAASSSSLEKSYELP
DGQVITIGNERFRCPETLFQPSFIGMESAGIHETTYNSIMKCDIDIRKDLYANNVLSGGTTMYPGIADRMQKEITALAPS
TMKIKIIAPPERKYSVWIGGSILASLSTFQQMWISKQEYDEAGPSIVHRKCF
;
A,B,C,D,E,F,I
2 'polypeptide(L)'
;IQLVEEELDRAQERLATALQKLEEAEKAADESERGMKVIESRAQKDEEKMEIQEIQLKEAKHIAEDADRKYEEVARKLVI
IESDLERAEERAELSEGKCAELEEELKTVTNNLKSLEAQAEKYSQKEDKYEEEIKVLSDKLKEAETRAEFAERSVTKLEK
SIDDLEDELYAQKLKYKAI
;
G,H
#
# COMPACT_ATOMS: atom_id res chain seq x y z
N GLU A 1 -6.16 -57.98 56.29
CA GLU A 1 -5.25 -56.98 56.01
C GLU A 1 -5.96 -55.86 55.28
N THR A 2 -5.89 -54.69 55.88
CA THR A 2 -6.44 -53.40 55.46
C THR A 2 -5.73 -52.94 54.25
N THR A 3 -6.57 -52.46 53.27
CA THR A 3 -6.06 -52.38 51.93
C THR A 3 -5.04 -51.20 51.84
N ALA A 4 -3.85 -51.59 51.41
CA ALA A 4 -2.82 -50.62 51.39
C ALA A 4 -2.74 -50.15 49.99
N LEU A 5 -2.35 -48.87 49.85
CA LEU A 5 -1.99 -48.32 48.63
C LEU A 5 -0.53 -48.44 48.50
N VAL A 6 -0.15 -48.61 47.25
CA VAL A 6 1.25 -48.67 46.88
C VAL A 6 1.32 -47.59 45.90
N CYS A 7 2.15 -46.54 46.23
CA CYS A 7 2.26 -45.45 45.32
C CYS A 7 3.73 -45.36 44.98
N ASP A 8 4.15 -45.95 43.75
CA ASP A 8 5.47 -45.86 43.23
C ASP A 8 5.57 -44.59 42.51
N ASN A 9 6.29 -43.66 43.15
CA ASN A 9 6.37 -42.24 42.78
C ASN A 9 7.50 -41.97 41.76
N GLY A 10 7.33 -42.49 40.53
CA GLY A 10 8.34 -42.35 39.48
C GLY A 10 8.56 -40.91 38.98
N SER A 11 9.77 -40.63 38.48
CA SER A 11 10.18 -39.30 37.97
C SER A 11 9.58 -38.91 36.60
N GLY A 12 8.81 -39.80 35.97
CA GLY A 12 8.16 -39.56 34.67
C GLY A 12 6.77 -40.18 34.52
N LEU A 13 6.57 -41.42 35.01
CA LEU A 13 5.25 -42.00 35.27
C LEU A 13 5.08 -42.32 36.77
N VAL A 14 4.03 -41.80 37.40
CA VAL A 14 3.56 -42.26 38.71
C VAL A 14 2.77 -43.55 38.53
N LYS A 15 3.00 -44.55 39.39
CA LYS A 15 2.33 -45.86 39.32
C LYS A 15 1.63 -46.14 40.65
N ALA A 16 0.31 -46.23 40.66
CA ALA A 16 -0.50 -46.28 41.88
C ALA A 16 -1.47 -47.47 41.86
N GLY A 17 -1.75 -48.04 43.03
CA GLY A 17 -2.85 -48.97 43.13
C GLY A 17 -2.87 -49.55 44.46
N PHE A 18 -3.75 -50.57 44.52
CA PHE A 18 -4.17 -51.26 45.67
C PHE A 18 -3.31 -52.45 45.76
N ALA A 19 -3.03 -52.76 47.06
CA ALA A 19 -2.30 -53.96 47.37
C ALA A 19 -3.23 -55.19 47.34
N GLY A 20 -2.57 -56.32 47.19
CA GLY A 20 -3.24 -57.58 46.86
C GLY A 20 -3.37 -57.78 45.43
N ASP A 21 -2.97 -56.83 44.59
CA ASP A 21 -2.87 -56.90 43.09
C ASP A 21 -1.41 -57.09 42.77
N ASP A 22 -1.14 -57.70 41.58
CA ASP A 22 0.20 -58.08 41.16
C ASP A 22 0.55 -57.15 40.02
N ALA A 23 -0.30 -56.08 39.85
CA ALA A 23 -0.10 -55.13 38.75
C ALA A 23 -0.62 -53.77 39.17
N PRO A 24 -0.02 -52.63 38.78
CA PRO A 24 -0.53 -51.30 39.16
C PRO A 24 -1.90 -50.98 38.52
N ARG A 25 -2.74 -50.23 39.23
CA ARG A 25 -4.11 -49.86 38.78
C ARG A 25 -4.13 -48.64 37.86
N ALA A 26 -3.33 -47.63 38.17
CA ALA A 26 -3.22 -46.39 37.41
C ALA A 26 -1.74 -46.06 37.16
N VAL A 27 -1.41 -45.72 35.91
CA VAL A 27 -0.06 -45.30 35.50
C VAL A 27 -0.17 -44.03 34.66
N PHE A 28 0.37 -42.91 35.14
CA PHE A 28 0.08 -41.58 34.58
C PHE A 28 1.28 -40.61 34.67
N PRO A 29 1.38 -39.59 33.79
CA PRO A 29 2.50 -38.66 33.77
C PRO A 29 2.76 -37.92 35.09
N SER A 30 4.02 -37.83 35.51
CA SER A 30 4.49 -37.08 36.68
C SER A 30 4.51 -35.56 36.44
N ILE A 31 3.38 -34.98 36.01
CA ILE A 31 3.26 -33.55 35.67
C ILE A 31 2.15 -32.86 36.47
N VAL A 32 2.39 -31.59 36.78
CA VAL A 32 1.43 -30.64 37.38
C VAL A 32 1.57 -29.31 36.63
N GLY A 33 0.50 -28.53 36.49
CA GLY A 33 0.54 -27.24 35.82
C GLY A 33 -0.47 -26.23 36.36
N ARG A 34 -0.20 -24.94 36.14
CA ARG A 34 -1.00 -23.81 36.66
C ARG A 34 -1.26 -22.77 35.55
N PRO A 35 -2.40 -22.05 35.55
CA PRO A 35 -2.77 -21.12 34.47
C PRO A 35 -1.69 -20.07 34.13
N ARG A 36 -1.48 -19.81 32.84
CA ARG A 36 -0.55 -18.78 32.32
C ARG A 36 -0.97 -17.35 32.67
N HIS A 37 -2.28 -17.08 32.75
CA HIS A 37 -2.86 -15.76 33.04
C HIS A 37 -4.14 -15.90 33.88
N GLN A 38 -4.50 -14.85 34.63
CA GLN A 38 -5.83 -14.74 35.25
C GLN A 38 -6.86 -14.41 34.17
N GLY A 39 -7.81 -15.33 33.95
CA GLY A 39 -8.69 -15.34 32.78
C GLY A 39 -8.01 -15.94 31.55
N VAL A 40 -8.31 -17.21 31.26
CA VAL A 40 -7.71 -17.98 30.15
C VAL A 40 -8.67 -18.99 29.50
N MET A 41 -9.84 -19.25 30.10
CA MET A 41 -10.86 -20.18 29.58
C MET A 41 -12.29 -19.65 29.82
N VAL A 42 -13.19 -19.86 28.86
CA VAL A 42 -14.60 -19.37 28.85
C VAL A 42 -15.58 -20.54 28.70
N GLY A 43 -16.73 -20.47 29.39
CA GLY A 43 -17.80 -21.47 29.32
C GLY A 43 -17.54 -22.78 30.08
N MET A 44 -16.43 -22.86 30.81
CA MET A 44 -15.93 -24.03 31.54
C MET A 44 -15.26 -23.60 32.86
N GLY A 45 -15.15 -24.51 33.81
CA GLY A 45 -14.55 -24.24 35.13
C GLY A 45 -13.02 -24.09 35.10
N GLN A 46 -12.52 -22.91 35.42
CA GLN A 46 -11.10 -22.67 35.68
C GLN A 46 -10.67 -23.27 37.04
N LYS A 47 -9.40 -23.70 37.13
CA LYS A 47 -8.78 -24.23 38.35
C LYS A 47 -7.41 -23.59 38.58
N ASP A 48 -6.98 -23.50 39.84
CA ASP A 48 -5.66 -22.99 40.20
C ASP A 48 -4.52 -23.96 39.86
N SER A 49 -4.82 -25.25 39.71
CA SER A 49 -3.87 -26.28 39.24
C SER A 49 -4.54 -27.45 38.53
N TYR A 50 -3.78 -28.12 37.66
CA TYR A 50 -4.17 -29.30 36.88
C TYR A 50 -3.05 -30.36 36.93
N VAL A 51 -3.38 -31.64 36.72
CA VAL A 51 -2.48 -32.78 36.99
C VAL A 51 -2.59 -33.87 35.93
N GLY A 52 -1.49 -34.57 35.62
CA GLY A 52 -1.51 -35.85 34.89
C GLY A 52 -2.25 -35.82 33.55
N ASP A 53 -3.13 -36.81 33.31
CA ASP A 53 -3.93 -36.88 32.07
C ASP A 53 -4.96 -35.74 31.93
N GLU A 54 -5.46 -35.17 33.03
CA GLU A 54 -6.33 -33.98 32.98
C GLU A 54 -5.57 -32.77 32.42
N ALA A 55 -4.34 -32.52 32.90
CA ALA A 55 -3.44 -31.50 32.35
C ALA A 55 -3.07 -31.81 30.89
N GLN A 56 -2.69 -33.05 30.57
CA GLN A 56 -2.30 -33.46 29.22
C GLN A 56 -3.45 -33.29 28.20
N SER A 57 -4.71 -33.44 28.62
CA SER A 57 -5.88 -33.28 27.73
C SER A 57 -6.07 -31.86 27.18
N LYS A 58 -5.66 -30.83 27.93
CA LYS A 58 -5.79 -29.39 27.60
C LYS A 58 -4.57 -28.60 28.06
N ARG A 59 -3.37 -29.04 27.64
CA ARG A 59 -2.06 -28.54 28.11
C ARG A 59 -1.81 -27.05 27.82
N GLY A 60 -2.42 -26.50 26.77
CA GLY A 60 -2.13 -25.16 26.25
C GLY A 60 -2.29 -24.00 27.25
N ILE A 61 -3.23 -24.09 28.21
CA ILE A 61 -3.43 -23.02 29.22
C ILE A 61 -2.37 -22.99 30.34
N LEU A 62 -1.49 -23.99 30.42
CA LEU A 62 -0.66 -24.27 31.60
C LEU A 62 0.81 -23.87 31.45
N THR A 63 1.38 -23.33 32.52
CA THR A 63 2.82 -23.45 32.80
C THR A 63 3.00 -24.72 33.61
N LEU A 64 3.73 -25.73 33.12
CA LEU A 64 4.03 -26.92 33.91
C LEU A 64 5.11 -26.64 34.96
N LYS A 65 4.95 -27.22 36.16
CA LYS A 65 5.97 -27.24 37.22
C LYS A 65 6.05 -28.65 37.80
N TYR A 66 7.26 -29.16 38.01
CA TYR A 66 7.50 -30.59 38.15
C TYR A 66 7.60 -31.01 39.62
N PRO A 67 6.82 -32.02 40.08
CA PRO A 67 6.82 -32.44 41.47
C PRO A 67 8.13 -33.15 41.85
N ILE A 68 8.65 -33.96 40.93
CA ILE A 68 9.86 -34.77 41.09
C ILE A 68 10.82 -34.47 39.93
N GLU A 69 12.09 -34.26 40.26
CA GLU A 69 13.20 -34.22 39.29
C GLU A 69 14.37 -35.05 39.83
N HIS A 70 14.93 -35.91 38.99
CA HIS A 70 16.05 -36.81 39.32
C HIS A 70 15.91 -37.64 40.63
N GLY A 71 14.66 -38.10 40.92
CA GLY A 71 14.27 -38.95 41.95
C GLY A 71 14.15 -38.21 43.20
N ILE A 72 14.27 -36.86 43.20
CA ILE A 72 14.09 -35.96 44.34
C ILE A 72 12.78 -35.20 44.16
N ILE A 73 11.93 -35.10 45.20
CA ILE A 73 10.79 -34.16 45.18
C ILE A 73 11.38 -32.74 45.21
N THR A 74 11.35 -32.02 44.08
CA THR A 74 11.87 -30.65 43.98
C THR A 74 10.81 -29.57 44.20
N ASN A 75 9.52 -29.94 44.29
CA ASN A 75 8.49 -29.06 44.82
C ASN A 75 7.41 -29.83 45.59
N TRP A 76 7.24 -29.51 46.88
CA TRP A 76 6.30 -30.14 47.75
C TRP A 76 4.90 -29.88 47.22
N ASP A 77 4.60 -28.64 46.82
CA ASP A 77 3.23 -28.18 46.51
C ASP A 77 2.62 -28.93 45.32
N ASP A 78 3.47 -29.45 44.42
CA ASP A 78 3.07 -30.22 43.25
C ASP A 78 3.02 -31.73 43.56
N MET A 79 3.91 -32.25 44.41
CA MET A 79 3.83 -33.64 44.90
C MET A 79 2.50 -33.89 45.63
N GLU A 80 2.06 -32.91 46.42
CA GLU A 80 0.76 -32.85 46.90
C GLU A 80 -0.42 -32.92 45.90
N LYS A 81 -0.29 -32.33 44.72
CA LYS A 81 -1.33 -32.35 43.68
C LYS A 81 -1.35 -33.68 42.94
N ILE A 82 -0.19 -34.33 42.74
CA ILE A 82 -0.13 -35.75 42.35
C ILE A 82 -0.88 -36.62 43.36
N TRP A 83 -0.66 -36.41 44.67
CA TRP A 83 -1.32 -37.19 45.69
C TRP A 83 -2.75 -36.97 45.78
N HIS A 84 -3.20 -35.72 45.64
CA HIS A 84 -4.63 -35.37 45.61
C HIS A 84 -5.34 -36.00 44.41
N HIS A 85 -4.73 -35.92 43.23
CA HIS A 85 -5.17 -36.59 42.01
C HIS A 85 -5.25 -38.12 42.22
N THR A 86 -4.21 -38.71 42.82
CA THR A 86 -4.11 -40.16 43.09
C THR A 86 -5.29 -40.71 43.90
N PHE A 87 -5.60 -40.14 45.07
CA PHE A 87 -6.61 -40.70 45.91
C PHE A 87 -7.96 -40.43 45.31
N TYR A 88 -8.27 -39.14 44.97
CA TYR A 88 -9.70 -38.71 44.82
C TYR A 88 -10.19 -38.81 43.43
N ASN A 89 -9.35 -38.75 42.39
CA ASN A 89 -9.66 -38.79 40.97
C ASN A 89 -9.42 -40.17 40.36
N GLU A 90 -8.24 -40.76 40.56
CA GLU A 90 -7.83 -41.97 39.82
C GLU A 90 -8.24 -43.30 40.48
N LEU A 91 -8.39 -43.36 41.81
CA LEU A 91 -8.76 -44.59 42.55
C LEU A 91 -10.06 -44.44 43.22
N ARG A 92 -10.49 -43.15 43.24
CA ARG A 92 -11.70 -42.64 43.81
C ARG A 92 -12.00 -43.22 45.15
N VAL A 93 -11.01 -43.13 46.13
CA VAL A 93 -11.17 -43.67 47.48
C VAL A 93 -10.64 -42.71 48.48
N ALA A 94 -11.10 -42.80 49.76
CA ALA A 94 -10.63 -42.05 50.88
C ALA A 94 -9.30 -42.66 51.31
N PRO A 95 -8.14 -41.99 51.24
CA PRO A 95 -6.82 -42.39 51.74
C PRO A 95 -6.80 -42.62 53.21
N GLU A 96 -7.65 -41.94 54.00
CA GLU A 96 -7.76 -42.01 55.42
C GLU A 96 -8.24 -43.38 55.90
N GLU A 97 -8.75 -44.26 54.97
CA GLU A 97 -9.17 -45.65 55.20
C GLU A 97 -8.09 -46.63 54.91
N HIS A 98 -7.01 -46.21 54.17
CA HIS A 98 -6.03 -47.08 53.49
C HIS A 98 -4.65 -46.70 53.90
N PRO A 99 -3.96 -47.59 54.58
CA PRO A 99 -2.53 -47.46 54.82
C PRO A 99 -1.78 -47.19 53.56
N THR A 100 -0.63 -46.57 53.71
CA THR A 100 0.07 -46.12 52.48
C THR A 100 1.43 -46.65 52.48
N LEU A 101 1.85 -47.51 51.51
CA LEU A 101 3.28 -47.74 51.26
C LEU A 101 3.72 -46.74 50.17
N LEU A 102 4.76 -45.89 50.57
CA LEU A 102 5.39 -44.94 49.76
C LEU A 102 6.71 -45.64 49.42
N THR A 103 7.20 -45.40 48.19
CA THR A 103 8.52 -45.84 47.81
C THR A 103 9.43 -44.67 47.91
N GLU A 104 10.76 -44.90 48.21
CA GLU A 104 11.71 -43.84 48.28
C GLU A 104 12.88 -44.32 47.46
N ALA A 105 13.63 -43.38 46.91
CA ALA A 105 14.85 -43.51 46.21
C ALA A 105 15.92 -43.98 47.19
N PRO A 106 16.87 -44.86 46.83
CA PRO A 106 18.01 -45.25 47.71
C PRO A 106 18.84 -44.08 48.10
N LEU A 107 18.96 -43.73 49.44
CA LEU A 107 19.64 -42.60 50.02
C LEU A 107 18.87 -41.33 49.75
N ASN A 108 17.46 -41.28 49.85
CA ASN A 108 16.67 -40.05 49.70
C ASN A 108 16.98 -39.11 50.87
N PRO A 109 16.92 -37.77 50.68
CA PRO A 109 17.27 -36.86 51.74
C PRO A 109 16.28 -37.02 52.93
N LYS A 110 16.84 -37.01 54.14
CA LYS A 110 16.13 -37.14 55.40
C LYS A 110 15.14 -36.01 55.64
N ALA A 111 15.58 -34.77 55.25
CA ALA A 111 14.58 -33.69 55.35
C ALA A 111 13.30 -33.91 54.50
N ASN A 112 13.51 -34.54 53.32
CA ASN A 112 12.49 -35.07 52.40
C ASN A 112 11.71 -36.20 52.88
N ARG A 113 12.32 -37.22 53.62
CA ARG A 113 11.65 -38.38 54.21
C ARG A 113 10.59 -37.90 55.17
N GLU A 114 10.99 -36.91 56.03
CA GLU A 114 10.17 -36.20 56.95
C GLU A 114 9.08 -35.31 56.37
N LYS A 115 9.32 -34.53 55.31
CA LYS A 115 8.28 -33.68 54.80
C LYS A 115 7.29 -34.53 54.19
N MET A 116 7.66 -35.64 53.48
CA MET A 116 6.72 -36.69 53.06
C MET A 116 5.96 -37.31 54.19
N THR A 117 6.59 -37.60 55.35
CA THR A 117 5.81 -38.20 56.52
C THR A 117 4.75 -37.30 56.99
N GLN A 118 5.12 -36.05 57.26
CA GLN A 118 4.28 -35.01 57.69
C GLN A 118 3.06 -34.62 56.82
N ILE A 119 3.31 -34.45 55.52
CA ILE A 119 2.30 -34.17 54.49
C ILE A 119 1.33 -35.30 54.37
N MET A 120 1.78 -36.58 54.38
CA MET A 120 0.81 -37.64 54.38
C MET A 120 -0.10 -37.70 55.54
N PHE A 121 0.34 -37.47 56.78
CA PHE A 121 -0.40 -37.58 58.04
C PHE A 121 -1.30 -36.42 58.32
N GLU A 122 -0.80 -35.18 57.99
CA GLU A 122 -1.57 -34.03 58.44
C GLU A 122 -2.65 -33.66 57.53
N THR A 123 -2.42 -33.66 56.26
CA THR A 123 -3.39 -33.27 55.26
C THR A 123 -4.33 -34.43 54.84
N PHE A 124 -3.80 -35.60 54.42
CA PHE A 124 -4.50 -36.74 53.95
C PHE A 124 -5.09 -37.61 55.11
N ASN A 125 -4.55 -37.41 56.36
CA ASN A 125 -4.88 -38.12 57.53
C ASN A 125 -4.78 -39.62 57.46
N VAL A 126 -3.65 -40.15 56.92
CA VAL A 126 -3.46 -41.51 56.66
C VAL A 126 -3.52 -42.29 57.96
N PRO A 127 -3.95 -43.50 58.08
CA PRO A 127 -3.94 -44.17 59.35
C PRO A 127 -2.57 -44.55 59.67
N ALA A 128 -1.90 -45.00 58.59
CA ALA A 128 -0.65 -45.56 58.79
C ALA A 128 0.06 -45.46 57.54
N MET A 129 1.41 -45.46 57.63
CA MET A 129 2.26 -45.46 56.47
C MET A 129 3.59 -46.14 56.80
N TYR A 130 4.33 -46.53 55.72
CA TYR A 130 5.66 -47.02 55.82
C TYR A 130 6.26 -46.50 54.56
N VAL A 131 7.64 -46.27 54.62
CA VAL A 131 8.41 -45.86 53.44
C VAL A 131 9.41 -46.98 53.25
N ALA A 132 9.43 -47.55 52.02
CA ALA A 132 10.35 -48.60 51.73
C ALA A 132 11.17 -48.20 50.50
N ILE A 133 12.46 -48.67 50.50
CA ILE A 133 13.32 -48.29 49.41
C ILE A 133 12.97 -48.96 48.05
N GLN A 134 12.83 -48.25 46.95
CA GLN A 134 12.36 -48.80 45.70
C GLN A 134 13.14 -50.10 45.18
N ALA A 135 14.50 -50.17 45.27
CA ALA A 135 15.36 -51.25 44.91
C ALA A 135 15.17 -52.47 45.73
N VAL A 136 14.91 -52.19 47.02
CA VAL A 136 14.74 -53.23 47.95
C VAL A 136 13.46 -54.05 47.57
N LEU A 137 12.44 -53.28 47.23
CA LEU A 137 11.20 -53.83 46.64
C LEU A 137 11.38 -54.51 45.29
N SER A 138 12.18 -53.98 44.41
CA SER A 138 12.33 -54.58 43.11
C SER A 138 12.89 -56.03 43.20
N LEU A 139 13.86 -56.28 44.19
CA LEU A 139 14.39 -57.55 44.53
C LEU A 139 13.29 -58.48 45.08
N TYR A 140 12.42 -58.00 46.01
CA TYR A 140 11.33 -58.83 46.52
C TYR A 140 10.40 -59.31 45.43
N ALA A 141 10.11 -58.47 44.43
CA ALA A 141 9.44 -58.82 43.18
C ALA A 141 10.06 -59.90 42.37
N SER A 142 11.44 -60.06 42.43
CA SER A 142 12.07 -61.12 41.71
C SER A 142 12.16 -62.41 42.50
N GLY A 143 11.62 -62.44 43.71
CA GLY A 143 11.63 -63.61 44.59
C GLY A 143 12.89 -63.96 45.29
N ARG A 144 13.76 -62.90 45.63
CA ARG A 144 14.92 -63.18 46.33
C ARG A 144 15.00 -62.17 47.44
N THR A 145 15.91 -62.50 48.39
CA THR A 145 16.39 -61.66 49.44
C THR A 145 17.89 -61.46 49.28
N THR A 146 18.57 -61.87 48.13
CA THR A 146 20.01 -61.63 47.84
C THR A 146 20.23 -61.35 46.34
N GLY A 147 20.89 -60.22 46.07
CA GLY A 147 21.26 -59.87 44.79
C GLY A 147 21.53 -58.44 44.73
N ILE A 148 21.81 -57.86 43.53
CA ILE A 148 22.01 -56.41 43.36
C ILE A 148 20.88 -55.89 42.58
N VAL A 149 20.25 -54.78 42.93
CA VAL A 149 19.28 -54.14 42.04
C VAL A 149 19.95 -52.83 41.55
N LEU A 150 20.05 -52.78 40.21
CA LEU A 150 20.25 -51.70 39.34
C LEU A 150 18.82 -51.25 38.96
N ASP A 151 18.30 -50.22 39.70
CA ASP A 151 17.01 -49.59 39.48
C ASP A 151 17.37 -48.39 38.70
N SER A 152 16.88 -48.28 37.42
CA SER A 152 17.28 -47.16 36.62
C SER A 152 15.88 -46.65 36.23
N GLY A 153 15.54 -45.53 36.87
CA GLY A 153 14.34 -44.79 36.86
C GLY A 153 14.01 -44.07 35.62
N ASP A 154 13.15 -43.07 35.72
CA ASP A 154 12.78 -42.14 34.72
C ASP A 154 13.46 -40.87 35.09
N GLY A 155 14.77 -41.00 35.60
CA GLY A 155 15.45 -39.89 36.29
C GLY A 155 16.74 -40.17 37.19
N VAL A 156 16.84 -41.39 37.75
CA VAL A 156 17.97 -41.75 38.59
C VAL A 156 18.24 -43.18 38.50
N THR A 157 19.54 -43.56 38.42
CA THR A 157 19.93 -45.00 38.46
C THR A 157 20.68 -45.23 39.79
N HIS A 158 20.32 -46.25 40.57
CA HIS A 158 20.93 -46.59 41.78
C HIS A 158 21.35 -48.04 41.74
N ASN A 159 22.57 -48.38 42.26
CA ASN A 159 22.94 -49.77 42.50
C ASN A 159 23.01 -50.05 43.97
N VAL A 160 22.13 -50.94 44.43
CA VAL A 160 21.89 -51.29 45.79
C VAL A 160 22.17 -52.74 45.90
N PRO A 161 23.24 -53.20 46.50
CA PRO A 161 23.52 -54.62 46.84
C PRO A 161 22.80 -54.97 48.05
N ILE A 162 22.07 -56.12 48.01
CA ILE A 162 21.24 -56.49 49.14
C ILE A 162 21.59 -57.84 49.44
N TYR A 163 21.79 -58.06 50.80
CA TYR A 163 22.12 -59.34 51.38
C TYR A 163 21.18 -59.62 52.49
N GLU A 164 20.42 -60.75 52.56
CA GLU A 164 19.55 -61.13 53.64
C GLU A 164 18.40 -60.23 53.81
N GLY A 165 18.11 -59.50 52.67
CA GLY A 165 17.03 -58.52 52.56
C GLY A 165 17.41 -57.20 53.11
N TYR A 166 18.74 -57.04 53.53
CA TYR A 166 19.33 -55.82 54.13
C TYR A 166 20.14 -55.12 53.05
N ALA A 167 19.78 -53.80 52.75
CA ALA A 167 20.55 -52.92 51.91
C ALA A 167 21.85 -52.59 52.62
N LEU A 168 23.03 -52.53 51.89
CA LEU A 168 24.32 -52.27 52.46
C LEU A 168 24.70 -50.88 52.13
N PRO A 169 24.71 -50.03 53.14
CA PRO A 169 24.73 -48.63 52.90
C PRO A 169 26.02 -48.09 52.25
N HIS A 170 27.19 -48.70 52.57
CA HIS A 170 28.54 -48.36 52.17
C HIS A 170 28.72 -48.63 50.70
N ALA A 171 27.91 -49.51 50.06
CA ALA A 171 28.07 -49.93 48.72
C ALA A 171 26.97 -49.44 47.76
N ILE A 172 26.01 -48.58 48.25
CA ILE A 172 24.95 -47.89 47.49
C ILE A 172 25.60 -46.83 46.57
N MET A 173 25.36 -46.95 45.26
CA MET A 173 25.87 -46.02 44.26
C MET A 173 24.69 -45.36 43.72
N ARG A 174 24.67 -44.03 43.65
CA ARG A 174 23.55 -43.29 43.10
C ARG A 174 24.16 -42.63 41.97
N LEU A 175 23.49 -42.60 40.80
CA LEU A 175 23.96 -42.00 39.60
C LEU A 175 22.81 -41.27 39.02
N ASP A 176 22.91 -39.96 38.91
CA ASP A 176 21.89 -39.15 38.36
C ASP A 176 22.10 -39.11 36.85
N LEU A 177 21.33 -39.97 36.06
CA LEU A 177 21.32 -40.11 34.64
C LEU A 177 20.48 -41.28 34.37
N ALA A 178 19.41 -41.01 33.72
CA ALA A 178 18.45 -41.98 33.37
C ALA A 178 17.41 -41.17 32.60
N GLY A 179 16.15 -41.65 32.68
CA GLY A 179 15.08 -41.31 31.74
C GLY A 179 14.75 -39.84 31.55
N ARG A 180 14.85 -39.00 32.59
CA ARG A 180 14.61 -37.55 32.49
C ARG A 180 15.69 -36.88 31.63
N ASP A 181 16.94 -37.19 31.93
CA ASP A 181 18.10 -36.66 31.33
C ASP A 181 18.16 -37.09 29.92
N LEU A 182 17.79 -38.35 29.67
CA LEU A 182 17.82 -39.05 28.44
C LEU A 182 16.97 -38.37 27.40
N THR A 183 15.77 -37.81 27.77
CA THR A 183 14.95 -37.03 26.89
C THR A 183 15.61 -35.77 26.50
N ASP A 184 16.18 -35.03 27.46
CA ASP A 184 16.83 -33.73 27.19
C ASP A 184 18.05 -33.93 26.28
N TYR A 185 18.80 -34.98 26.53
CA TYR A 185 19.91 -35.39 25.67
C TYR A 185 19.50 -35.77 24.30
N LEU A 186 18.37 -36.50 24.16
CA LEU A 186 17.91 -36.97 22.87
C LEU A 186 17.56 -35.81 22.02
N MET A 187 16.90 -34.80 22.63
CA MET A 187 16.44 -33.58 22.04
C MET A 187 17.62 -32.76 21.53
N LYS A 188 18.71 -32.67 22.31
CA LYS A 188 19.93 -31.95 21.87
C LYS A 188 20.50 -32.53 20.57
N ILE A 189 20.68 -33.86 20.53
CA ILE A 189 21.31 -34.59 19.45
C ILE A 189 20.51 -34.70 18.15
N LEU A 190 19.13 -34.62 18.23
CA LEU A 190 18.22 -34.38 17.17
C LEU A 190 18.37 -33.01 16.63
N THR A 191 18.62 -31.90 17.38
CA THR A 191 18.81 -30.52 16.90
C THR A 191 20.06 -30.53 16.06
N GLU A 192 21.06 -31.31 16.55
CA GLU A 192 22.29 -31.50 15.84
C GLU A 192 22.20 -32.11 14.52
N ARG A 193 21.22 -33.03 14.33
CA ARG A 193 20.89 -33.64 13.03
C ARG A 193 20.13 -32.68 12.14
N GLY A 194 19.51 -31.67 12.73
CA GLY A 194 18.81 -30.67 12.00
C GLY A 194 17.34 -30.87 12.15
N TYR A 195 16.87 -31.67 13.12
CA TYR A 195 15.51 -31.75 13.53
C TYR A 195 15.41 -31.02 14.80
N SER A 196 15.48 -29.60 14.74
CA SER A 196 15.47 -28.77 15.93
C SER A 196 14.11 -28.83 16.56
N PHE A 197 14.15 -29.15 17.85
CA PHE A 197 13.03 -29.12 18.78
C PHE A 197 13.46 -28.14 19.86
N VAL A 198 12.62 -27.17 20.20
CA VAL A 198 13.02 -26.07 21.04
C VAL A 198 11.85 -25.96 22.00
N THR A 199 10.64 -26.52 21.76
CA THR A 199 9.44 -26.31 22.59
C THR A 199 9.14 -27.54 23.43
N THR A 200 8.77 -27.40 24.71
CA THR A 200 8.54 -28.56 25.60
C THR A 200 7.34 -29.42 25.17
N ALA A 201 6.37 -28.85 24.45
CA ALA A 201 5.33 -29.61 23.75
C ALA A 201 5.90 -30.62 22.72
N GLU A 202 7.07 -30.35 22.14
CA GLU A 202 7.81 -31.28 21.27
C GLU A 202 8.60 -32.30 22.12
N ARG A 203 9.24 -31.85 23.21
CA ARG A 203 10.02 -32.68 24.14
C ARG A 203 9.26 -33.89 24.67
N GLU A 204 7.96 -33.77 24.93
CA GLU A 204 7.12 -34.91 25.34
C GLU A 204 6.90 -35.94 24.21
N ILE A 205 6.97 -35.55 22.94
CA ILE A 205 6.96 -36.48 21.81
C ILE A 205 8.34 -37.16 21.70
N VAL A 206 9.42 -36.41 21.91
CA VAL A 206 10.80 -36.86 22.00
C VAL A 206 10.98 -37.87 23.12
N ARG A 207 10.25 -37.68 24.23
CA ARG A 207 10.17 -38.64 25.26
C ARG A 207 9.57 -39.96 24.89
N ASP A 208 8.40 -39.86 24.11
CA ASP A 208 7.67 -41.02 23.64
C ASP A 208 8.50 -41.82 22.69
N ILE A 209 9.20 -41.10 21.77
CA ILE A 209 10.18 -41.62 20.80
C ILE A 209 11.27 -42.41 21.33
N LYS A 210 11.80 -41.83 22.41
CA LYS A 210 12.84 -42.47 23.17
C LYS A 210 12.46 -43.84 23.73
N GLU A 211 11.28 -43.96 24.35
CA GLU A 211 10.68 -45.14 24.94
C GLU A 211 10.38 -46.13 23.88
N LYS A 212 9.92 -45.74 22.63
CA LYS A 212 9.58 -46.66 21.58
C LYS A 212 10.69 -47.16 20.74
N LEU A 213 11.69 -46.31 20.41
CA LEU A 213 12.64 -46.53 19.37
C LEU A 213 13.99 -46.75 19.88
N CYS A 214 14.44 -46.29 21.12
CA CYS A 214 15.72 -46.59 21.60
C CYS A 214 15.96 -48.04 21.90
N TYR A 215 17.19 -48.54 21.71
CA TYR A 215 17.52 -49.86 21.88
C TYR A 215 18.90 -49.79 22.37
N VAL A 216 19.33 -50.82 23.25
CA VAL A 216 20.66 -50.88 23.76
C VAL A 216 21.44 -51.74 22.69
N ALA A 217 22.51 -51.18 22.08
CA ALA A 217 23.42 -51.92 21.25
C ALA A 217 24.20 -52.82 22.09
N LEU A 218 24.53 -54.01 21.49
CA LEU A 218 25.43 -55.01 22.07
C LEU A 218 26.89 -54.62 21.89
N ASP A 219 27.18 -54.00 20.67
CA ASP A 219 28.49 -53.39 20.47
C ASP A 219 28.44 -52.04 19.85
N PHE A 220 28.82 -51.00 20.62
CA PHE A 220 28.68 -49.55 20.35
C PHE A 220 29.48 -49.12 19.12
N GLU A 221 30.73 -49.54 18.97
CA GLU A 221 31.50 -49.19 17.83
C GLU A 221 30.94 -49.84 16.57
N ASN A 222 30.53 -51.19 16.62
CA ASN A 222 30.02 -51.92 15.47
C ASN A 222 28.73 -51.49 14.94
N GLU A 223 27.78 -51.09 15.86
CA GLU A 223 26.54 -50.43 15.47
C GLU A 223 26.74 -49.04 14.95
N MET A 224 27.60 -48.26 15.58
CA MET A 224 27.98 -46.94 15.06
C MET A 224 28.52 -46.99 13.67
N ALA A 225 29.40 -48.03 13.41
CA ALA A 225 29.93 -48.23 12.08
C ALA A 225 28.92 -48.59 11.04
N THR A 226 27.92 -49.43 11.47
CA THR A 226 26.88 -49.86 10.65
C THR A 226 26.06 -48.68 10.21
N ALA A 227 25.66 -47.78 11.13
CA ALA A 227 24.97 -46.60 10.75
C ALA A 227 25.76 -45.61 9.84
N ALA A 228 27.09 -45.58 9.98
CA ALA A 228 27.95 -44.74 9.12
C ALA A 228 28.12 -45.26 7.69
N SER A 229 27.93 -46.59 7.47
CA SER A 229 28.22 -47.42 6.31
C SER A 229 26.91 -47.71 5.65
N SER A 230 25.75 -47.52 6.29
CA SER A 230 24.55 -47.90 5.68
C SER A 230 23.53 -47.17 6.54
N SER A 231 22.38 -46.79 5.93
CA SER A 231 21.22 -46.30 6.57
C SER A 231 20.21 -47.33 6.98
N SER A 232 20.60 -48.47 7.52
CA SER A 232 19.76 -49.47 8.03
C SER A 232 19.50 -49.49 9.54
N LEU A 233 20.07 -48.50 10.25
CA LEU A 233 20.00 -48.22 11.65
C LEU A 233 19.20 -46.97 11.94
N GLU A 234 18.07 -46.78 11.19
CA GLU A 234 17.24 -45.61 11.21
C GLU A 234 15.79 -46.07 11.18
N LYS A 235 14.91 -45.47 11.97
CA LYS A 235 13.50 -45.88 11.92
C LYS A 235 12.74 -44.65 11.80
N SER A 236 11.68 -44.67 10.99
CA SER A 236 10.85 -43.47 10.72
C SER A 236 9.87 -43.31 11.86
N TYR A 237 9.52 -42.01 12.14
CA TYR A 237 8.40 -41.74 13.00
C TYR A 237 7.57 -40.58 12.43
N GLU A 238 6.23 -40.82 12.38
CA GLU A 238 5.37 -39.81 11.82
C GLU A 238 4.90 -39.00 13.02
N LEU A 239 5.21 -37.69 13.07
CA LEU A 239 4.78 -36.78 14.14
C LEU A 239 3.24 -36.55 14.16
N PRO A 240 2.66 -36.13 15.30
CA PRO A 240 1.20 -36.04 15.50
C PRO A 240 0.49 -34.93 14.71
N ASP A 241 1.18 -34.16 13.87
CA ASP A 241 0.59 -33.22 12.90
C ASP A 241 1.07 -33.42 11.45
N GLY A 242 1.43 -34.66 11.08
CA GLY A 242 1.93 -35.08 9.87
C GLY A 242 3.44 -34.94 10.02
N GLN A 243 4.16 -35.02 8.87
CA GLN A 243 5.58 -34.78 8.73
C GLN A 243 6.34 -35.97 9.25
N VAL A 244 6.97 -36.72 8.33
CA VAL A 244 7.65 -37.90 8.64
C VAL A 244 9.05 -37.51 8.93
N ILE A 245 9.53 -37.81 10.22
CA ILE A 245 10.94 -37.60 10.59
C ILE A 245 11.60 -38.95 10.64
N THR A 246 12.93 -38.89 10.47
CA THR A 246 13.77 -40.10 10.43
C THR A 246 14.65 -40.07 11.61
N ILE A 247 14.56 -41.08 12.52
CA ILE A 247 15.48 -41.06 13.70
C ILE A 247 16.63 -42.04 13.43
N GLY A 248 17.88 -41.55 13.42
CA GLY A 248 19.11 -42.28 13.04
C GLY A 248 19.76 -42.89 14.29
N ASN A 249 21.11 -42.77 14.43
CA ASN A 249 22.04 -43.39 15.30
C ASN A 249 21.77 -42.95 16.72
N GLU A 250 20.95 -41.88 16.91
CA GLU A 250 20.47 -41.25 18.10
C GLU A 250 19.77 -42.26 18.94
N ARG A 251 19.23 -43.30 18.28
CA ARG A 251 18.59 -44.41 18.96
C ARG A 251 19.35 -45.15 19.98
N PHE A 252 20.68 -45.31 19.74
CA PHE A 252 21.57 -46.09 20.57
C PHE A 252 22.60 -45.17 21.24
N ARG A 253 22.83 -43.99 20.62
CA ARG A 253 23.63 -42.98 21.20
C ARG A 253 23.06 -42.42 22.49
N CYS A 254 21.70 -42.20 22.53
CA CYS A 254 20.97 -41.62 23.65
C CYS A 254 21.23 -42.40 24.86
N PRO A 255 20.96 -43.65 24.93
CA PRO A 255 21.24 -44.47 26.09
C PRO A 255 22.71 -44.75 26.24
N GLU A 256 23.61 -44.51 25.23
CA GLU A 256 25.02 -44.78 25.33
C GLU A 256 25.65 -44.00 26.46
N THR A 257 25.07 -42.83 26.86
CA THR A 257 25.55 -41.93 27.89
C THR A 257 25.60 -42.64 29.29
N LEU A 258 24.80 -43.67 29.49
CA LEU A 258 24.68 -44.53 30.70
C LEU A 258 25.96 -45.32 30.86
N PHE A 259 26.66 -45.73 29.80
CA PHE A 259 27.88 -46.45 29.86
C PHE A 259 29.09 -45.46 29.89
N GLN A 260 28.90 -44.30 29.22
CA GLN A 260 30.01 -43.31 29.13
C GLN A 260 29.49 -41.91 29.54
N PRO A 261 29.42 -41.54 30.84
CA PRO A 261 28.98 -40.29 31.37
C PRO A 261 29.76 -39.04 30.88
N SER A 262 31.01 -39.19 30.44
CA SER A 262 31.82 -38.11 29.85
C SER A 262 31.19 -37.49 28.58
N PHE A 263 30.30 -38.21 27.88
CA PHE A 263 29.59 -37.69 26.71
C PHE A 263 28.70 -36.45 27.02
N ILE A 264 28.27 -36.27 28.27
CA ILE A 264 27.49 -35.11 28.73
C ILE A 264 28.18 -34.31 29.84
N GLY A 265 29.52 -34.38 29.90
CA GLY A 265 30.37 -33.57 30.79
C GLY A 265 30.43 -34.04 32.25
N MET A 266 29.77 -35.14 32.61
CA MET A 266 29.83 -35.72 33.95
C MET A 266 31.19 -36.38 34.23
N GLU A 267 31.68 -36.28 35.47
CA GLU A 267 32.88 -36.99 35.93
C GLU A 267 32.60 -38.41 36.47
N SER A 268 31.33 -38.81 36.57
CA SER A 268 30.88 -40.11 37.06
C SER A 268 31.32 -41.29 36.18
N ALA A 269 31.23 -42.50 36.72
CA ALA A 269 31.52 -43.72 36.03
C ALA A 269 30.26 -44.37 35.61
N GLY A 270 30.37 -45.24 34.58
CA GLY A 270 29.23 -45.92 34.01
C GLY A 270 28.49 -46.90 34.81
N ILE A 271 27.19 -47.24 34.39
CA ILE A 271 26.28 -48.10 35.17
C ILE A 271 26.83 -49.47 35.50
N HIS A 272 27.55 -50.00 34.43
CA HIS A 272 28.23 -51.27 34.52
C HIS A 272 29.34 -51.17 35.55
N GLU A 273 30.14 -50.07 35.53
CA GLU A 273 31.28 -49.87 36.34
C GLU A 273 30.91 -49.75 37.80
N THR A 274 29.79 -49.05 38.02
CA THR A 274 29.18 -48.84 39.33
C THR A 274 28.59 -50.06 39.95
N THR A 275 28.00 -50.93 39.06
CA THR A 275 27.62 -52.28 39.48
C THR A 275 28.84 -53.08 39.91
N TYR A 276 29.95 -53.15 39.11
CA TYR A 276 31.11 -53.86 39.46
C TYR A 276 31.68 -53.34 40.85
N ASN A 277 31.81 -52.00 40.91
CA ASN A 277 32.37 -51.35 42.06
C ASN A 277 31.55 -51.67 43.28
N SER A 278 30.20 -51.72 43.15
CA SER A 278 29.26 -51.98 44.24
C SER A 278 29.60 -53.34 44.91
N ILE A 279 29.75 -54.34 44.03
CA ILE A 279 30.10 -55.72 44.39
C ILE A 279 31.48 -55.80 45.05
N MET A 280 32.45 -55.04 44.63
CA MET A 280 33.81 -54.97 45.19
C MET A 280 33.92 -54.24 46.55
N LYS A 281 32.93 -53.33 46.79
CA LYS A 281 32.86 -52.72 48.15
C LYS A 281 32.17 -53.63 49.08
N CYS A 282 31.45 -54.64 48.56
CA CYS A 282 30.70 -55.62 49.41
C CYS A 282 31.62 -56.71 49.96
N ASP A 283 31.19 -57.48 50.98
CA ASP A 283 31.93 -58.57 51.62
C ASP A 283 32.33 -59.58 50.58
N ILE A 284 33.51 -60.22 50.74
CA ILE A 284 34.08 -61.12 49.73
C ILE A 284 33.20 -62.27 49.36
N ASP A 285 32.57 -62.88 50.35
CA ASP A 285 31.73 -64.07 50.33
C ASP A 285 30.44 -64.02 49.54
N ILE A 286 29.86 -62.84 49.47
CA ILE A 286 28.56 -62.66 48.87
C ILE A 286 28.70 -62.23 47.44
N ARG A 287 29.87 -61.83 46.92
CA ARG A 287 30.05 -61.22 45.63
C ARG A 287 29.59 -62.11 44.50
N LYS A 288 29.73 -63.49 44.62
CA LYS A 288 29.26 -64.56 43.76
C LYS A 288 27.74 -64.44 43.62
N ASP A 289 27.00 -64.21 44.76
CA ASP A 289 25.59 -64.12 44.67
C ASP A 289 25.12 -62.87 44.03
N LEU A 290 25.80 -61.77 44.27
CA LEU A 290 25.47 -60.53 43.63
C LEU A 290 25.71 -60.56 42.14
N TYR A 291 26.82 -61.07 41.63
CA TYR A 291 26.98 -61.09 40.19
C TYR A 291 26.00 -61.92 39.42
N ALA A 292 25.65 -63.02 40.13
CA ALA A 292 24.78 -64.03 39.63
C ALA A 292 23.32 -63.62 39.68
N ASN A 293 23.08 -62.56 40.44
CA ASN A 293 21.80 -62.02 40.60
C ASN A 293 21.85 -60.51 40.44
N ASN A 294 22.20 -60.11 39.21
CA ASN A 294 22.19 -58.72 38.76
C ASN A 294 20.81 -58.58 38.25
N VAL A 295 19.98 -57.98 39.11
CA VAL A 295 18.52 -57.90 38.82
C VAL A 295 18.27 -56.52 38.23
N LEU A 296 17.65 -56.42 37.03
CA LEU A 296 17.27 -55.17 36.34
C LEU A 296 15.88 -54.70 36.70
N SER A 297 15.79 -53.43 37.03
CA SER A 297 14.62 -52.67 37.33
C SER A 297 14.47 -51.30 36.78
N GLY A 298 13.21 -50.86 36.59
CA GLY A 298 12.81 -49.55 36.23
C GLY A 298 12.62 -49.38 34.80
N GLY A 299 12.11 -48.13 34.45
CA GLY A 299 11.68 -47.79 33.12
C GLY A 299 12.74 -47.72 32.13
N THR A 300 13.93 -47.30 32.55
CA THR A 300 15.12 -47.13 31.59
C THR A 300 15.66 -48.47 31.14
N THR A 301 15.44 -49.52 31.92
CA THR A 301 15.91 -50.88 31.53
C THR A 301 15.01 -51.64 30.48
N MET A 302 13.93 -51.01 30.00
CA MET A 302 13.00 -51.64 29.14
C MET A 302 13.35 -51.47 27.67
N TYR A 303 14.49 -50.84 27.29
CA TYR A 303 15.05 -50.84 26.01
C TYR A 303 15.49 -52.22 25.59
N PRO A 304 15.08 -52.82 24.43
CA PRO A 304 15.47 -54.20 24.01
C PRO A 304 16.96 -54.42 23.89
N GLY A 305 17.34 -55.68 24.13
CA GLY A 305 18.66 -56.05 23.88
C GLY A 305 19.59 -55.66 24.99
N ILE A 306 19.06 -55.18 26.20
CA ILE A 306 19.88 -54.73 27.33
C ILE A 306 20.67 -55.76 27.98
N ALA A 307 20.16 -56.97 28.11
CA ALA A 307 20.77 -58.03 28.80
C ALA A 307 22.03 -58.59 28.29
N ASP A 308 22.11 -58.72 26.96
CA ASP A 308 23.30 -59.22 26.26
C ASP A 308 24.40 -58.19 26.47
N ARG A 309 24.13 -56.88 26.39
CA ARG A 309 25.09 -55.75 26.65
C ARG A 309 25.65 -55.73 28.06
N MET A 310 24.74 -55.79 29.07
CA MET A 310 24.99 -55.88 30.47
C MET A 310 25.75 -57.11 30.87
N GLN A 311 25.39 -58.26 30.21
CA GLN A 311 26.11 -59.56 30.43
C GLN A 311 27.56 -59.46 30.04
N LYS A 312 27.81 -58.88 28.91
CA LYS A 312 29.10 -58.61 28.37
C LYS A 312 29.96 -57.80 29.23
N GLU A 313 29.37 -56.64 29.58
CA GLU A 313 30.12 -55.58 30.25
C GLU A 313 30.58 -56.05 31.60
N ILE A 314 29.67 -56.70 32.40
CA ILE A 314 29.91 -57.18 33.71
C ILE A 314 30.90 -58.34 33.86
N THR A 315 30.89 -59.30 32.89
CA THR A 315 31.84 -60.42 32.75
C THR A 315 33.19 -59.85 32.44
N ALA A 316 33.29 -58.70 31.68
CA ALA A 316 34.61 -58.08 31.31
C ALA A 316 35.24 -57.44 32.53
N LEU A 317 34.40 -56.85 33.42
CA LEU A 317 35.01 -56.19 34.66
C LEU A 317 35.28 -57.21 35.76
N ALA A 318 34.35 -58.25 35.88
CA ALA A 318 34.31 -59.22 36.92
C ALA A 318 35.09 -60.44 36.57
N PRO A 319 35.78 -61.12 37.51
CA PRO A 319 36.49 -62.44 37.31
C PRO A 319 35.55 -63.50 36.79
N SER A 320 36.09 -64.39 35.97
CA SER A 320 35.45 -65.41 35.31
C SER A 320 35.29 -66.64 36.27
N THR A 321 35.65 -66.41 37.54
CA THR A 321 35.62 -67.40 38.63
C THR A 321 34.33 -67.14 39.41
N MET A 322 33.70 -66.01 39.09
CA MET A 322 32.41 -65.67 39.66
C MET A 322 31.51 -65.78 38.56
N LYS A 323 30.31 -66.42 38.84
CA LYS A 323 29.25 -66.70 38.00
C LYS A 323 28.58 -65.43 37.70
N ILE A 324 28.24 -65.21 36.39
CA ILE A 324 27.61 -63.95 35.97
C ILE A 324 26.28 -64.24 35.25
N LYS A 325 25.16 -63.59 35.62
CA LYS A 325 23.91 -63.83 34.88
C LYS A 325 23.03 -62.59 35.17
N ILE A 326 22.41 -62.01 34.08
CA ILE A 326 21.45 -60.84 34.12
C ILE A 326 20.05 -61.52 34.33
N ILE A 327 19.32 -60.91 35.24
CA ILE A 327 17.95 -61.30 35.55
C ILE A 327 17.10 -60.09 35.23
N ALA A 328 16.27 -60.27 34.18
CA ALA A 328 15.42 -59.26 33.71
C ALA A 328 14.04 -59.73 33.87
N PRO A 329 13.26 -59.13 34.79
CA PRO A 329 11.83 -59.45 35.04
C PRO A 329 10.99 -59.33 33.77
N PRO A 330 9.77 -60.04 33.72
CA PRO A 330 8.95 -60.01 32.59
C PRO A 330 8.37 -58.60 32.39
N GLU A 331 8.19 -57.81 33.50
CA GLU A 331 7.54 -56.47 33.39
C GLU A 331 8.28 -55.63 34.39
N ARG A 332 9.66 -55.50 34.23
CA ARG A 332 10.64 -54.91 35.10
C ARG A 332 10.39 -53.50 35.41
N LYS A 333 9.60 -52.77 34.60
CA LYS A 333 9.22 -51.37 34.82
C LYS A 333 8.25 -51.18 35.99
N TYR A 334 7.52 -52.24 36.34
CA TYR A 334 6.63 -52.27 37.50
C TYR A 334 7.26 -52.93 38.73
N SER A 335 8.52 -53.39 38.69
CA SER A 335 9.10 -54.15 39.73
C SER A 335 9.04 -53.53 41.11
N VAL A 336 9.26 -52.20 41.16
CA VAL A 336 9.16 -51.43 42.40
C VAL A 336 7.80 -51.57 43.07
N TRP A 337 6.79 -51.31 42.26
CA TRP A 337 5.42 -51.28 42.68
C TRP A 337 4.97 -52.63 43.10
N ILE A 338 5.35 -53.66 42.25
CA ILE A 338 4.92 -55.04 42.47
C ILE A 338 5.42 -55.54 43.76
N GLY A 339 6.65 -55.20 44.07
CA GLY A 339 7.36 -55.48 45.32
C GLY A 339 6.77 -54.81 46.57
N GLY A 340 6.29 -53.59 46.40
CA GLY A 340 5.42 -52.93 47.36
C GLY A 340 4.20 -53.60 47.67
N SER A 341 3.52 -54.15 46.62
CA SER A 341 2.33 -54.96 46.83
C SER A 341 2.52 -56.23 47.59
N ILE A 342 3.58 -56.97 47.27
CA ILE A 342 3.90 -58.27 47.89
C ILE A 342 4.17 -57.94 49.35
N LEU A 343 5.14 -56.98 49.59
CA LEU A 343 5.49 -56.54 50.94
C LEU A 343 4.41 -56.03 51.84
N ALA A 344 3.56 -55.14 51.27
CA ALA A 344 2.45 -54.48 51.94
C ALA A 344 1.31 -55.41 52.21
N SER A 345 1.30 -56.53 51.45
CA SER A 345 0.24 -57.57 51.65
C SER A 345 0.63 -58.63 52.62
N LEU A 346 1.90 -58.56 53.11
CA LEU A 346 2.50 -59.49 54.12
C LEU A 346 1.94 -59.13 55.44
N SER A 347 1.55 -60.22 56.24
CA SER A 347 1.06 -60.14 57.63
C SER A 347 2.15 -59.64 58.58
N THR A 348 3.41 -59.96 58.27
CA THR A 348 4.53 -59.50 59.03
C THR A 348 4.87 -58.02 58.94
N PHE A 349 4.39 -57.41 57.81
CA PHE A 349 4.60 -56.03 57.60
C PHE A 349 3.61 -55.18 58.37
N GLN A 350 2.56 -55.76 58.89
CA GLN A 350 1.50 -55.08 59.54
C GLN A 350 1.95 -54.54 60.87
N GLN A 351 3.07 -55.16 61.45
CA GLN A 351 3.58 -54.72 62.70
C GLN A 351 4.64 -53.61 62.53
N MET A 352 5.06 -53.39 61.28
CA MET A 352 6.05 -52.51 60.81
C MET A 352 5.52 -51.18 60.51
N TRP A 353 4.19 -51.06 60.32
CA TRP A 353 3.44 -49.76 60.10
C TRP A 353 3.69 -48.74 61.20
N ILE A 354 4.03 -47.47 60.71
CA ILE A 354 4.11 -46.29 61.55
C ILE A 354 2.69 -45.86 61.61
N SER A 355 2.15 -45.96 62.82
CA SER A 355 0.82 -45.48 63.25
C SER A 355 0.91 -44.09 63.48
N LYS A 356 -0.30 -43.47 63.42
CA LYS A 356 -0.61 -42.08 63.70
C LYS A 356 -0.22 -41.70 65.09
N GLN A 357 -0.36 -42.65 66.02
CA GLN A 357 0.04 -42.48 67.38
C GLN A 357 1.54 -42.25 67.51
N GLU A 358 2.25 -43.15 66.77
CA GLU A 358 3.66 -43.00 66.70
C GLU A 358 4.03 -41.68 66.03
N TYR A 359 3.25 -41.18 65.07
CA TYR A 359 3.41 -39.84 64.46
C TYR A 359 3.24 -38.74 65.47
N ASP A 360 2.12 -38.80 66.29
CA ASP A 360 1.70 -37.74 67.23
C ASP A 360 2.77 -37.51 68.26
N GLU A 361 3.50 -38.59 68.68
CA GLU A 361 4.49 -38.53 69.70
C GLU A 361 5.84 -37.95 69.34
N ALA A 362 6.39 -38.34 68.10
CA ALA A 362 7.75 -38.04 67.69
C ALA A 362 7.87 -37.08 66.52
N GLY A 363 6.72 -36.65 65.88
CA GLY A 363 6.66 -35.84 64.71
C GLY A 363 7.18 -36.67 63.51
N PRO A 364 7.46 -35.94 62.39
CA PRO A 364 7.75 -36.54 61.10
C PRO A 364 8.97 -37.50 61.19
N SER A 365 9.89 -37.32 62.17
CA SER A 365 11.22 -37.88 62.41
C SER A 365 11.18 -39.37 62.74
N ILE A 366 9.99 -39.86 63.08
CA ILE A 366 9.66 -41.23 63.42
C ILE A 366 9.98 -42.15 62.26
N VAL A 367 9.92 -41.61 60.99
CA VAL A 367 10.28 -42.35 59.84
C VAL A 367 11.60 -43.08 59.84
N HIS A 368 12.61 -42.43 60.42
CA HIS A 368 14.06 -42.83 60.55
C HIS A 368 14.31 -43.89 61.61
N ARG A 369 13.32 -44.20 62.52
CA ARG A 369 13.50 -45.22 63.60
C ARG A 369 12.86 -46.55 63.10
N LYS A 370 11.96 -46.45 62.09
CA LYS A 370 11.09 -47.57 61.68
C LYS A 370 11.55 -47.96 60.29
N CYS A 371 12.02 -46.99 59.51
CA CYS A 371 12.50 -47.18 58.13
C CYS A 371 13.95 -46.82 58.07
N PHE A 372 14.75 -47.58 57.27
CA PHE A 372 16.19 -47.49 57.40
C PHE A 372 16.43 -47.00 56.00
N GLU B 1 51.82 -14.41 3.51
CA GLU B 1 50.76 -15.32 4.00
C GLU B 1 49.46 -15.11 3.21
N THR B 2 48.62 -16.14 3.08
CA THR B 2 47.33 -16.08 2.37
C THR B 2 46.30 -15.22 3.12
N THR B 3 45.70 -14.25 2.44
CA THR B 3 44.72 -13.37 3.02
C THR B 3 43.35 -14.12 3.11
N ALA B 4 42.85 -14.27 4.33
CA ALA B 4 41.59 -14.95 4.54
C ALA B 4 40.44 -13.95 4.37
N LEU B 5 39.35 -14.39 3.77
CA LEU B 5 38.07 -13.72 3.90
C LEU B 5 37.37 -14.26 5.14
N VAL B 6 37.03 -13.36 6.06
CA VAL B 6 36.18 -13.69 7.20
C VAL B 6 34.80 -13.15 6.86
N CYS B 7 33.81 -14.03 6.81
CA CYS B 7 32.50 -13.66 6.40
C CYS B 7 31.58 -14.04 7.53
N ASP B 8 31.07 -13.06 8.29
CA ASP B 8 30.03 -13.28 9.31
C ASP B 8 28.62 -13.34 8.68
N ASN B 9 28.00 -14.53 8.76
CA ASN B 9 26.72 -14.88 8.13
C ASN B 9 25.50 -14.39 8.94
N GLY B 10 25.39 -13.07 9.13
CA GLY B 10 24.32 -12.46 9.93
C GLY B 10 22.92 -12.61 9.33
N SER B 11 21.91 -12.82 10.18
CA SER B 11 20.49 -12.96 9.79
C SER B 11 19.81 -11.64 9.38
N GLY B 12 20.53 -10.52 9.36
CA GLY B 12 20.02 -9.19 9.01
C GLY B 12 21.02 -8.28 8.29
N LEU B 13 22.25 -8.15 8.81
CA LEU B 13 23.39 -7.54 8.12
C LEU B 13 24.52 -8.57 7.91
N VAL B 14 25.02 -8.70 6.68
CA VAL B 14 26.27 -9.40 6.38
C VAL B 14 27.45 -8.51 6.79
N LYS B 15 28.41 -9.05 7.55
CA LYS B 15 29.67 -8.37 7.91
C LYS B 15 30.85 -9.15 7.35
N ALA B 16 31.62 -8.57 6.43
CA ALA B 16 32.63 -9.28 5.67
C ALA B 16 33.92 -8.47 5.47
N GLY B 17 35.06 -9.16 5.30
CA GLY B 17 36.29 -8.46 5.01
C GLY B 17 37.39 -9.38 5.11
N PHE B 18 38.57 -8.73 5.03
CA PHE B 18 39.84 -9.30 4.92
C PHE B 18 40.37 -9.38 6.29
N ALA B 19 41.13 -10.50 6.47
CA ALA B 19 41.84 -10.72 7.70
C ALA B 19 43.13 -9.89 7.75
N GLY B 20 43.57 -9.71 8.97
CA GLY B 20 44.64 -8.74 9.29
C GLY B 20 44.11 -7.42 9.57
N ASP B 21 42.80 -7.19 9.45
CA ASP B 21 42.04 -5.95 9.83
C ASP B 21 41.35 -6.27 11.14
N ASP B 22 41.07 -5.20 11.93
CA ASP B 22 40.52 -5.32 13.27
C ASP B 22 39.10 -4.81 13.17
N ALA B 23 38.62 -4.62 11.90
CA ALA B 23 37.26 -4.09 11.68
C ALA B 23 36.73 -4.61 10.37
N PRO B 24 35.41 -4.89 10.10
CA PRO B 24 34.88 -5.39 8.78
C PRO B 24 35.08 -4.36 7.72
N ARG B 25 35.28 -4.72 6.48
CA ARG B 25 35.41 -3.64 5.52
C ARG B 25 34.07 -3.54 4.71
N ALA B 26 33.17 -4.53 4.75
CA ALA B 26 31.90 -4.52 4.03
C ALA B 26 30.77 -4.86 5.00
N VAL B 27 29.73 -4.01 5.02
CA VAL B 27 28.49 -4.23 5.77
C VAL B 27 27.31 -3.93 4.87
N PHE B 28 26.43 -4.91 4.65
CA PHE B 28 25.26 -4.75 3.78
C PHE B 28 24.07 -5.63 4.21
N PRO B 29 22.82 -5.27 3.88
CA PRO B 29 21.64 -6.07 4.24
C PRO B 29 21.65 -7.50 3.69
N SER B 30 21.25 -8.46 4.53
CA SER B 30 21.02 -9.86 4.17
C SER B 30 19.69 -10.02 3.39
N ILE B 31 19.61 -9.42 2.19
CA ILE B 31 18.43 -9.41 1.32
C ILE B 31 18.81 -9.82 -0.10
N VAL B 32 17.95 -10.61 -0.76
CA VAL B 32 18.12 -11.07 -2.14
C VAL B 32 16.82 -10.85 -2.92
N GLY B 33 16.93 -10.35 -4.15
CA GLY B 33 15.80 -9.92 -4.97
C GLY B 33 15.80 -10.49 -6.38
N ARG B 34 14.60 -10.62 -6.97
CA ARG B 34 14.37 -11.16 -8.32
C ARG B 34 13.28 -10.34 -9.04
N PRO B 35 13.27 -10.23 -10.39
CA PRO B 35 12.37 -9.33 -11.12
C PRO B 35 10.86 -9.53 -10.86
N ARG B 36 10.09 -8.43 -10.88
CA ARG B 36 8.61 -8.45 -11.01
C ARG B 36 8.17 -8.80 -12.44
N HIS B 37 8.95 -8.35 -13.43
CA HIS B 37 8.72 -8.58 -14.87
C HIS B 37 9.00 -10.03 -15.28
N GLN B 38 8.56 -10.41 -16.48
CA GLN B 38 8.86 -11.70 -17.12
C GLN B 38 10.28 -11.78 -17.74
N GLY B 39 11.22 -10.97 -17.25
CA GLY B 39 12.59 -10.89 -17.77
C GLY B 39 13.44 -9.80 -17.10
N VAL B 40 14.56 -9.46 -17.73
CA VAL B 40 15.52 -8.43 -17.28
C VAL B 40 14.96 -7.00 -17.38
N MET B 41 15.66 -6.03 -16.78
CA MET B 41 15.33 -4.60 -16.88
C MET B 41 15.39 -4.08 -18.33
N VAL B 42 14.53 -3.12 -18.67
CA VAL B 42 14.40 -2.56 -20.02
C VAL B 42 15.66 -1.80 -20.46
N GLY B 43 16.26 -2.17 -21.60
CA GLY B 43 17.36 -1.42 -22.24
C GLY B 43 18.70 -1.41 -21.47
N MET B 44 18.93 -2.34 -20.54
CA MET B 44 20.09 -2.41 -19.66
C MET B 44 20.67 -3.83 -19.54
N GLY B 45 21.90 -3.94 -19.04
CA GLY B 45 22.64 -5.22 -18.94
C GLY B 45 21.93 -6.29 -18.10
N GLN B 46 22.06 -7.55 -18.53
CA GLN B 46 21.32 -8.68 -17.96
C GLN B 46 21.82 -9.08 -16.57
N LYS B 47 20.89 -9.12 -15.59
CA LYS B 47 21.06 -9.78 -14.28
C LYS B 47 19.78 -10.55 -13.93
N ASP B 48 19.93 -11.81 -13.49
CA ASP B 48 18.82 -12.67 -13.06
C ASP B 48 18.39 -12.41 -11.59
N SER B 49 19.29 -11.89 -10.76
CA SER B 49 19.08 -11.64 -9.33
C SER B 49 19.93 -10.48 -8.81
N TYR B 50 19.50 -9.89 -7.70
CA TYR B 50 19.99 -8.62 -7.15
C TYR B 50 20.16 -8.74 -5.63
N VAL B 51 21.10 -7.99 -5.05
CA VAL B 51 21.51 -8.15 -3.63
C VAL B 51 21.85 -6.79 -3.00
N GLY B 52 21.73 -6.68 -1.67
CA GLY B 52 22.25 -5.56 -0.88
C GLY B 52 21.72 -4.18 -1.31
N ASP B 53 22.60 -3.19 -1.42
CA ASP B 53 22.22 -1.82 -1.81
C ASP B 53 21.64 -1.74 -3.25
N GLU B 54 22.03 -2.64 -4.15
CA GLU B 54 21.41 -2.71 -5.48
C GLU B 54 19.95 -3.19 -5.39
N ALA B 55 19.67 -4.24 -4.61
CA ALA B 55 18.29 -4.69 -4.37
C ALA B 55 17.45 -3.65 -3.58
N GLN B 56 18.06 -2.96 -2.61
CA GLN B 56 17.40 -1.91 -1.83
C GLN B 56 17.04 -0.68 -2.70
N SER B 57 17.92 -0.30 -3.64
CA SER B 57 17.71 0.88 -4.51
C SER B 57 16.86 0.57 -5.75
N LYS B 58 16.95 -0.62 -6.36
CA LYS B 58 16.14 -1.03 -7.53
C LYS B 58 14.77 -1.64 -7.16
N ARG B 59 14.36 -1.52 -5.89
CA ARG B 59 13.25 -2.27 -5.28
C ARG B 59 11.92 -2.19 -6.04
N GLY B 60 11.63 -1.07 -6.70
CA GLY B 60 10.38 -0.88 -7.47
C GLY B 60 10.16 -1.82 -8.66
N ILE B 61 11.18 -2.57 -9.11
CA ILE B 61 11.04 -3.65 -10.12
C ILE B 61 11.39 -5.05 -9.58
N LEU B 62 11.49 -5.23 -8.26
CA LEU B 62 11.88 -6.49 -7.59
C LEU B 62 10.80 -7.05 -6.64
N THR B 63 10.80 -8.37 -6.45
CA THR B 63 10.28 -9.05 -5.25
C THR B 63 11.49 -9.48 -4.40
N LEU B 64 11.47 -9.20 -3.09
CA LEU B 64 12.58 -9.46 -2.18
C LEU B 64 12.29 -10.62 -1.20
N LYS B 65 13.31 -11.42 -0.90
CA LYS B 65 13.30 -12.54 0.04
C LYS B 65 14.58 -12.59 0.89
N TYR B 66 14.54 -13.31 2.01
CA TYR B 66 15.66 -13.40 2.95
C TYR B 66 16.36 -14.78 2.86
N PRO B 67 17.71 -14.82 2.73
CA PRO B 67 18.47 -16.07 2.55
C PRO B 67 18.66 -16.87 3.86
N ILE B 68 18.70 -16.16 4.99
CA ILE B 68 18.96 -16.69 6.33
C ILE B 68 17.81 -16.23 7.24
N GLU B 69 17.22 -17.14 8.00
CA GLU B 69 16.28 -16.81 9.07
C GLU B 69 16.59 -17.61 10.34
N HIS B 70 16.53 -16.92 11.48
CA HIS B 70 16.84 -17.41 12.83
C HIS B 70 18.18 -18.19 12.99
N GLY B 71 19.23 -17.69 12.36
CA GLY B 71 20.57 -18.27 12.42
C GLY B 71 20.72 -19.49 11.52
N ILE B 72 19.67 -19.85 10.77
CA ILE B 72 19.65 -20.99 9.85
C ILE B 72 19.57 -20.47 8.40
N ILE B 73 20.38 -21.01 7.48
CA ILE B 73 20.20 -20.78 6.04
C ILE B 73 18.88 -21.43 5.59
N THR B 74 17.85 -20.63 5.31
CA THR B 74 16.52 -21.12 4.89
C THR B 74 16.36 -21.26 3.38
N ASN B 75 17.28 -20.67 2.58
CA ASN B 75 17.43 -21.03 1.18
C ASN B 75 18.90 -21.00 0.74
N TRP B 76 19.40 -22.13 0.22
CA TRP B 76 20.74 -22.25 -0.29
C TRP B 76 20.92 -21.26 -1.42
N ASP B 77 19.96 -21.20 -2.35
CA ASP B 77 20.10 -20.49 -3.63
C ASP B 77 20.29 -18.98 -3.47
N ASP B 78 19.82 -18.42 -2.36
CA ASP B 78 19.95 -17.00 -2.01
C ASP B 78 21.20 -16.74 -1.15
N MET B 79 21.61 -17.68 -0.29
CA MET B 79 22.90 -17.61 0.43
C MET B 79 24.09 -17.60 -0.56
N GLU B 80 24.02 -18.40 -1.62
CA GLU B 80 24.81 -18.23 -2.75
C GLU B 80 24.90 -16.85 -3.43
N LYS B 81 23.79 -16.09 -3.49
CA LYS B 81 23.77 -14.76 -4.09
C LYS B 81 24.38 -13.72 -3.16
N ILE B 82 24.21 -13.86 -1.84
CA ILE B 82 25.00 -13.12 -0.85
C ILE B 82 26.51 -13.36 -1.06
N TRP B 83 26.93 -14.61 -1.26
CA TRP B 83 28.30 -14.95 -1.48
C TRP B 83 28.84 -14.46 -2.74
N HIS B 84 28.06 -14.53 -3.81
CA HIS B 84 28.44 -13.97 -5.12
C HIS B 84 28.61 -12.43 -5.06
N HIS B 85 27.69 -11.74 -4.38
CA HIS B 85 27.80 -10.31 -4.12
C HIS B 85 29.04 -9.97 -3.28
N THR B 86 29.31 -10.76 -2.23
CA THR B 86 30.44 -10.57 -1.32
C THR B 86 31.80 -10.59 -2.05
N PHE B 87 32.09 -11.61 -2.86
CA PHE B 87 33.40 -11.70 -3.46
C PHE B 87 33.51 -10.67 -4.55
N TYR B 88 32.54 -10.66 -5.52
CA TYR B 88 32.79 -10.03 -6.85
C TYR B 88 32.39 -8.61 -6.91
N ASN B 89 31.43 -8.13 -6.12
CA ASN B 89 30.87 -6.79 -6.08
C ASN B 89 31.46 -5.95 -4.94
N GLU B 90 31.45 -6.46 -3.70
CA GLU B 90 31.78 -5.67 -2.50
C GLU B 90 33.27 -5.58 -2.18
N LEU B 91 34.06 -6.64 -2.47
CA LEU B 91 35.51 -6.72 -2.13
C LEU B 91 36.32 -6.75 -3.34
N ARG B 92 35.60 -6.98 -4.46
CA ARG B 92 36.06 -7.08 -5.81
C ARG B 92 37.32 -7.89 -5.93
N VAL B 93 37.29 -9.18 -5.41
CA VAL B 93 38.44 -10.07 -5.43
C VAL B 93 38.02 -11.45 -5.80
N ALA B 94 38.95 -12.28 -6.33
CA ALA B 94 38.76 -13.67 -6.62
C ALA B 94 38.81 -14.44 -5.30
N PRO B 95 37.75 -15.11 -4.81
CA PRO B 95 37.69 -15.98 -3.63
C PRO B 95 38.61 -17.15 -3.75
N GLU B 96 38.90 -17.65 -4.96
CA GLU B 96 39.73 -18.78 -5.25
C GLU B 96 41.19 -18.53 -4.87
N GLU B 97 41.59 -17.26 -4.56
CA GLU B 97 42.92 -16.84 -4.07
C GLU B 97 42.98 -16.77 -2.60
N HIS B 98 41.81 -16.75 -1.87
CA HIS B 98 41.64 -16.35 -0.47
C HIS B 98 40.95 -17.42 0.29
N PRO B 99 41.59 -18.10 1.27
CA PRO B 99 40.89 -18.98 2.21
C PRO B 99 39.68 -18.33 2.89
N THR B 100 38.63 -19.10 3.21
CA THR B 100 37.39 -18.56 3.79
C THR B 100 37.12 -19.04 5.22
N LEU B 101 36.81 -18.13 6.13
CA LEU B 101 36.30 -18.44 7.46
C LEU B 101 34.83 -18.01 7.57
N LEU B 102 33.95 -18.98 7.85
CA LEU B 102 32.50 -18.81 7.95
C LEU B 102 32.02 -18.86 9.41
N THR B 103 31.18 -17.91 9.83
CA THR B 103 30.56 -17.96 11.16
C THR B 103 29.30 -18.83 11.18
N GLU B 104 29.00 -19.44 12.32
CA GLU B 104 27.78 -20.24 12.52
C GLU B 104 27.25 -20.17 13.96
N ALA B 105 25.98 -20.50 14.15
CA ALA B 105 25.40 -20.73 15.47
C ALA B 105 25.99 -22.00 16.14
N PRO B 106 26.09 -22.04 17.48
CA PRO B 106 26.21 -23.31 18.20
C PRO B 106 25.13 -24.30 17.76
N LEU B 107 25.48 -25.58 17.60
CA LEU B 107 24.58 -26.64 17.14
C LEU B 107 23.92 -26.36 15.77
N ASN B 108 24.55 -25.56 14.90
CA ASN B 108 24.14 -25.38 13.50
C ASN B 108 24.04 -26.75 12.77
N PRO B 109 22.94 -27.04 12.04
CA PRO B 109 22.66 -28.38 11.56
C PRO B 109 23.83 -28.89 10.68
N LYS B 110 24.18 -30.16 10.89
CA LYS B 110 25.25 -30.87 10.19
C LYS B 110 25.00 -30.97 8.69
N ALA B 111 23.69 -31.23 8.35
CA ALA B 111 23.42 -31.21 6.89
C ALA B 111 23.73 -29.86 6.19
N ASN B 112 23.48 -28.76 6.95
CA ASN B 112 23.87 -27.37 6.66
C ASN B 112 25.30 -27.08 6.67
N ARG B 113 26.10 -27.61 7.61
CA ARG B 113 27.58 -27.45 7.64
C ARG B 113 28.22 -28.03 6.37
N GLU B 114 27.75 -29.19 5.97
CA GLU B 114 28.07 -29.82 4.73
C GLU B 114 27.63 -29.13 3.46
N LYS B 115 26.42 -28.58 3.37
CA LYS B 115 26.01 -27.95 2.13
C LYS B 115 26.77 -26.73 2.00
N MET B 116 27.05 -25.97 3.09
CA MET B 116 28.03 -24.86 3.09
C MET B 116 29.40 -25.28 2.68
N THR B 117 29.95 -26.40 3.13
CA THR B 117 31.31 -26.82 2.74
C THR B 117 31.39 -27.10 1.23
N GLN B 118 30.44 -27.88 0.71
CA GLN B 118 30.28 -28.20 -0.66
C GLN B 118 30.12 -27.05 -1.68
N ILE B 119 29.21 -26.12 -1.37
CA ILE B 119 28.95 -24.89 -2.12
C ILE B 119 30.14 -24.00 -2.15
N MET B 120 30.88 -23.82 -1.04
CA MET B 120 32.09 -23.05 -1.13
C MET B 120 33.15 -23.60 -2.01
N PHE B 121 33.39 -24.93 -1.91
CA PHE B 121 34.45 -25.63 -2.65
C PHE B 121 34.14 -25.89 -4.13
N GLU B 122 32.88 -26.14 -4.52
CA GLU B 122 32.63 -26.54 -5.90
C GLU B 122 32.39 -25.41 -6.80
N THR B 123 31.64 -24.44 -6.38
CA THR B 123 31.29 -23.29 -7.20
C THR B 123 32.33 -22.16 -7.14
N PHE B 124 32.74 -21.68 -5.94
CA PHE B 124 33.65 -20.63 -5.68
C PHE B 124 35.14 -21.06 -5.83
N ASN B 125 35.39 -22.41 -5.75
CA ASN B 125 36.66 -23.03 -5.79
C ASN B 125 37.67 -22.56 -4.79
N VAL B 126 37.25 -22.43 -3.49
CA VAL B 126 38.03 -21.88 -2.48
C VAL B 126 39.30 -22.71 -2.27
N PRO B 127 40.47 -22.14 -1.94
CA PRO B 127 41.71 -22.92 -1.81
C PRO B 127 41.74 -23.73 -0.51
N ALA B 128 41.14 -23.17 0.54
CA ALA B 128 40.94 -23.77 1.85
C ALA B 128 39.80 -23.05 2.60
N MET B 129 39.23 -23.66 3.64
CA MET B 129 38.18 -23.03 4.45
C MET B 129 38.08 -23.55 5.89
N TYR B 130 37.33 -22.84 6.73
CA TYR B 130 36.96 -23.28 8.08
C TYR B 130 35.58 -22.71 8.48
N VAL B 131 34.90 -23.37 9.42
CA VAL B 131 33.62 -22.90 9.96
C VAL B 131 33.72 -22.82 11.48
N ALA B 132 33.29 -21.71 12.10
CA ALA B 132 33.50 -21.45 13.52
C ALA B 132 32.28 -20.86 14.23
N ILE B 133 32.03 -21.31 15.46
CA ILE B 133 30.90 -20.87 16.29
C ILE B 133 31.07 -19.39 16.69
N GLN B 134 30.00 -18.60 16.56
CA GLN B 134 30.00 -17.15 16.78
C GLN B 134 30.63 -16.75 18.14
N ALA B 135 30.14 -17.34 19.23
CA ALA B 135 30.59 -17.03 20.59
C ALA B 135 32.09 -17.27 20.83
N VAL B 136 32.65 -18.34 20.25
CA VAL B 136 34.08 -18.69 20.39
C VAL B 136 34.97 -17.57 19.87
N LEU B 137 34.61 -16.96 18.73
CA LEU B 137 35.31 -15.81 18.18
C LEU B 137 35.10 -14.55 19.02
N SER B 138 33.88 -14.28 19.48
CA SER B 138 33.63 -13.13 20.37
C SER B 138 34.42 -13.17 21.68
N LEU B 139 34.71 -14.35 22.22
CA LEU B 139 35.58 -14.46 23.39
C LEU B 139 37.01 -14.00 23.06
N TYR B 140 37.59 -14.40 21.92
CA TYR B 140 38.92 -13.94 21.49
C TYR B 140 38.97 -12.42 21.29
N ALA B 141 37.92 -11.83 20.72
CA ALA B 141 37.78 -10.37 20.61
C ALA B 141 37.62 -9.66 21.97
N SER B 142 37.18 -10.36 23.02
CA SER B 142 37.17 -9.86 24.41
C SER B 142 38.51 -10.00 25.15
N GLY B 143 39.58 -10.45 24.47
CA GLY B 143 40.94 -10.54 25.02
C GLY B 143 41.16 -11.66 26.06
N ARG B 144 40.22 -12.60 26.17
CA ARG B 144 40.16 -13.65 27.21
C ARG B 144 40.03 -15.04 26.58
N THR B 145 40.64 -16.05 27.20
CA THR B 145 40.67 -17.44 26.68
C THR B 145 39.63 -18.36 27.31
N THR B 146 39.11 -18.04 28.49
CA THR B 146 38.07 -18.79 29.22
C THR B 146 36.99 -17.83 29.74
N GLY B 147 35.72 -18.20 29.59
CA GLY B 147 34.58 -17.35 29.96
C GLY B 147 33.27 -17.84 29.35
N ILE B 148 32.21 -17.04 29.40
CA ILE B 148 30.92 -17.35 28.78
C ILE B 148 30.43 -16.18 27.93
N VAL B 149 29.94 -16.46 26.73
CA VAL B 149 29.37 -15.43 25.87
C VAL B 149 27.87 -15.59 25.78
N LEU B 150 27.15 -14.53 26.16
CA LEU B 150 25.78 -14.31 25.72
C LEU B 150 25.86 -13.63 24.36
N ASP B 151 25.63 -14.40 23.30
CA ASP B 151 25.64 -13.89 21.94
C ASP B 151 24.21 -13.76 21.43
N SER B 152 23.76 -12.54 21.15
CA SER B 152 22.41 -12.25 20.66
C SER B 152 22.49 -11.52 19.33
N GLY B 153 22.25 -12.27 18.25
CA GLY B 153 22.38 -11.82 16.87
C GLY B 153 21.14 -11.08 16.37
N ASP B 154 20.89 -11.16 15.07
CA ASP B 154 19.86 -10.44 14.40
C ASP B 154 18.82 -11.45 14.09
N GLY B 155 18.58 -12.42 15.08
CA GLY B 155 17.81 -13.64 14.80
C GLY B 155 17.88 -14.89 15.80
N VAL B 156 18.95 -15.02 16.58
CA VAL B 156 19.06 -16.04 17.63
C VAL B 156 19.87 -15.53 18.81
N THR B 157 19.61 -16.05 20.01
CA THR B 157 20.40 -15.79 21.21
C THR B 157 20.95 -17.09 21.79
N HIS B 158 22.24 -17.16 22.09
CA HIS B 158 22.89 -18.31 22.72
C HIS B 158 23.66 -17.92 23.97
N ASN B 159 23.75 -18.83 24.92
CA ASN B 159 24.72 -18.77 26.02
C ASN B 159 25.73 -19.92 25.86
N VAL B 160 27.02 -19.56 25.77
CA VAL B 160 28.09 -20.49 25.33
C VAL B 160 29.30 -20.35 26.26
N PRO B 161 29.47 -21.26 27.25
CA PRO B 161 30.65 -21.29 28.10
C PRO B 161 31.81 -21.96 27.38
N ILE B 162 33.01 -21.40 27.52
CA ILE B 162 34.22 -21.75 26.79
C ILE B 162 35.39 -21.88 27.76
N TYR B 163 36.19 -22.93 27.59
CA TYR B 163 37.44 -23.13 28.32
C TYR B 163 38.63 -23.22 27.35
N GLU B 164 39.59 -22.30 27.47
CA GLU B 164 40.81 -22.18 26.66
C GLU B 164 40.60 -22.30 25.13
N GLY B 165 39.50 -21.73 24.63
CA GLY B 165 39.11 -21.72 23.22
C GLY B 165 38.20 -22.85 22.76
N TYR B 166 37.83 -23.80 23.62
CA TYR B 166 36.83 -24.84 23.30
C TYR B 166 35.51 -24.58 24.04
N ALA B 167 34.39 -24.49 23.31
CA ALA B 167 33.05 -24.40 23.90
C ALA B 167 32.64 -25.73 24.56
N LEU B 168 32.05 -25.68 25.75
CA LEU B 168 31.67 -26.88 26.52
C LEU B 168 30.36 -27.49 25.99
N PRO B 169 30.39 -28.65 25.32
CA PRO B 169 29.32 -29.09 24.41
C PRO B 169 28.04 -29.58 25.11
N HIS B 170 28.09 -29.84 26.41
CA HIS B 170 26.94 -30.22 27.23
C HIS B 170 26.24 -29.00 27.86
N ALA B 171 26.95 -27.88 28.02
CA ALA B 171 26.50 -26.71 28.78
C ALA B 171 25.86 -25.60 27.94
N ILE B 172 25.98 -25.64 26.61
CA ILE B 172 25.42 -24.63 25.69
C ILE B 172 23.89 -24.54 25.80
N MET B 173 23.34 -23.32 25.76
CA MET B 173 21.89 -23.06 25.71
C MET B 173 21.53 -22.18 24.51
N ARG B 174 20.35 -22.41 23.91
CA ARG B 174 19.82 -21.70 22.74
C ARG B 174 18.43 -21.11 22.99
N LEU B 175 18.17 -19.95 22.39
CA LEU B 175 16.87 -19.28 22.32
C LEU B 175 16.69 -18.62 20.94
N ASP B 176 15.79 -19.12 20.11
CA ASP B 176 15.38 -18.46 18.94
C ASP B 176 14.49 -17.31 19.35
N LEU B 177 15.05 -16.03 19.43
CA LEU B 177 14.44 -14.78 19.75
C LEU B 177 15.54 -13.83 19.87
N ALA B 178 15.49 -12.89 19.00
CA ALA B 178 16.47 -11.87 18.91
C ALA B 178 15.96 -11.02 17.75
N GLY B 179 16.93 -10.36 17.07
CA GLY B 179 16.68 -9.21 16.21
C GLY B 179 15.68 -9.36 15.08
N ARG B 180 15.54 -10.54 14.48
CA ARG B 180 14.54 -10.81 13.41
C ARG B 180 13.13 -10.76 13.98
N ASP B 181 12.93 -11.47 15.09
CA ASP B 181 11.71 -11.65 15.77
C ASP B 181 11.28 -10.36 16.33
N LEU B 182 12.24 -9.59 16.85
CA LEU B 182 12.11 -8.35 17.54
C LEU B 182 11.47 -7.31 16.65
N THR B 183 11.79 -7.27 15.31
CA THR B 183 11.16 -6.41 14.37
C THR B 183 9.74 -6.76 14.17
N ASP B 184 9.43 -8.05 13.97
CA ASP B 184 8.05 -8.50 13.74
C ASP B 184 7.17 -8.22 14.96
N TYR B 185 7.72 -8.46 16.16
CA TYR B 185 7.07 -8.09 17.40
C TYR B 185 6.84 -6.62 17.58
N LEU B 186 7.81 -5.80 17.17
CA LEU B 186 7.71 -4.35 17.34
C LEU B 186 6.57 -3.84 16.51
N MET B 187 6.48 -4.38 15.28
CA MET B 187 5.47 -4.06 14.29
C MET B 187 4.09 -4.41 14.79
N LYS B 188 3.93 -5.58 15.44
CA LYS B 188 2.62 -5.97 16.01
C LYS B 188 2.12 -4.95 17.04
N ILE B 189 2.98 -4.58 17.99
CA ILE B 189 2.67 -3.73 19.13
C ILE B 189 2.46 -2.24 18.81
N LEU B 190 3.06 -1.72 17.68
CA LEU B 190 2.77 -0.50 17.03
C LEU B 190 1.43 -0.54 16.40
N THR B 191 0.89 -1.63 15.78
CA THR B 191 -0.45 -1.74 15.17
C THR B 191 -1.44 -1.58 16.29
N GLU B 192 -1.09 -2.20 17.44
CA GLU B 192 -1.87 -2.09 18.64
C GLU B 192 -2.06 -0.74 19.18
N ARG B 193 -1.04 0.14 19.03
CA ARG B 193 -1.11 1.56 19.38
C ARG B 193 -1.92 2.35 18.36
N GLY B 194 -2.07 1.81 17.17
CA GLY B 194 -2.84 2.42 16.15
C GLY B 194 -1.96 3.02 15.11
N TYR B 195 -0.65 2.66 15.06
CA TYR B 195 0.23 2.94 13.99
C TYR B 195 0.40 1.69 13.23
N SER B 196 -0.69 1.27 12.43
CA SER B 196 -0.70 0.02 11.70
C SER B 196 0.31 0.11 10.57
N PHE B 197 1.16 -0.90 10.56
CA PHE B 197 2.13 -1.19 9.51
C PHE B 197 1.79 -2.60 9.06
N VAL B 198 1.63 -2.81 7.76
CA VAL B 198 1.07 -4.03 7.24
C VAL B 198 2.02 -4.36 6.09
N THR B 199 2.85 -3.45 5.55
CA THR B 199 3.64 -3.65 4.32
C THR B 199 5.13 -3.89 4.65
N THR B 200 5.83 -4.79 3.96
CA THR B 200 7.24 -5.11 4.29
C THR B 200 8.20 -3.95 4.02
N ALA B 201 7.86 -3.03 3.11
CA ALA B 201 8.54 -1.75 2.98
C ALA B 201 8.49 -0.89 4.26
N GLU B 202 7.47 -1.07 5.11
CA GLU B 202 7.38 -0.44 6.44
C GLU B 202 8.21 -1.22 7.48
N ARG B 203 8.17 -2.56 7.44
CA ARG B 203 8.90 -3.47 8.34
C ARG B 203 10.40 -3.12 8.44
N GLU B 204 11.04 -2.76 7.34
CA GLU B 204 12.45 -2.35 7.31
C GLU B 204 12.72 -0.98 7.97
N ILE B 205 11.73 -0.08 8.03
CA ILE B 205 11.82 1.19 8.77
C ILE B 205 11.62 0.93 10.28
N VAL B 206 10.69 0.04 10.62
CA VAL B 206 10.44 -0.50 11.96
C VAL B 206 11.66 -1.22 12.51
N ARG B 207 12.40 -1.92 11.66
CA ARG B 207 13.73 -2.47 11.95
C ARG B 207 14.75 -1.38 12.32
N ASP B 208 14.80 -0.29 11.55
CA ASP B 208 15.73 0.79 11.78
C ASP B 208 15.45 1.47 13.07
N ILE B 209 14.13 1.71 13.34
CA ILE B 209 13.57 2.26 14.59
C ILE B 209 13.91 1.58 15.81
N LYS B 210 13.80 0.25 15.68
CA LYS B 210 14.18 -0.65 16.74
C LYS B 210 15.64 -0.52 17.18
N GLU B 211 16.59 -0.48 16.23
CA GLU B 211 18.01 -0.34 16.37
C GLU B 211 18.34 0.98 16.95
N LYS B 212 17.63 2.12 16.58
CA LYS B 212 17.91 3.44 17.07
C LYS B 212 17.34 3.80 18.38
N LEU B 213 16.10 3.37 18.69
CA LEU B 213 15.30 3.91 19.74
C LEU B 213 15.10 2.93 20.84
N CYS B 214 15.19 1.55 20.67
CA CYS B 214 15.07 0.67 21.75
C CYS B 214 16.17 0.76 22.77
N TYR B 215 15.86 0.54 24.05
CA TYR B 215 16.76 0.65 25.08
C TYR B 215 16.33 -0.38 26.01
N VAL B 216 17.34 -1.00 26.82
CA VAL B 216 17.03 -2.00 27.78
C VAL B 216 16.76 -1.18 29.11
N ALA B 217 15.54 -1.32 29.70
CA ALA B 217 15.24 -0.79 31.01
C ALA B 217 15.97 -1.56 32.01
N LEU B 218 16.39 -0.83 33.10
CA LEU B 218 17.00 -1.40 34.29
C LEU B 218 15.95 -2.03 35.22
N ASP B 219 14.74 -1.32 35.28
CA ASP B 219 13.60 -1.92 35.96
C ASP B 219 12.33 -1.80 35.21
N PHE B 220 11.78 -2.95 34.73
CA PHE B 220 10.66 -3.10 33.78
C PHE B 220 9.34 -2.55 34.36
N GLU B 221 9.01 -2.85 35.60
CA GLU B 221 7.81 -2.35 36.19
C GLU B 221 7.90 -0.85 36.38
N ASN B 222 9.09 -0.27 36.88
CA ASN B 222 9.27 1.15 37.14
C ASN B 222 9.28 2.02 35.98
N GLU B 223 9.89 1.55 34.83
CA GLU B 223 9.78 2.23 33.55
C GLU B 223 8.41 2.14 32.95
N MET B 224 7.78 0.99 33.02
CA MET B 224 6.38 0.85 32.60
C MET B 224 5.46 1.79 33.31
N ALA B 225 5.69 1.94 34.66
CA ALA B 225 4.91 2.90 35.43
C ALA B 225 5.10 4.32 35.06
N THR B 226 6.38 4.66 34.73
CA THR B 226 6.75 5.96 34.33
C THR B 226 6.05 6.32 33.06
N ALA B 227 6.05 5.45 32.03
CA ALA B 227 5.31 5.70 30.85
C ALA B 227 3.76 5.81 31.02
N ALA B 228 3.19 5.08 32.01
CA ALA B 228 1.75 5.16 32.30
C ALA B 228 1.33 6.45 33.02
N SER B 229 2.27 7.13 33.72
CA SER B 229 2.14 8.24 34.67
C SER B 229 2.62 9.48 33.95
N SER B 230 3.34 9.39 32.81
CA SER B 230 3.87 10.56 32.24
C SER B 230 4.22 10.05 30.85
N SER B 231 4.17 10.96 29.84
CA SER B 231 4.66 10.79 28.53
C SER B 231 6.10 11.20 28.31
N SER B 232 7.02 10.93 29.21
CA SER B 232 8.39 11.19 29.08
C SER B 232 9.29 10.04 28.61
N LEU B 233 8.68 8.88 28.33
CA LEU B 233 9.22 7.65 27.85
C LEU B 233 8.82 7.38 26.42
N GLU B 234 8.82 8.44 25.56
CA GLU B 234 8.35 8.44 24.20
C GLU B 234 9.33 9.25 23.37
N LYS B 235 9.70 8.78 22.18
CA LYS B 235 10.63 9.58 21.36
C LYS B 235 10.00 9.62 20.04
N SER B 236 10.10 10.79 19.38
CA SER B 236 9.47 11.00 18.05
C SER B 236 10.38 10.44 16.99
N TYR B 237 9.74 9.96 15.89
CA TYR B 237 10.49 9.63 14.70
C TYR B 237 9.74 10.13 13.46
N GLU B 238 10.49 10.84 12.58
CA GLU B 238 9.87 11.39 11.40
C GLU B 238 10.10 10.33 10.32
N LEU B 239 9.04 9.69 9.82
CA LEU B 239 9.10 8.70 8.73
C LEU B 239 9.67 9.33 7.43
N PRO B 240 10.17 8.53 6.48
CA PRO B 240 10.82 9.08 5.29
C PRO B 240 9.90 9.95 4.43
N ASP B 241 8.60 9.65 4.35
CA ASP B 241 7.64 10.43 3.58
C ASP B 241 6.89 11.53 4.36
N GLY B 242 7.54 12.14 5.36
CA GLY B 242 7.01 13.06 6.21
C GLY B 242 6.30 12.24 7.26
N GLN B 243 5.42 12.91 8.08
CA GLN B 243 4.54 12.32 9.05
C GLN B 243 5.31 11.91 10.27
N VAL B 244 5.10 12.65 11.37
CA VAL B 244 5.81 12.44 12.56
C VAL B 244 5.04 11.46 13.36
N ILE B 245 5.70 10.25 13.68
CA ILE B 245 5.09 9.27 14.56
C ILE B 245 5.80 9.34 15.89
N THR B 246 5.06 8.87 16.91
CA THR B 246 5.53 8.91 18.29
C THR B 246 5.71 7.53 18.75
N ILE B 247 6.95 7.11 19.13
CA ILE B 247 7.12 5.71 19.62
C ILE B 247 7.16 5.73 21.15
N GLY B 248 6.23 5.02 21.82
CA GLY B 248 6.01 5.03 23.27
C GLY B 248 6.79 3.89 23.92
N ASN B 249 6.16 3.12 24.87
CA ASN B 249 6.63 2.17 25.81
C ASN B 249 7.16 0.96 25.07
N GLU B 250 6.86 0.84 23.76
CA GLU B 250 7.22 -0.15 22.79
C GLU B 250 8.69 -0.23 22.72
N ARG B 251 9.37 0.89 23.05
CA ARG B 251 10.83 0.95 23.11
C ARG B 251 11.53 -0.02 23.97
N PHE B 252 10.92 -0.35 25.13
CA PHE B 252 11.49 -1.20 26.14
C PHE B 252 10.70 -2.52 26.25
N ARG B 253 9.43 -2.46 25.81
CA ARG B 253 8.61 -3.61 25.72
C ARG B 253 9.13 -4.62 24.70
N CYS B 254 9.60 -4.13 23.50
CA CYS B 254 10.09 -4.92 22.40
C CYS B 254 11.16 -5.81 22.85
N PRO B 255 12.22 -5.37 23.40
CA PRO B 255 13.29 -6.20 23.91
C PRO B 255 12.89 -6.90 25.18
N GLU B 256 11.79 -6.52 25.91
CA GLU B 256 11.41 -7.15 27.14
C GLU B 256 11.12 -8.62 26.95
N THR B 257 10.73 -9.06 25.72
CA THR B 257 10.38 -10.42 25.35
C THR B 257 11.59 -11.40 25.56
N LEU B 258 12.82 -10.89 25.54
CA LEU B 258 14.12 -11.59 25.77
C LEU B 258 14.19 -12.05 27.19
N PHE B 259 13.61 -11.34 28.18
CA PHE B 259 13.62 -11.71 29.55
C PHE B 259 12.36 -12.57 29.88
N GLN B 260 11.26 -12.29 29.13
CA GLN B 260 9.99 -13.02 29.41
C GLN B 260 9.41 -13.55 28.08
N PRO B 261 9.84 -14.74 27.57
CA PRO B 261 9.40 -15.38 26.36
C PRO B 261 7.88 -15.70 26.28
N SER B 262 7.21 -15.84 27.43
CA SER B 262 5.76 -16.03 27.54
C SER B 262 4.93 -14.87 26.95
N PHE B 263 5.51 -13.67 26.77
CA PHE B 263 4.86 -12.53 26.11
C PHE B 263 4.46 -12.82 24.66
N ILE B 264 5.18 -13.71 23.96
CA ILE B 264 4.93 -14.07 22.55
C ILE B 264 4.60 -15.56 22.34
N GLY B 265 4.08 -16.22 23.38
CA GLY B 265 3.57 -17.60 23.30
C GLY B 265 4.64 -18.71 23.38
N MET B 266 5.91 -18.38 23.58
CA MET B 266 6.99 -19.36 23.73
C MET B 266 6.97 -20.03 25.12
N GLU B 267 7.37 -21.31 25.18
CA GLU B 267 7.60 -22.04 26.44
C GLU B 267 9.01 -21.87 27.04
N SER B 268 9.92 -21.26 26.29
CA SER B 268 11.33 -21.06 26.68
C SER B 268 11.52 -20.14 27.89
N ALA B 269 12.72 -20.20 28.48
CA ALA B 269 13.11 -19.36 29.58
C ALA B 269 13.95 -18.24 29.08
N GLY B 270 14.01 -17.15 29.87
CA GLY B 270 14.74 -15.96 29.52
C GLY B 270 16.19 -16.00 29.40
N ILE B 271 16.78 -15.00 28.70
CA ILE B 271 18.22 -14.97 28.34
C ILE B 271 19.16 -14.97 29.57
N HIS B 272 18.76 -14.31 30.65
CA HIS B 272 19.44 -14.34 31.94
C HIS B 272 19.28 -15.70 32.61
N GLU B 273 18.11 -16.35 32.48
CA GLU B 273 17.86 -17.60 33.08
C GLU B 273 18.69 -18.69 32.47
N THR B 274 18.78 -18.68 31.13
CA THR B 274 19.58 -19.61 30.34
C THR B 274 21.07 -19.32 30.45
N THR B 275 21.48 -18.11 30.84
CA THR B 275 22.84 -17.83 31.32
C THR B 275 23.14 -18.64 32.59
N TYR B 276 22.28 -18.51 33.62
CA TYR B 276 22.43 -19.24 34.88
C TYR B 276 22.36 -20.77 34.71
N ASN B 277 21.34 -21.27 34.01
CA ASN B 277 21.19 -22.71 33.74
C ASN B 277 22.33 -23.29 32.88
N SER B 278 23.03 -22.47 32.08
CA SER B 278 24.22 -22.90 31.35
C SER B 278 25.45 -23.04 32.27
N ILE B 279 25.80 -22.00 33.05
CA ILE B 279 27.02 -22.03 33.87
C ILE B 279 26.99 -23.14 34.92
N MET B 280 25.83 -23.41 35.52
CA MET B 280 25.68 -24.44 36.56
C MET B 280 25.91 -25.89 36.08
N LYS B 281 26.04 -26.14 34.76
CA LYS B 281 26.49 -27.43 34.18
C LYS B 281 28.02 -27.64 34.27
N CYS B 282 28.79 -26.60 34.57
CA CYS B 282 30.25 -26.59 34.52
C CYS B 282 30.90 -26.90 35.88
N ASP B 283 32.21 -27.21 35.87
CA ASP B 283 33.00 -27.56 37.07
C ASP B 283 33.27 -26.36 37.99
N ILE B 284 33.21 -26.56 39.31
CA ILE B 284 33.27 -25.47 40.31
C ILE B 284 34.56 -24.64 40.22
N ASP B 285 35.70 -25.28 39.93
CA ASP B 285 36.98 -24.58 39.76
C ASP B 285 37.03 -23.68 38.51
N ILE B 286 36.14 -23.88 37.53
CA ILE B 286 36.02 -23.02 36.35
C ILE B 286 34.82 -22.07 36.42
N ARG B 287 33.78 -22.34 37.23
CA ARG B 287 32.63 -21.43 37.45
C ARG B 287 33.07 -20.01 37.82
N LYS B 288 34.16 -19.85 38.59
CA LYS B 288 34.77 -18.55 38.92
C LYS B 288 35.09 -17.72 37.67
N ASP B 289 35.76 -18.30 36.68
CA ASP B 289 36.05 -17.62 35.42
C ASP B 289 34.79 -17.41 34.56
N LEU B 290 33.85 -18.37 34.54
CA LEU B 290 32.61 -18.23 33.77
C LEU B 290 31.73 -17.08 34.29
N TYR B 291 31.40 -17.05 35.58
CA TYR B 291 30.60 -15.95 36.16
C TYR B 291 31.32 -14.59 36.09
N ALA B 292 32.64 -14.55 36.30
CA ALA B 292 33.41 -13.31 36.19
C ALA B 292 33.53 -12.80 34.74
N ASN B 293 33.57 -13.70 33.75
CA ASN B 293 33.73 -13.37 32.33
C ASN B 293 32.43 -13.62 31.53
N ASN B 294 31.31 -13.04 31.98
CA ASN B 294 30.07 -12.94 31.19
C ASN B 294 30.21 -11.87 30.10
N VAL B 295 30.34 -12.27 28.84
CA VAL B 295 30.56 -11.37 27.70
C VAL B 295 29.25 -11.21 26.90
N LEU B 296 28.85 -9.97 26.64
CA LEU B 296 27.77 -9.64 25.71
C LEU B 296 28.30 -9.56 24.27
N SER B 297 27.57 -10.13 23.30
CA SER B 297 27.96 -10.20 21.90
C SER B 297 26.76 -10.08 20.96
N GLY B 298 26.99 -9.59 19.74
CA GLY B 298 25.98 -9.53 18.68
C GLY B 298 25.12 -8.26 18.70
N GLY B 299 24.40 -8.05 17.60
CA GLY B 299 23.67 -6.85 17.29
C GLY B 299 22.62 -6.50 18.24
N THR B 300 21.99 -7.51 18.83
CA THR B 300 20.82 -7.29 19.81
C THR B 300 21.33 -6.73 21.12
N THR B 301 22.61 -6.92 21.46
CA THR B 301 23.21 -6.42 22.71
C THR B 301 23.66 -4.95 22.65
N MET B 302 23.39 -4.22 21.55
CA MET B 302 23.83 -2.89 21.38
C MET B 302 22.80 -1.86 21.81
N TYR B 303 21.63 -2.24 22.37
CA TYR B 303 20.71 -1.41 23.03
C TYR B 303 21.31 -0.83 24.30
N PRO B 304 21.33 0.51 24.55
CA PRO B 304 21.95 1.12 25.77
C PRO B 304 21.37 0.64 27.08
N GLY B 305 22.23 0.65 28.09
CA GLY B 305 21.77 0.39 29.40
C GLY B 305 21.63 -1.07 29.66
N ILE B 306 22.05 -1.97 28.76
CA ILE B 306 21.90 -3.43 28.92
C ILE B 306 22.71 -4.06 30.07
N ALA B 307 23.91 -3.54 30.34
CA ALA B 307 24.76 -4.07 31.33
C ALA B 307 24.33 -4.02 32.75
N ASP B 308 23.72 -2.89 33.12
CA ASP B 308 23.18 -2.68 34.47
C ASP B 308 22.03 -3.67 34.65
N ARG B 309 21.16 -3.89 33.65
CA ARG B 309 20.03 -4.88 33.66
C ARG B 309 20.48 -6.32 33.82
N MET B 310 21.40 -6.73 32.95
CA MET B 310 22.04 -8.05 32.99
C MET B 310 22.85 -8.26 34.28
N GLN B 311 23.54 -7.22 34.78
CA GLN B 311 24.27 -7.32 36.10
C GLN B 311 23.32 -7.67 37.22
N LYS B 312 22.22 -7.01 37.25
CA LYS B 312 21.15 -7.22 38.18
C LYS B 312 20.60 -8.57 38.20
N GLU B 313 20.22 -8.97 36.97
CA GLU B 313 19.44 -10.19 36.78
C GLU B 313 20.27 -11.39 37.18
N ILE B 314 21.53 -11.44 36.75
CA ILE B 314 22.43 -12.58 36.99
C ILE B 314 22.81 -12.69 38.47
N THR B 315 23.14 -11.59 39.18
CA THR B 315 23.46 -11.56 40.61
C THR B 315 22.26 -12.07 41.36
N ALA B 316 21.00 -11.84 40.87
CA ALA B 316 19.75 -12.30 41.58
C ALA B 316 19.62 -13.80 41.46
N LEU B 317 20.02 -14.35 40.28
CA LEU B 317 19.90 -15.87 40.13
C LEU B 317 21.08 -16.60 40.76
N ALA B 318 22.32 -15.97 40.67
CA ALA B 318 23.59 -16.52 41.03
C ALA B 318 23.93 -16.20 42.44
N PRO B 319 24.60 -17.07 43.21
CA PRO B 319 25.13 -16.82 44.61
C PRO B 319 26.06 -15.64 44.63
N SER B 320 26.04 -14.91 45.74
CA SER B 320 26.74 -13.76 45.99
C SER B 320 28.20 -14.11 46.43
N THR B 321 28.76 -15.28 46.09
CA THR B 321 30.25 -15.48 46.17
C THR B 321 30.93 -15.99 44.91
N MET B 322 30.16 -16.22 43.84
CA MET B 322 30.74 -16.08 42.49
C MET B 322 30.88 -14.58 42.23
N LYS B 323 32.06 -14.11 41.81
CA LYS B 323 32.20 -12.72 41.35
C LYS B 323 31.32 -12.54 40.12
N ILE B 324 30.46 -11.52 40.10
CA ILE B 324 29.61 -11.28 38.93
C ILE B 324 30.06 -10.00 38.21
N LYS B 325 30.28 -10.01 36.88
CA LYS B 325 30.65 -8.77 36.20
C LYS B 325 30.31 -9.00 34.71
N ILE B 326 29.60 -7.99 34.07
CA ILE B 326 29.21 -7.96 32.61
C ILE B 326 30.46 -7.30 31.90
N ILE B 327 30.92 -8.01 30.87
CA ILE B 327 31.92 -7.53 29.91
C ILE B 327 31.15 -7.16 28.65
N ALA B 328 31.20 -5.89 28.26
CA ALA B 328 30.61 -5.44 27.08
C ALA B 328 31.66 -4.82 26.27
N PRO B 329 32.13 -5.46 25.17
CA PRO B 329 33.15 -4.89 24.27
C PRO B 329 32.78 -3.51 23.67
N PRO B 330 33.77 -2.69 23.19
CA PRO B 330 33.55 -1.38 22.74
C PRO B 330 32.67 -1.41 21.48
N GLU B 331 32.75 -2.50 20.65
CA GLU B 331 32.02 -2.54 19.35
C GLU B 331 31.58 -3.97 19.23
N ARG B 332 30.78 -4.48 20.24
CA ARG B 332 30.34 -5.84 20.48
C ARG B 332 29.58 -6.43 19.37
N LYS B 333 29.01 -5.60 18.50
CA LYS B 333 28.31 -6.01 17.25
C LYS B 333 29.17 -6.70 16.22
N TYR B 334 30.52 -6.50 16.26
CA TYR B 334 31.44 -6.96 15.30
C TYR B 334 32.29 -8.00 15.94
N SER B 335 32.16 -8.34 17.23
CA SER B 335 33.18 -9.13 17.96
C SER B 335 33.37 -10.54 17.42
N VAL B 336 32.34 -11.14 16.83
CA VAL B 336 32.47 -12.42 16.12
C VAL B 336 33.44 -12.27 14.95
N TRP B 337 33.23 -11.26 14.11
CA TRP B 337 34.05 -11.01 12.94
C TRP B 337 35.49 -10.67 13.33
N ILE B 338 35.67 -9.81 14.34
CA ILE B 338 36.99 -9.43 14.87
C ILE B 338 37.75 -10.65 15.40
N GLY B 339 37.07 -11.51 16.16
CA GLY B 339 37.65 -12.76 16.64
C GLY B 339 38.01 -13.72 15.50
N GLY B 340 37.19 -13.76 14.45
CA GLY B 340 37.50 -14.47 13.21
C GLY B 340 38.76 -13.93 12.53
N SER B 341 38.91 -12.61 12.45
CA SER B 341 40.16 -12.00 11.98
C SER B 341 41.39 -12.33 12.77
N ILE B 342 41.28 -12.37 14.09
CA ILE B 342 42.35 -12.78 15.01
C ILE B 342 42.69 -14.26 14.77
N LEU B 343 41.69 -15.16 14.84
CA LEU B 343 41.89 -16.60 14.67
C LEU B 343 42.54 -16.93 13.31
N ALA B 344 42.03 -16.36 12.23
CA ALA B 344 42.56 -16.56 10.87
C ALA B 344 44.00 -16.03 10.68
N SER B 345 44.49 -15.17 11.58
CA SER B 345 45.85 -14.60 11.54
C SER B 345 46.78 -15.11 12.67
N LEU B 346 46.38 -16.11 13.47
CA LEU B 346 47.30 -16.83 14.34
C LEU B 346 48.24 -17.75 13.54
N SER B 347 49.50 -17.89 13.96
CA SER B 347 50.49 -18.74 13.29
C SER B 347 50.20 -20.24 13.45
N THR B 348 49.71 -20.68 14.62
CA THR B 348 49.36 -22.09 14.89
C THR B 348 48.06 -22.54 14.20
N PHE B 349 47.13 -21.62 13.95
CA PHE B 349 45.85 -21.93 13.30
C PHE B 349 45.98 -22.30 11.81
N GLN B 350 47.09 -21.97 11.14
CA GLN B 350 47.26 -22.25 9.70
C GLN B 350 47.30 -23.76 9.35
N GLN B 351 47.46 -24.63 10.34
CA GLN B 351 47.35 -26.08 10.21
C GLN B 351 45.89 -26.60 10.25
N MET B 352 44.93 -25.79 10.73
CA MET B 352 43.55 -26.19 10.99
C MET B 352 42.63 -26.15 9.77
N TRP B 353 42.94 -25.33 8.74
CA TRP B 353 42.08 -25.17 7.57
C TRP B 353 41.76 -26.51 6.88
N ILE B 354 40.53 -26.66 6.39
CA ILE B 354 40.14 -27.72 5.44
C ILE B 354 40.80 -27.40 4.10
N SER B 355 41.65 -28.29 3.57
CA SER B 355 42.23 -28.15 2.22
C SER B 355 41.31 -28.72 1.12
N LYS B 356 41.48 -28.24 -0.12
CA LYS B 356 40.75 -28.75 -1.29
C LYS B 356 40.98 -30.25 -1.52
N GLN B 357 42.18 -30.76 -1.24
CA GLN B 357 42.46 -32.20 -1.34
C GLN B 357 41.66 -33.03 -0.32
N GLU B 358 41.56 -32.59 0.93
CA GLU B 358 40.77 -33.31 1.94
C GLU B 358 39.27 -33.31 1.59
N TYR B 359 38.77 -32.21 1.02
CA TYR B 359 37.42 -32.17 0.45
C TYR B 359 37.25 -33.16 -0.72
N ASP B 360 38.22 -33.24 -1.64
CA ASP B 360 38.21 -34.23 -2.73
C ASP B 360 38.24 -35.69 -2.22
N GLU B 361 38.85 -35.97 -1.07
CA GLU B 361 38.87 -37.29 -0.52
C GLU B 361 37.65 -37.78 0.23
N ALA B 362 37.05 -36.88 1.04
CA ALA B 362 36.00 -37.21 2.01
C ALA B 362 34.63 -36.51 1.77
N GLY B 363 34.53 -35.66 0.75
CA GLY B 363 33.38 -34.89 0.42
C GLY B 363 33.13 -33.86 1.54
N PRO B 364 31.91 -33.27 1.51
CA PRO B 364 31.55 -32.12 2.33
C PRO B 364 31.73 -32.44 3.85
N SER B 365 31.77 -33.74 4.21
CA SER B 365 31.84 -34.26 5.59
C SER B 365 33.11 -33.91 6.36
N ILE B 366 34.18 -33.49 5.66
CA ILE B 366 35.49 -33.13 6.23
C ILE B 366 35.40 -32.07 7.35
N VAL B 367 34.40 -31.18 7.29
CA VAL B 367 34.11 -30.19 8.33
C VAL B 367 33.90 -30.82 9.72
N HIS B 368 33.34 -32.03 9.80
CA HIS B 368 33.13 -32.75 11.07
C HIS B 368 34.40 -33.47 11.60
N ARG B 369 35.53 -33.40 10.88
CA ARG B 369 36.85 -33.85 11.35
C ARG B 369 37.79 -32.68 11.67
N LYS B 370 37.79 -31.62 10.84
CA LYS B 370 38.65 -30.43 10.99
C LYS B 370 38.06 -29.37 11.94
N CYS B 371 36.74 -29.17 11.90
CA CYS B 371 36.01 -28.28 12.81
C CYS B 371 35.31 -29.10 13.92
N PHE B 372 34.64 -28.40 14.84
CA PHE B 372 34.03 -28.99 16.05
C PHE B 372 32.53 -28.68 16.12
N GLU C 1 -34.21 -10.01 33.20
CA GLU C 1 -32.82 -9.65 32.85
C GLU C 1 -32.79 -8.51 31.84
N THR C 2 -31.69 -7.74 31.77
CA THR C 2 -31.54 -6.60 30.85
C THR C 2 -31.30 -7.05 29.40
N THR C 3 -32.07 -6.48 28.46
CA THR C 3 -31.95 -6.81 27.06
C THR C 3 -30.75 -6.05 26.45
N ALA C 4 -29.77 -6.80 25.94
CA ALA C 4 -28.59 -6.21 25.34
C ALA C 4 -28.89 -5.83 23.87
N LEU C 5 -28.33 -4.73 23.42
CA LEU C 5 -28.20 -4.45 22.00
C LEU C 5 -26.85 -4.99 21.55
N VAL C 6 -26.89 -5.90 20.58
CA VAL C 6 -25.68 -6.41 19.92
C VAL C 6 -25.59 -5.68 18.59
N CYS C 7 -24.52 -4.93 18.38
CA CYS C 7 -24.40 -4.11 17.23
C CYS C 7 -23.12 -4.54 16.56
N ASP C 8 -23.21 -5.24 15.42
CA ASP C 8 -22.06 -5.48 14.56
C ASP C 8 -21.65 -4.20 13.81
N ASN C 9 -20.45 -3.71 14.09
CA ASN C 9 -19.81 -2.59 13.39
C ASN C 9 -19.28 -3.00 11.99
N GLY C 10 -20.18 -3.47 11.12
CA GLY C 10 -19.84 -3.99 9.79
C GLY C 10 -19.47 -2.89 8.79
N SER C 11 -18.48 -3.18 7.93
CA SER C 11 -17.88 -2.23 6.97
C SER C 11 -18.74 -1.92 5.72
N GLY C 12 -19.94 -2.49 5.60
CA GLY C 12 -20.83 -2.30 4.44
C GLY C 12 -22.32 -2.46 4.77
N LEU C 13 -22.68 -3.46 5.58
CA LEU C 13 -23.95 -3.53 6.29
C LEU C 13 -23.72 -3.46 7.80
N VAL C 14 -24.39 -2.56 8.51
CA VAL C 14 -24.53 -2.65 9.97
C VAL C 14 -25.51 -3.79 10.25
N LYS C 15 -25.19 -4.69 11.18
CA LYS C 15 -26.16 -5.70 11.54
C LYS C 15 -26.43 -5.42 12.97
N ALA C 16 -27.73 -5.23 13.37
CA ALA C 16 -28.12 -4.84 14.73
C ALA C 16 -29.38 -5.51 15.26
N GLY C 17 -29.41 -5.70 16.62
CA GLY C 17 -30.63 -6.22 17.20
C GLY C 17 -30.41 -6.51 18.60
N PHE C 18 -31.47 -7.17 19.11
CA PHE C 18 -31.71 -7.48 20.47
C PHE C 18 -31.19 -8.85 20.66
N ALA C 19 -30.63 -8.99 21.90
CA ALA C 19 -30.17 -10.26 22.35
C ALA C 19 -31.36 -11.14 22.84
N GLY C 20 -31.06 -12.42 22.84
CA GLY C 20 -32.11 -13.46 23.00
C GLY C 20 -32.68 -13.86 21.72
N ASP C 21 -32.31 -13.24 20.60
CA ASP C 21 -32.66 -13.62 19.20
C ASP C 21 -31.44 -14.31 18.62
N ASP C 22 -31.69 -15.17 17.59
CA ASP C 22 -30.67 -16.01 17.00
C ASP C 22 -30.43 -15.46 15.61
N ALA C 23 -31.01 -14.23 15.37
CA ALA C 23 -30.89 -13.60 14.04
C ALA C 23 -30.92 -12.10 14.20
N PRO C 24 -30.24 -11.20 13.40
CA PRO C 24 -30.31 -9.70 13.54
C PRO C 24 -31.68 -9.22 13.26
N ARG C 25 -32.14 -8.15 13.87
CA ARG C 25 -33.47 -7.72 13.47
C ARG C 25 -33.35 -6.47 12.54
N ALA C 26 -32.19 -5.86 12.26
CA ALA C 26 -32.02 -4.77 11.33
C ALA C 26 -30.77 -5.07 10.63
N VAL C 27 -30.77 -4.97 9.30
CA VAL C 27 -29.68 -5.22 8.46
C VAL C 27 -29.87 -4.15 7.48
N PHE C 28 -29.00 -3.12 7.58
CA PHE C 28 -29.07 -1.87 6.81
C PHE C 28 -27.68 -1.33 6.39
N PRO C 29 -27.56 -0.50 5.35
CA PRO C 29 -26.29 0.02 4.84
C PRO C 29 -25.45 0.84 5.85
N SER C 30 -24.13 0.60 5.89
CA SER C 30 -23.14 1.37 6.66
C SER C 30 -22.77 2.70 6.00
N ILE C 31 -23.76 3.55 5.72
CA ILE C 31 -23.57 4.83 4.99
C ILE C 31 -24.22 6.02 5.72
N VAL C 32 -23.61 7.19 5.62
CA VAL C 32 -24.12 8.48 6.11
C VAL C 32 -24.09 9.50 4.96
N GLY C 33 -25.12 10.31 4.82
CA GLY C 33 -25.26 11.32 3.77
C GLY C 33 -25.32 12.76 4.31
N ARG C 34 -24.71 13.71 3.60
CA ARG C 34 -24.64 15.14 3.95
C ARG C 34 -24.96 16.03 2.74
N PRO C 35 -25.74 17.13 2.85
CA PRO C 35 -26.14 17.96 1.71
C PRO C 35 -25.00 18.51 0.85
N ARG C 36 -25.20 18.55 -0.47
CA ARG C 36 -24.31 19.23 -1.44
C ARG C 36 -24.52 20.74 -1.53
N HIS C 37 -25.71 21.22 -1.16
CA HIS C 37 -26.15 22.62 -1.29
C HIS C 37 -27.00 23.07 -0.09
N GLN C 38 -27.05 24.37 0.17
CA GLN C 38 -27.99 24.98 1.12
C GLN C 38 -29.41 25.06 0.55
N GLY C 39 -30.44 25.15 1.39
CA GLY C 39 -31.84 25.16 0.96
C GLY C 39 -32.26 23.83 0.29
N VAL C 40 -32.09 22.73 1.02
CA VAL C 40 -32.01 21.36 0.46
C VAL C 40 -33.27 20.91 -0.27
N MET C 41 -34.45 21.31 0.21
CA MET C 41 -35.77 20.86 -0.28
C MET C 41 -36.80 22.00 -0.25
N VAL C 42 -37.84 21.92 -1.09
CA VAL C 42 -38.94 22.90 -1.13
C VAL C 42 -40.26 22.30 -0.62
N GLY C 43 -40.91 22.97 0.33
CA GLY C 43 -42.25 22.60 0.82
C GLY C 43 -42.34 21.34 1.69
N MET C 44 -41.20 20.83 2.19
CA MET C 44 -41.09 19.51 2.84
C MET C 44 -40.24 19.50 4.13
N GLY C 45 -39.76 20.65 4.60
CA GLY C 45 -38.78 20.74 5.70
C GLY C 45 -37.37 20.32 5.28
N GLN C 46 -36.46 20.16 6.24
CA GLN C 46 -35.04 19.84 6.03
C GLN C 46 -34.45 18.92 7.12
N LYS C 47 -33.35 18.25 6.80
CA LYS C 47 -32.42 17.59 7.76
C LYS C 47 -30.96 17.91 7.41
N ASP C 48 -30.11 18.04 8.42
CA ASP C 48 -28.67 18.31 8.25
C ASP C 48 -27.84 17.08 7.85
N SER C 49 -28.35 15.86 8.11
CA SER C 49 -27.70 14.59 7.77
C SER C 49 -28.71 13.44 7.63
N TYR C 50 -28.31 12.37 6.95
CA TYR C 50 -29.14 11.23 6.57
C TYR C 50 -28.35 9.92 6.77
N VAL C 51 -29.01 8.78 6.96
CA VAL C 51 -28.33 7.50 7.28
C VAL C 51 -29.05 6.32 6.61
N GLY C 52 -28.32 5.25 6.28
CA GLY C 52 -28.90 3.96 5.84
C GLY C 52 -29.81 4.07 4.62
N ASP C 53 -30.97 3.40 4.65
CA ASP C 53 -31.94 3.43 3.54
C ASP C 53 -32.52 4.83 3.25
N GLU C 54 -32.52 5.75 4.23
CA GLU C 54 -32.89 7.15 3.97
C GLU C 54 -31.80 7.86 3.14
N ALA C 55 -30.52 7.67 3.47
CA ALA C 55 -29.41 8.21 2.66
C ALA C 55 -29.31 7.56 1.26
N GLN C 56 -29.65 6.27 1.14
CA GLN C 56 -29.67 5.56 -0.14
C GLN C 56 -30.81 6.04 -1.06
N SER C 57 -31.98 6.39 -0.51
CA SER C 57 -33.16 6.82 -1.27
C SER C 57 -33.26 8.34 -1.50
N LYS C 58 -32.77 9.17 -0.57
CA LYS C 58 -32.72 10.65 -0.70
C LYS C 58 -31.42 11.18 -1.33
N ARG C 59 -30.69 10.31 -2.06
CA ARG C 59 -29.29 10.52 -2.50
C ARG C 59 -29.06 11.66 -3.48
N GLY C 60 -30.08 12.12 -4.22
CA GLY C 60 -29.93 13.03 -5.37
C GLY C 60 -29.30 14.41 -5.09
N ILE C 61 -29.25 14.85 -3.83
CA ILE C 61 -28.55 16.07 -3.39
C ILE C 61 -27.53 15.84 -2.24
N LEU C 62 -27.04 14.61 -2.06
CA LEU C 62 -26.14 14.23 -0.96
C LEU C 62 -24.73 13.81 -1.43
N THR C 63 -23.71 14.20 -0.66
CA THR C 63 -22.41 13.50 -0.58
C THR C 63 -22.55 12.34 0.40
N LEU C 64 -22.03 11.15 0.08
CA LEU C 64 -21.96 10.03 1.04
C LEU C 64 -20.58 9.91 1.69
N LYS C 65 -20.55 9.62 2.99
CA LYS C 65 -19.36 9.35 3.82
C LYS C 65 -19.64 8.18 4.77
N TYR C 66 -18.59 7.61 5.35
CA TYR C 66 -18.64 6.26 5.93
C TYR C 66 -18.07 6.22 7.37
N PRO C 67 -18.68 5.43 8.28
CA PRO C 67 -18.19 5.28 9.65
C PRO C 67 -16.89 4.45 9.71
N ILE C 68 -16.87 3.36 8.94
CA ILE C 68 -15.89 2.28 9.02
C ILE C 68 -15.34 1.98 7.62
N GLU C 69 -14.04 2.13 7.47
CA GLU C 69 -13.25 1.84 6.25
C GLU C 69 -12.15 0.90 6.69
N HIS C 70 -11.88 -0.19 5.97
CA HIS C 70 -10.78 -1.14 6.28
C HIS C 70 -10.86 -1.82 7.66
N GLY C 71 -12.07 -1.94 8.23
CA GLY C 71 -12.32 -2.45 9.59
C GLY C 71 -11.96 -1.46 10.70
N ILE C 72 -11.70 -0.20 10.35
CA ILE C 72 -11.11 0.80 11.13
C ILE C 72 -12.15 1.90 11.13
N ILE C 73 -12.57 2.44 12.33
CA ILE C 73 -13.43 3.56 12.44
C ILE C 73 -12.65 4.73 11.94
N THR C 74 -13.07 5.43 10.81
CA THR C 74 -12.30 6.48 10.23
C THR C 74 -12.76 7.88 10.41
N ASN C 75 -13.99 8.01 10.90
CA ASN C 75 -14.66 9.26 11.21
C ASN C 75 -15.66 8.98 12.34
N TRP C 76 -15.35 9.51 13.52
CA TRP C 76 -16.12 9.38 14.72
C TRP C 76 -17.51 9.95 14.46
N ASP C 77 -17.63 11.08 13.74
CA ASP C 77 -18.90 11.79 13.54
C ASP C 77 -19.95 10.98 12.75
N ASP C 78 -19.50 10.11 11.83
CA ASP C 78 -20.39 9.24 11.04
C ASP C 78 -20.76 7.97 11.82
N MET C 79 -19.83 7.43 12.61
CA MET C 79 -20.10 6.30 13.51
C MET C 79 -21.19 6.67 14.54
N GLU C 80 -21.13 7.86 15.11
CA GLU C 80 -22.17 8.40 15.83
C GLU C 80 -23.57 8.52 15.17
N LYS C 81 -23.63 8.90 13.88
CA LYS C 81 -24.90 9.04 13.16
C LYS C 81 -25.50 7.68 12.86
N ILE C 82 -24.67 6.68 12.56
CA ILE C 82 -25.08 5.27 12.48
C ILE C 82 -25.66 4.79 13.82
N TRP C 83 -25.03 5.12 14.95
CA TRP C 83 -25.53 4.78 16.26
C TRP C 83 -26.78 5.44 16.61
N HIS C 84 -26.91 6.74 16.28
CA HIS C 84 -28.13 7.51 16.53
C HIS C 84 -29.31 6.94 15.73
N HIS C 85 -29.07 6.62 14.46
CA HIS C 85 -30.02 5.92 13.60
C HIS C 85 -30.42 4.55 14.18
N THR C 86 -29.43 3.76 14.61
CA THR C 86 -29.63 2.41 15.17
C THR C 86 -30.61 2.41 16.35
N PHE C 87 -30.40 3.24 17.38
CA PHE C 87 -31.25 3.18 18.54
C PHE C 87 -32.60 3.74 18.19
N TYR C 88 -32.66 4.98 17.62
CA TYR C 88 -33.91 5.79 17.68
C TYR C 88 -34.79 5.60 16.51
N ASN C 89 -34.29 5.21 15.33
CA ASN C 89 -34.99 5.01 14.06
C ASN C 89 -35.29 3.54 13.79
N GLU C 90 -34.29 2.69 13.90
CA GLU C 90 -34.37 1.34 13.48
C GLU C 90 -34.98 0.39 14.42
N LEU C 91 -34.73 0.51 15.75
CA LEU C 91 -35.17 -0.40 16.85
C LEU C 91 -36.14 0.27 17.72
N ARG C 92 -36.21 1.60 17.51
CA ARG C 92 -37.03 2.57 18.17
C ARG C 92 -37.08 2.35 19.66
N VAL C 93 -35.86 2.32 20.34
CA VAL C 93 -35.76 2.10 21.78
C VAL C 93 -34.75 3.02 22.36
N ALA C 94 -34.83 3.30 23.69
CA ALA C 94 -33.88 4.05 24.44
C ALA C 94 -32.68 3.15 24.71
N PRO C 95 -31.46 3.41 24.22
CA PRO C 95 -30.20 2.72 24.49
C PRO C 95 -29.82 2.76 25.94
N GLU C 96 -30.18 3.81 26.69
CA GLU C 96 -29.87 3.95 28.12
C GLU C 96 -30.58 2.90 29.00
N GLU C 97 -31.53 2.15 28.44
CA GLU C 97 -32.20 1.02 29.12
C GLU C 97 -31.53 -0.27 28.84
N HIS C 98 -30.64 -0.35 27.80
CA HIS C 98 -30.14 -1.59 27.17
C HIS C 98 -28.66 -1.60 27.15
N PRO C 99 -27.96 -2.50 27.87
CA PRO C 99 -26.52 -2.72 27.72
C PRO C 99 -26.07 -2.95 26.27
N THR C 100 -24.89 -2.46 25.88
CA THR C 100 -24.42 -2.51 24.48
C THR C 100 -23.21 -3.42 24.30
N LEU C 101 -23.26 -4.35 23.34
CA LEU C 101 -22.12 -5.15 22.90
C LEU C 101 -21.68 -4.69 21.51
N LEU C 102 -20.45 -4.20 21.41
CA LEU C 102 -19.84 -3.72 20.18
C LEU C 102 -18.84 -4.73 19.62
N THR C 103 -18.94 -5.03 18.33
CA THR C 103 -17.95 -5.87 17.63
C THR C 103 -16.74 -5.04 17.21
N GLU C 104 -15.57 -5.68 17.12
CA GLU C 104 -14.34 -5.04 16.61
C GLU C 104 -13.44 -6.04 15.85
N ALA C 105 -12.57 -5.52 14.99
CA ALA C 105 -11.50 -6.31 14.39
C ALA C 105 -10.48 -6.81 15.45
N PRO C 106 -9.83 -7.96 15.25
CA PRO C 106 -8.61 -8.32 15.97
C PRO C 106 -7.58 -7.18 15.93
N LEU C 107 -6.98 -6.85 17.07
CA LEU C 107 -5.99 -5.77 17.20
C LEU C 107 -6.50 -4.37 16.78
N ASN C 108 -7.81 -4.12 16.89
CA ASN C 108 -8.44 -2.79 16.71
C ASN C 108 -7.75 -1.71 17.60
N PRO C 109 -7.39 -0.51 17.07
CA PRO C 109 -6.53 0.42 17.77
C PRO C 109 -7.15 0.79 19.14
N LYS C 110 -6.28 0.91 20.16
CA LYS C 110 -6.68 1.16 21.55
C LYS C 110 -7.26 2.56 21.79
N ALA C 111 -6.72 3.59 21.12
CA ALA C 111 -7.34 4.92 21.11
C ALA C 111 -8.76 4.86 20.52
N ASN C 112 -8.97 4.05 19.48
CA ASN C 112 -10.31 3.70 18.98
C ASN C 112 -11.18 2.97 19.89
N ARG C 113 -10.71 1.98 20.67
CA ARG C 113 -11.54 1.30 21.69
C ARG C 113 -12.03 2.31 22.72
N GLU C 114 -11.13 3.19 23.14
CA GLU C 114 -11.44 4.21 24.14
C GLU C 114 -12.35 5.32 23.58
N LYS C 115 -12.29 5.70 22.29
CA LYS C 115 -13.17 6.73 21.81
C LYS C 115 -14.48 6.14 21.68
N MET C 116 -14.63 4.90 21.18
CA MET C 116 -15.95 4.22 21.13
C MET C 116 -16.58 4.10 22.53
N THR C 117 -15.79 3.71 23.54
CA THR C 117 -16.26 3.54 24.93
C THR C 117 -16.79 4.86 25.52
N GLN C 118 -15.99 5.93 25.43
CA GLN C 118 -16.38 7.25 25.76
C GLN C 118 -17.65 7.83 25.11
N ILE C 119 -17.76 7.68 23.79
CA ILE C 119 -18.92 8.06 22.98
C ILE C 119 -20.13 7.29 23.36
N MET C 120 -20.04 5.96 23.60
CA MET C 120 -21.20 5.26 24.07
C MET C 120 -21.72 5.70 25.40
N PHE C 121 -20.84 5.93 26.37
CA PHE C 121 -21.24 6.29 27.73
C PHE C 121 -21.67 7.75 27.88
N GLU C 122 -21.04 8.71 27.19
CA GLU C 122 -21.33 10.10 27.51
C GLU C 122 -22.50 10.63 26.79
N THR C 123 -22.65 10.32 25.55
CA THR C 123 -23.73 10.81 24.74
C THR C 123 -25.01 9.94 24.82
N PHE C 124 -24.94 8.60 24.62
CA PHE C 124 -26.00 7.66 24.62
C PHE C 124 -26.44 7.25 26.07
N ASN C 125 -25.62 7.55 27.09
CA ASN C 125 -25.90 7.25 28.50
C ASN C 125 -26.20 5.75 28.78
N VAL C 126 -25.55 4.82 28.04
CA VAL C 126 -25.75 3.36 28.19
C VAL C 126 -25.56 2.89 29.66
N PRO C 127 -26.35 1.91 30.15
CA PRO C 127 -26.27 1.46 31.54
C PRO C 127 -25.02 0.59 31.80
N ALA C 128 -24.59 -0.14 30.76
CA ALA C 128 -23.39 -0.94 30.72
C ALA C 128 -22.97 -1.23 29.26
N MET C 129 -21.72 -1.69 29.03
CA MET C 129 -21.25 -2.09 27.70
C MET C 129 -20.11 -3.12 27.72
N TYR C 130 -19.83 -3.73 26.57
CA TYR C 130 -18.63 -4.55 26.34
C TYR C 130 -18.17 -4.44 24.88
N VAL C 131 -16.90 -4.76 24.62
CA VAL C 131 -16.31 -4.79 23.27
C VAL C 131 -15.68 -6.16 23.01
N ALA C 132 -15.97 -6.79 21.87
CA ALA C 132 -15.53 -8.15 21.57
C ALA C 132 -15.03 -8.33 20.12
N ILE C 133 -13.96 -9.10 19.95
CA ILE C 133 -13.36 -9.42 18.65
C ILE C 133 -14.35 -10.26 17.82
N GLN C 134 -14.60 -9.84 16.58
CA GLN C 134 -15.61 -10.44 15.69
C GLN C 134 -15.50 -11.98 15.58
N ALA C 135 -14.29 -12.48 15.28
CA ALA C 135 -14.03 -13.89 15.05
C ALA C 135 -14.34 -14.80 16.26
N VAL C 136 -14.14 -14.31 17.49
CA VAL C 136 -14.43 -15.05 18.73
C VAL C 136 -15.92 -15.40 18.80
N LEU C 137 -16.78 -14.43 18.46
CA LEU C 137 -18.22 -14.59 18.46
C LEU C 137 -18.67 -15.60 17.39
N SER C 138 -18.10 -15.52 16.18
CA SER C 138 -18.39 -16.51 15.13
C SER C 138 -18.03 -17.95 15.53
N LEU C 139 -16.99 -18.14 16.33
CA LEU C 139 -16.69 -19.47 16.87
C LEU C 139 -17.78 -19.95 17.84
N TYR C 140 -18.26 -19.10 18.76
CA TYR C 140 -19.38 -19.46 19.65
C TYR C 140 -20.66 -19.79 18.86
N ALA C 141 -20.97 -19.04 17.80
CA ALA C 141 -22.08 -19.35 16.90
C ALA C 141 -21.89 -20.68 16.13
N SER C 142 -20.65 -21.12 15.87
CA SER C 142 -20.34 -22.46 15.34
C SER C 142 -20.42 -23.59 16.39
N GLY C 143 -20.87 -23.29 17.62
CA GLY C 143 -21.02 -24.24 18.73
C GLY C 143 -19.72 -24.64 19.42
N ARG C 144 -18.64 -23.85 19.25
CA ARG C 144 -17.25 -24.25 19.57
C ARG C 144 -16.55 -23.25 20.48
N THR C 145 -15.66 -23.76 21.33
CA THR C 145 -14.80 -22.98 22.23
C THR C 145 -13.35 -22.88 21.75
N THR C 146 -12.86 -23.85 20.96
CA THR C 146 -11.54 -23.81 20.31
C THR C 146 -11.67 -24.04 18.80
N GLY C 147 -10.97 -23.24 18.00
CA GLY C 147 -10.92 -23.33 16.54
C GLY C 147 -10.21 -22.12 15.93
N ILE C 148 -9.82 -22.21 14.66
CA ILE C 148 -9.27 -21.05 13.93
C ILE C 148 -10.33 -20.51 12.98
N VAL C 149 -10.57 -19.21 13.07
CA VAL C 149 -11.60 -18.55 12.28
C VAL C 149 -10.93 -17.71 11.19
N LEU C 150 -11.28 -17.95 9.92
CA LEU C 150 -11.15 -16.93 8.89
C LEU C 150 -12.35 -16.01 9.00
N ASP C 151 -12.15 -14.82 9.54
CA ASP C 151 -13.13 -13.74 9.46
C ASP C 151 -12.80 -12.85 8.28
N SER C 152 -13.29 -13.22 7.09
CA SER C 152 -13.26 -12.33 5.92
C SER C 152 -14.58 -11.56 5.90
N GLY C 153 -14.60 -10.49 6.71
CA GLY C 153 -15.77 -9.68 7.01
C GLY C 153 -16.25 -8.84 5.83
N ASP C 154 -17.08 -7.85 6.11
CA ASP C 154 -17.66 -6.99 5.07
C ASP C 154 -16.62 -6.02 4.46
N GLY C 155 -15.47 -5.82 5.12
CA GLY C 155 -14.40 -4.91 4.68
C GLY C 155 -13.01 -5.08 5.33
N VAL C 156 -12.74 -6.16 6.04
CA VAL C 156 -11.37 -6.58 6.45
C VAL C 156 -11.29 -8.10 6.57
N THR C 157 -10.10 -8.71 6.37
CA THR C 157 -9.89 -10.16 6.54
C THR C 157 -8.89 -10.46 7.65
N HIS C 158 -9.21 -11.40 8.53
CA HIS C 158 -8.28 -11.93 9.54
C HIS C 158 -8.34 -13.46 9.62
N ASN C 159 -7.19 -14.06 9.95
CA ASN C 159 -7.14 -15.43 10.46
C ASN C 159 -6.87 -15.37 11.98
N VAL C 160 -7.74 -15.99 12.77
CA VAL C 160 -7.82 -15.80 14.22
C VAL C 160 -7.89 -17.16 14.91
N PRO C 161 -6.75 -17.69 15.42
CA PRO C 161 -6.74 -18.92 16.19
C PRO C 161 -7.27 -18.64 17.59
N ILE C 162 -8.36 -19.29 17.96
CA ILE C 162 -9.08 -19.09 19.22
C ILE C 162 -9.01 -20.37 20.04
N TYR C 163 -8.55 -20.25 21.27
CA TYR C 163 -8.40 -21.36 22.20
C TYR C 163 -9.24 -21.11 23.46
N GLU C 164 -10.21 -21.99 23.71
CA GLU C 164 -11.20 -21.94 24.80
C GLU C 164 -11.79 -20.56 25.08
N GLY C 165 -12.14 -19.82 24.02
CA GLY C 165 -12.75 -18.49 24.07
C GLY C 165 -11.80 -17.29 24.00
N TYR C 166 -10.47 -17.51 24.01
CA TYR C 166 -9.47 -16.44 23.85
C TYR C 166 -8.77 -16.52 22.48
N ALA C 167 -8.76 -15.43 21.72
CA ALA C 167 -7.93 -15.31 20.52
C ALA C 167 -6.45 -15.17 20.91
N LEU C 168 -5.57 -16.00 20.35
CA LEU C 168 -4.16 -16.07 20.74
C LEU C 168 -3.38 -14.82 20.26
N PRO C 169 -2.84 -13.98 21.17
CA PRO C 169 -2.39 -12.62 20.83
C PRO C 169 -1.09 -12.56 20.01
N HIS C 170 -0.34 -13.66 19.91
CA HIS C 170 0.86 -13.78 19.09
C HIS C 170 0.62 -14.41 17.71
N ALA C 171 -0.51 -15.09 17.51
CA ALA C 171 -0.75 -15.94 16.33
C ALA C 171 -1.84 -15.42 15.36
N ILE C 172 -2.49 -14.30 15.67
CA ILE C 172 -3.44 -13.60 14.77
C ILE C 172 -2.72 -13.10 13.50
N MET C 173 -3.39 -13.17 12.35
CA MET C 173 -2.92 -12.60 11.09
C MET C 173 -4.00 -11.68 10.47
N ARG C 174 -3.58 -10.59 9.82
CA ARG C 174 -4.44 -9.57 9.19
C ARG C 174 -4.14 -9.43 7.70
N LEU C 175 -5.17 -9.16 6.90
CA LEU C 175 -5.08 -8.76 5.50
C LEU C 175 -6.01 -7.55 5.21
N ASP C 176 -5.44 -6.46 4.68
CA ASP C 176 -6.16 -5.26 4.20
C ASP C 176 -6.89 -5.47 2.86
N LEU C 177 -7.55 -6.63 2.70
CA LEU C 177 -8.30 -6.99 1.49
C LEU C 177 -9.49 -7.91 1.85
N ALA C 178 -10.68 -7.45 1.52
CA ALA C 178 -11.97 -8.09 1.76
C ALA C 178 -13.05 -7.35 0.98
N GLY C 179 -14.33 -7.55 1.35
CA GLY C 179 -15.51 -6.99 0.68
C GLY C 179 -15.53 -5.49 0.39
N ARG C 180 -14.73 -4.65 1.04
CA ARG C 180 -14.60 -3.22 0.70
C ARG C 180 -13.82 -3.04 -0.62
N ASP C 181 -12.51 -3.25 -0.63
CA ASP C 181 -11.66 -3.06 -1.81
C ASP C 181 -11.99 -4.01 -2.98
N LEU C 182 -12.73 -5.11 -2.74
CA LEU C 182 -13.23 -6.00 -3.73
C LEU C 182 -14.13 -5.28 -4.70
N THR C 183 -14.99 -4.32 -4.23
CA THR C 183 -15.81 -3.51 -5.07
C THR C 183 -14.99 -2.59 -5.91
N ASP C 184 -14.01 -1.91 -5.31
CA ASP C 184 -13.16 -0.95 -6.02
C ASP C 184 -12.34 -1.65 -7.10
N TYR C 185 -11.83 -2.85 -6.77
CA TYR C 185 -11.16 -3.72 -7.73
C TYR C 185 -12.03 -4.21 -8.84
N LEU C 186 -13.28 -4.55 -8.53
CA LEU C 186 -14.21 -5.09 -9.53
C LEU C 186 -14.47 -4.05 -10.55
N MET C 187 -14.66 -2.80 -10.08
CA MET C 187 -14.95 -1.62 -10.85
C MET C 187 -13.80 -1.32 -11.79
N LYS C 188 -12.54 -1.43 -11.33
CA LYS C 188 -11.37 -1.20 -12.21
C LYS C 188 -11.34 -2.17 -13.40
N ILE C 189 -11.53 -3.46 -13.14
CA ILE C 189 -11.43 -4.54 -14.10
C ILE C 189 -12.58 -4.63 -15.12
N LEU C 190 -13.80 -4.11 -14.77
CA LEU C 190 -14.89 -3.80 -15.62
C LEU C 190 -14.57 -2.67 -16.52
N THR C 191 -13.89 -1.62 -16.04
CA THR C 191 -13.48 -0.48 -16.87
C THR C 191 -12.51 -0.94 -17.96
N GLU C 192 -11.67 -1.92 -17.62
CA GLU C 192 -10.78 -2.61 -18.51
C GLU C 192 -11.40 -3.39 -19.58
N ARG C 193 -12.59 -3.98 -19.30
CA ARG C 193 -13.41 -4.68 -20.30
C ARG C 193 -14.13 -3.70 -21.21
N GLY C 194 -14.28 -2.47 -20.78
CA GLY C 194 -14.89 -1.46 -21.56
C GLY C 194 -16.25 -1.16 -21.05
N TYR C 195 -16.61 -1.59 -19.82
CA TYR C 195 -17.78 -1.16 -19.12
C TYR C 195 -17.32 -0.22 -18.09
N SER C 196 -16.95 0.99 -18.53
CA SER C 196 -16.45 2.09 -17.73
C SER C 196 -17.50 2.58 -16.75
N PHE C 197 -17.18 2.44 -15.46
CA PHE C 197 -17.93 2.97 -14.34
C PHE C 197 -17.00 3.94 -13.63
N VAL C 198 -17.40 5.20 -13.52
CA VAL C 198 -16.57 6.28 -12.92
C VAL C 198 -17.33 6.95 -11.79
N THR C 199 -18.65 6.77 -11.69
CA THR C 199 -19.54 7.45 -10.75
C THR C 199 -19.72 6.62 -9.47
N THR C 200 -19.77 7.22 -8.28
CA THR C 200 -20.04 6.44 -7.05
C THR C 200 -21.46 5.88 -7.01
N ALA C 201 -22.41 6.53 -7.71
CA ALA C 201 -23.73 5.97 -8.01
C ALA C 201 -23.68 4.66 -8.84
N GLU C 202 -22.64 4.45 -9.66
CA GLU C 202 -22.42 3.17 -10.36
C GLU C 202 -21.75 2.14 -9.43
N ARG C 203 -20.78 2.57 -8.60
CA ARG C 203 -20.02 1.72 -7.66
C ARG C 203 -20.91 0.87 -6.73
N GLU C 204 -22.00 1.41 -6.21
CA GLU C 204 -22.93 0.64 -5.35
C GLU C 204 -23.73 -0.45 -6.11
N ILE C 205 -23.90 -0.32 -7.43
CA ILE C 205 -24.49 -1.40 -8.26
C ILE C 205 -23.44 -2.50 -8.48
N VAL C 206 -22.19 -2.11 -8.69
CA VAL C 206 -21.00 -2.96 -8.80
C VAL C 206 -20.76 -3.75 -7.53
N ARG C 207 -21.09 -3.14 -6.37
CA ARG C 207 -21.11 -3.82 -5.13
C ARG C 207 -22.10 -4.94 -5.02
N ASP C 208 -23.37 -4.63 -5.52
CA ASP C 208 -24.47 -5.57 -5.50
C ASP C 208 -24.17 -6.73 -6.38
N ILE C 209 -23.61 -6.44 -7.58
CA ILE C 209 -23.11 -7.41 -8.58
C ILE C 209 -22.15 -8.38 -8.12
N LYS C 210 -21.20 -7.82 -7.37
CA LYS C 210 -20.18 -8.60 -6.72
C LYS C 210 -20.72 -9.67 -5.76
N GLU C 211 -21.67 -9.29 -4.89
CA GLU C 211 -22.35 -10.10 -3.90
C GLU C 211 -23.17 -11.14 -4.57
N LYS C 212 -23.87 -10.85 -5.75
CA LYS C 212 -24.71 -11.79 -6.43
C LYS C 212 -24.05 -12.76 -7.33
N LEU C 213 -23.01 -12.33 -8.08
CA LEU C 213 -22.49 -13.02 -9.22
C LEU C 213 -21.14 -13.55 -8.97
N CYS C 214 -20.26 -13.04 -8.02
CA CYS C 214 -19.01 -13.62 -7.78
C CYS C 214 -19.06 -14.99 -7.18
N TYR C 215 -18.11 -15.87 -7.51
CA TYR C 215 -18.08 -17.17 -7.08
C TYR C 215 -16.66 -17.45 -6.93
N VAL C 216 -16.26 -18.39 -5.94
CA VAL C 216 -14.90 -18.76 -5.75
C VAL C 216 -14.70 -20.00 -6.70
N ALA C 217 -13.74 -19.92 -7.66
CA ALA C 217 -13.32 -21.04 -8.45
C ALA C 217 -12.59 -21.98 -7.60
N LEU C 218 -12.75 -23.30 -7.93
CA LEU C 218 -12.02 -24.41 -7.33
C LEU C 218 -10.61 -24.52 -7.92
N ASP C 219 -10.52 -24.25 -9.29
CA ASP C 219 -9.23 -24.13 -9.94
C ASP C 219 -9.11 -22.97 -10.84
N PHE C 220 -8.27 -21.97 -10.47
CA PHE C 220 -8.12 -20.62 -11.06
C PHE C 220 -7.62 -20.69 -12.51
N GLU C 221 -6.62 -21.50 -12.82
CA GLU C 221 -6.14 -21.61 -14.16
C GLU C 221 -7.18 -22.27 -15.04
N ASN C 222 -7.88 -23.40 -14.57
CA ASN C 222 -8.88 -24.13 -15.35
C ASN C 222 -10.10 -23.42 -15.67
N GLU C 223 -10.62 -22.58 -14.70
CA GLU C 223 -11.72 -21.66 -14.97
C GLU C 223 -11.32 -20.52 -15.85
N MET C 224 -10.15 -19.95 -15.65
CA MET C 224 -9.62 -18.93 -16.56
C MET C 224 -9.53 -19.40 -17.98
N ALA C 225 -9.06 -20.68 -18.14
CA ALA C 225 -9.00 -21.28 -19.47
C ALA C 225 -10.31 -21.48 -20.12
N THR C 226 -11.32 -21.89 -19.29
CA THR C 226 -12.63 -22.10 -19.72
C THR C 226 -13.22 -20.84 -20.25
N ALA C 227 -13.10 -19.70 -19.53
CA ALA C 227 -13.55 -18.45 -20.04
C ALA C 227 -12.84 -17.94 -21.32
N ALA C 228 -11.54 -18.29 -21.49
CA ALA C 228 -10.78 -17.93 -22.70
C ALA C 228 -11.17 -18.73 -23.95
N SER C 229 -11.74 -19.96 -23.77
CA SER C 229 -12.00 -21.03 -24.73
C SER C 229 -13.49 -21.02 -24.98
N SER C 230 -14.33 -20.35 -24.17
CA SER C 230 -15.72 -20.46 -24.38
C SER C 230 -16.22 -19.30 -23.53
N SER C 231 -17.37 -18.70 -23.95
CA SER C 231 -18.14 -17.77 -23.22
C SER C 231 -19.21 -18.35 -22.34
N SER C 232 -18.98 -19.43 -21.63
CA SER C 232 -19.87 -20.01 -20.71
C SER C 232 -19.69 -19.67 -19.22
N LEU C 233 -18.70 -18.81 -18.93
CA LEU C 233 -18.29 -18.26 -17.68
C LEU C 233 -18.65 -16.81 -17.55
N GLU C 234 -19.85 -16.40 -18.05
CA GLU C 234 -20.32 -15.06 -18.15
C GLU C 234 -21.78 -15.04 -17.74
N LYS C 235 -22.22 -14.06 -16.95
CA LYS C 235 -23.65 -14.03 -16.58
C LYS C 235 -24.06 -12.65 -16.85
N SER C 236 -25.29 -12.49 -17.37
CA SER C 236 -25.83 -11.16 -17.74
C SER C 236 -26.38 -10.50 -16.49
N TYR C 237 -26.30 -9.15 -16.48
CA TYR C 237 -27.01 -8.38 -15.48
C TYR C 237 -27.65 -7.15 -16.15
N GLU C 238 -28.96 -6.96 -15.85
CA GLU C 238 -29.67 -5.87 -16.43
C GLU C 238 -29.56 -4.73 -15.41
N LEU C 239 -28.88 -3.63 -15.75
CA LEU C 239 -28.73 -2.47 -14.87
C LEU C 239 -30.10 -1.81 -14.56
N PRO C 240 -30.21 -1.05 -13.44
CA PRO C 240 -31.49 -0.53 -12.97
C PRO C 240 -32.12 0.58 -13.85
N ASP C 241 -31.50 0.96 -14.97
CA ASP C 241 -32.06 1.90 -15.97
C ASP C 241 -32.08 1.36 -17.43
N GLY C 242 -32.22 0.03 -17.57
CA GLY C 242 -32.22 -0.73 -18.71
C GLY C 242 -30.75 -1.05 -18.94
N GLN C 243 -30.42 -1.55 -20.17
CA GLN C 243 -29.09 -1.79 -20.66
C GLN C 243 -28.54 -3.03 -20.05
N VAL C 244 -28.41 -4.11 -20.86
CA VAL C 244 -27.98 -5.35 -20.41
C VAL C 244 -26.51 -5.37 -20.54
N ILE C 245 -25.77 -5.57 -19.37
CA ILE C 245 -24.32 -5.74 -19.38
C ILE C 245 -24.04 -7.20 -19.13
N THR C 246 -22.83 -7.58 -19.60
CA THR C 246 -22.38 -8.97 -19.51
C THR C 246 -21.21 -9.00 -18.62
N ILE C 247 -21.28 -9.76 -17.47
CA ILE C 247 -20.10 -9.81 -16.57
C ILE C 247 -19.35 -11.13 -16.84
N GLY C 248 -18.07 -11.06 -17.25
CA GLY C 248 -17.24 -12.19 -17.69
C GLY C 248 -16.43 -12.75 -16.50
N ASN C 249 -15.11 -13.01 -16.69
CA ASN C 249 -14.15 -13.72 -15.92
C ASN C 249 -13.89 -12.98 -14.64
N GLU C 250 -14.33 -11.70 -14.56
CA GLU C 250 -14.27 -10.74 -13.48
C GLU C 250 -14.93 -11.32 -12.29
N ARG C 251 -15.89 -12.24 -12.53
CA ARG C 251 -16.56 -12.95 -11.45
C ARG C 251 -15.75 -13.70 -10.47
N PHE C 252 -14.64 -14.30 -10.96
CA PHE C 252 -13.77 -15.15 -10.17
C PHE C 252 -12.39 -14.49 -9.99
N ARG C 253 -12.06 -13.57 -10.93
CA ARG C 253 -10.90 -12.77 -10.83
C ARG C 253 -10.92 -11.84 -9.63
N CYS C 254 -12.10 -11.20 -9.34
CA CYS C 254 -12.32 -10.24 -8.29
C CYS C 254 -11.94 -10.83 -6.99
N PRO C 255 -12.46 -11.90 -6.56
CA PRO C 255 -12.09 -12.54 -5.31
C PRO C 255 -10.75 -13.23 -5.42
N GLU C 256 -10.15 -13.46 -6.64
CA GLU C 256 -8.89 -14.14 -6.78
C GLU C 256 -7.78 -13.40 -6.05
N THR C 257 -7.92 -12.06 -5.86
CA THR C 257 -6.94 -11.18 -5.22
C THR C 257 -6.68 -11.59 -3.72
N LEU C 258 -7.64 -12.28 -3.10
CA LEU C 258 -7.53 -12.80 -1.72
C LEU C 258 -6.49 -13.92 -1.63
N PHE C 259 -6.34 -14.72 -2.70
CA PHE C 259 -5.36 -15.75 -2.72
C PHE C 259 -4.00 -15.21 -3.22
N GLN C 260 -4.07 -14.18 -4.10
CA GLN C 260 -2.81 -13.62 -4.68
C GLN C 260 -2.83 -12.08 -4.54
N PRO C 261 -2.42 -11.48 -3.39
CA PRO C 261 -2.36 -10.07 -3.12
C PRO C 261 -1.48 -9.23 -4.08
N SER C 262 -0.46 -9.85 -4.71
CA SER C 262 0.41 -9.19 -5.69
C SER C 262 -0.34 -8.65 -6.94
N PHE C 263 -1.53 -9.17 -7.24
CA PHE C 263 -2.38 -8.68 -8.34
C PHE C 263 -2.77 -7.19 -8.21
N ILE C 264 -2.83 -6.64 -6.99
CA ILE C 264 -3.18 -5.23 -6.72
C ILE C 264 -2.04 -4.44 -6.05
N GLY C 265 -0.80 -4.90 -6.22
CA GLY C 265 0.41 -4.22 -5.72
C GLY C 265 0.69 -4.37 -4.21
N MET C 266 -0.11 -5.16 -3.49
CA MET C 266 0.14 -5.47 -2.08
C MET C 266 1.28 -6.49 -1.91
N GLU C 267 2.09 -6.33 -0.86
CA GLU C 267 3.17 -7.27 -0.52
C GLU C 267 2.71 -8.45 0.36
N SER C 268 1.43 -8.48 0.74
CA SER C 268 0.87 -9.47 1.66
C SER C 268 0.86 -10.91 1.11
N ALA C 269 0.74 -11.88 2.01
CA ALA C 269 0.49 -13.28 1.70
C ALA C 269 -1.02 -13.56 1.66
N GLY C 270 -1.42 -14.55 0.86
CA GLY C 270 -2.80 -14.94 0.75
C GLY C 270 -3.51 -15.48 1.91
N ILE C 271 -4.84 -15.53 1.87
CA ILE C 271 -5.69 -16.03 2.98
C ILE C 271 -5.34 -17.47 3.42
N HIS C 272 -4.88 -18.32 2.51
CA HIS C 272 -4.42 -19.68 2.79
C HIS C 272 -3.03 -19.70 3.44
N GLU C 273 -2.06 -18.97 2.90
CA GLU C 273 -0.71 -18.83 3.48
C GLU C 273 -0.79 -18.23 4.89
N THR C 274 -1.61 -17.20 5.08
CA THR C 274 -1.85 -16.59 6.41
C THR C 274 -2.65 -17.49 7.36
N THR C 275 -3.40 -18.49 6.86
CA THR C 275 -3.94 -19.57 7.69
C THR C 275 -2.81 -20.45 8.22
N TYR C 276 -1.96 -20.97 7.33
CA TYR C 276 -0.83 -21.83 7.72
C TYR C 276 0.17 -21.10 8.62
N ASN C 277 0.57 -19.88 8.27
CA ASN C 277 1.47 -19.04 9.07
C ASN C 277 0.89 -18.65 10.44
N SER C 278 -0.44 -18.70 10.61
CA SER C 278 -1.10 -18.56 11.90
C SER C 278 -1.03 -19.85 12.74
N ILE C 279 -1.46 -21.00 12.19
CA ILE C 279 -1.50 -22.26 12.95
C ILE C 279 -0.09 -22.76 13.31
N MET C 280 0.92 -22.51 12.47
CA MET C 280 2.31 -22.85 12.77
C MET C 280 2.90 -22.08 13.98
N LYS C 281 2.28 -20.99 14.43
CA LYS C 281 2.62 -20.28 15.68
C LYS C 281 1.91 -20.86 16.92
N CYS C 282 0.91 -21.72 16.74
CA CYS C 282 0.10 -22.33 17.79
C CYS C 282 0.70 -23.65 18.31
N ASP C 283 0.45 -23.99 19.58
CA ASP C 283 0.99 -25.16 20.26
C ASP C 283 0.43 -26.50 19.72
N ILE C 284 1.28 -27.54 19.64
CA ILE C 284 0.93 -28.84 19.05
C ILE C 284 -0.28 -29.50 19.74
N ASP C 285 -0.43 -29.33 21.05
CA ASP C 285 -1.56 -29.85 21.83
C ASP C 285 -2.90 -29.19 21.48
N ILE C 286 -2.88 -27.98 20.93
CA ILE C 286 -4.09 -27.26 20.48
C ILE C 286 -4.26 -27.28 18.95
N ARG C 287 -3.20 -27.53 18.15
CA ARG C 287 -3.29 -27.76 16.69
C ARG C 287 -4.35 -28.81 16.33
N LYS C 288 -4.43 -29.88 17.12
CA LYS C 288 -5.41 -30.97 16.99
C LYS C 288 -6.88 -30.50 17.01
N ASP C 289 -7.19 -29.46 17.79
CA ASP C 289 -8.52 -28.82 17.77
C ASP C 289 -8.62 -27.67 16.76
N LEU C 290 -7.56 -26.85 16.61
CA LEU C 290 -7.56 -25.72 15.67
C LEU C 290 -7.74 -26.17 14.21
N TYR C 291 -6.95 -27.13 13.72
CA TYR C 291 -7.07 -27.66 12.35
C TYR C 291 -8.44 -28.32 12.09
N ALA C 292 -8.99 -29.05 13.08
CA ALA C 292 -10.30 -29.68 12.98
C ALA C 292 -11.45 -28.64 12.93
N ASN C 293 -11.29 -27.50 13.60
CA ASN C 293 -12.25 -26.41 13.66
C ASN C 293 -11.77 -25.16 12.88
N ASN C 294 -11.43 -25.33 11.59
CA ASN C 294 -11.29 -24.24 10.63
C ASN C 294 -12.68 -23.67 10.28
N VAL C 295 -13.06 -22.51 10.82
CA VAL C 295 -14.41 -21.93 10.69
C VAL C 295 -14.41 -20.66 9.82
N LEU C 296 -15.30 -20.61 8.83
CA LEU C 296 -15.53 -19.45 7.94
C LEU C 296 -16.59 -18.52 8.48
N SER C 297 -16.21 -17.24 8.53
CA SER C 297 -16.97 -16.11 9.04
C SER C 297 -16.92 -14.90 8.09
N GLY C 298 -18.02 -14.17 8.01
CA GLY C 298 -18.08 -12.84 7.38
C GLY C 298 -18.69 -12.82 5.96
N GLY C 299 -19.07 -11.63 5.50
CA GLY C 299 -19.76 -11.41 4.27
C GLY C 299 -19.05 -11.85 3.07
N THR C 300 -17.71 -11.74 3.09
CA THR C 300 -16.85 -12.08 1.94
C THR C 300 -16.81 -13.59 1.71
N THR C 301 -17.06 -14.40 2.75
CA THR C 301 -17.08 -15.89 2.63
C THR C 301 -18.40 -16.51 2.03
N MET C 302 -19.38 -15.67 1.65
CA MET C 302 -20.63 -16.14 1.20
C MET C 302 -20.69 -16.34 -0.29
N TYR C 303 -19.59 -16.19 -1.07
CA TYR C 303 -19.44 -16.58 -2.40
C TYR C 303 -19.50 -18.09 -2.54
N PRO C 304 -20.36 -18.73 -3.38
CA PRO C 304 -20.45 -20.22 -3.51
C PRO C 304 -19.18 -20.90 -3.90
N GLY C 305 -19.07 -22.16 -3.43
CA GLY C 305 -18.01 -22.95 -3.87
C GLY C 305 -16.74 -22.68 -3.13
N ILE C 306 -16.77 -21.85 -2.00
CA ILE C 306 -15.57 -21.47 -1.22
C ILE C 306 -14.91 -22.57 -0.52
N ALA C 307 -15.65 -23.51 0.02
CA ALA C 307 -15.16 -24.56 0.81
C ALA C 307 -14.27 -25.57 0.18
N ASP C 308 -14.62 -25.96 -1.05
CA ASP C 308 -13.84 -26.92 -1.83
C ASP C 308 -12.51 -26.26 -2.14
N ARG C 309 -12.45 -24.96 -2.50
CA ARG C 309 -11.20 -24.17 -2.76
C ARG C 309 -10.29 -24.06 -1.56
N MET C 310 -10.85 -23.64 -0.39
CA MET C 310 -10.24 -23.56 0.88
C MET C 310 -9.73 -24.88 1.42
N GLN C 311 -10.54 -25.95 1.17
CA GLN C 311 -10.14 -27.35 1.55
C GLN C 311 -8.89 -27.77 0.83
N LYS C 312 -8.83 -27.51 -0.43
CA LYS C 312 -7.72 -27.75 -1.29
C LYS C 312 -6.47 -27.12 -0.88
N GLU C 313 -6.63 -25.79 -0.71
CA GLU C 313 -5.49 -24.90 -0.52
C GLU C 313 -4.79 -25.25 0.77
N ILE C 314 -5.54 -25.46 1.86
CA ILE C 314 -4.99 -25.68 3.20
C ILE C 314 -4.38 -27.09 3.36
N THR C 315 -4.95 -28.13 2.74
CA THR C 315 -4.40 -29.50 2.69
C THR C 315 -3.08 -29.44 1.95
N ALA C 316 -2.93 -28.54 0.93
CA ALA C 316 -1.65 -28.45 0.12
C ALA C 316 -0.56 -27.83 0.97
N LEU C 317 -0.90 -26.87 1.84
CA LEU C 317 0.04 -26.24 2.78
C LEU C 317 0.35 -27.11 4.03
N ALA C 318 -0.68 -27.43 4.83
CA ALA C 318 -0.56 -28.20 6.06
C ALA C 318 -0.38 -29.71 5.77
N PRO C 319 0.47 -30.45 6.50
CA PRO C 319 0.67 -31.88 6.30
C PRO C 319 -0.60 -32.75 6.37
N SER C 320 -0.53 -33.95 5.79
CA SER C 320 -1.57 -34.82 5.57
C SER C 320 -1.76 -35.74 6.83
N THR C 321 -1.30 -35.37 8.05
CA THR C 321 -1.79 -36.04 9.29
C THR C 321 -2.31 -35.03 10.31
N MET C 322 -3.34 -34.31 9.87
CA MET C 322 -4.26 -33.53 10.68
C MET C 322 -5.69 -33.73 10.13
N LYS C 323 -6.70 -33.45 10.97
CA LYS C 323 -8.13 -33.59 10.62
C LYS C 323 -8.62 -32.40 9.77
N ILE C 324 -7.96 -32.15 8.64
CA ILE C 324 -8.24 -30.99 7.77
C ILE C 324 -9.64 -31.10 7.15
N LYS C 325 -10.56 -30.23 7.57
CA LYS C 325 -11.90 -30.03 7.00
C LYS C 325 -12.32 -28.57 7.23
N ILE C 326 -13.14 -28.00 6.35
CA ILE C 326 -13.61 -26.60 6.45
C ILE C 326 -15.05 -26.57 6.98
N ILE C 327 -15.30 -25.76 8.00
CA ILE C 327 -16.63 -25.56 8.59
C ILE C 327 -17.20 -24.23 8.09
N ALA C 328 -18.35 -24.30 7.44
CA ALA C 328 -19.01 -23.17 6.91
C ALA C 328 -20.36 -23.15 7.50
N PRO C 329 -20.67 -22.24 8.45
CA PRO C 329 -22.01 -22.12 9.05
C PRO C 329 -23.15 -21.88 8.02
N PRO C 330 -24.43 -22.15 8.38
CA PRO C 330 -25.52 -22.08 7.49
C PRO C 330 -25.74 -20.62 7.07
N GLU C 331 -25.40 -19.61 7.95
CA GLU C 331 -25.69 -18.19 7.65
C GLU C 331 -24.51 -17.46 8.21
N ARG C 332 -23.26 -17.79 7.72
CA ARG C 332 -21.94 -17.38 8.17
C ARG C 332 -21.72 -15.92 8.16
N LYS C 333 -22.51 -15.20 7.38
CA LYS C 333 -22.53 -13.71 7.33
C LYS C 333 -22.93 -13.01 8.60
N TYR C 334 -23.69 -13.71 9.49
CA TYR C 334 -24.27 -13.17 10.65
C TYR C 334 -23.58 -13.77 11.83
N SER C 335 -22.62 -14.71 11.72
CA SER C 335 -22.17 -15.51 12.87
C SER C 335 -21.53 -14.68 13.98
N VAL C 336 -20.95 -13.53 13.64
CA VAL C 336 -20.47 -12.56 14.62
C VAL C 336 -21.61 -12.06 15.50
N TRP C 337 -22.68 -11.57 14.88
CA TRP C 337 -23.84 -11.03 15.58
C TRP C 337 -24.53 -12.10 16.43
N ILE C 338 -24.70 -13.30 15.87
CA ILE C 338 -25.30 -14.45 16.56
C ILE C 338 -24.47 -14.83 17.78
N GLY C 339 -23.14 -14.91 17.63
CA GLY C 339 -22.23 -15.18 18.74
C GLY C 339 -22.26 -14.10 19.81
N GLY C 340 -22.45 -12.83 19.42
CA GLY C 340 -22.67 -11.73 20.34
C GLY C 340 -23.96 -11.88 21.15
N SER C 341 -25.07 -12.30 20.51
CA SER C 341 -26.31 -12.60 21.21
C SER C 341 -26.17 -13.79 22.16
N ILE C 342 -25.45 -14.84 21.75
CA ILE C 342 -25.13 -15.99 22.60
C ILE C 342 -24.32 -15.53 23.82
N LEU C 343 -23.20 -14.83 23.62
CA LEU C 343 -22.34 -14.33 24.70
C LEU C 343 -23.10 -13.41 25.67
N ALA C 344 -23.86 -12.45 25.15
CA ALA C 344 -24.64 -11.51 25.96
C ALA C 344 -25.76 -12.19 26.77
N SER C 345 -26.17 -13.41 26.41
CA SER C 345 -27.20 -14.18 27.10
C SER C 345 -26.69 -15.36 27.94
N LEU C 346 -25.37 -15.58 28.05
CA LEU C 346 -24.80 -16.54 29.01
C LEU C 346 -24.95 -16.04 30.46
N SER C 347 -25.37 -16.90 31.38
CA SER C 347 -25.49 -16.58 32.81
C SER C 347 -24.14 -16.29 33.49
N THR C 348 -23.05 -16.87 32.97
CA THR C 348 -21.67 -16.64 33.45
C THR C 348 -21.04 -15.32 32.95
N PHE C 349 -21.55 -14.75 31.85
CA PHE C 349 -20.99 -13.52 31.24
C PHE C 349 -21.41 -12.23 31.96
N GLN C 350 -22.48 -12.24 32.75
CA GLN C 350 -23.09 -11.00 33.28
C GLN C 350 -22.21 -10.20 34.27
N GLN C 351 -21.12 -10.80 34.77
CA GLN C 351 -20.09 -10.11 35.56
C GLN C 351 -19.09 -9.30 34.69
N MET C 352 -19.00 -9.58 33.38
CA MET C 352 -17.98 -9.00 32.49
C MET C 352 -18.28 -7.57 32.01
N TRP C 353 -19.55 -7.15 31.94
CA TRP C 353 -19.92 -5.83 31.43
C TRP C 353 -19.21 -4.69 32.19
N ILE C 354 -18.76 -3.66 31.46
CA ILE C 354 -18.39 -2.37 32.04
C ILE C 354 -19.69 -1.68 32.49
N SER C 355 -19.90 -1.45 33.79
CA SER C 355 -21.05 -0.66 34.27
C SER C 355 -20.82 0.85 34.14
N LYS C 356 -21.90 1.64 34.12
CA LYS C 356 -21.82 3.11 34.20
C LYS C 356 -21.05 3.58 35.44
N GLN C 357 -21.19 2.90 36.58
CA GLN C 357 -20.41 3.21 37.78
C GLN C 357 -18.90 2.95 37.59
N GLU C 358 -18.50 1.86 36.94
CA GLU C 358 -17.08 1.62 36.64
C GLU C 358 -16.52 2.66 35.66
N TYR C 359 -17.30 3.10 34.66
CA TYR C 359 -16.90 4.21 33.78
C TYR C 359 -16.75 5.54 34.54
N ASP C 360 -17.67 5.87 35.44
CA ASP C 360 -17.59 7.07 36.29
C ASP C 360 -16.39 7.03 37.26
N GLU C 361 -16.06 5.88 37.84
CA GLU C 361 -14.94 5.74 38.79
C GLU C 361 -13.56 5.58 38.13
N ALA C 362 -13.46 4.99 36.93
CA ALA C 362 -12.18 4.63 36.31
C ALA C 362 -11.88 5.32 34.96
N GLY C 363 -12.87 5.92 34.29
CA GLY C 363 -12.72 6.56 32.99
C GLY C 363 -12.59 5.60 31.80
N PRO C 364 -12.43 6.11 30.56
CA PRO C 364 -12.48 5.32 29.32
C PRO C 364 -11.56 4.11 29.25
N SER C 365 -10.40 4.13 29.91
CA SER C 365 -9.45 3.01 29.93
C SER C 365 -9.96 1.75 30.66
N ILE C 366 -11.13 1.79 31.30
CA ILE C 366 -11.81 0.62 31.88
C ILE C 366 -12.01 -0.53 30.88
N VAL C 367 -12.14 -0.23 29.58
CA VAL C 367 -12.19 -1.25 28.52
C VAL C 367 -10.93 -2.12 28.49
N HIS C 368 -9.75 -1.57 28.79
CA HIS C 368 -8.49 -2.32 28.89
C HIS C 368 -8.27 -3.02 30.24
N ARG C 369 -9.29 -3.05 31.12
CA ARG C 369 -9.34 -3.88 32.34
C ARG C 369 -10.46 -4.94 32.28
N LYS C 370 -11.60 -4.62 31.68
CA LYS C 370 -12.77 -5.52 31.53
C LYS C 370 -12.71 -6.36 30.24
N CYS C 371 -12.24 -5.80 29.13
CA CYS C 371 -12.00 -6.48 27.85
C CYS C 371 -10.51 -6.81 27.66
N PHE C 372 -10.17 -7.47 26.55
CA PHE C 372 -8.82 -7.99 26.26
C PHE C 372 -8.26 -7.42 24.94
N GLU D 1 17.23 1.88 -39.88
CA GLU D 1 15.94 1.40 -39.31
C GLU D 1 14.77 1.97 -40.12
N THR D 2 13.64 1.24 -40.15
CA THR D 2 12.39 1.69 -40.79
C THR D 2 11.76 2.89 -40.07
N THR D 3 11.25 3.86 -40.83
CA THR D 3 10.74 5.09 -40.29
C THR D 3 9.31 4.83 -39.72
N ALA D 4 9.14 5.06 -38.42
CA ALA D 4 7.88 4.76 -37.75
C ALA D 4 6.96 5.98 -37.82
N LEU D 5 5.71 5.81 -38.27
CA LEU D 5 4.70 6.85 -38.13
C LEU D 5 4.21 6.86 -36.69
N VAL D 6 4.35 8.00 -36.01
CA VAL D 6 3.84 8.20 -34.65
C VAL D 6 2.57 9.03 -34.74
N CYS D 7 1.44 8.46 -34.30
CA CYS D 7 0.14 9.13 -34.32
C CYS D 7 -0.33 9.38 -32.88
N ASP D 8 -0.46 10.65 -32.52
CA ASP D 8 -1.10 11.03 -31.26
C ASP D 8 -2.61 11.09 -31.45
N ASN D 9 -3.32 10.15 -30.82
CA ASN D 9 -4.77 10.07 -30.80
C ASN D 9 -5.37 11.12 -29.84
N GLY D 10 -5.08 12.41 -30.07
CA GLY D 10 -5.65 13.52 -29.31
C GLY D 10 -7.13 13.79 -29.63
N SER D 11 -7.94 14.04 -28.59
CA SER D 11 -9.40 14.27 -28.68
C SER D 11 -9.82 15.64 -29.25
N GLY D 12 -8.89 16.53 -29.57
CA GLY D 12 -9.15 17.85 -30.17
C GLY D 12 -8.12 18.27 -31.21
N LEU D 13 -6.83 17.97 -31.01
CA LEU D 13 -5.79 18.04 -32.05
C LEU D 13 -5.19 16.66 -32.30
N VAL D 14 -5.23 16.19 -33.55
CA VAL D 14 -4.37 15.08 -33.99
C VAL D 14 -2.95 15.61 -34.07
N LYS D 15 -1.95 14.83 -33.61
CA LYS D 15 -0.54 15.19 -33.87
C LYS D 15 0.14 14.01 -34.58
N ALA D 16 0.89 14.26 -35.66
CA ALA D 16 1.40 13.19 -36.52
C ALA D 16 2.77 13.49 -37.13
N GLY D 17 3.51 12.45 -37.52
CA GLY D 17 4.77 12.56 -38.24
C GLY D 17 5.68 11.33 -38.14
N PHE D 18 6.88 11.46 -38.70
CA PHE D 18 7.94 10.47 -38.65
C PHE D 18 8.70 10.46 -37.31
N ALA D 19 9.07 9.28 -36.82
CA ALA D 19 9.96 9.12 -35.67
C ALA D 19 11.40 9.61 -35.94
N GLY D 20 12.15 9.90 -34.88
CA GLY D 20 13.52 10.44 -34.94
C GLY D 20 13.59 11.98 -35.08
N ASP D 21 12.46 12.68 -34.98
CA ASP D 21 12.36 14.15 -35.08
C ASP D 21 11.90 14.80 -33.76
N ASP D 22 12.38 16.01 -33.48
CA ASP D 22 12.16 16.73 -32.20
C ASP D 22 10.76 17.32 -32.02
N ALA D 23 9.94 17.42 -33.07
CA ALA D 23 8.60 18.02 -33.07
C ALA D 23 7.67 17.39 -34.12
N PRO D 24 6.34 17.41 -33.93
CA PRO D 24 5.40 16.78 -34.86
C PRO D 24 5.39 17.47 -36.24
N ARG D 25 5.20 16.68 -37.30
CA ARG D 25 5.14 17.16 -38.69
C ARG D 25 3.78 17.75 -39.08
N ALA D 26 2.71 17.41 -38.37
CA ALA D 26 1.37 17.79 -38.74
C ALA D 26 0.65 17.92 -37.46
N VAL D 27 -0.09 19.01 -37.27
CA VAL D 27 -0.83 19.31 -36.13
C VAL D 27 -2.02 19.90 -36.75
N PHE D 28 -3.14 19.16 -36.69
CA PHE D 28 -4.44 19.53 -37.26
C PHE D 28 -5.65 19.09 -36.37
N PRO D 29 -6.83 19.74 -36.49
CA PRO D 29 -8.02 19.41 -35.67
C PRO D 29 -8.54 17.98 -35.82
N SER D 30 -8.94 17.36 -34.70
CA SER D 30 -9.58 16.03 -34.64
C SER D 30 -11.05 16.05 -35.08
N ILE D 31 -11.33 16.42 -36.32
CA ILE D 31 -12.70 16.58 -36.86
C ILE D 31 -12.91 15.79 -38.16
N VAL D 32 -14.11 15.22 -38.33
CA VAL D 32 -14.58 14.55 -39.55
C VAL D 32 -15.99 15.03 -39.88
N GLY D 33 -16.29 15.26 -41.16
CA GLY D 33 -17.57 15.81 -41.63
C GLY D 33 -18.19 15.07 -42.81
N ARG D 34 -19.52 15.14 -42.91
CA ARG D 34 -20.34 14.53 -43.97
C ARG D 34 -21.48 15.49 -44.37
N PRO D 35 -22.01 15.47 -45.62
CA PRO D 35 -23.02 16.44 -46.08
C PRO D 35 -24.27 16.55 -45.20
N ARG D 36 -24.76 17.77 -44.96
CA ARG D 36 -26.03 18.04 -44.25
C ARG D 36 -27.28 17.71 -45.07
N HIS D 37 -27.19 17.70 -46.39
CA HIS D 37 -28.31 17.51 -47.33
C HIS D 37 -27.90 16.65 -48.54
N GLN D 38 -28.88 16.08 -49.26
CA GLN D 38 -28.65 15.47 -50.57
C GLN D 38 -28.30 16.54 -51.62
N GLY D 39 -27.18 16.37 -52.32
CA GLY D 39 -26.53 17.42 -53.12
C GLY D 39 -25.81 18.44 -52.23
N VAL D 40 -24.54 18.76 -52.56
CA VAL D 40 -23.64 19.50 -51.66
C VAL D 40 -22.78 20.59 -52.33
N MET D 41 -22.43 20.46 -53.61
CA MET D 41 -21.63 21.48 -54.32
C MET D 41 -21.90 21.52 -55.83
N VAL D 42 -21.79 22.70 -56.45
CA VAL D 42 -21.92 22.94 -57.89
C VAL D 42 -20.66 23.61 -58.45
N GLY D 43 -20.26 23.26 -59.67
CA GLY D 43 -19.11 23.82 -60.38
C GLY D 43 -17.76 23.16 -60.07
N MET D 44 -17.70 22.30 -59.05
CA MET D 44 -16.53 21.49 -58.65
C MET D 44 -16.99 20.11 -58.13
N GLY D 45 -16.09 19.12 -58.13
CA GLY D 45 -16.39 17.74 -57.74
C GLY D 45 -16.83 17.60 -56.27
N GLN D 46 -17.96 16.91 -56.05
CA GLN D 46 -18.50 16.62 -54.72
C GLN D 46 -17.70 15.50 -54.02
N LYS D 47 -17.70 15.49 -52.67
CA LYS D 47 -17.10 14.45 -51.83
C LYS D 47 -18.10 13.91 -50.80
N ASP D 48 -18.01 12.62 -50.49
CA ASP D 48 -18.87 11.95 -49.49
C ASP D 48 -18.44 12.18 -48.03
N SER D 49 -17.16 12.55 -47.79
CA SER D 49 -16.62 12.85 -46.46
C SER D 49 -15.44 13.83 -46.51
N TYR D 50 -15.21 14.55 -45.40
CA TYR D 50 -14.27 15.67 -45.28
C TYR D 50 -13.54 15.60 -43.93
N VAL D 51 -12.27 16.05 -43.87
CA VAL D 51 -11.40 15.89 -42.68
C VAL D 51 -10.49 17.12 -42.49
N GLY D 52 -10.05 17.38 -41.26
CA GLY D 52 -8.95 18.33 -40.97
C GLY D 52 -9.20 19.78 -41.45
N ASP D 53 -8.18 20.42 -42.00
CA ASP D 53 -8.27 21.82 -42.48
C ASP D 53 -9.28 22.00 -43.62
N GLU D 54 -9.54 20.98 -44.44
CA GLU D 54 -10.62 21.04 -45.44
C GLU D 54 -12.00 21.10 -44.76
N ALA D 55 -12.24 20.30 -43.71
CA ALA D 55 -13.47 20.35 -42.93
C ALA D 55 -13.59 21.64 -42.08
N GLN D 56 -12.48 22.16 -41.55
CA GLN D 56 -12.44 23.40 -40.77
C GLN D 56 -12.74 24.65 -41.63
N SER D 57 -12.30 24.65 -42.89
CA SER D 57 -12.52 25.77 -43.83
C SER D 57 -13.84 25.66 -44.60
N LYS D 58 -14.19 24.49 -45.18
CA LYS D 58 -15.46 24.26 -45.92
C LYS D 58 -16.63 23.91 -44.99
N ARG D 59 -16.71 24.49 -43.80
CA ARG D 59 -17.50 23.96 -42.66
C ARG D 59 -19.01 23.90 -42.87
N GLY D 60 -19.61 24.91 -43.50
CA GLY D 60 -21.07 25.10 -43.53
C GLY D 60 -21.88 23.94 -44.13
N ILE D 61 -21.32 23.21 -45.11
CA ILE D 61 -21.98 22.05 -45.73
C ILE D 61 -21.98 20.79 -44.84
N LEU D 62 -21.25 20.77 -43.73
CA LEU D 62 -20.90 19.55 -43.00
C LEU D 62 -21.64 19.38 -41.67
N THR D 63 -22.18 18.17 -41.45
CA THR D 63 -22.37 17.63 -40.09
C THR D 63 -21.00 17.23 -39.56
N LEU D 64 -20.33 18.08 -38.76
CA LEU D 64 -19.09 17.66 -38.09
C LEU D 64 -19.40 16.71 -36.92
N LYS D 65 -18.53 15.71 -36.75
CA LYS D 65 -18.46 14.78 -35.61
C LYS D 65 -17.00 14.55 -35.21
N TYR D 66 -16.79 14.12 -33.98
CA TYR D 66 -15.47 13.92 -33.40
C TYR D 66 -15.17 12.42 -33.24
N PRO D 67 -14.04 11.89 -33.72
CA PRO D 67 -13.74 10.45 -33.72
C PRO D 67 -13.37 9.93 -32.33
N ILE D 68 -12.70 10.77 -31.55
CA ILE D 68 -12.32 10.51 -30.16
C ILE D 68 -13.05 11.52 -29.27
N GLU D 69 -13.91 11.02 -28.38
CA GLU D 69 -14.68 11.81 -27.39
C GLU D 69 -14.28 11.23 -26.04
N HIS D 70 -14.05 12.06 -25.02
CA HIS D 70 -13.83 11.64 -23.62
C HIS D 70 -12.62 10.72 -23.41
N GLY D 71 -11.61 10.85 -24.27
CA GLY D 71 -10.43 9.97 -24.31
C GLY D 71 -10.69 8.58 -24.90
N ILE D 72 -11.86 8.34 -25.51
CA ILE D 72 -12.31 7.04 -26.03
C ILE D 72 -12.71 7.17 -27.51
N ILE D 73 -12.37 6.18 -28.33
CA ILE D 73 -12.74 6.13 -29.70
C ILE D 73 -14.21 5.85 -29.72
N THR D 74 -15.09 6.78 -30.28
CA THR D 74 -16.50 6.62 -30.21
C THR D 74 -17.23 6.24 -31.45
N ASN D 75 -16.51 6.34 -32.57
CA ASN D 75 -16.95 5.96 -33.90
C ASN D 75 -15.73 5.54 -34.71
N TRP D 76 -15.66 4.25 -35.01
CA TRP D 76 -14.60 3.62 -35.74
C TRP D 76 -14.52 4.28 -37.11
N ASP D 77 -15.64 4.53 -37.79
CA ASP D 77 -15.65 5.00 -39.19
C ASP D 77 -15.01 6.40 -39.36
N ASP D 78 -15.05 7.24 -38.32
CA ASP D 78 -14.41 8.56 -38.34
C ASP D 78 -12.93 8.48 -37.94
N MET D 79 -12.56 7.57 -37.02
CA MET D 79 -11.15 7.32 -36.68
C MET D 79 -10.35 6.83 -37.90
N GLU D 80 -10.95 5.97 -38.73
CA GLU D 80 -10.38 5.61 -40.04
C GLU D 80 -10.25 6.78 -41.03
N LYS D 81 -11.17 7.75 -41.01
CA LYS D 81 -11.08 8.93 -41.90
C LYS D 81 -9.96 9.87 -41.45
N ILE D 82 -9.71 10.03 -40.14
CA ILE D 82 -8.49 10.68 -39.64
C ILE D 82 -7.24 9.94 -40.13
N TRP D 83 -7.18 8.62 -40.00
CA TRP D 83 -5.95 7.89 -40.35
C TRP D 83 -5.68 7.86 -41.87
N HIS D 84 -6.73 7.67 -42.69
CA HIS D 84 -6.63 7.80 -44.15
C HIS D 84 -6.17 9.21 -44.58
N HIS D 85 -6.72 10.26 -43.96
CA HIS D 85 -6.26 11.64 -44.18
C HIS D 85 -4.79 11.83 -43.76
N THR D 86 -4.40 11.29 -42.60
CA THR D 86 -3.04 11.39 -42.05
C THR D 86 -2.00 10.81 -43.01
N PHE D 87 -2.14 9.56 -43.47
CA PHE D 87 -1.14 8.97 -44.36
C PHE D 87 -1.13 9.62 -45.74
N TYR D 88 -2.27 9.68 -46.43
CA TYR D 88 -2.32 10.00 -47.87
C TYR D 88 -2.41 11.51 -48.21
N ASN D 89 -2.88 12.37 -47.30
CA ASN D 89 -3.05 13.80 -47.50
C ASN D 89 -1.97 14.62 -46.78
N GLU D 90 -1.75 14.34 -45.50
CA GLU D 90 -0.94 15.13 -44.66
C GLU D 90 0.50 14.91 -44.73
N LEU D 91 0.98 13.64 -44.86
CA LEU D 91 2.39 13.17 -44.83
C LEU D 91 2.78 12.66 -46.15
N ARG D 92 1.74 12.48 -46.97
CA ARG D 92 1.75 11.98 -48.33
C ARG D 92 2.68 10.81 -48.50
N VAL D 93 2.48 9.71 -47.66
CA VAL D 93 3.32 8.52 -47.71
C VAL D 93 2.47 7.30 -47.60
N ALA D 94 2.97 6.13 -48.08
CA ALA D 94 2.36 4.84 -47.95
C ALA D 94 2.60 4.36 -46.51
N PRO D 95 1.57 4.05 -45.70
CA PRO D 95 1.73 3.48 -44.36
C PRO D 95 2.16 1.99 -44.40
N GLU D 96 1.87 1.27 -45.50
CA GLU D 96 2.27 -0.14 -45.67
C GLU D 96 3.79 -0.36 -45.79
N GLU D 97 4.59 0.71 -45.88
CA GLU D 97 6.06 0.67 -45.82
C GLU D 97 6.63 1.07 -44.43
N HIS D 98 5.79 1.41 -43.45
CA HIS D 98 6.20 1.99 -42.16
C HIS D 98 5.56 1.30 -40.95
N PRO D 99 6.32 0.99 -39.87
CA PRO D 99 5.73 0.72 -38.57
C PRO D 99 4.84 1.87 -38.07
N THR D 100 3.87 1.58 -37.21
CA THR D 100 2.95 2.57 -36.65
C THR D 100 2.92 2.54 -35.11
N LEU D 101 3.06 3.70 -34.47
CA LEU D 101 2.95 3.85 -33.01
C LEU D 101 1.70 4.68 -32.67
N LEU D 102 0.80 4.08 -31.88
CA LEU D 102 -0.45 4.71 -31.44
C LEU D 102 -0.37 5.14 -29.97
N THR D 103 -0.75 6.36 -29.65
CA THR D 103 -0.88 6.82 -28.26
C THR D 103 -2.22 6.38 -27.66
N GLU D 104 -2.28 6.14 -26.36
CA GLU D 104 -3.52 5.80 -25.65
C GLU D 104 -3.59 6.36 -24.22
N ALA D 105 -4.81 6.51 -23.70
CA ALA D 105 -5.02 6.72 -22.27
C ALA D 105 -4.77 5.40 -21.49
N PRO D 106 -4.39 5.46 -20.19
CA PRO D 106 -4.42 4.30 -19.30
C PRO D 106 -5.80 3.62 -19.24
N LEU D 107 -5.81 2.32 -18.90
CA LEU D 107 -7.03 1.49 -18.79
C LEU D 107 -7.91 1.49 -20.06
N ASN D 108 -7.30 1.63 -21.24
CA ASN D 108 -7.98 1.62 -22.55
C ASN D 108 -8.72 0.27 -22.77
N PRO D 109 -10.02 0.27 -23.11
CA PRO D 109 -10.80 -0.96 -23.29
C PRO D 109 -10.18 -1.98 -24.25
N LYS D 110 -10.18 -3.27 -23.86
CA LYS D 110 -9.62 -4.36 -24.69
C LYS D 110 -10.25 -4.44 -26.08
N ALA D 111 -11.56 -4.28 -26.19
CA ALA D 111 -12.28 -4.29 -27.47
C ALA D 111 -11.81 -3.14 -28.39
N ASN D 112 -11.61 -1.93 -27.84
CA ASN D 112 -10.99 -0.81 -28.57
C ASN D 112 -9.58 -0.98 -28.96
N ARG D 113 -8.72 -1.59 -28.13
CA ARG D 113 -7.34 -1.91 -28.53
C ARG D 113 -7.33 -2.92 -29.67
N GLU D 114 -8.19 -3.93 -29.60
CA GLU D 114 -8.38 -4.92 -30.65
C GLU D 114 -8.93 -4.31 -31.95
N LYS D 115 -9.88 -3.35 -31.92
CA LYS D 115 -10.46 -2.87 -33.15
C LYS D 115 -9.49 -2.00 -33.75
N MET D 116 -8.74 -1.16 -33.03
CA MET D 116 -7.63 -0.38 -33.62
C MET D 116 -6.56 -1.28 -34.28
N THR D 117 -6.14 -2.35 -33.60
CA THR D 117 -5.12 -3.29 -34.10
C THR D 117 -5.53 -3.91 -35.43
N GLN D 118 -6.75 -4.44 -35.49
CA GLN D 118 -7.37 -4.95 -36.65
C GLN D 118 -7.54 -4.01 -37.87
N ILE D 119 -8.01 -2.78 -37.63
CA ILE D 119 -8.00 -1.68 -38.60
C ILE D 119 -6.59 -1.42 -39.15
N MET D 120 -5.55 -1.35 -38.30
CA MET D 120 -4.19 -1.12 -38.78
C MET D 120 -3.71 -2.24 -39.72
N PHE D 121 -3.90 -3.51 -39.35
CA PHE D 121 -3.47 -4.65 -40.17
C PHE D 121 -4.37 -4.98 -41.38
N GLU D 122 -5.64 -4.59 -41.38
CA GLU D 122 -6.61 -5.01 -42.41
C GLU D 122 -7.25 -3.85 -43.22
N THR D 123 -7.41 -2.65 -42.64
CA THR D 123 -7.77 -1.45 -43.42
C THR D 123 -6.52 -0.81 -44.03
N PHE D 124 -5.43 -0.69 -43.27
CA PHE D 124 -4.20 0.02 -43.68
C PHE D 124 -3.01 -0.90 -44.00
N ASN D 125 -3.15 -2.21 -43.86
CA ASN D 125 -2.16 -3.24 -44.27
C ASN D 125 -0.75 -3.08 -43.67
N VAL D 126 -0.60 -2.44 -42.50
CA VAL D 126 0.72 -2.08 -41.94
C VAL D 126 1.65 -3.30 -41.73
N PRO D 127 2.97 -3.14 -41.90
CA PRO D 127 3.93 -4.22 -41.67
C PRO D 127 4.16 -4.51 -40.18
N ALA D 128 4.04 -3.48 -39.35
CA ALA D 128 4.21 -3.55 -37.90
C ALA D 128 3.47 -2.42 -37.14
N MET D 129 3.18 -2.63 -35.86
CA MET D 129 2.60 -1.60 -34.99
C MET D 129 2.93 -1.77 -33.50
N TYR D 130 2.69 -0.72 -32.72
CA TYR D 130 2.72 -0.75 -31.25
C TYR D 130 1.75 0.29 -30.68
N VAL D 131 1.38 0.13 -29.41
CA VAL D 131 0.48 1.05 -28.69
C VAL D 131 1.07 1.41 -27.33
N ALA D 132 1.04 2.68 -26.93
CA ALA D 132 1.72 3.15 -25.71
C ALA D 132 0.96 4.24 -24.93
N ILE D 133 1.01 4.17 -23.60
CA ILE D 133 0.34 5.13 -22.71
C ILE D 133 0.97 6.53 -22.86
N GLN D 134 0.13 7.55 -22.98
CA GLN D 134 0.52 8.96 -23.18
C GLN D 134 1.59 9.43 -22.18
N ALA D 135 1.33 9.23 -20.88
CA ALA D 135 2.22 9.61 -19.79
C ALA D 135 3.63 8.99 -19.86
N VAL D 136 3.74 7.70 -20.24
CA VAL D 136 5.02 7.00 -20.35
C VAL D 136 5.89 7.66 -21.43
N LEU D 137 5.29 7.98 -22.58
CA LEU D 137 5.97 8.70 -23.65
C LEU D 137 6.35 10.13 -23.22
N SER D 138 5.45 10.90 -22.59
CA SER D 138 5.79 12.24 -22.07
C SER D 138 6.95 12.24 -21.09
N LEU D 139 7.02 11.24 -20.20
CA LEU D 139 8.13 11.13 -19.26
C LEU D 139 9.44 10.80 -19.98
N TYR D 140 9.43 9.86 -20.94
CA TYR D 140 10.62 9.52 -21.73
C TYR D 140 11.11 10.71 -22.56
N ALA D 141 10.19 11.49 -23.15
CA ALA D 141 10.53 12.72 -23.87
C ALA D 141 11.22 13.76 -22.97
N SER D 142 10.84 13.80 -21.70
CA SER D 142 11.43 14.71 -20.70
C SER D 142 12.88 14.33 -20.32
N GLY D 143 13.38 13.17 -20.75
CA GLY D 143 14.72 12.66 -20.40
C GLY D 143 14.78 11.87 -19.08
N ARG D 144 13.67 11.21 -18.70
CA ARG D 144 13.49 10.54 -17.39
C ARG D 144 12.90 9.13 -17.53
N THR D 145 13.16 8.28 -16.54
CA THR D 145 12.59 6.92 -16.41
C THR D 145 11.69 6.74 -15.18
N THR D 146 11.68 7.70 -14.23
CA THR D 146 10.88 7.66 -12.99
C THR D 146 10.22 9.01 -12.71
N GLY D 147 8.97 9.00 -12.25
CA GLY D 147 8.15 10.17 -11.90
C GLY D 147 6.66 9.88 -11.96
N ILE D 148 5.80 10.79 -11.48
CA ILE D 148 4.35 10.70 -11.70
C ILE D 148 3.90 11.77 -12.68
N VAL D 149 3.11 11.40 -13.68
CA VAL D 149 2.60 12.33 -14.69
C VAL D 149 1.12 12.66 -14.41
N LEU D 150 0.81 13.94 -14.28
CA LEU D 150 -0.53 14.49 -14.42
C LEU D 150 -0.75 14.80 -15.91
N ASP D 151 -1.26 13.81 -16.64
CA ASP D 151 -1.58 13.92 -18.06
C ASP D 151 -3.00 14.45 -18.22
N SER D 152 -3.15 15.78 -18.20
CA SER D 152 -4.42 16.44 -18.54
C SER D 152 -4.45 16.70 -20.04
N GLY D 153 -4.88 15.67 -20.79
CA GLY D 153 -4.86 15.63 -22.25
C GLY D 153 -5.93 16.50 -22.89
N ASP D 154 -6.39 16.12 -24.08
CA ASP D 154 -7.53 16.79 -24.74
C ASP D 154 -8.88 16.40 -24.13
N GLY D 155 -9.14 15.09 -23.92
CA GLY D 155 -10.46 14.57 -23.57
C GLY D 155 -10.62 13.95 -22.18
N VAL D 156 -9.52 13.72 -21.45
CA VAL D 156 -9.50 13.07 -20.13
C VAL D 156 -8.27 13.50 -19.33
N THR D 157 -8.32 13.44 -18.00
CA THR D 157 -7.13 13.65 -17.14
C THR D 157 -6.74 12.36 -16.41
N HIS D 158 -5.47 11.95 -16.51
CA HIS D 158 -4.93 10.78 -15.81
C HIS D 158 -3.72 11.14 -14.93
N ASN D 159 -3.57 10.37 -13.85
CA ASN D 159 -2.45 10.42 -12.92
C ASN D 159 -1.70 9.09 -13.03
N VAL D 160 -0.42 9.12 -13.43
CA VAL D 160 0.31 7.93 -13.88
C VAL D 160 1.71 7.88 -13.25
N PRO D 161 1.90 7.16 -12.14
CA PRO D 161 3.20 6.96 -11.51
C PRO D 161 3.99 5.88 -12.28
N ILE D 162 5.25 6.16 -12.55
CA ILE D 162 6.15 5.37 -13.39
C ILE D 162 7.50 5.21 -12.67
N TYR D 163 8.09 4.02 -12.72
CA TYR D 163 9.40 3.75 -12.11
C TYR D 163 10.29 2.87 -12.99
N GLU D 164 11.48 3.39 -13.31
CA GLU D 164 12.58 2.74 -14.05
C GLU D 164 12.17 1.94 -15.30
N GLY D 165 11.13 2.40 -16.00
CA GLY D 165 10.47 1.63 -17.07
C GLY D 165 8.99 1.99 -17.24
N TYR D 166 8.10 1.06 -16.87
CA TYR D 166 6.65 1.15 -17.09
C TYR D 166 5.90 1.86 -15.95
N ALA D 167 4.64 2.24 -16.21
CA ALA D 167 3.70 2.74 -15.21
C ALA D 167 3.31 1.63 -14.20
N LEU D 168 3.00 2.02 -12.96
CA LEU D 168 2.53 1.12 -11.89
C LEU D 168 1.01 0.84 -12.06
N PRO D 169 0.59 -0.38 -12.45
CA PRO D 169 -0.75 -0.61 -13.00
C PRO D 169 -1.89 -0.51 -11.95
N HIS D 170 -1.59 -0.72 -10.67
CA HIS D 170 -2.55 -0.63 -9.58
C HIS D 170 -2.77 0.81 -9.06
N ALA D 171 -1.79 1.70 -9.27
CA ALA D 171 -1.74 3.02 -8.65
C ALA D 171 -2.35 4.15 -9.50
N ILE D 172 -2.60 3.91 -10.79
CA ILE D 172 -3.14 4.91 -11.74
C ILE D 172 -4.53 5.40 -11.31
N MET D 173 -4.81 6.71 -11.45
CA MET D 173 -6.10 7.33 -11.12
C MET D 173 -6.62 8.22 -12.27
N ARG D 174 -7.94 8.23 -12.51
CA ARG D 174 -8.61 8.87 -13.65
C ARG D 174 -9.62 9.95 -13.21
N LEU D 175 -9.75 11.00 -14.01
CA LEU D 175 -10.85 11.97 -13.95
C LEU D 175 -11.40 12.24 -15.37
N ASP D 176 -12.72 12.09 -15.55
CA ASP D 176 -13.46 12.41 -16.80
C ASP D 176 -13.64 13.93 -17.02
N LEU D 177 -12.56 14.70 -16.96
CA LEU D 177 -12.57 16.14 -17.17
C LEU D 177 -11.21 16.65 -17.70
N ALA D 178 -11.26 17.30 -18.87
CA ALA D 178 -10.14 17.98 -19.52
C ALA D 178 -10.70 18.90 -20.64
N GLY D 179 -9.86 19.29 -21.59
CA GLY D 179 -10.17 20.22 -22.68
C GLY D 179 -11.48 20.04 -23.47
N ARG D 180 -12.02 18.83 -23.60
CA ARG D 180 -13.30 18.55 -24.28
C ARG D 180 -14.47 19.22 -23.55
N ASP D 181 -14.78 18.78 -22.33
CA ASP D 181 -15.88 19.36 -21.54
C ASP D 181 -15.62 20.80 -21.10
N LEU D 182 -14.37 21.27 -21.10
CA LEU D 182 -13.98 22.60 -20.76
C LEU D 182 -14.57 23.60 -21.72
N THR D 183 -14.64 23.29 -23.06
CA THR D 183 -15.28 24.12 -24.03
C THR D 183 -16.75 24.19 -23.80
N ASP D 184 -17.42 23.05 -23.58
CA ASP D 184 -18.86 23.00 -23.39
C ASP D 184 -19.27 23.76 -22.11
N TYR D 185 -18.46 23.61 -21.05
CA TYR D 185 -18.60 24.39 -19.83
C TYR D 185 -18.41 25.85 -20.01
N LEU D 186 -17.41 26.25 -20.81
CA LEU D 186 -17.10 27.66 -21.02
C LEU D 186 -18.26 28.32 -21.67
N MET D 187 -18.84 27.62 -22.67
CA MET D 187 -19.97 28.05 -23.47
C MET D 187 -21.20 28.24 -22.59
N LYS D 188 -21.46 27.33 -21.64
CA LYS D 188 -22.60 27.48 -20.71
C LYS D 188 -22.51 28.78 -19.90
N ILE D 189 -21.35 29.03 -19.29
CA ILE D 189 -21.09 30.13 -18.39
C ILE D 189 -21.01 31.53 -19.03
N LEU D 190 -20.64 31.61 -20.35
CA LEU D 190 -20.80 32.72 -21.23
C LEU D 190 -22.23 32.99 -21.50
N THR D 191 -23.18 32.02 -21.68
CA THR D 191 -24.61 32.20 -21.93
C THR D 191 -25.17 32.87 -20.70
N GLU D 192 -24.67 32.41 -19.53
CA GLU D 192 -25.02 32.98 -18.27
C GLU D 192 -24.70 34.39 -18.06
N ARG D 193 -23.59 34.87 -18.68
CA ARG D 193 -23.20 36.29 -18.69
C ARG D 193 -24.03 37.07 -19.68
N GLY D 194 -24.66 36.40 -20.62
CA GLY D 194 -25.50 37.03 -21.58
C GLY D 194 -24.84 37.10 -22.90
N TYR D 195 -23.74 36.35 -23.14
CA TYR D 195 -23.16 36.14 -24.42
C TYR D 195 -23.54 34.78 -24.84
N SER D 196 -24.89 34.58 -25.24
CA SER D 196 -25.41 33.27 -25.59
C SER D 196 -24.78 32.83 -26.90
N PHE D 197 -24.44 31.55 -26.93
CA PHE D 197 -23.96 30.80 -28.10
C PHE D 197 -24.75 29.49 -28.23
N VAL D 198 -25.05 29.06 -29.45
CA VAL D 198 -25.92 27.89 -29.74
C VAL D 198 -25.36 27.01 -30.86
N THR D 199 -24.70 27.63 -31.83
CA THR D 199 -24.13 26.99 -33.03
C THR D 199 -22.85 26.24 -32.67
N THR D 200 -22.60 25.06 -33.22
CA THR D 200 -21.29 24.40 -33.03
C THR D 200 -20.17 25.15 -33.77
N ALA D 201 -20.50 25.94 -34.80
CA ALA D 201 -19.59 26.93 -35.38
C ALA D 201 -19.18 28.05 -34.38
N GLU D 202 -20.01 28.37 -33.38
CA GLU D 202 -19.63 29.28 -32.27
C GLU D 202 -18.76 28.55 -31.23
N ARG D 203 -19.13 27.31 -30.87
CA ARG D 203 -18.41 26.42 -29.94
C ARG D 203 -16.91 26.30 -30.27
N GLU D 204 -16.54 26.19 -31.54
CA GLU D 204 -15.14 26.14 -31.97
C GLU D 204 -14.37 27.47 -31.77
N ILE D 205 -15.05 28.63 -31.77
CA ILE D 205 -14.42 29.91 -31.44
C ILE D 205 -14.21 30.02 -29.92
N VAL D 206 -15.19 29.56 -29.14
CA VAL D 206 -15.17 29.39 -27.69
C VAL D 206 -14.06 28.45 -27.25
N ARG D 207 -13.77 27.42 -28.09
CA ARG D 207 -12.64 26.60 -27.91
C ARG D 207 -11.31 27.28 -28.01
N ASP D 208 -11.20 28.16 -29.10
CA ASP D 208 -10.01 28.92 -29.37
C ASP D 208 -9.73 29.89 -28.26
N ILE D 209 -10.81 30.56 -27.79
CA ILE D 209 -10.83 31.49 -26.63
C ILE D 209 -10.33 30.98 -25.39
N LYS D 210 -10.80 29.75 -25.13
CA LYS D 210 -10.37 28.98 -23.99
C LYS D 210 -8.87 28.73 -23.93
N GLU D 211 -8.25 28.30 -25.04
CA GLU D 211 -6.86 28.02 -25.26
C GLU D 211 -6.07 29.26 -25.14
N LYS D 212 -6.54 30.46 -25.63
CA LYS D 212 -5.81 31.70 -25.58
C LYS D 212 -5.87 32.47 -24.32
N LEU D 213 -7.03 32.51 -23.64
CA LEU D 213 -7.34 33.45 -22.61
C LEU D 213 -7.46 32.81 -21.29
N CYS D 214 -7.75 31.47 -21.10
CA CYS D 214 -7.78 30.89 -19.83
C CYS D 214 -6.45 30.82 -19.13
N TYR D 215 -6.41 30.95 -17.81
CA TYR D 215 -5.26 30.97 -17.06
C TYR D 215 -5.64 30.31 -15.83
N VAL D 216 -4.63 29.58 -15.14
CA VAL D 216 -4.89 28.93 -13.90
C VAL D 216 -4.56 30.02 -12.81
N ALA D 217 -5.54 30.38 -11.94
CA ALA D 217 -5.31 31.21 -10.79
C ALA D 217 -4.54 30.45 -9.82
N LEU D 218 -3.66 31.21 -9.06
CA LEU D 218 -2.89 30.71 -7.93
C LEU D 218 -3.75 30.62 -6.67
N ASP D 219 -4.67 31.67 -6.53
CA ASP D 219 -5.69 31.60 -5.47
C ASP D 219 -7.05 31.95 -5.93
N PHE D 220 -7.98 30.97 -5.96
CA PHE D 220 -9.33 31.00 -6.56
C PHE D 220 -10.23 32.02 -5.87
N GLU D 221 -10.27 32.09 -4.55
CA GLU D 221 -11.07 33.04 -3.87
C GLU D 221 -10.55 34.44 -4.11
N ASN D 222 -9.17 34.70 -4.05
CA ASN D 222 -8.57 36.02 -4.23
C ASN D 222 -8.68 36.62 -5.54
N GLU D 223 -8.57 35.77 -6.63
CA GLU D 223 -8.88 36.20 -7.98
C GLU D 223 -10.34 36.42 -8.22
N MET D 224 -11.19 35.56 -7.71
CA MET D 224 -12.64 35.78 -7.76
C MET D 224 -13.04 37.08 -7.14
N ALA D 225 -12.41 37.40 -5.96
CA ALA D 225 -12.67 38.68 -5.32
C ALA D 225 -12.25 39.88 -6.08
N THR D 226 -11.06 39.74 -6.76
CA THR D 226 -10.53 40.75 -7.56
C THR D 226 -11.45 41.07 -8.69
N ALA D 227 -11.96 40.06 -9.42
CA ALA D 227 -12.93 40.30 -10.44
C ALA D 227 -14.27 40.92 -9.96
N ALA D 228 -14.70 40.61 -8.73
CA ALA D 228 -15.92 41.18 -8.15
C ALA D 228 -15.79 42.65 -7.72
N SER D 229 -14.55 43.13 -7.45
CA SER D 229 -14.11 44.38 -6.82
C SER D 229 -13.57 45.23 -7.93
N SER D 230 -13.26 44.72 -9.13
CA SER D 230 -12.64 45.54 -10.09
C SER D 230 -12.83 44.70 -11.35
N SER D 231 -12.95 45.37 -12.52
CA SER D 231 -12.92 44.81 -13.82
C SER D 231 -11.56 44.71 -14.45
N SER D 232 -10.51 44.34 -13.74
CA SER D 232 -9.21 44.13 -14.23
C SER D 232 -8.80 42.69 -14.57
N LEU D 233 -9.74 41.76 -14.39
CA LEU D 233 -9.69 40.34 -14.64
C LEU D 233 -10.53 39.95 -15.82
N GLU D 234 -10.52 40.78 -16.91
CA GLU D 234 -11.35 40.66 -18.08
C GLU D 234 -10.47 40.96 -19.28
N LYS D 235 -10.58 40.19 -20.37
CA LYS D 235 -9.77 40.49 -21.55
C LYS D 235 -10.72 40.48 -22.67
N SER D 236 -10.53 41.41 -23.61
CA SER D 236 -11.44 41.56 -24.77
C SER D 236 -11.04 40.55 -25.82
N TYR D 237 -12.08 40.09 -26.59
CA TYR D 237 -11.79 39.34 -27.79
C TYR D 237 -12.73 39.79 -28.91
N GLU D 238 -12.11 40.06 -30.10
CA GLU D 238 -12.89 40.54 -31.21
C GLU D 238 -13.26 39.28 -32.00
N LEU D 239 -14.53 38.93 -32.10
CA LEU D 239 -15.00 37.78 -32.89
C LEU D 239 -14.68 37.94 -34.40
N PRO D 240 -14.61 36.84 -35.17
CA PRO D 240 -14.23 36.89 -36.59
C PRO D 240 -15.23 37.56 -37.53
N ASP D 241 -16.39 38.03 -37.06
CA ASP D 241 -17.34 38.84 -37.83
C ASP D 241 -17.60 40.24 -37.25
N GLY D 242 -16.60 40.83 -36.57
CA GLY D 242 -16.62 42.02 -35.89
C GLY D 242 -17.18 41.66 -34.53
N GLN D 243 -17.58 42.71 -33.75
CA GLN D 243 -18.28 42.62 -32.47
C GLN D 243 -17.30 42.23 -31.41
N VAL D 244 -17.00 43.19 -30.51
CA VAL D 244 -16.04 43.00 -29.50
C VAL D 244 -16.77 42.47 -28.32
N ILE D 245 -16.37 41.20 -27.85
CA ILE D 245 -16.93 40.63 -26.62
C ILE D 245 -15.87 40.74 -25.56
N THR D 246 -16.38 40.71 -24.31
CA THR D 246 -15.53 40.87 -23.13
C THR D 246 -15.59 39.62 -22.37
N ILE D 247 -14.43 38.91 -22.18
CA ILE D 247 -14.48 37.64 -21.39
C ILE D 247 -14.00 37.94 -19.97
N GLY D 248 -14.84 37.69 -18.94
CA GLY D 248 -14.63 38.04 -17.53
C GLY D 248 -13.99 36.85 -16.79
N ASN D 249 -14.50 36.52 -15.57
CA ASN D 249 -14.03 35.66 -14.54
C ASN D 249 -14.06 34.23 -15.03
N GLU D 250 -14.75 33.97 -16.16
CA GLU D 250 -14.94 32.75 -16.90
C GLU D 250 -13.61 32.20 -17.27
N ARG D 251 -12.61 33.10 -17.40
CA ARG D 251 -11.24 32.71 -17.68
C ARG D 251 -10.57 31.75 -16.77
N PHE D 252 -10.90 31.85 -15.46
CA PHE D 252 -10.28 31.06 -14.41
C PHE D 252 -11.30 30.11 -13.80
N ARG D 253 -12.61 30.48 -13.94
CA ARG D 253 -13.67 29.64 -13.55
C ARG D 253 -13.73 28.35 -14.34
N CYS D 254 -13.51 28.43 -15.70
CA CYS D 254 -13.59 27.35 -16.64
C CYS D 254 -12.68 26.26 -16.22
N PRO D 255 -11.43 26.45 -16.05
CA PRO D 255 -10.52 25.43 -15.60
C PRO D 255 -10.68 25.15 -14.13
N GLU D 256 -11.40 25.98 -13.30
CA GLU D 256 -11.56 25.74 -11.90
C GLU D 256 -12.24 24.42 -11.63
N THR D 257 -13.04 23.94 -12.58
CA THR D 257 -13.73 22.65 -12.52
C THR D 257 -12.77 21.47 -12.36
N LEU D 258 -11.52 21.58 -12.83
CA LEU D 258 -10.49 20.55 -12.64
C LEU D 258 -10.17 20.31 -11.15
N PHE D 259 -10.26 21.35 -10.32
CA PHE D 259 -9.96 21.26 -8.93
C PHE D 259 -11.24 20.91 -8.12
N GLN D 260 -12.41 21.38 -8.64
CA GLN D 260 -13.69 21.14 -7.91
C GLN D 260 -14.73 20.57 -8.89
N PRO D 261 -14.72 19.25 -9.17
CA PRO D 261 -15.69 18.61 -10.08
C PRO D 261 -17.18 18.77 -9.71
N SER D 262 -17.50 19.06 -8.45
CA SER D 262 -18.87 19.40 -7.99
C SER D 262 -19.45 20.66 -8.68
N PHE D 263 -18.63 21.52 -9.29
CA PHE D 263 -19.10 22.67 -10.09
C PHE D 263 -19.97 22.25 -11.29
N ILE D 264 -19.78 21.04 -11.82
CA ILE D 264 -20.47 20.51 -13.01
C ILE D 264 -21.22 19.19 -12.74
N GLY D 265 -21.61 18.96 -11.48
CA GLY D 265 -22.44 17.81 -11.07
C GLY D 265 -21.72 16.46 -10.97
N MET D 266 -20.40 16.41 -11.16
CA MET D 266 -19.61 15.18 -11.02
C MET D 266 -19.39 14.79 -9.54
N GLU D 267 -19.27 13.49 -9.28
CA GLU D 267 -18.93 12.95 -7.95
C GLU D 267 -17.41 12.77 -7.71
N SER D 268 -16.60 12.86 -8.77
CA SER D 268 -15.17 12.54 -8.76
C SER D 268 -14.31 13.50 -7.92
N ALA D 269 -13.13 13.03 -7.49
CA ALA D 269 -12.07 13.85 -6.89
C ALA D 269 -11.31 14.70 -7.93
N GLY D 270 -10.74 15.83 -7.53
CA GLY D 270 -10.01 16.77 -8.39
C GLY D 270 -8.63 16.28 -8.86
N ILE D 271 -7.98 17.03 -9.76
CA ILE D 271 -6.69 16.62 -10.35
C ILE D 271 -5.55 16.49 -9.31
N HIS D 272 -5.55 17.33 -8.28
CA HIS D 272 -4.59 17.29 -7.17
C HIS D 272 -4.90 16.17 -6.17
N GLU D 273 -6.18 15.98 -5.83
CA GLU D 273 -6.64 14.88 -4.98
C GLU D 273 -6.32 13.52 -5.62
N THR D 274 -6.64 13.34 -6.90
CA THR D 274 -6.32 12.10 -7.63
C THR D 274 -4.82 11.92 -7.86
N THR D 275 -4.03 12.99 -7.93
CA THR D 275 -2.55 12.93 -7.85
C THR D 275 -2.09 12.34 -6.50
N TYR D 276 -2.51 12.93 -5.37
CA TYR D 276 -2.14 12.43 -4.04
C TYR D 276 -2.61 10.99 -3.79
N ASN D 277 -3.87 10.69 -4.11
CA ASN D 277 -4.45 9.35 -3.97
C ASN D 277 -3.74 8.29 -4.85
N SER D 278 -3.15 8.70 -5.98
CA SER D 278 -2.29 7.83 -6.80
C SER D 278 -0.93 7.57 -6.15
N ILE D 279 -0.20 8.61 -5.71
CA ILE D 279 1.14 8.43 -5.13
C ILE D 279 1.08 7.60 -3.83
N MET D 280 0.05 7.79 -3.01
CA MET D 280 -0.15 7.01 -1.78
C MET D 280 -0.33 5.49 -2.00
N LYS D 281 -0.65 5.03 -3.23
CA LYS D 281 -0.70 3.60 -3.57
C LYS D 281 0.68 3.00 -3.93
N CYS D 282 1.70 3.83 -4.10
CA CYS D 282 3.05 3.42 -4.54
C CYS D 282 3.93 2.95 -3.37
N ASP D 283 4.98 2.16 -3.67
CA ASP D 283 5.89 1.59 -2.67
C ASP D 283 6.80 2.66 -2.04
N ILE D 284 7.03 2.59 -0.72
CA ILE D 284 7.60 3.70 0.07
C ILE D 284 8.99 4.16 -0.42
N ASP D 285 9.85 3.23 -0.81
CA ASP D 285 11.20 3.56 -1.31
C ASP D 285 11.18 4.24 -2.69
N ILE D 286 10.07 4.19 -3.43
CA ILE D 286 9.88 4.93 -4.70
C ILE D 286 8.92 6.12 -4.56
N ARG D 287 8.12 6.23 -3.49
CA ARG D 287 7.34 7.44 -3.17
C ARG D 287 8.20 8.70 -3.17
N LYS D 288 9.47 8.60 -2.73
CA LYS D 288 10.46 9.68 -2.77
C LYS D 288 10.57 10.30 -4.16
N ASP D 289 10.92 9.50 -5.16
CA ASP D 289 11.10 9.99 -6.54
C ASP D 289 9.77 10.42 -7.17
N LEU D 290 8.67 9.71 -6.88
CA LEU D 290 7.35 10.06 -7.40
C LEU D 290 6.85 11.41 -6.86
N TYR D 291 6.93 11.66 -5.54
CA TYR D 291 6.61 12.97 -4.96
C TYR D 291 7.56 14.08 -5.43
N ALA D 292 8.87 13.80 -5.54
CA ALA D 292 9.84 14.78 -6.00
C ALA D 292 9.61 15.18 -7.47
N ASN D 293 9.25 14.25 -8.34
CA ASN D 293 9.05 14.47 -9.78
C ASN D 293 7.58 14.31 -10.19
N ASN D 294 6.76 15.31 -9.85
CA ASN D 294 5.41 15.50 -10.39
C ASN D 294 5.47 16.22 -11.76
N VAL D 295 5.12 15.54 -12.85
CA VAL D 295 5.28 16.02 -14.23
C VAL D 295 3.93 16.40 -14.85
N LEU D 296 3.79 17.59 -15.44
CA LEU D 296 2.61 17.98 -16.21
C LEU D 296 2.69 17.50 -17.67
N SER D 297 1.56 17.06 -18.24
CA SER D 297 1.47 16.63 -19.64
C SER D 297 0.10 16.95 -20.26
N GLY D 298 0.06 17.21 -21.57
CA GLY D 298 -1.18 17.41 -22.34
C GLY D 298 -1.60 18.87 -22.55
N GLY D 299 -2.53 19.09 -23.51
CA GLY D 299 -2.99 20.37 -23.94
C GLY D 299 -3.59 21.19 -22.91
N THR D 300 -4.27 20.55 -21.94
CA THR D 300 -5.00 21.27 -20.86
C THR D 300 -4.04 21.89 -19.84
N THR D 301 -2.79 21.41 -19.77
CA THR D 301 -1.76 21.95 -18.86
C THR D 301 -1.01 23.17 -19.39
N MET D 302 -1.37 23.71 -20.57
CA MET D 302 -0.67 24.79 -21.18
C MET D 302 -1.24 26.13 -20.82
N TYR D 303 -2.26 26.25 -19.93
CA TYR D 303 -2.71 27.43 -19.33
C TYR D 303 -1.65 28.03 -18.43
N PRO D 304 -1.21 29.32 -18.55
CA PRO D 304 -0.14 29.92 -17.69
C PRO D 304 -0.42 29.90 -16.21
N GLY D 305 0.67 29.83 -15.46
CA GLY D 305 0.55 29.98 -14.06
C GLY D 305 0.13 28.72 -13.39
N ILE D 306 0.04 27.58 -14.10
CA ILE D 306 -0.42 26.29 -13.54
C ILE D 306 0.51 25.69 -12.47
N ALA D 307 1.82 25.83 -12.62
CA ALA D 307 2.77 25.26 -11.74
C ALA D 307 2.78 25.71 -10.33
N ASP D 308 2.61 27.02 -10.13
CA ASP D 308 2.56 27.63 -8.81
C ASP D 308 1.30 27.10 -8.12
N ARG D 309 0.15 26.99 -8.80
CA ARG D 309 -1.13 26.42 -8.28
C ARG D 309 -1.04 24.96 -7.86
N MET D 310 -0.53 24.12 -8.77
CA MET D 310 -0.27 22.70 -8.50
C MET D 310 0.80 22.50 -7.43
N GLN D 311 1.84 23.34 -7.40
CA GLN D 311 2.88 23.27 -6.30
C GLN D 311 2.24 23.45 -4.94
N LYS D 312 1.39 24.41 -4.83
CA LYS D 312 0.62 24.73 -3.68
C LYS D 312 -0.21 23.64 -3.17
N GLU D 313 -1.03 23.17 -4.13
CA GLU D 313 -2.11 22.24 -3.83
C GLU D 313 -1.53 20.94 -3.32
N ILE D 314 -0.48 20.41 -3.98
CA ILE D 314 0.13 19.10 -3.65
C ILE D 314 0.92 19.14 -2.33
N THR D 315 1.65 20.22 -2.03
CA THR D 315 2.37 20.43 -0.76
C THR D 315 1.35 20.46 0.34
N ALA D 316 0.10 20.98 0.10
CA ALA D 316 -0.96 21.08 1.17
C ALA D 316 -1.49 19.69 1.48
N LEU D 317 -1.61 18.83 0.46
CA LEU D 317 -2.06 17.43 0.62
C LEU D 317 -0.97 16.51 1.19
N ALA D 318 0.18 16.43 0.52
CA ALA D 318 1.30 15.57 0.88
C ALA D 318 2.17 16.17 2.02
N PRO D 319 2.70 15.36 2.95
CA PRO D 319 3.60 15.85 3.99
C PRO D 319 4.85 16.61 3.49
N SER D 320 5.40 17.47 4.36
CA SER D 320 6.41 18.37 4.13
C SER D 320 7.80 17.68 4.32
N THR D 321 7.99 16.34 4.11
CA THR D 321 9.40 15.81 3.88
C THR D 321 9.71 14.87 2.70
N MET D 322 8.76 14.72 1.76
CA MET D 322 9.14 14.41 0.37
C MET D 322 9.09 15.75 -0.40
N LYS D 323 10.24 16.24 -0.86
CA LYS D 323 10.39 17.63 -1.34
C LYS D 323 9.78 17.80 -2.74
N ILE D 324 8.52 18.20 -2.79
CA ILE D 324 7.71 18.37 -4.02
C ILE D 324 8.36 19.34 -5.01
N LYS D 325 8.39 18.99 -6.30
CA LYS D 325 8.58 19.91 -7.42
C LYS D 325 7.61 19.59 -8.57
N ILE D 326 7.06 20.62 -9.20
CA ILE D 326 6.28 20.49 -10.50
C ILE D 326 7.39 20.58 -11.61
N ILE D 327 7.34 19.61 -12.52
CA ILE D 327 8.13 19.59 -13.74
C ILE D 327 7.15 19.88 -14.88
N ALA D 328 7.38 20.99 -15.57
CA ALA D 328 6.60 21.38 -16.67
C ALA D 328 7.50 21.47 -17.83
N PRO D 329 7.45 20.52 -18.80
CA PRO D 329 8.30 20.57 -20.00
C PRO D 329 8.12 21.86 -20.84
N PRO D 330 9.09 22.22 -21.74
CA PRO D 330 9.08 23.43 -22.45
C PRO D 330 7.91 23.44 -23.44
N GLU D 331 7.49 22.27 -23.96
CA GLU D 331 6.44 22.10 -24.97
C GLU D 331 5.57 20.90 -24.61
N ARG D 332 5.15 20.87 -23.33
CA ARG D 332 4.42 19.77 -22.68
C ARG D 332 3.13 19.32 -23.37
N LYS D 333 2.62 20.11 -24.32
CA LYS D 333 1.51 19.70 -25.23
C LYS D 333 1.82 18.60 -26.20
N TYR D 334 3.12 18.44 -26.52
CA TYR D 334 3.67 17.59 -27.58
C TYR D 334 4.50 16.42 -27.04
N SER D 335 4.87 16.42 -25.76
CA SER D 335 5.80 15.45 -25.16
C SER D 335 5.37 13.99 -25.36
N VAL D 336 4.08 13.68 -25.48
CA VAL D 336 3.61 12.34 -25.85
C VAL D 336 4.15 11.92 -27.21
N TRP D 337 3.91 12.75 -28.24
CA TRP D 337 4.34 12.49 -29.60
C TRP D 337 5.87 12.47 -29.70
N ILE D 338 6.54 13.42 -29.05
CA ILE D 338 8.00 13.52 -29.02
C ILE D 338 8.61 12.29 -28.35
N GLY D 339 7.99 11.77 -27.29
CA GLY D 339 8.41 10.55 -26.62
C GLY D 339 8.28 9.32 -27.50
N GLY D 340 7.17 9.21 -28.24
CA GLY D 340 7.01 8.18 -29.27
C GLY D 340 8.04 8.30 -30.40
N SER D 341 8.31 9.53 -30.85
CA SER D 341 9.33 9.83 -31.88
C SER D 341 10.73 9.45 -31.45
N ILE D 342 11.12 9.73 -30.21
CA ILE D 342 12.39 9.29 -29.63
C ILE D 342 12.41 7.76 -29.49
N LEU D 343 11.46 7.17 -28.75
CA LEU D 343 11.44 5.75 -28.44
C LEU D 343 11.46 4.86 -29.69
N ALA D 344 10.62 5.15 -30.68
CA ALA D 344 10.55 4.37 -31.92
C ALA D 344 11.82 4.45 -32.79
N SER D 345 12.72 5.41 -32.54
CA SER D 345 14.01 5.53 -33.24
C SER D 345 15.12 4.64 -32.65
N LEU D 346 14.98 4.13 -31.42
CA LEU D 346 16.03 3.38 -30.71
C LEU D 346 16.18 1.94 -31.25
N SER D 347 17.42 1.46 -31.34
CA SER D 347 17.71 0.07 -31.74
C SER D 347 17.21 -0.97 -30.72
N THR D 348 17.16 -0.62 -29.43
CA THR D 348 16.59 -1.46 -28.35
C THR D 348 15.07 -1.64 -28.48
N PHE D 349 14.35 -0.69 -29.07
CA PHE D 349 12.88 -0.75 -29.21
C PHE D 349 12.40 -1.64 -30.38
N GLN D 350 13.24 -1.93 -31.39
CA GLN D 350 12.81 -2.66 -32.60
C GLN D 350 12.36 -4.12 -32.34
N GLN D 351 12.65 -4.66 -31.17
CA GLN D 351 12.18 -5.97 -30.69
C GLN D 351 10.76 -5.92 -30.10
N MET D 352 10.22 -4.73 -29.79
CA MET D 352 8.91 -4.57 -29.15
C MET D 352 7.73 -4.63 -30.14
N TRP D 353 7.94 -4.33 -31.43
CA TRP D 353 6.86 -4.24 -32.43
C TRP D 353 5.99 -5.50 -32.51
N ILE D 354 4.67 -5.31 -32.68
CA ILE D 354 3.76 -6.34 -33.20
C ILE D 354 3.99 -6.42 -34.72
N SER D 355 4.47 -7.55 -35.22
CA SER D 355 4.61 -7.78 -36.68
C SER D 355 3.32 -8.30 -37.31
N LYS D 356 3.18 -8.14 -38.63
CA LYS D 356 2.10 -8.76 -39.41
C LYS D 356 2.07 -10.29 -39.26
N GLN D 357 3.23 -10.95 -39.15
CA GLN D 357 3.29 -12.39 -38.87
C GLN D 357 2.68 -12.75 -37.51
N GLU D 358 2.96 -12.00 -36.44
CA GLU D 358 2.34 -12.26 -35.14
C GLU D 358 0.82 -12.03 -35.16
N TYR D 359 0.34 -11.04 -35.94
CA TYR D 359 -1.09 -10.86 -36.16
C TYR D 359 -1.72 -12.03 -36.95
N ASP D 360 -1.04 -12.55 -37.97
CA ASP D 360 -1.47 -13.78 -38.68
C ASP D 360 -1.49 -15.02 -37.75
N GLU D 361 -0.54 -15.16 -36.82
CA GLU D 361 -0.46 -16.29 -35.89
C GLU D 361 -1.41 -16.20 -34.68
N ALA D 362 -1.72 -15.00 -34.17
CA ALA D 362 -2.44 -14.81 -32.91
C ALA D 362 -3.68 -13.87 -32.97
N GLY D 363 -3.94 -13.22 -34.10
CA GLY D 363 -5.04 -12.27 -34.27
C GLY D 363 -4.91 -11.01 -33.40
N PRO D 364 -6.00 -10.23 -33.26
CA PRO D 364 -6.04 -9.00 -32.45
C PRO D 364 -5.59 -9.15 -30.99
N SER D 365 -5.63 -10.36 -30.42
CA SER D 365 -5.20 -10.65 -29.03
C SER D 365 -3.72 -10.29 -28.74
N ILE D 366 -2.88 -10.18 -29.78
CA ILE D 366 -1.43 -9.97 -29.67
C ILE D 366 -1.05 -8.68 -28.93
N VAL D 367 -1.84 -7.61 -29.05
CA VAL D 367 -1.56 -6.31 -28.41
C VAL D 367 -1.47 -6.42 -26.88
N HIS D 368 -2.29 -7.29 -26.27
CA HIS D 368 -2.28 -7.52 -24.82
C HIS D 368 -1.11 -8.38 -24.33
N ARG D 369 -0.35 -9.02 -25.23
CA ARG D 369 0.92 -9.71 -24.92
C ARG D 369 2.13 -8.79 -25.10
N LYS D 370 2.11 -7.91 -26.11
CA LYS D 370 3.26 -7.08 -26.53
C LYS D 370 3.32 -5.71 -25.85
N CYS D 371 2.18 -5.08 -25.56
CA CYS D 371 2.11 -3.78 -24.88
C CYS D 371 2.16 -3.88 -23.35
N PHE D 372 2.63 -2.82 -22.70
CA PHE D 372 2.82 -2.70 -21.23
C PHE D 372 2.32 -1.35 -20.72
N GLU E 1 78.06 -34.46 53.59
CA GLU E 1 76.97 -35.25 53.26
C GLU E 1 76.24 -34.61 52.09
N THR E 2 76.14 -35.40 51.04
CA THR E 2 75.49 -35.13 49.75
C THR E 2 74.02 -35.05 49.96
N THR E 3 73.45 -33.97 49.31
CA THR E 3 72.15 -33.54 49.76
C THR E 3 71.09 -34.59 49.29
N ALA E 4 70.39 -35.08 50.30
CA ALA E 4 69.47 -36.12 50.01
C ALA E 4 68.13 -35.47 49.92
N LEU E 5 67.28 -36.04 49.08
CA LEU E 5 65.93 -35.73 49.02
C LEU E 5 65.21 -36.67 49.89
N VAL E 6 64.17 -36.13 50.45
CA VAL E 6 63.27 -36.90 51.28
C VAL E 6 61.99 -36.68 50.58
N CYS E 7 61.38 -37.81 50.06
CA CYS E 7 60.15 -37.66 49.39
C CYS E 7 59.18 -38.55 50.11
N ASP E 8 58.31 -37.92 51.05
CA ASP E 8 57.26 -38.59 51.74
C ASP E 8 56.09 -38.61 50.87
N ASN E 9 55.86 -39.79 50.28
CA ASN E 9 54.88 -40.01 49.20
C ASN E 9 53.47 -40.25 49.77
N GLY E 10 52.83 -39.19 50.26
CA GLY E 10 51.50 -39.28 50.88
C GLY E 10 50.37 -39.64 49.91
N SER E 11 49.35 -40.32 50.43
CA SER E 11 48.16 -40.76 49.66
C SER E 11 47.21 -39.63 49.24
N GLY E 12 47.46 -38.38 49.65
CA GLY E 12 46.65 -37.19 49.32
C GLY E 12 47.48 -35.94 49.02
N LEU E 13 48.48 -35.62 49.84
CA LEU E 13 49.52 -34.63 49.56
C LEU E 13 50.90 -35.30 49.51
N VAL E 14 51.71 -35.01 48.49
CA VAL E 14 53.15 -35.34 48.49
C VAL E 14 53.86 -34.34 49.40
N LYS E 15 54.82 -34.78 50.23
CA LYS E 15 55.59 -33.83 50.99
C LYS E 15 56.99 -34.13 50.56
N ALA E 16 57.75 -33.08 50.07
CA ALA E 16 59.11 -33.25 49.51
C ALA E 16 60.08 -32.16 49.88
N GLY E 17 61.40 -32.55 49.95
CA GLY E 17 62.40 -31.52 50.17
C GLY E 17 63.68 -32.16 50.39
N PHE E 18 64.59 -31.23 50.79
CA PHE E 18 65.98 -31.43 50.94
C PHE E 18 66.19 -31.74 52.36
N ALA E 19 67.19 -32.65 52.53
CA ALA E 19 67.63 -33.02 53.84
C ALA E 19 68.60 -31.94 54.41
N GLY E 20 68.68 -31.99 55.72
CA GLY E 20 69.30 -30.91 56.51
C GLY E 20 68.35 -29.88 56.88
N ASP E 21 67.09 -29.96 56.44
CA ASP E 21 65.93 -29.08 56.83
C ASP E 21 65.09 -29.90 57.80
N ASP E 22 64.33 -29.17 58.66
CA ASP E 22 63.57 -29.78 59.73
C ASP E 22 62.11 -29.62 59.34
N ALA E 23 61.89 -29.21 58.04
CA ALA E 23 60.53 -28.98 57.55
C ALA E 23 60.48 -29.26 56.07
N PRO E 24 59.39 -29.76 55.40
CA PRO E 24 59.34 -30.00 53.90
C PRO E 24 59.45 -28.72 53.16
N ARG E 25 60.03 -28.67 51.99
CA ARG E 25 60.02 -27.38 51.32
C ARG E 25 58.93 -27.39 50.20
N ALA E 26 58.21 -28.48 49.87
CA ALA E 26 57.14 -28.49 48.91
C ALA E 26 56.12 -29.36 49.50
N VAL E 27 54.86 -28.93 49.51
CA VAL E 27 53.76 -29.61 50.03
C VAL E 27 52.76 -29.29 49.02
N PHE E 28 52.40 -30.30 48.20
CA PHE E 28 51.47 -30.19 47.06
C PHE E 28 50.59 -31.46 46.87
N PRO E 29 49.43 -31.38 46.17
CA PRO E 29 48.53 -32.53 45.98
C PRO E 29 49.11 -33.72 45.21
N SER E 30 48.85 -34.94 45.69
CA SER E 30 49.16 -36.22 45.02
C SER E 30 48.22 -36.51 43.84
N ILE E 31 48.15 -35.62 42.85
CA ILE E 31 47.24 -35.71 41.70
C ILE E 31 47.98 -35.57 40.36
N VAL E 32 47.53 -36.32 39.35
CA VAL E 32 48.00 -36.28 37.97
C VAL E 32 46.80 -36.18 37.03
N GLY E 33 46.89 -35.37 35.97
CA GLY E 33 45.80 -35.09 35.04
C GLY E 33 46.15 -35.39 33.59
N ARG E 34 45.14 -35.86 32.83
CA ARG E 34 45.24 -36.22 31.40
C ARG E 34 44.02 -35.68 30.62
N PRO E 35 44.16 -35.17 29.39
CA PRO E 35 43.06 -34.58 28.62
C PRO E 35 41.81 -35.47 28.46
N ARG E 36 40.62 -34.86 28.54
CA ARG E 36 39.32 -35.54 28.32
C ARG E 36 38.95 -35.76 26.84
N HIS E 37 39.51 -34.97 25.93
CA HIS E 37 39.12 -34.91 24.51
C HIS E 37 40.33 -34.77 23.56
N GLN E 38 40.12 -35.03 22.27
CA GLN E 38 41.09 -34.70 21.21
C GLN E 38 41.19 -33.17 21.02
N GLY E 39 42.41 -32.63 21.10
CA GLY E 39 42.67 -31.18 21.16
C GLY E 39 42.39 -30.60 22.54
N VAL E 40 43.28 -29.73 23.04
CA VAL E 40 43.27 -29.27 24.44
C VAL E 40 43.05 -27.76 24.56
N MET E 41 43.77 -26.94 23.79
CA MET E 41 43.65 -25.47 23.80
C MET E 41 43.79 -24.87 22.38
N VAL E 42 43.25 -23.67 22.16
CA VAL E 42 43.35 -22.94 20.87
C VAL E 42 44.18 -21.66 21.02
N GLY E 43 45.11 -21.41 20.09
CA GLY E 43 45.97 -20.23 20.09
C GLY E 43 47.07 -20.22 21.16
N MET E 44 47.32 -21.35 21.81
CA MET E 44 48.27 -21.53 22.92
C MET E 44 48.97 -22.90 22.85
N GLY E 45 50.11 -23.03 23.52
CA GLY E 45 50.79 -24.32 23.69
C GLY E 45 49.99 -25.31 24.56
N GLN E 46 50.18 -26.60 24.31
CA GLN E 46 49.47 -27.70 25.00
C GLN E 46 50.39 -28.93 25.18
N LYS E 47 50.11 -29.76 26.19
CA LYS E 47 50.91 -30.96 26.53
C LYS E 47 50.04 -32.15 26.99
N ASP E 48 50.63 -33.33 26.98
CA ASP E 48 49.93 -34.61 27.18
C ASP E 48 49.52 -34.94 28.64
N SER E 49 50.17 -34.35 29.65
CA SER E 49 49.86 -34.59 31.08
C SER E 49 50.24 -33.41 32.00
N TYR E 50 49.62 -33.37 33.18
CA TYR E 50 49.70 -32.28 34.15
C TYR E 50 49.76 -32.86 35.58
N VAL E 51 50.29 -32.12 36.55
CA VAL E 51 50.52 -32.61 37.92
C VAL E 51 50.28 -31.52 38.96
N GLY E 52 49.88 -31.89 40.18
CA GLY E 52 49.85 -30.99 41.34
C GLY E 52 49.00 -29.73 41.13
N ASP E 53 49.53 -28.57 41.54
CA ASP E 53 48.83 -27.28 41.43
C ASP E 53 48.54 -26.84 39.98
N GLU E 54 49.30 -27.31 38.99
CA GLU E 54 48.96 -27.08 37.58
C GLU E 54 47.69 -27.85 37.19
N ALA E 55 47.60 -29.14 37.55
CA ALA E 55 46.38 -29.94 37.31
C ALA E 55 45.17 -29.45 38.13
N GLN E 56 45.39 -28.95 39.35
CA GLN E 56 44.35 -28.38 40.20
C GLN E 56 43.77 -27.06 39.65
N SER E 57 44.60 -26.24 38.98
CA SER E 57 44.19 -24.93 38.43
C SER E 57 43.72 -24.99 36.96
N LYS E 58 44.41 -25.71 36.07
CA LYS E 58 44.03 -25.87 34.64
C LYS E 58 42.94 -26.96 34.43
N ARG E 59 42.00 -27.08 35.37
CA ARG E 59 41.22 -28.32 35.60
C ARG E 59 40.23 -28.69 34.49
N GLY E 60 39.62 -27.72 33.81
CA GLY E 60 38.46 -27.92 32.93
C GLY E 60 38.66 -28.93 31.78
N ILE E 61 39.91 -29.13 31.35
CA ILE E 61 40.31 -30.09 30.31
C ILE E 61 40.62 -31.52 30.83
N LEU E 62 40.71 -31.77 32.14
CA LEU E 62 41.40 -32.94 32.70
C LEU E 62 40.50 -34.02 33.33
N THR E 63 40.80 -35.29 33.05
CA THR E 63 40.52 -36.41 33.96
C THR E 63 41.62 -36.42 35.02
N LEU E 64 41.30 -36.57 36.31
CA LEU E 64 42.31 -36.66 37.38
C LEU E 64 42.44 -38.09 37.95
N LYS E 65 43.69 -38.53 38.14
CA LYS E 65 44.10 -39.84 38.67
C LYS E 65 45.28 -39.67 39.64
N TYR E 66 45.61 -40.72 40.39
CA TYR E 66 46.47 -40.65 41.58
C TYR E 66 47.63 -41.65 41.52
N PRO E 67 48.82 -41.33 42.06
CA PRO E 67 49.92 -42.29 42.13
C PRO E 67 49.64 -43.41 43.14
N ILE E 68 49.00 -43.04 44.25
CA ILE E 68 48.84 -43.85 45.45
C ILE E 68 47.38 -43.81 45.90
N GLU E 69 46.84 -45.00 46.12
CA GLU E 69 45.48 -45.26 46.65
C GLU E 69 45.69 -46.27 47.76
N HIS E 70 45.21 -45.90 48.96
CA HIS E 70 45.35 -46.65 50.23
C HIS E 70 46.79 -47.10 50.61
N GLY E 71 47.79 -46.23 50.30
CA GLY E 71 49.15 -46.32 50.62
C GLY E 71 49.82 -47.23 49.70
N ILE E 72 49.12 -47.75 48.65
CA ILE E 72 49.53 -48.72 47.74
C ILE E 72 49.71 -47.95 46.45
N ILE E 73 50.90 -48.05 45.76
CA ILE E 73 51.11 -47.48 44.48
C ILE E 73 50.23 -48.24 43.53
N THR E 74 49.22 -47.57 42.84
CA THR E 74 48.27 -48.27 42.03
C THR E 74 48.40 -48.14 40.55
N ASN E 75 49.24 -47.19 40.13
CA ASN E 75 49.57 -46.89 38.76
C ASN E 75 50.99 -46.29 38.73
N TRP E 76 51.92 -47.08 38.20
CA TRP E 76 53.31 -46.73 38.09
C TRP E 76 53.43 -45.47 37.26
N ASP E 77 52.65 -45.32 36.18
CA ASP E 77 52.76 -44.22 35.22
C ASP E 77 52.47 -42.84 35.82
N ASP E 78 51.66 -42.76 36.88
CA ASP E 78 51.33 -41.51 37.58
C ASP E 78 52.31 -41.22 38.71
N MET E 79 52.80 -42.25 39.40
CA MET E 79 53.89 -42.12 40.38
C MET E 79 55.15 -41.53 39.72
N GLU E 80 55.48 -41.99 38.51
CA GLU E 80 56.41 -41.36 37.72
C GLU E 80 56.22 -39.85 37.37
N LYS E 81 55.00 -39.40 37.11
CA LYS E 81 54.72 -38.00 36.76
C LYS E 81 54.82 -37.10 37.98
N ILE E 82 54.40 -37.60 39.14
CA ILE E 82 54.65 -36.98 40.44
C ILE E 82 56.15 -36.83 40.69
N TRP E 83 56.95 -37.86 40.41
CA TRP E 83 58.38 -37.78 40.54
C TRP E 83 59.01 -36.86 39.61
N HIS E 84 58.57 -36.84 38.35
CA HIS E 84 59.09 -35.90 37.34
C HIS E 84 58.79 -34.45 37.72
N HIS E 85 57.57 -34.19 38.18
CA HIS E 85 57.16 -32.89 38.74
C HIS E 85 58.03 -32.49 39.94
N THR E 86 58.23 -33.43 40.87
CA THR E 86 59.00 -33.21 42.11
C THR E 86 60.42 -32.72 41.84
N PHE E 87 61.20 -33.38 40.97
CA PHE E 87 62.56 -32.99 40.77
C PHE E 87 62.59 -31.72 39.98
N TYR E 88 61.90 -31.68 38.79
CA TYR E 88 62.25 -30.68 37.74
C TYR E 88 61.45 -29.43 37.83
N ASN E 89 60.23 -29.43 38.40
CA ASN E 89 59.31 -28.31 38.54
C ASN E 89 59.36 -27.70 39.94
N GLU E 90 59.25 -28.52 40.97
CA GLU E 90 59.07 -28.08 42.30
C GLU E 90 60.28 -27.68 43.03
N LEU E 91 61.43 -28.37 42.87
CA LEU E 91 62.71 -28.19 43.58
C LEU E 91 63.75 -27.69 42.67
N ARG E 92 63.39 -27.79 41.37
CA ARG E 92 64.15 -27.40 40.22
C ARG E 92 65.58 -27.83 40.30
N VAL E 93 65.83 -29.19 40.54
CA VAL E 93 67.19 -29.73 40.67
C VAL E 93 67.28 -31.02 39.94
N ALA E 94 68.52 -31.43 39.54
CA ALA E 94 68.82 -32.71 38.94
C ALA E 94 68.81 -33.76 40.06
N PRO E 95 67.93 -34.77 40.08
CA PRO E 95 67.88 -35.90 41.00
C PRO E 95 69.10 -36.75 40.92
N GLU E 96 69.79 -36.83 39.77
CA GLU E 96 70.96 -37.59 39.51
C GLU E 96 72.17 -37.12 40.33
N GLU E 97 72.08 -35.90 40.99
CA GLU E 97 73.08 -35.33 41.91
C GLU E 97 72.79 -35.64 43.32
N HIS E 98 71.54 -36.11 43.67
CA HIS E 98 70.96 -36.14 45.02
C HIS E 98 70.47 -37.51 45.33
N PRO E 99 71.08 -38.16 46.29
CA PRO E 99 70.55 -39.38 46.87
C PRO E 99 69.11 -39.25 47.25
N THR E 100 68.42 -40.36 47.28
CA THR E 100 66.96 -40.26 47.50
C THR E 100 66.57 -41.09 48.63
N LEU E 101 66.00 -40.54 49.74
CA LEU E 101 65.28 -41.36 50.70
C LEU E 101 63.79 -41.32 50.30
N LEU E 102 63.24 -42.57 50.02
CA LEU E 102 61.90 -42.83 49.70
C LEU E 102 61.35 -43.36 51.03
N THR E 103 60.06 -43.04 51.30
CA THR E 103 59.37 -43.63 52.42
C THR E 103 58.50 -44.71 51.87
N GLU E 104 58.22 -45.80 52.68
CA GLU E 104 57.36 -46.86 52.25
C GLU E 104 56.41 -47.05 53.40
N ALA E 105 55.22 -47.56 53.10
CA ALA E 105 54.20 -47.97 53.96
C ALA E 105 54.65 -49.21 54.71
N PRO E 106 54.34 -49.43 56.01
CA PRO E 106 54.67 -50.68 56.74
C PRO E 106 54.06 -51.87 56.11
N LEU E 107 54.87 -52.90 55.64
CA LEU E 107 54.50 -54.09 54.91
C LEU E 107 54.08 -53.74 53.50
N ASN E 108 54.78 -52.80 52.73
CA ASN E 108 54.48 -52.50 51.32
C ASN E 108 54.81 -53.71 50.46
N PRO E 109 54.09 -53.96 49.36
CA PRO E 109 54.34 -55.15 48.56
C PRO E 109 55.78 -55.11 47.97
N LYS E 110 56.44 -56.27 48.01
CA LYS E 110 57.80 -56.48 47.53
C LYS E 110 57.93 -56.24 46.03
N ALA E 111 56.86 -56.70 45.28
CA ALA E 111 56.93 -56.37 43.85
C ALA E 111 56.96 -54.85 43.54
N ASN E 112 56.24 -54.08 44.39
CA ASN E 112 56.24 -52.61 44.50
C ASN E 112 57.47 -51.99 44.97
N ARG E 113 58.22 -52.58 46.00
CA ARG E 113 59.49 -52.11 46.53
C ARG E 113 60.51 -52.07 45.40
N GLU E 114 60.54 -53.19 44.61
CA GLU E 114 61.31 -53.36 43.42
C GLU E 114 60.96 -52.48 42.23
N LYS E 115 59.69 -52.24 41.90
CA LYS E 115 59.39 -51.42 40.75
C LYS E 115 59.76 -50.07 41.08
N MET E 116 59.54 -49.58 42.33
CA MET E 116 60.13 -48.32 42.83
C MET E 116 61.62 -48.26 42.74
N THR E 117 62.35 -49.35 43.08
CA THR E 117 63.86 -49.31 42.97
C THR E 117 64.32 -49.10 41.59
N GLN E 118 63.79 -49.91 40.69
CA GLN E 118 64.04 -49.88 39.30
C GLN E 118 63.76 -48.58 38.52
N ILE E 119 62.57 -48.02 38.74
CA ILE E 119 62.13 -46.73 38.19
C ILE E 119 62.97 -45.60 38.67
N MET E 120 63.36 -45.55 39.97
CA MET E 120 64.27 -44.53 40.38
C MET E 120 65.62 -44.55 39.74
N PHE E 121 66.25 -45.71 39.54
CA PHE E 121 67.61 -45.91 39.04
C PHE E 121 67.71 -45.78 37.55
N GLU E 122 66.67 -46.31 36.82
CA GLU E 122 66.86 -46.38 35.37
C GLU E 122 66.49 -45.14 34.68
N THR E 123 65.42 -44.53 35.04
CA THR E 123 64.94 -43.33 34.40
C THR E 123 65.55 -42.03 34.98
N PHE E 124 65.51 -41.80 36.32
CA PHE E 124 65.99 -40.67 37.01
C PHE E 124 67.53 -40.68 37.22
N ASN E 125 68.15 -41.91 37.10
CA ASN E 125 69.52 -42.16 37.30
C ASN E 125 70.09 -41.75 38.63
N VAL E 126 69.39 -42.07 39.75
CA VAL E 126 69.72 -41.64 41.04
C VAL E 126 71.10 -42.16 41.42
N PRO E 127 71.92 -41.54 42.20
CA PRO E 127 73.19 -42.14 42.53
C PRO E 127 72.98 -43.22 43.48
N ALA E 128 72.04 -42.91 44.40
CA ALA E 128 71.88 -43.77 45.47
C ALA E 128 70.54 -43.55 45.97
N MET E 129 70.00 -44.59 46.64
CA MET E 129 68.71 -44.49 47.29
C MET E 129 68.67 -45.46 48.48
N TYR E 130 67.67 -45.23 49.39
CA TYR E 130 67.35 -46.11 50.46
C TYR E 130 65.88 -45.93 50.55
N VAL E 131 65.18 -47.04 51.05
CA VAL E 131 63.75 -47.00 51.31
C VAL E 131 63.64 -47.29 52.80
N ALA E 132 62.94 -46.36 53.52
CA ALA E 132 62.76 -46.53 54.94
C ALA E 132 61.26 -46.51 55.24
N ILE E 133 60.88 -47.31 56.28
CA ILE E 133 59.48 -47.38 56.61
C ILE E 133 58.90 -46.08 57.25
N GLN E 134 57.81 -45.51 56.78
CA GLN E 134 57.30 -44.25 57.23
C GLN E 134 57.13 -44.10 58.82
N ALA E 135 56.62 -45.13 59.57
CA ALA E 135 56.41 -45.20 60.97
C ALA E 135 57.67 -45.20 61.74
N VAL E 136 58.66 -45.89 61.14
CA VAL E 136 59.92 -46.01 61.76
C VAL E 136 60.58 -44.59 61.87
N LEU E 137 60.45 -43.89 60.76
CA LEU E 137 60.80 -42.46 60.71
C LEU E 137 59.99 -41.55 61.63
N SER E 138 58.72 -41.75 61.75
CA SER E 138 57.91 -40.87 62.57
C SER E 138 58.38 -40.91 64.06
N LEU E 139 58.81 -42.15 64.58
CA LEU E 139 59.39 -42.36 65.86
C LEU E 139 60.74 -41.62 65.98
N TYR E 140 61.64 -41.69 64.95
CA TYR E 140 62.90 -40.96 65.01
C TYR E 140 62.70 -39.47 65.14
N ALA E 141 61.69 -38.90 64.48
CA ALA E 141 61.21 -37.54 64.67
C ALA E 141 60.78 -37.16 66.04
N SER E 142 60.27 -38.16 66.86
CA SER E 142 59.89 -37.85 68.20
C SER E 142 61.04 -38.01 69.20
N GLY E 143 62.22 -38.35 68.72
CA GLY E 143 63.41 -38.55 69.55
C GLY E 143 63.54 -39.79 70.34
N ARG E 144 62.93 -40.95 69.83
CA ARG E 144 63.05 -42.14 70.52
C ARG E 144 63.41 -43.19 69.50
N THR E 145 63.87 -44.33 70.07
CA THR E 145 64.08 -45.58 69.40
C THR E 145 63.18 -46.63 70.03
N THR E 146 62.16 -46.30 70.93
CA THR E 146 61.18 -47.25 71.51
C THR E 146 59.80 -46.58 71.68
N GLY E 147 58.79 -47.23 71.10
CA GLY E 147 57.47 -46.82 71.24
C GLY E 147 56.66 -47.41 70.19
N ILE E 148 55.35 -47.06 70.07
CA ILE E 148 54.49 -47.54 68.97
C ILE E 148 54.18 -46.39 68.11
N VAL E 149 54.23 -46.48 66.79
CA VAL E 149 53.71 -45.44 65.93
C VAL E 149 52.44 -46.02 65.25
N LEU E 150 51.34 -45.28 65.52
CA LEU E 150 50.09 -45.23 64.88
C LEU E 150 50.26 -44.09 63.85
N ASP E 151 50.60 -44.46 62.58
CA ASP E 151 50.75 -43.58 61.44
C ASP E 151 49.45 -43.72 60.75
N SER E 152 48.65 -42.62 60.65
CA SER E 152 47.34 -42.75 60.05
C SER E 152 47.47 -41.65 58.99
N GLY E 153 47.60 -42.14 57.76
CA GLY E 153 47.82 -41.47 56.52
C GLY E 153 46.70 -40.70 55.99
N ASP E 154 46.73 -40.44 54.69
CA ASP E 154 45.70 -39.84 53.91
C ASP E 154 45.11 -40.95 53.12
N GLY E 155 44.96 -42.16 53.79
CA GLY E 155 44.67 -43.43 53.08
C GLY E 155 44.90 -44.83 53.80
N VAL E 156 45.84 -44.87 54.77
CA VAL E 156 46.12 -46.10 55.49
C VAL E 156 46.56 -45.81 56.84
N THR E 157 46.07 -46.60 57.84
CA THR E 157 46.57 -46.48 59.24
C THR E 157 47.35 -47.77 59.57
N HIS E 158 48.57 -47.68 60.09
CA HIS E 158 49.38 -48.76 60.47
C HIS E 158 49.80 -48.61 61.90
N ASN E 159 49.79 -49.71 62.72
CA ASN E 159 50.43 -49.70 64.02
C ASN E 159 51.64 -50.56 64.02
N VAL E 160 52.80 -49.95 64.24
CA VAL E 160 54.11 -50.50 64.16
C VAL E 160 54.72 -50.33 65.49
N PRO E 161 54.89 -51.34 66.31
CA PRO E 161 55.65 -51.32 67.58
C PRO E 161 57.08 -51.44 67.29
N ILE E 162 57.89 -50.52 67.89
CA ILE E 162 59.31 -50.50 67.57
C ILE E 162 59.97 -50.53 68.83
N TYR E 163 61.03 -51.45 68.85
CA TYR E 163 61.90 -51.66 69.99
C TYR E 163 63.30 -51.56 69.55
N GLU E 164 64.21 -50.72 70.10
CA GLU E 164 65.62 -50.62 69.78
C GLU E 164 65.87 -50.16 68.41
N GLY E 165 64.81 -49.47 67.85
CA GLY E 165 64.77 -48.92 66.52
C GLY E 165 64.43 -49.93 65.49
N TYR E 166 64.07 -51.21 65.94
CA TYR E 166 63.71 -52.38 65.11
C TYR E 166 62.20 -52.51 65.13
N ALA E 167 61.54 -52.47 63.89
CA ALA E 167 60.15 -52.78 63.71
C ALA E 167 59.95 -54.26 63.94
N LEU E 168 58.81 -54.70 64.64
CA LEU E 168 58.54 -56.06 64.95
C LEU E 168 57.50 -56.56 64.05
N PRO E 169 57.89 -57.44 63.16
CA PRO E 169 57.07 -57.73 62.02
C PRO E 169 55.73 -58.44 62.34
N HIS E 170 55.72 -59.31 63.40
CA HIS E 170 54.63 -60.14 63.87
C HIS E 170 53.55 -59.30 64.45
N ALA E 171 53.82 -58.05 64.92
CA ALA E 171 52.91 -57.21 65.59
C ALA E 171 52.46 -55.97 64.80
N ILE E 172 52.89 -55.82 63.51
CA ILE E 172 52.50 -54.80 62.53
C ILE E 172 51.01 -55.03 62.13
N MET E 173 50.17 -54.01 62.36
CA MET E 173 48.75 -54.05 62.02
C MET E 173 48.58 -53.05 60.98
N ARG E 174 47.94 -53.42 59.86
CA ARG E 174 47.71 -52.48 58.77
C ARG E 174 46.26 -52.43 58.74
N LEU E 175 45.66 -51.23 58.59
CA LEU E 175 44.25 -51.02 58.54
C LEU E 175 44.01 -50.05 57.46
N ASP E 176 43.30 -50.45 56.42
CA ASP E 176 42.97 -49.61 55.33
C ASP E 176 41.70 -48.86 55.68
N LEU E 177 41.83 -47.56 56.17
CA LEU E 177 40.81 -46.63 56.54
C LEU E 177 41.52 -45.49 57.15
N ALA E 178 41.39 -44.40 56.51
CA ALA E 178 42.00 -43.18 56.90
C ALA E 178 41.52 -42.20 55.83
N GLY E 179 42.37 -41.19 55.58
CA GLY E 179 41.98 -39.94 54.94
C GLY E 179 41.34 -40.01 53.56
N ARG E 180 41.72 -40.98 52.71
CA ARG E 180 41.08 -41.17 51.38
C ARG E 180 39.64 -41.62 51.55
N ASP E 181 39.44 -42.65 52.38
CA ASP E 181 38.22 -43.29 52.64
C ASP E 181 37.30 -42.34 53.29
N LEU E 182 37.84 -41.54 54.20
CA LEU E 182 37.19 -40.58 55.04
C LEU E 182 36.47 -39.54 54.23
N THR E 183 37.06 -39.06 53.09
CA THR E 183 36.42 -38.16 52.18
C THR E 183 35.25 -38.78 51.51
N ASP E 184 35.42 -40.09 51.05
CA ASP E 184 34.34 -40.76 50.31
C ASP E 184 33.20 -41.00 51.24
N TYR E 185 33.45 -41.37 52.48
CA TYR E 185 32.47 -41.53 53.53
C TYR E 185 31.77 -40.26 53.91
N LEU E 186 32.52 -39.15 53.97
CA LEU E 186 31.95 -37.87 54.38
C LEU E 186 30.92 -37.45 53.38
N MET E 187 31.26 -37.64 52.10
CA MET E 187 30.46 -37.31 50.93
C MET E 187 29.17 -38.11 50.94
N LYS E 188 29.26 -39.42 51.31
CA LYS E 188 28.08 -40.20 51.41
C LYS E 188 27.02 -39.71 52.37
N ILE E 189 27.48 -39.39 53.59
CA ILE E 189 26.70 -38.97 54.74
C ILE E 189 26.12 -37.56 54.68
N LEU E 190 26.77 -36.62 53.88
CA LEU E 190 26.27 -35.37 53.42
C LEU E 190 25.17 -35.56 52.45
N THR E 191 25.14 -36.54 51.51
CA THR E 191 24.07 -36.82 50.53
C THR E 191 22.86 -37.20 51.33
N GLU E 192 23.11 -38.01 52.39
CA GLU E 192 22.08 -38.40 53.31
C GLU E 192 21.40 -37.34 54.03
N ARG E 193 22.11 -36.23 54.34
CA ARG E 193 21.53 -35.02 54.93
C ARG E 193 20.77 -34.20 53.90
N GLY E 194 21.06 -34.42 52.63
CA GLY E 194 20.38 -33.76 51.58
C GLY E 194 21.24 -32.73 50.97
N TYR E 195 22.57 -32.73 51.22
CA TYR E 195 23.55 -31.96 50.52
C TYR E 195 24.24 -32.90 49.62
N SER E 196 23.53 -33.34 48.47
CA SER E 196 24.06 -34.31 47.55
C SER E 196 25.21 -33.69 46.78
N PHE E 197 26.27 -34.49 46.63
CA PHE E 197 27.46 -34.23 45.81
C PHE E 197 27.78 -35.46 44.94
N VAL E 198 28.29 -35.25 43.72
CA VAL E 198 28.53 -36.30 42.71
C VAL E 198 29.82 -36.07 41.90
N THR E 199 30.15 -34.81 41.59
CA THR E 199 31.31 -34.43 40.76
C THR E 199 32.62 -34.48 41.59
N THR E 200 33.76 -34.87 41.02
CA THR E 200 35.02 -34.98 41.80
C THR E 200 35.56 -33.61 42.22
N ALA E 201 35.24 -32.53 41.47
CA ALA E 201 35.45 -31.16 41.91
C ALA E 201 34.71 -30.82 43.24
N GLU E 202 33.55 -31.42 43.51
CA GLU E 202 32.86 -31.30 44.81
C GLU E 202 33.58 -32.13 45.88
N ARG E 203 33.95 -33.38 45.57
CA ARG E 203 34.68 -34.30 46.47
C ARG E 203 35.95 -33.68 47.05
N GLU E 204 36.73 -32.93 46.26
CA GLU E 204 37.91 -32.22 46.76
C GLU E 204 37.60 -31.03 47.70
N ILE E 205 36.41 -30.42 47.62
CA ILE E 205 35.97 -29.41 48.59
C ILE E 205 35.53 -30.10 49.89
N VAL E 206 34.86 -31.26 49.79
CA VAL E 206 34.50 -32.18 50.85
C VAL E 206 35.72 -32.70 51.59
N ARG E 207 36.84 -32.90 50.84
CA ARG E 207 38.09 -33.17 51.41
C ARG E 207 38.68 -32.12 52.29
N ASP E 208 38.57 -30.82 51.76
CA ASP E 208 39.06 -29.65 52.45
C ASP E 208 38.30 -29.42 53.72
N ILE E 209 36.95 -29.60 53.64
CA ILE E 209 35.99 -29.55 54.76
C ILE E 209 36.25 -30.43 55.87
N LYS E 210 36.58 -31.66 55.46
CA LYS E 210 36.97 -32.69 56.38
C LYS E 210 38.18 -32.34 57.24
N GLU E 211 39.26 -31.82 56.62
CA GLU E 211 40.50 -31.39 57.20
C GLU E 211 40.28 -30.23 58.09
N LYS E 212 39.36 -29.23 57.75
CA LYS E 212 39.12 -28.06 58.55
C LYS E 212 38.19 -28.21 59.70
N LEU E 213 37.10 -28.99 59.54
CA LEU E 213 35.96 -28.97 60.41
C LEU E 213 35.83 -30.21 61.19
N CYS E 214 36.37 -31.44 60.79
CA CYS E 214 36.29 -32.58 61.60
C CYS E 214 37.05 -32.50 62.89
N TYR E 215 36.56 -33.12 63.97
CA TYR E 215 37.13 -33.08 65.21
C TYR E 215 36.85 -34.39 65.76
N VAL E 216 37.79 -34.93 66.68
CA VAL E 216 37.59 -36.20 67.31
C VAL E 216 36.80 -35.86 68.63
N ALA E 217 35.59 -36.44 68.82
CA ALA E 217 34.86 -36.37 70.06
C ALA E 217 35.56 -37.17 71.05
N LEU E 218 35.47 -36.68 72.34
CA LEU E 218 35.95 -37.39 73.52
C LEU E 218 34.97 -38.47 73.97
N ASP E 219 33.62 -38.12 73.82
CA ASP E 219 32.59 -39.14 74.01
C ASP E 219 31.54 -39.13 72.96
N PHE E 220 31.49 -40.21 72.13
CA PHE E 220 30.70 -40.36 70.90
C PHE E 220 29.19 -40.33 71.17
N GLU E 221 28.69 -41.02 72.18
CA GLU E 221 27.30 -40.98 72.50
C GLU E 221 26.89 -39.61 72.99
N ASN E 222 27.71 -38.93 73.91
CA ASN E 222 27.40 -37.63 74.48
C ASN E 222 27.39 -36.50 73.56
N GLU E 223 28.35 -36.49 72.58
CA GLU E 223 28.32 -35.54 71.47
C GLU E 223 27.21 -35.80 70.50
N MET E 224 26.95 -37.05 70.16
CA MET E 224 25.79 -37.40 69.34
C MET E 224 24.50 -36.92 69.92
N ALA E 225 24.37 -37.09 71.28
CA ALA E 225 23.18 -36.59 71.97
C ALA E 225 23.02 -35.12 71.95
N THR E 226 24.18 -34.40 72.08
CA THR E 226 24.21 -33.01 72.06
C THR E 226 23.73 -32.50 70.74
N ALA E 227 24.22 -33.04 69.61
CA ALA E 227 23.71 -32.66 68.33
C ALA E 227 22.21 -32.98 68.07
N ALA E 228 21.68 -34.05 68.69
CA ALA E 228 20.26 -34.41 68.59
C ALA E 228 19.32 -33.50 69.38
N SER E 229 19.83 -32.82 70.44
CA SER E 229 19.17 -32.07 71.51
C SER E 229 19.41 -30.61 71.20
N SER E 230 20.35 -30.22 70.33
CA SER E 230 20.60 -28.84 70.17
C SER E 230 21.40 -28.86 68.87
N SER E 231 21.30 -27.76 68.08
CA SER E 231 22.09 -27.45 66.96
C SER E 231 23.34 -26.66 67.24
N SER E 232 24.08 -26.94 68.30
CA SER E 232 25.31 -26.32 68.61
C SER E 232 26.60 -27.06 68.21
N LEU E 233 26.44 -28.21 67.54
CA LEU E 233 27.41 -29.10 67.00
C LEU E 233 27.44 -29.07 65.50
N GLU E 234 27.30 -27.85 64.91
CA GLU E 234 27.17 -27.60 63.49
C GLU E 234 28.03 -26.39 63.15
N LYS E 235 28.77 -26.42 62.05
CA LYS E 235 29.56 -25.22 61.70
C LYS E 235 29.27 -24.99 60.28
N SER E 236 29.14 -23.71 59.93
CA SER E 236 28.78 -23.30 58.54
C SER E 236 30.03 -23.33 57.70
N TYR E 237 29.83 -23.64 56.38
CA TYR E 237 30.89 -23.44 55.42
C TYR E 237 30.31 -22.83 54.14
N GLU E 238 30.98 -21.75 53.66
CA GLU E 238 30.51 -21.08 52.49
C GLU E 238 31.27 -21.72 51.33
N LEU E 239 30.60 -22.42 50.41
CA LEU E 239 31.23 -23.02 49.25
C LEU E 239 31.87 -21.96 48.34
N PRO E 240 32.88 -22.32 47.51
CA PRO E 240 33.61 -21.35 46.70
C PRO E 240 32.78 -20.66 45.60
N ASP E 241 31.53 -21.07 45.36
CA ASP E 241 30.59 -20.44 44.42
C ASP E 241 29.31 -19.87 45.07
N GLY E 242 29.44 -19.32 46.29
CA GLY E 242 28.47 -18.81 47.12
C GLY E 242 27.84 -20.04 47.74
N GLN E 243 26.64 -19.83 48.39
CA GLN E 243 25.78 -20.87 48.94
C GLN E 243 26.36 -21.38 50.22
N VAL E 244 25.70 -21.04 51.34
CA VAL E 244 26.16 -21.38 52.63
C VAL E 244 25.58 -22.69 52.96
N ILE E 245 26.47 -23.75 53.21
CA ILE E 245 26.01 -25.05 53.68
C ILE E 245 26.35 -25.16 55.14
N THR E 246 25.59 -26.05 55.79
CA THR E 246 25.71 -26.27 57.24
C THR E 246 26.19 -27.63 57.44
N ILE E 247 27.38 -27.83 58.08
CA ILE E 247 27.86 -29.23 58.31
C ILE E 247 27.56 -29.60 59.77
N GLY E 248 26.75 -30.66 59.99
CA GLY E 248 26.23 -31.11 61.29
C GLY E 248 27.16 -32.15 61.90
N ASN E 249 26.60 -33.27 62.45
CA ASN E 249 27.11 -34.29 63.29
C ASN E 249 28.13 -35.10 62.52
N GLU E 250 28.17 -34.93 61.17
CA GLU E 250 29.03 -35.51 60.17
C GLU E 250 30.43 -35.21 60.51
N ARG E 251 30.65 -34.09 61.24
CA ARG E 251 31.97 -33.70 61.72
C ARG E 251 32.73 -34.67 62.54
N PHE E 252 32.00 -35.44 63.39
CA PHE E 252 32.57 -36.36 64.34
C PHE E 252 32.22 -37.80 63.96
N ARG E 253 31.10 -37.95 63.20
CA ARG E 253 30.73 -39.20 62.65
C ARG E 253 31.73 -39.74 61.65
N CYS E 254 32.29 -38.84 60.76
CA CYS E 254 33.21 -39.17 59.70
C CYS E 254 34.39 -39.86 60.26
N PRO E 255 35.11 -39.34 61.17
CA PRO E 255 36.24 -40.00 61.77
C PRO E 255 35.81 -41.08 62.73
N GLU E 256 34.51 -41.19 63.17
CA GLU E 256 34.07 -42.19 64.09
C GLU E 256 34.30 -43.59 63.55
N THR E 257 34.34 -43.76 62.21
CA THR E 257 34.51 -45.02 61.49
C THR E 257 35.87 -45.70 61.85
N LEU E 258 36.87 -44.92 62.26
CA LEU E 258 38.22 -45.32 62.71
C LEU E 258 38.12 -46.11 63.99
N PHE E 259 37.16 -45.85 64.88
CA PHE E 259 36.97 -46.56 66.10
C PHE E 259 35.99 -47.75 65.88
N GLN E 260 35.05 -47.55 64.92
CA GLN E 260 34.03 -48.62 64.67
C GLN E 260 33.95 -48.90 63.16
N PRO E 261 34.82 -49.76 62.57
CA PRO E 261 34.86 -50.16 61.19
C PRO E 261 33.57 -50.80 60.62
N SER E 262 32.72 -51.38 61.44
CA SER E 262 31.46 -51.83 61.01
C SER E 262 30.46 -50.94 60.33
N PHE E 263 30.61 -49.57 60.63
CA PHE E 263 29.81 -48.48 60.08
C PHE E 263 29.95 -48.45 58.54
N ILE E 264 31.09 -48.95 57.99
CA ILE E 264 31.31 -49.03 56.56
C ILE E 264 31.35 -50.47 56.06
N GLY E 265 30.94 -51.46 56.89
CA GLY E 265 30.79 -52.83 56.53
C GLY E 265 32.14 -53.48 56.45
N MET E 266 32.88 -53.55 57.54
CA MET E 266 34.19 -54.22 57.66
C MET E 266 34.06 -55.13 58.77
N GLU E 267 34.93 -56.20 58.80
CA GLU E 267 35.25 -57.19 59.76
C GLU E 267 36.49 -56.81 60.59
N SER E 268 37.13 -55.63 60.30
CA SER E 268 38.18 -55.04 61.00
C SER E 268 37.92 -54.48 62.36
N ALA E 269 38.93 -54.41 63.19
CA ALA E 269 38.81 -53.83 64.49
C ALA E 269 39.36 -52.45 64.48
N GLY E 270 38.91 -51.62 65.46
CA GLY E 270 39.30 -50.25 65.56
C GLY E 270 40.69 -49.90 65.86
N ILE E 271 41.10 -48.60 65.56
CA ILE E 271 42.51 -48.16 65.68
C ILE E 271 43.13 -48.34 67.05
N HIS E 272 42.21 -48.04 68.06
CA HIS E 272 42.54 -48.21 69.45
C HIS E 272 42.78 -49.68 69.75
N GLU E 273 41.90 -50.58 69.23
CA GLU E 273 41.91 -51.98 69.49
C GLU E 273 43.16 -52.64 68.93
N THR E 274 43.51 -52.17 67.72
CA THR E 274 44.70 -52.59 67.00
C THR E 274 45.99 -52.17 67.62
N THR E 275 45.97 -50.93 68.22
CA THR E 275 47.08 -50.51 69.06
C THR E 275 47.21 -51.41 70.29
N TYR E 276 46.11 -51.72 71.06
CA TYR E 276 46.17 -52.55 72.17
C TYR E 276 46.74 -53.97 71.77
N ASN E 277 46.12 -54.52 70.70
CA ASN E 277 46.46 -55.84 70.21
C ASN E 277 47.91 -55.88 69.84
N SER E 278 48.46 -54.82 69.22
CA SER E 278 49.85 -54.71 68.76
C SER E 278 50.82 -54.96 69.96
N ILE E 279 50.51 -54.22 71.04
CA ILE E 279 51.25 -54.29 72.31
C ILE E 279 51.16 -55.68 72.95
N MET E 280 50.04 -56.35 72.87
CA MET E 280 49.81 -57.70 73.40
C MET E 280 50.49 -58.84 72.59
N LYS E 281 50.72 -58.54 71.27
CA LYS E 281 51.52 -59.51 70.47
C LYS E 281 52.97 -59.30 70.72
N CYS E 282 53.34 -58.15 71.30
CA CYS E 282 54.78 -57.83 71.58
C CYS E 282 55.26 -58.50 72.86
N ASP E 283 56.59 -58.58 73.11
CA ASP E 283 57.23 -59.19 74.28
C ASP E 283 56.69 -58.53 75.53
N ILE E 284 56.56 -59.30 76.63
CA ILE E 284 55.92 -58.82 77.86
C ILE E 284 56.58 -57.60 78.47
N ASP E 285 57.89 -57.57 78.47
CA ASP E 285 58.79 -56.59 79.05
C ASP E 285 58.77 -55.17 78.50
N ILE E 286 58.44 -55.06 77.22
CA ILE E 286 58.49 -53.81 76.52
C ILE E 286 57.13 -53.15 76.50
N ARG E 287 56.03 -53.82 76.85
CA ARG E 287 54.68 -53.34 76.67
C ARG E 287 54.41 -52.04 77.40
N LYS E 288 55.07 -51.81 78.61
CA LYS E 288 55.11 -50.61 79.44
C LYS E 288 55.64 -49.45 78.59
N ASP E 289 56.76 -49.68 77.81
CA ASP E 289 57.29 -48.62 77.04
C ASP E 289 56.47 -48.27 75.86
N LEU E 290 55.84 -49.24 75.25
CA LEU E 290 54.95 -48.99 74.15
C LEU E 290 53.70 -48.24 74.57
N TYR E 291 53.04 -48.58 75.65
CA TYR E 291 51.87 -47.81 76.03
C TYR E 291 52.09 -46.36 76.37
N ALA E 292 53.29 -46.22 76.99
CA ALA E 292 53.76 -44.96 77.50
C ALA E 292 54.28 -44.06 76.40
N ASN E 293 54.51 -44.67 75.24
CA ASN E 293 54.97 -43.99 74.12
C ASN E 293 54.16 -44.39 72.89
N ASN E 294 52.87 -44.02 72.96
CA ASN E 294 51.90 -44.15 71.87
C ASN E 294 52.09 -42.88 71.15
N VAL E 295 52.86 -42.97 70.06
CA VAL E 295 53.28 -41.77 69.31
C VAL E 295 52.32 -41.64 68.14
N LEU E 296 51.64 -40.47 67.96
CA LEU E 296 50.72 -40.15 66.84
C LEU E 296 51.43 -39.51 65.68
N SER E 297 51.15 -40.03 64.51
CA SER E 297 51.58 -39.59 63.21
C SER E 297 50.61 -39.56 62.09
N GLY E 298 50.85 -38.64 61.11
CA GLY E 298 50.17 -38.54 59.87
C GLY E 298 49.09 -37.57 59.90
N GLY E 299 48.49 -37.36 58.66
CA GLY E 299 47.52 -36.34 58.40
C GLY E 299 46.24 -36.52 59.07
N THR E 300 45.83 -37.77 59.25
CA THR E 300 44.46 -38.10 59.88
C THR E 300 44.48 -37.81 61.37
N THR E 301 45.64 -37.82 61.98
CA THR E 301 45.74 -37.51 63.45
C THR E 301 45.69 -35.98 63.82
N MET E 302 45.53 -35.09 62.83
CA MET E 302 45.57 -33.69 63.07
C MET E 302 44.22 -33.10 63.36
N TYR E 303 43.11 -33.89 63.49
CA TYR E 303 41.87 -33.51 64.01
C TYR E 303 41.96 -33.15 65.48
N PRO E 304 41.54 -31.96 65.99
CA PRO E 304 41.66 -31.57 67.43
C PRO E 304 40.98 -32.51 68.40
N GLY E 305 41.55 -32.56 69.59
CA GLY E 305 40.92 -33.26 70.63
C GLY E 305 41.16 -34.73 70.56
N ILE E 306 42.12 -35.23 69.66
CA ILE E 306 42.41 -36.67 69.48
C ILE E 306 43.02 -37.32 70.64
N ALA E 307 43.88 -36.67 71.37
CA ALA E 307 44.61 -37.21 72.43
C ALA E 307 43.89 -37.66 73.65
N ASP E 308 42.88 -36.85 74.04
CA ASP E 308 42.04 -37.14 75.20
C ASP E 308 41.23 -38.38 74.85
N ARG E 309 40.70 -38.53 73.62
CA ARG E 309 39.95 -39.73 73.12
C ARG E 309 40.77 -41.01 73.11
N MET E 310 41.99 -40.95 72.51
CA MET E 310 42.98 -41.97 72.45
C MET E 310 43.50 -42.39 73.80
N GLN E 311 43.68 -41.38 74.71
CA GLN E 311 44.09 -41.64 76.14
C GLN E 311 43.07 -42.49 76.86
N LYS E 312 41.84 -42.16 76.70
CA LYS E 312 40.71 -42.85 77.22
C LYS E 312 40.61 -44.25 76.83
N GLU E 313 40.64 -44.39 75.48
CA GLU E 313 40.33 -45.66 74.85
C GLU E 313 41.36 -46.69 75.22
N ILE E 314 42.68 -46.32 75.16
CA ILE E 314 43.80 -47.15 75.43
C ILE E 314 43.98 -47.62 76.89
N THR E 315 43.66 -46.72 77.87
CA THR E 315 43.63 -46.99 79.32
C THR E 315 42.51 -47.95 79.58
N ALA E 316 41.37 -47.91 78.80
CA ALA E 316 40.19 -48.83 79.03
C ALA E 316 40.56 -50.23 78.58
N LEU E 317 41.36 -50.34 77.49
CA LEU E 317 41.74 -51.75 77.01
C LEU E 317 42.91 -52.31 77.80
N ALA E 318 43.89 -51.40 78.19
CA ALA E 318 45.15 -51.71 78.78
C ALA E 318 45.07 -51.70 80.26
N PRO E 319 45.78 -52.56 81.01
CA PRO E 319 45.89 -52.57 82.53
C PRO E 319 46.40 -51.24 83.04
N SER E 320 45.91 -50.86 84.22
CA SER E 320 46.16 -49.68 84.87
C SER E 320 47.52 -49.78 85.64
N THR E 321 48.23 -50.89 85.39
CA THR E 321 49.52 -51.24 86.01
C THR E 321 50.59 -50.86 85.00
N MET E 322 50.13 -50.53 83.78
CA MET E 322 51.01 -50.05 82.72
C MET E 322 50.64 -48.69 82.58
N LYS E 323 51.69 -47.80 82.45
CA LYS E 323 51.65 -46.41 82.31
C LYS E 323 51.16 -46.13 80.96
N ILE E 324 50.21 -45.15 80.84
CA ILE E 324 49.62 -44.81 79.55
C ILE E 324 49.81 -43.32 79.25
N LYS E 325 50.31 -42.92 78.07
CA LYS E 325 50.42 -41.48 77.77
C LYS E 325 50.51 -41.38 76.23
N ILE E 326 49.69 -40.44 75.63
CA ILE E 326 49.64 -40.11 74.14
C ILE E 326 50.74 -39.02 73.97
N ILE E 327 51.51 -39.23 72.92
CA ILE E 327 52.55 -38.31 72.50
C ILE E 327 52.15 -37.86 71.11
N ALA E 328 51.81 -36.55 71.03
CA ALA E 328 51.38 -35.96 69.84
C ALA E 328 52.36 -34.91 69.50
N PRO E 329 53.14 -35.08 68.43
CA PRO E 329 54.14 -34.10 67.92
C PRO E 329 53.51 -32.74 67.65
N PRO E 330 54.34 -31.60 67.63
CA PRO E 330 53.84 -30.31 67.40
C PRO E 330 53.32 -30.20 65.97
N GLU E 331 53.89 -30.99 64.99
CA GLU E 331 53.51 -30.86 63.56
C GLU E 331 53.56 -32.26 63.05
N ARG E 332 52.75 -33.20 63.66
CA ARG E 332 52.69 -34.64 63.49
C ARG E 332 52.42 -35.08 62.12
N LYS E 333 51.84 -34.20 61.31
CA LYS E 333 51.58 -34.43 59.86
C LYS E 333 52.81 -34.59 59.00
N TYR E 334 53.99 -34.08 59.46
CA TYR E 334 55.19 -34.03 58.73
C TYR E 334 56.16 -34.98 59.38
N SER E 335 55.75 -35.75 60.48
CA SER E 335 56.62 -36.58 61.21
C SER E 335 57.43 -37.58 60.39
N VAL E 336 56.78 -38.17 59.39
CA VAL E 336 57.42 -39.09 58.46
C VAL E 336 58.62 -38.47 57.76
N TRP E 337 58.35 -37.31 57.17
CA TRP E 337 59.29 -36.58 56.37
C TRP E 337 60.42 -36.09 57.21
N ILE E 338 60.06 -35.55 58.42
CA ILE E 338 61.03 -34.95 59.33
C ILE E 338 62.02 -35.95 59.75
N GLY E 339 61.54 -37.14 60.04
CA GLY E 339 62.30 -38.34 60.40
C GLY E 339 63.23 -38.87 59.30
N GLY E 340 62.78 -38.79 58.07
CA GLY E 340 63.61 -38.95 56.89
C GLY E 340 64.72 -38.05 56.77
N SER E 341 64.46 -36.75 57.09
CA SER E 341 65.53 -35.75 57.13
C SER E 341 66.61 -35.97 58.15
N ILE E 342 66.20 -36.33 59.38
CA ILE E 342 67.12 -36.54 60.51
C ILE E 342 67.95 -37.75 60.09
N LEU E 343 67.26 -38.89 59.74
CA LEU E 343 67.95 -40.11 59.30
C LEU E 343 68.91 -40.02 58.15
N ALA E 344 68.46 -39.32 57.07
CA ALA E 344 69.19 -39.13 55.83
C ALA E 344 70.34 -38.17 55.99
N SER E 345 70.26 -37.36 57.06
CA SER E 345 71.37 -36.40 57.37
C SER E 345 72.41 -36.96 58.28
N LEU E 346 72.17 -38.20 58.77
CA LEU E 346 73.08 -38.98 59.66
C LEU E 346 74.19 -39.50 58.83
N SER E 347 75.47 -39.38 59.38
CA SER E 347 76.72 -39.88 58.82
C SER E 347 76.73 -41.42 58.78
N THR E 348 76.05 -42.05 59.75
CA THR E 348 75.91 -43.48 59.78
C THR E 348 75.03 -44.11 58.72
N PHE E 349 74.10 -43.26 58.18
CA PHE E 349 73.24 -43.70 57.16
C PHE E 349 73.90 -43.71 55.81
N GLN E 350 75.04 -43.08 55.66
CA GLN E 350 75.72 -42.92 54.43
C GLN E 350 76.29 -44.22 53.95
N GLN E 351 76.50 -45.21 54.93
CA GLN E 351 77.04 -46.49 54.59
C GLN E 351 75.91 -47.50 54.22
N MET E 352 74.66 -47.09 54.48
CA MET E 352 73.45 -47.79 54.34
C MET E 352 72.87 -47.62 53.00
N TRP E 353 73.29 -46.57 52.27
CA TRP E 353 72.89 -46.28 50.84
C TRP E 353 73.14 -47.45 49.89
N ILE E 354 72.05 -47.78 49.09
CA ILE E 354 72.12 -48.72 47.99
C ILE E 354 72.64 -47.84 46.89
N SER E 355 73.87 -48.17 46.47
CA SER E 355 74.59 -47.60 45.31
C SER E 355 74.09 -48.23 44.14
N LYS E 356 74.33 -47.49 43.02
CA LYS E 356 74.06 -47.87 41.65
C LYS E 356 74.79 -49.12 41.26
N GLN E 357 75.99 -49.30 41.81
CA GLN E 357 76.77 -50.47 41.63
C GLN E 357 76.07 -51.72 42.17
N GLU E 358 75.59 -51.51 43.42
CA GLU E 358 74.81 -52.54 44.02
C GLU E 358 73.54 -52.80 43.22
N TYR E 359 72.93 -51.79 42.59
CA TYR E 359 71.80 -51.93 41.65
C TYR E 359 72.16 -52.78 40.45
N ASP E 360 73.33 -52.44 39.77
CA ASP E 360 73.77 -53.02 38.50
C ASP E 360 73.95 -54.51 38.66
N GLU E 361 74.43 -54.98 39.85
CA GLU E 361 74.74 -56.34 40.11
C GLU E 361 73.57 -57.29 40.37
N ALA E 362 72.56 -56.81 41.22
CA ALA E 362 71.48 -57.63 41.73
C ALA E 362 70.09 -57.29 41.20
N GLY E 363 69.93 -56.19 40.38
CA GLY E 363 68.70 -55.67 39.89
C GLY E 363 67.91 -55.07 41.08
N PRO E 364 66.60 -54.81 40.82
CA PRO E 364 65.75 -54.04 41.71
C PRO E 364 65.69 -54.70 43.11
N SER E 365 65.93 -56.02 43.24
CA SER E 365 65.76 -56.98 44.35
C SER E 365 66.69 -56.69 45.53
N ILE E 366 67.73 -55.89 45.26
CA ILE E 366 68.74 -55.44 46.19
C ILE E 366 68.13 -54.69 47.34
N VAL E 367 66.93 -54.03 47.10
CA VAL E 367 66.22 -53.35 48.11
C VAL E 367 65.94 -54.10 49.39
N HIS E 368 65.63 -55.40 49.26
CA HIS E 368 65.24 -56.41 50.30
C HIS E 368 66.41 -56.91 51.12
N ARG E 369 67.70 -56.65 50.72
CA ARG E 369 68.91 -57.14 51.45
C ARG E 369 69.41 -55.97 52.35
N LYS E 370 69.00 -54.72 52.00
CA LYS E 370 69.59 -53.48 52.57
C LYS E 370 68.50 -52.86 53.40
N CYS E 371 67.24 -53.01 52.97
CA CYS E 371 66.06 -52.47 53.63
C CYS E 371 65.17 -53.59 54.07
N PHE E 372 64.54 -53.45 55.27
CA PHE E 372 63.94 -54.62 55.89
C PHE E 372 62.53 -54.08 55.87
N GLU F 1 -52.66 37.85 4.54
CA GLU F 1 -51.32 37.87 3.92
C GLU F 1 -51.34 38.61 2.58
N THR F 2 -50.19 39.10 2.12
CA THR F 2 -50.07 39.93 0.90
C THR F 2 -50.36 39.14 -0.39
N THR F 3 -51.24 39.68 -1.24
CA THR F 3 -51.63 39.08 -2.48
C THR F 3 -50.50 39.31 -3.53
N ALA F 4 -49.95 38.22 -4.05
CA ALA F 4 -48.81 38.27 -4.95
C ALA F 4 -49.30 38.28 -6.41
N LEU F 5 -48.86 39.23 -7.22
CA LEU F 5 -49.07 39.16 -8.65
C LEU F 5 -48.09 38.15 -9.25
N VAL F 6 -48.63 37.14 -9.92
CA VAL F 6 -47.83 36.19 -10.69
C VAL F 6 -47.97 36.60 -12.15
N CYS F 7 -46.85 36.90 -12.80
CA CYS F 7 -46.87 37.40 -14.12
C CYS F 7 -45.99 36.48 -14.93
N ASP F 8 -46.56 35.63 -15.79
CA ASP F 8 -45.78 34.81 -16.72
C ASP F 8 -45.29 35.62 -17.93
N ASN F 9 -43.97 35.72 -18.10
CA ASN F 9 -43.29 36.36 -19.22
C ASN F 9 -43.33 35.50 -20.50
N GLY F 10 -44.52 35.09 -20.94
CA GLY F 10 -44.69 34.37 -22.21
C GLY F 10 -44.39 35.26 -23.42
N SER F 11 -43.95 34.65 -24.53
CA SER F 11 -43.32 35.42 -25.55
C SER F 11 -44.30 35.75 -26.65
N GLY F 12 -45.55 35.16 -26.59
CA GLY F 12 -46.50 35.54 -27.59
C GLY F 12 -47.88 35.81 -26.84
N LEU F 13 -47.96 35.51 -25.58
CA LEU F 13 -49.12 35.68 -24.71
C LEU F 13 -48.47 36.11 -23.39
N VAL F 14 -49.07 37.13 -22.73
CA VAL F 14 -48.82 37.42 -21.37
C VAL F 14 -49.82 36.58 -20.65
N LYS F 15 -49.52 35.96 -19.45
CA LYS F 15 -50.57 35.39 -18.63
C LYS F 15 -50.32 36.01 -17.31
N ALA F 16 -51.35 36.65 -16.69
CA ALA F 16 -51.22 37.40 -15.42
C ALA F 16 -52.39 37.25 -14.47
N GLY F 17 -52.07 37.35 -13.13
CA GLY F 17 -53.16 37.36 -12.18
C GLY F 17 -52.62 37.29 -10.84
N PHE F 18 -53.49 36.92 -9.89
CA PHE F 18 -53.23 36.91 -8.45
C PHE F 18 -52.96 35.49 -7.91
N ALA F 19 -51.94 35.32 -7.07
CA ALA F 19 -51.63 34.06 -6.41
C ALA F 19 -52.76 33.54 -5.50
N GLY F 20 -52.88 32.21 -5.40
CA GLY F 20 -53.93 31.52 -4.65
C GLY F 20 -55.18 31.17 -5.48
N ASP F 21 -55.36 31.79 -6.65
CA ASP F 21 -56.37 31.38 -7.64
C ASP F 21 -55.88 30.23 -8.54
N ASP F 22 -56.80 29.40 -9.02
CA ASP F 22 -56.52 28.18 -9.78
C ASP F 22 -56.19 28.40 -11.27
N ALA F 23 -56.34 29.63 -11.79
CA ALA F 23 -56.15 29.98 -13.20
C ALA F 23 -55.77 31.47 -13.38
N PRO F 24 -55.14 31.86 -14.51
CA PRO F 24 -54.79 33.31 -14.76
C PRO F 24 -56.02 34.14 -14.83
N ARG F 25 -56.02 35.40 -14.44
CA ARG F 25 -57.24 36.13 -14.62
C ARG F 25 -57.10 37.06 -15.86
N ALA F 26 -55.95 37.23 -16.55
CA ALA F 26 -55.81 38.02 -17.74
C ALA F 26 -54.93 37.22 -18.62
N VAL F 27 -55.29 37.06 -19.88
CA VAL F 27 -54.60 36.33 -20.85
C VAL F 27 -54.80 37.20 -22.01
N PHE F 28 -53.70 37.84 -22.50
CA PHE F 28 -53.70 38.75 -23.64
C PHE F 28 -52.39 38.61 -24.41
N PRO F 29 -52.34 38.94 -25.71
CA PRO F 29 -51.13 38.97 -26.49
C PRO F 29 -49.94 39.85 -26.10
N SER F 30 -48.72 39.32 -26.16
CA SER F 30 -47.52 40.14 -25.82
C SER F 30 -47.14 40.97 -27.05
N ILE F 31 -47.77 42.22 -27.19
CA ILE F 31 -47.68 43.02 -28.37
C ILE F 31 -47.75 44.47 -27.85
N VAL F 32 -46.82 45.31 -28.33
CA VAL F 32 -46.91 46.76 -28.11
C VAL F 32 -47.09 47.34 -29.55
N GLY F 33 -48.11 48.17 -29.84
CA GLY F 33 -48.31 48.79 -31.09
C GLY F 33 -47.91 50.16 -30.88
N ARG F 34 -47.13 50.76 -31.76
CA ARG F 34 -46.91 52.15 -31.88
C ARG F 34 -47.22 52.64 -33.31
N PRO F 35 -47.68 53.81 -33.61
CA PRO F 35 -48.12 54.32 -34.89
C PRO F 35 -47.16 54.20 -36.03
N ARG F 36 -47.59 53.72 -37.24
CA ARG F 36 -46.84 53.76 -38.41
C ARG F 36 -46.83 55.18 -38.93
N HIS F 37 -48.05 55.91 -38.78
CA HIS F 37 -48.34 57.32 -39.20
C HIS F 37 -49.05 57.97 -38.07
N GLN F 38 -48.89 59.24 -37.89
CA GLN F 38 -49.53 60.13 -36.99
C GLN F 38 -50.28 61.07 -37.91
N GLY F 39 -51.55 61.26 -37.54
CA GLY F 39 -52.53 62.05 -38.27
C GLY F 39 -53.70 61.19 -38.55
N VAL F 40 -53.59 59.87 -38.17
CA VAL F 40 -54.59 58.85 -38.50
C VAL F 40 -55.95 59.21 -37.84
N MET F 41 -55.84 59.67 -36.64
CA MET F 41 -57.01 59.97 -35.87
C MET F 41 -56.98 61.48 -35.86
N VAL F 42 -58.11 62.05 -36.35
CA VAL F 42 -58.38 63.48 -36.35
C VAL F 42 -59.79 63.53 -35.82
N GLY F 43 -60.04 64.43 -34.80
CA GLY F 43 -61.30 64.66 -34.08
C GLY F 43 -61.35 63.69 -32.91
N MET F 44 -60.50 62.69 -32.81
CA MET F 44 -60.35 61.84 -31.68
C MET F 44 -58.93 61.93 -31.16
N GLY F 45 -58.71 61.49 -29.90
CA GLY F 45 -57.40 61.61 -29.29
C GLY F 45 -56.52 60.59 -30.02
N GLN F 46 -55.23 60.82 -30.14
CA GLN F 46 -54.25 59.80 -30.60
C GLN F 46 -53.51 59.39 -29.30
N LYS F 47 -53.05 58.10 -29.20
CA LYS F 47 -52.02 57.73 -28.20
C LYS F 47 -51.00 57.17 -29.18
N ASP F 48 -49.73 57.02 -28.62
CA ASP F 48 -48.63 56.41 -29.38
C ASP F 48 -48.23 54.99 -29.00
N SER F 49 -48.83 54.50 -27.98
CA SER F 49 -48.38 53.22 -27.35
C SER F 49 -49.70 52.63 -27.08
N TYR F 50 -49.92 51.36 -27.58
CA TYR F 50 -51.05 50.53 -27.30
C TYR F 50 -50.41 49.29 -26.86
N VAL F 51 -51.08 48.56 -25.90
CA VAL F 51 -50.54 47.34 -25.41
C VAL F 51 -51.64 46.24 -25.43
N GLY F 52 -51.25 44.99 -25.63
CA GLY F 52 -52.15 43.86 -25.47
C GLY F 52 -53.37 43.94 -26.38
N ASP F 53 -54.65 43.69 -25.85
CA ASP F 53 -55.84 43.68 -26.66
C ASP F 53 -56.19 45.00 -27.27
N GLU F 54 -55.81 46.05 -26.52
CA GLU F 54 -56.01 47.39 -27.06
C GLU F 54 -55.21 47.61 -28.41
N ALA F 55 -54.00 47.14 -28.46
CA ALA F 55 -53.13 47.12 -29.57
C ALA F 55 -53.64 46.24 -30.62
N GLN F 56 -54.20 45.05 -30.18
CA GLN F 56 -54.66 44.02 -31.13
C GLN F 56 -55.78 44.69 -31.99
N SER F 57 -56.80 45.40 -31.36
CA SER F 57 -57.87 45.94 -32.15
C SER F 57 -57.47 46.94 -33.20
N LYS F 58 -56.29 47.62 -33.01
CA LYS F 58 -55.72 48.68 -33.79
C LYS F 58 -54.62 48.25 -34.63
N ARG F 59 -54.36 46.90 -34.81
CA ARG F 59 -53.24 46.35 -35.54
C ARG F 59 -52.98 46.98 -36.90
N GLY F 60 -54.01 47.43 -37.70
CA GLY F 60 -53.84 47.94 -39.05
C GLY F 60 -52.98 49.16 -39.14
N ILE F 61 -52.96 49.97 -38.08
CA ILE F 61 -52.36 51.32 -38.03
C ILE F 61 -51.19 51.33 -37.10
N LEU F 62 -50.95 50.17 -36.45
CA LEU F 62 -49.87 50.02 -35.52
C LEU F 62 -48.79 49.21 -36.07
N THR F 63 -47.54 49.48 -35.72
CA THR F 63 -46.38 48.66 -35.82
C THR F 63 -46.37 47.81 -34.53
N LEU F 64 -46.54 46.47 -34.71
CA LEU F 64 -46.43 45.60 -33.58
C LEU F 64 -44.98 45.19 -33.42
N LYS F 65 -44.60 45.17 -32.10
CA LYS F 65 -43.37 44.69 -31.62
C LYS F 65 -43.62 43.67 -30.52
N TYR F 66 -42.74 42.68 -30.32
CA TYR F 66 -42.82 41.73 -29.26
C TYR F 66 -41.90 42.25 -28.22
N PRO F 67 -42.21 42.26 -26.90
CA PRO F 67 -41.38 42.61 -25.78
C PRO F 67 -40.34 41.54 -25.64
N ILE F 68 -40.74 40.25 -25.72
CA ILE F 68 -39.91 39.12 -25.44
C ILE F 68 -39.89 38.29 -26.73
N GLU F 69 -38.63 38.18 -27.28
CA GLU F 69 -38.34 37.44 -28.53
C GLU F 69 -37.41 36.30 -28.11
N HIS F 70 -37.84 35.07 -28.43
CA HIS F 70 -37.20 33.80 -28.05
C HIS F 70 -36.86 33.61 -26.55
N GLY F 71 -37.79 34.02 -25.69
CA GLY F 71 -37.68 33.90 -24.24
C GLY F 71 -36.71 34.91 -23.66
N ILE F 72 -36.20 35.83 -24.49
CA ILE F 72 -35.17 36.73 -24.15
C ILE F 72 -35.87 38.08 -24.22
N ILE F 73 -35.77 38.94 -23.14
CA ILE F 73 -36.26 40.27 -23.14
C ILE F 73 -35.39 41.02 -24.11
N THR F 74 -35.94 41.59 -25.24
CA THR F 74 -35.14 42.23 -26.25
C THR F 74 -35.18 43.70 -26.34
N ASN F 75 -36.06 44.28 -25.57
CA ASN F 75 -36.40 45.66 -25.50
C ASN F 75 -36.91 45.81 -24.11
N TRP F 76 -36.25 46.61 -23.28
CA TRP F 76 -36.65 46.96 -21.94
C TRP F 76 -37.86 47.86 -22.03
N ASP F 77 -37.91 48.80 -22.99
CA ASP F 77 -39.04 49.73 -23.16
C ASP F 77 -40.41 48.99 -23.43
N ASP F 78 -40.42 47.91 -24.18
CA ASP F 78 -41.67 47.23 -24.49
C ASP F 78 -42.07 46.32 -23.33
N MET F 79 -41.05 45.79 -22.59
CA MET F 79 -41.32 45.06 -21.33
C MET F 79 -41.99 45.87 -20.22
N GLU F 80 -41.53 47.16 -20.04
CA GLU F 80 -42.15 48.12 -19.27
C GLU F 80 -43.60 48.53 -19.60
N LYS F 81 -43.94 48.60 -20.86
CA LYS F 81 -45.25 48.96 -21.36
C LYS F 81 -46.24 47.90 -21.03
N ILE F 82 -45.76 46.65 -21.15
CA ILE F 82 -46.54 45.41 -20.84
C ILE F 82 -46.85 45.45 -19.37
N TRP F 83 -45.85 45.78 -18.57
CA TRP F 83 -46.02 45.87 -17.14
C TRP F 83 -46.91 46.93 -16.72
N HIS F 84 -46.79 48.19 -17.31
CA HIS F 84 -47.58 49.29 -16.91
C HIS F 84 -49.03 48.99 -17.13
N HIS F 85 -49.29 48.39 -18.33
CA HIS F 85 -50.58 47.92 -18.67
C HIS F 85 -51.10 46.82 -17.80
N THR F 86 -50.27 45.79 -17.39
CA THR F 86 -50.69 44.74 -16.56
C THR F 86 -51.31 45.21 -15.29
N PHE F 87 -50.57 46.13 -14.58
CA PHE F 87 -51.02 46.56 -13.29
C PHE F 87 -52.23 47.43 -13.44
N TYR F 88 -52.16 48.49 -14.31
CA TYR F 88 -53.09 49.66 -14.19
C TYR F 88 -54.30 49.53 -15.03
N ASN F 89 -54.27 48.78 -16.14
CA ASN F 89 -55.34 48.58 -17.11
C ASN F 89 -56.06 47.24 -16.90
N GLU F 90 -55.31 46.15 -16.81
CA GLU F 90 -55.84 44.84 -16.82
C GLU F 90 -56.36 44.33 -15.55
N LEU F 91 -55.71 44.62 -14.39
CA LEU F 91 -56.02 44.11 -13.03
C LEU F 91 -56.49 45.20 -12.17
N ARG F 92 -56.30 46.42 -12.71
CA ARG F 92 -56.63 47.70 -12.15
C ARG F 92 -56.29 47.80 -10.69
N VAL F 93 -54.97 47.52 -10.32
CA VAL F 93 -54.51 47.56 -8.94
C VAL F 93 -53.18 48.21 -8.87
N ALA F 94 -52.80 48.76 -7.68
CA ALA F 94 -51.50 49.31 -7.39
C ALA F 94 -50.54 48.14 -7.16
N PRO F 95 -49.49 47.92 -7.97
CA PRO F 95 -48.43 46.93 -7.82
C PRO F 95 -47.65 47.14 -6.57
N GLU F 96 -47.52 48.37 -6.05
CA GLU F 96 -46.80 48.75 -4.88
C GLU F 96 -47.39 48.15 -3.60
N GLU F 97 -48.64 47.58 -3.67
CA GLU F 97 -49.33 46.84 -2.59
C GLU F 97 -49.11 45.39 -2.65
N HIS F 98 -48.62 44.83 -3.81
CA HIS F 98 -48.64 43.41 -4.18
C HIS F 98 -47.27 42.95 -4.55
N PRO F 99 -46.63 42.04 -3.76
CA PRO F 99 -45.41 41.37 -4.18
C PRO F 99 -45.50 40.70 -5.56
N THR F 100 -44.39 40.52 -6.26
CA THR F 100 -44.40 40.03 -7.65
C THR F 100 -43.56 38.77 -7.86
N LEU F 101 -44.13 37.78 -8.56
CA LEU F 101 -43.40 36.61 -9.06
C LEU F 101 -43.30 36.66 -10.58
N LEU F 102 -42.07 36.71 -11.08
CA LEU F 102 -41.74 36.70 -12.51
C LEU F 102 -41.24 35.32 -12.96
N THR F 103 -41.29 35.05 -14.27
CA THR F 103 -40.89 33.77 -14.86
C THR F 103 -39.75 33.95 -15.89
N GLU F 104 -38.89 32.94 -16.03
CA GLU F 104 -37.73 33.00 -16.91
C GLU F 104 -37.36 31.64 -17.55
N ALA F 105 -36.62 31.68 -18.65
CA ALA F 105 -35.93 30.51 -19.17
C ALA F 105 -34.80 30.03 -18.21
N PRO F 106 -34.42 28.74 -18.23
CA PRO F 106 -33.10 28.33 -17.75
C PRO F 106 -32.00 29.08 -18.50
N LEU F 107 -30.91 29.42 -17.79
CA LEU F 107 -29.81 30.24 -18.32
C LEU F 107 -30.26 31.65 -18.80
N ASN F 108 -31.40 32.17 -18.35
CA ASN F 108 -31.84 33.55 -18.64
C ASN F 108 -30.75 34.56 -18.21
N PRO F 109 -30.31 35.48 -19.09
CA PRO F 109 -29.09 36.23 -18.88
C PRO F 109 -29.17 37.02 -17.56
N LYS F 110 -28.05 37.01 -16.82
CA LYS F 110 -27.87 37.68 -15.54
C LYS F 110 -28.00 39.19 -15.65
N ALA F 111 -27.43 39.74 -16.77
CA ALA F 111 -27.67 41.19 -16.93
C ALA F 111 -29.17 41.59 -17.05
N ASN F 112 -29.96 40.68 -17.68
CA ASN F 112 -31.43 40.68 -17.76
C ASN F 112 -32.14 40.43 -16.50
N ARG F 113 -31.71 39.52 -15.64
CA ARG F 113 -32.32 39.28 -14.30
C ARG F 113 -32.23 40.53 -13.43
N GLU F 114 -31.08 41.17 -13.46
CA GLU F 114 -30.85 42.45 -12.87
C GLU F 114 -31.63 43.62 -13.42
N LYS F 115 -31.79 43.78 -14.75
CA LYS F 115 -32.49 44.93 -15.26
C LYS F 115 -33.89 44.75 -14.93
N MET F 116 -34.45 43.51 -14.99
CA MET F 116 -35.79 43.18 -14.43
C MET F 116 -35.91 43.48 -12.97
N THR F 117 -34.94 43.17 -12.12
CA THR F 117 -35.05 43.46 -10.68
C THR F 117 -35.13 44.97 -10.41
N GLN F 118 -34.22 45.73 -11.02
CA GLN F 118 -34.17 47.15 -10.97
C GLN F 118 -35.40 47.96 -11.45
N ILE F 119 -35.91 47.60 -12.62
CA ILE F 119 -37.13 48.15 -13.23
C ILE F 119 -38.33 47.88 -12.39
N MET F 120 -38.49 46.66 -11.82
CA MET F 120 -39.60 46.46 -10.93
C MET F 120 -39.59 47.28 -9.69
N PHE F 121 -38.42 47.40 -9.05
CA PHE F 121 -38.27 48.10 -7.77
C PHE F 121 -38.23 49.62 -7.89
N GLU F 122 -37.69 50.22 -8.96
CA GLU F 122 -37.52 51.67 -8.98
C GLU F 122 -38.69 52.38 -9.51
N THR F 123 -39.27 51.90 -10.57
CA THR F 123 -40.39 52.53 -11.21
C THR F 123 -41.76 52.14 -10.60
N PHE F 124 -42.08 50.83 -10.45
CA PHE F 124 -43.29 50.29 -9.97
C PHE F 124 -43.37 50.31 -8.40
N ASN F 125 -42.18 50.43 -7.73
CA ASN F 125 -42.01 50.42 -6.34
C ASN F 125 -42.54 49.23 -5.61
N VAL F 126 -42.27 48.00 -6.12
CA VAL F 126 -42.81 46.80 -5.64
C VAL F 126 -42.39 46.59 -4.18
N PRO F 127 -43.21 46.01 -3.27
CA PRO F 127 -42.82 45.85 -1.87
C PRO F 127 -41.79 44.72 -1.68
N ALA F 128 -41.93 43.65 -2.46
CA ALA F 128 -41.02 42.51 -2.55
C ALA F 128 -41.21 41.76 -3.89
N MET F 129 -40.24 40.93 -4.29
CA MET F 129 -40.32 40.17 -5.55
C MET F 129 -39.56 38.84 -5.56
N TYR F 130 -39.82 38.00 -6.55
CA TYR F 130 -39.08 36.76 -6.83
C TYR F 130 -39.08 36.46 -8.33
N VAL F 131 -38.12 35.66 -8.79
CA VAL F 131 -38.01 35.21 -10.19
C VAL F 131 -37.79 33.69 -10.23
N ALA F 132 -38.51 32.96 -11.07
CA ALA F 132 -38.45 31.49 -11.13
C ALA F 132 -38.35 30.93 -12.55
N ILE F 133 -37.57 29.86 -12.74
CA ILE F 133 -37.48 29.14 -14.02
C ILE F 133 -38.84 28.51 -14.34
N GLN F 134 -39.35 28.72 -15.57
CA GLN F 134 -40.70 28.32 -16.00
C GLN F 134 -41.04 26.86 -15.63
N ALA F 135 -40.15 25.94 -16.01
CA ALA F 135 -40.32 24.51 -15.81
C ALA F 135 -40.48 24.10 -14.34
N VAL F 136 -39.78 24.76 -13.41
CA VAL F 136 -39.82 24.44 -11.97
C VAL F 136 -41.22 24.69 -11.40
N LEU F 137 -41.90 25.75 -11.85
CA LEU F 137 -43.30 26.00 -11.50
C LEU F 137 -44.23 24.95 -12.11
N SER F 138 -44.04 24.59 -13.39
CA SER F 138 -44.87 23.56 -14.04
C SER F 138 -44.78 22.17 -13.38
N LEU F 139 -43.65 21.82 -12.77
CA LEU F 139 -43.57 20.60 -11.98
C LEU F 139 -44.50 20.65 -10.75
N TYR F 140 -44.47 21.74 -9.98
CA TYR F 140 -45.37 21.90 -8.82
C TYR F 140 -46.85 21.89 -9.25
N ALA F 141 -47.19 22.50 -10.39
CA ALA F 141 -48.53 22.45 -10.96
C ALA F 141 -48.97 21.04 -11.39
N SER F 142 -48.04 20.15 -11.73
CA SER F 142 -48.32 18.74 -12.02
C SER F 142 -48.55 17.88 -10.76
N GLY F 143 -48.56 18.49 -9.57
CA GLY F 143 -48.79 17.82 -8.28
C GLY F 143 -47.57 17.09 -7.71
N ARG F 144 -46.35 17.48 -8.11
CA ARG F 144 -45.11 16.69 -7.95
C ARG F 144 -43.93 17.52 -7.45
N THR F 145 -42.94 16.83 -6.87
CA THR F 145 -41.71 17.43 -6.31
C THR F 145 -40.42 16.95 -7.01
N THR F 146 -40.48 15.89 -7.81
CA THR F 146 -39.35 15.35 -8.60
C THR F 146 -39.85 14.86 -9.97
N GLY F 147 -39.05 15.04 -11.03
CA GLY F 147 -39.38 14.64 -12.40
C GLY F 147 -38.54 15.39 -13.44
N ILE F 148 -38.76 15.13 -14.72
CA ILE F 148 -38.22 15.99 -15.79
C ILE F 148 -39.36 16.73 -16.50
N VAL F 149 -39.18 18.04 -16.64
CA VAL F 149 -40.11 18.88 -17.38
C VAL F 149 -39.54 19.18 -18.76
N LEU F 150 -40.32 18.90 -19.80
CA LEU F 150 -40.16 19.52 -21.10
C LEU F 150 -41.14 20.70 -21.18
N ASP F 151 -40.60 21.91 -21.30
CA ASP F 151 -41.39 23.13 -21.39
C ASP F 151 -41.14 23.79 -22.75
N SER F 152 -42.19 23.95 -23.58
CA SER F 152 -42.08 24.53 -24.91
C SER F 152 -43.05 25.70 -25.05
N GLY F 153 -42.51 26.91 -24.99
CA GLY F 153 -43.25 28.17 -24.94
C GLY F 153 -43.68 28.68 -26.30
N ASP F 154 -43.78 30.00 -26.45
CA ASP F 154 -44.27 30.65 -27.60
C ASP F 154 -43.08 31.27 -28.23
N GLY F 155 -41.91 30.51 -28.20
CA GLY F 155 -40.58 31.08 -28.51
C GLY F 155 -39.25 30.31 -28.10
N VAL F 156 -39.29 29.46 -27.08
CA VAL F 156 -38.15 28.66 -26.63
C VAL F 156 -38.61 27.30 -26.10
N THR F 157 -37.75 26.28 -26.14
CA THR F 157 -38.01 24.95 -25.58
C THR F 157 -36.91 24.56 -24.58
N HIS F 158 -37.30 23.97 -23.45
CA HIS F 158 -36.48 23.66 -22.28
C HIS F 158 -36.60 22.18 -21.89
N ASN F 159 -35.51 21.57 -21.46
CA ASN F 159 -35.48 20.25 -20.80
C ASN F 159 -34.88 20.44 -19.40
N VAL F 160 -35.65 20.14 -18.34
CA VAL F 160 -35.31 20.54 -16.97
C VAL F 160 -35.61 19.40 -15.97
N PRO F 161 -34.61 18.57 -15.63
CA PRO F 161 -34.73 17.56 -14.58
C PRO F 161 -34.57 18.19 -13.19
N ILE F 162 -35.48 17.86 -12.29
CA ILE F 162 -35.65 18.49 -10.98
C ILE F 162 -35.79 17.41 -9.89
N TYR F 163 -35.16 17.64 -8.73
CA TYR F 163 -35.17 16.71 -7.60
C TYR F 163 -35.39 17.45 -6.28
N GLU F 164 -36.59 17.30 -5.70
CA GLU F 164 -37.02 17.75 -4.36
C GLU F 164 -36.90 19.25 -4.00
N GLY F 165 -36.30 20.07 -4.87
CA GLY F 165 -36.15 21.51 -4.70
C GLY F 165 -35.12 22.17 -5.64
N TYR F 166 -34.20 21.41 -6.23
CA TYR F 166 -33.22 21.90 -7.23
C TYR F 166 -33.46 21.31 -8.62
N ALA F 167 -33.44 22.17 -9.64
CA ALA F 167 -33.15 21.77 -11.02
C ALA F 167 -31.63 21.52 -11.20
N LEU F 168 -31.23 20.48 -11.93
CA LEU F 168 -29.81 20.10 -12.09
C LEU F 168 -29.10 20.93 -13.17
N PRO F 169 -28.14 21.81 -12.82
CA PRO F 169 -27.66 22.86 -13.73
C PRO F 169 -26.76 22.36 -14.86
N HIS F 170 -26.10 21.21 -14.70
CA HIS F 170 -25.32 20.56 -15.76
C HIS F 170 -26.20 19.75 -16.73
N ALA F 171 -27.34 19.25 -16.26
CA ALA F 171 -28.22 18.36 -17.02
C ALA F 171 -29.26 19.09 -17.90
N ILE F 172 -29.56 20.37 -17.62
CA ILE F 172 -30.51 21.18 -18.41
C ILE F 172 -30.05 21.30 -19.88
N MET F 173 -30.99 21.23 -20.82
CA MET F 173 -30.76 21.45 -22.26
C MET F 173 -31.81 22.42 -22.83
N ARG F 174 -31.39 23.36 -23.67
CA ARG F 174 -32.25 24.41 -24.28
C ARG F 174 -32.21 24.36 -25.82
N LEU F 175 -33.34 24.67 -26.45
CA LEU F 175 -33.46 24.91 -27.90
C LEU F 175 -34.31 26.18 -28.19
N ASP F 176 -33.76 27.14 -28.95
CA ASP F 176 -34.49 28.21 -29.48
C ASP F 176 -35.21 27.72 -30.73
N LEU F 177 -36.55 27.35 -30.62
CA LEU F 177 -37.44 26.89 -31.63
C LEU F 177 -38.65 26.47 -30.91
N ALA F 178 -39.69 27.14 -31.21
CA ALA F 178 -40.96 26.93 -30.62
C ALA F 178 -41.83 27.98 -31.31
N GLY F 179 -42.88 28.42 -30.57
CA GLY F 179 -44.06 29.08 -31.12
C GLY F 179 -43.84 30.33 -31.95
N ARG F 180 -42.79 31.13 -31.62
CA ARG F 180 -42.54 32.35 -32.36
C ARG F 180 -42.07 31.96 -33.78
N ASP F 181 -41.03 31.06 -33.84
CA ASP F 181 -40.34 30.58 -34.97
C ASP F 181 -41.29 29.85 -35.84
N LEU F 182 -42.19 29.09 -35.22
CA LEU F 182 -43.15 28.22 -35.80
C LEU F 182 -44.10 28.98 -36.69
N THR F 183 -44.53 30.24 -36.31
CA THR F 183 -45.32 31.08 -37.13
C THR F 183 -44.60 31.53 -38.33
N ASP F 184 -43.34 31.99 -38.18
CA ASP F 184 -42.53 32.48 -39.31
C ASP F 184 -42.28 31.35 -40.32
N TYR F 185 -41.99 30.15 -39.81
CA TYR F 185 -41.87 28.95 -40.63
C TYR F 185 -43.11 28.55 -41.34
N LEU F 186 -44.27 28.67 -40.66
CA LEU F 186 -45.54 28.27 -41.25
C LEU F 186 -45.84 29.13 -42.42
N MET F 187 -45.57 30.44 -42.27
CA MET F 187 -45.77 31.48 -43.25
C MET F 187 -44.90 31.23 -44.47
N LYS F 188 -43.63 30.83 -44.28
CA LYS F 188 -42.75 30.50 -45.41
C LYS F 188 -43.32 29.39 -46.30
N ILE F 189 -43.73 28.28 -45.67
CA ILE F 189 -44.19 27.07 -46.31
C ILE F 189 -45.57 27.13 -46.98
N LEU F 190 -46.47 28.07 -46.50
CA LEU F 190 -47.65 28.53 -47.14
C LEU F 190 -47.34 29.31 -48.36
N THR F 191 -46.28 30.18 -48.46
CA THR F 191 -45.89 30.97 -49.64
C THR F 191 -45.50 29.97 -50.71
N GLU F 192 -44.79 28.91 -50.25
CA GLU F 192 -44.40 27.83 -51.11
C GLU F 192 -45.49 27.08 -51.75
N ARG F 193 -46.65 26.95 -51.08
CA ARG F 193 -47.87 26.36 -51.63
C ARG F 193 -48.56 27.32 -52.58
N GLY F 194 -48.27 28.60 -52.47
CA GLY F 194 -48.82 29.59 -53.34
C GLY F 194 -49.85 30.38 -52.63
N TYR F 195 -49.93 30.32 -51.28
CA TYR F 195 -50.69 31.22 -50.47
C TYR F 195 -49.74 32.15 -49.86
N SER F 196 -49.18 33.15 -50.69
CA SER F 196 -48.17 34.07 -50.24
C SER F 196 -48.80 35.03 -49.25
N PHE F 197 -48.09 35.19 -48.20
CA PHE F 197 -48.37 36.04 -47.08
C PHE F 197 -47.10 36.77 -46.93
N VAL F 198 -47.09 38.13 -46.87
CA VAL F 198 -45.89 38.92 -46.96
C VAL F 198 -46.13 39.97 -45.89
N THR F 199 -47.38 40.18 -45.41
CA THR F 199 -47.80 41.22 -44.44
C THR F 199 -47.87 40.55 -43.13
N THR F 200 -47.38 41.27 -42.06
CA THR F 200 -47.32 40.92 -40.70
C THR F 200 -48.59 40.80 -39.95
N ALA F 201 -49.68 41.40 -40.48
CA ALA F 201 -50.97 41.34 -39.96
C ALA F 201 -51.56 40.09 -40.34
N GLU F 202 -51.33 39.68 -41.59
CA GLU F 202 -51.70 38.39 -42.11
C GLU F 202 -50.98 37.26 -41.41
N ARG F 203 -49.68 37.57 -41.00
CA ARG F 203 -48.80 36.71 -40.11
C ARG F 203 -49.49 36.30 -38.84
N GLU F 204 -50.32 37.24 -38.23
CA GLU F 204 -51.02 36.96 -36.98
C GLU F 204 -52.19 36.00 -37.17
N ILE F 205 -52.80 36.07 -38.36
CA ILE F 205 -53.81 35.06 -38.77
C ILE F 205 -53.17 33.70 -38.87
N VAL F 206 -51.94 33.66 -39.45
CA VAL F 206 -51.08 32.49 -39.60
C VAL F 206 -50.69 31.92 -38.25
N ARG F 207 -50.49 32.81 -37.24
CA ARG F 207 -50.32 32.42 -35.90
C ARG F 207 -51.48 31.70 -35.26
N ASP F 208 -52.72 32.29 -35.53
CA ASP F 208 -53.96 31.76 -35.02
C ASP F 208 -54.24 30.41 -35.60
N ILE F 209 -53.99 30.28 -36.93
CA ILE F 209 -54.06 29.03 -37.72
C ILE F 209 -53.28 27.92 -37.25
N LYS F 210 -52.05 28.29 -36.91
CA LYS F 210 -51.10 27.38 -36.33
C LYS F 210 -51.58 26.73 -35.02
N GLU F 211 -52.12 27.53 -34.09
CA GLU F 211 -52.65 27.18 -32.79
C GLU F 211 -53.87 26.35 -32.96
N LYS F 212 -54.77 26.59 -33.98
CA LYS F 212 -55.99 25.85 -34.17
C LYS F 212 -55.88 24.58 -34.92
N LEU F 213 -55.03 24.52 -35.97
CA LEU F 213 -55.05 23.49 -36.97
C LEU F 213 -53.86 22.62 -36.90
N CYS F 214 -52.65 23.01 -36.35
CA CYS F 214 -51.56 22.13 -36.24
C CYS F 214 -51.77 20.98 -35.31
N TYR F 215 -51.21 19.81 -35.60
CA TYR F 215 -51.37 18.66 -34.86
C TYR F 215 -50.09 18.00 -34.98
N VAL F 216 -49.66 17.19 -33.88
CA VAL F 216 -48.43 16.46 -33.91
C VAL F 216 -48.83 15.06 -34.52
N ALA F 217 -48.21 14.66 -35.66
CA ALA F 217 -48.33 13.34 -36.20
C ALA F 217 -47.64 12.41 -35.32
N LEU F 218 -48.21 11.15 -35.24
CA LEU F 218 -47.62 10.01 -34.55
C LEU F 218 -46.53 9.36 -35.38
N ASP F 219 -46.79 9.32 -36.77
CA ASP F 219 -45.75 8.91 -37.69
C ASP F 219 -45.61 9.80 -38.89
N PHE F 220 -44.48 10.53 -38.98
CA PHE F 220 -44.19 11.62 -39.93
C PHE F 220 -44.18 11.14 -41.39
N GLU F 221 -43.52 10.01 -41.69
CA GLU F 221 -43.52 9.50 -43.03
C GLU F 221 -44.90 9.04 -43.44
N ASN F 222 -45.68 8.30 -42.54
CA ASN F 222 -47.01 7.77 -42.86
C ASN F 222 -48.06 8.75 -43.06
N GLU F 223 -48.05 9.87 -42.25
CA GLU F 223 -48.91 11.02 -42.51
C GLU F 223 -48.52 11.80 -43.72
N MET F 224 -47.25 12.01 -43.95
CA MET F 224 -46.77 12.63 -45.20
C MET F 224 -47.22 11.89 -46.42
N ALA F 225 -47.14 10.52 -46.34
CA ALA F 225 -47.63 9.69 -47.44
C ALA F 225 -49.09 9.78 -47.70
N THR F 226 -49.87 9.87 -46.58
CA THR F 226 -51.26 9.99 -46.64
C THR F 226 -51.65 11.26 -47.33
N ALA F 227 -51.05 12.41 -46.98
CA ALA F 227 -51.30 13.62 -47.69
C ALA F 227 -50.90 13.63 -49.19
N ALA F 228 -49.84 12.88 -49.55
CA ALA F 228 -49.40 12.75 -50.95
C ALA F 228 -50.32 11.88 -51.82
N SER F 229 -51.10 10.95 -51.20
CA SER F 229 -51.89 9.85 -51.75
C SER F 229 -53.33 10.27 -51.66
N SER F 230 -53.71 11.30 -50.88
CA SER F 230 -55.08 11.59 -50.73
C SER F 230 -55.01 12.99 -50.13
N SER F 231 -56.04 13.82 -50.42
CA SER F 231 -56.31 15.07 -49.81
C SER F 231 -57.18 15.02 -48.59
N SER F 232 -57.03 14.07 -47.69
CA SER F 232 -57.72 13.99 -46.47
C SER F 232 -57.03 14.52 -45.22
N LEU F 233 -55.83 15.08 -45.39
CA LEU F 233 -54.95 15.70 -44.45
C LEU F 233 -54.88 17.19 -44.65
N GLU F 234 -56.04 17.84 -44.94
CA GLU F 234 -56.18 19.23 -45.29
C GLU F 234 -57.41 19.77 -44.58
N LYS F 235 -57.34 20.97 -44.00
CA LYS F 235 -58.54 21.51 -43.34
C LYS F 235 -58.65 22.87 -43.85
N SER F 236 -59.90 23.29 -44.11
CA SER F 236 -60.19 24.63 -44.69
C SER F 236 -60.17 25.65 -43.58
N TYR F 237 -59.75 26.89 -43.95
CA TYR F 237 -59.94 28.01 -43.05
C TYR F 237 -60.42 29.23 -43.85
N GLU F 238 -61.49 29.87 -43.31
CA GLU F 238 -62.05 31.00 -44.00
C GLU F 238 -61.37 32.21 -43.37
N LEU F 239 -60.58 32.99 -44.15
CA LEU F 239 -60.10 34.28 -43.73
C LEU F 239 -61.22 35.23 -43.46
N PRO F 240 -61.13 36.22 -42.51
CA PRO F 240 -62.15 37.08 -41.99
C PRO F 240 -62.51 38.17 -43.04
N ASP F 241 -61.83 38.19 -44.27
CA ASP F 241 -62.27 39.12 -45.28
C ASP F 241 -63.02 38.36 -46.28
N GLY F 242 -63.29 37.07 -46.05
CA GLY F 242 -63.81 36.14 -46.93
C GLY F 242 -62.60 35.36 -47.39
N GLN F 243 -62.79 34.56 -48.48
CA GLN F 243 -61.75 33.82 -49.18
C GLN F 243 -61.37 32.60 -48.40
N VAL F 244 -61.75 31.42 -48.91
CA VAL F 244 -61.53 30.20 -48.25
C VAL F 244 -60.22 29.71 -48.70
N ILE F 245 -59.23 29.52 -47.71
CA ILE F 245 -57.94 28.91 -48.01
C ILE F 245 -57.96 27.51 -47.46
N THR F 246 -57.08 26.69 -48.07
CA THR F 246 -56.98 25.27 -47.72
C THR F 246 -55.65 25.06 -47.13
N ILE F 247 -55.57 24.60 -45.85
CA ILE F 247 -54.22 24.34 -45.25
C ILE F 247 -53.93 22.84 -45.33
N GLY F 248 -52.85 22.43 -46.01
CA GLY F 248 -52.48 21.04 -46.32
C GLY F 248 -51.53 20.50 -45.24
N ASN F 249 -50.43 19.80 -45.64
CA ASN F 249 -49.49 18.99 -44.95
C ASN F 249 -48.69 19.85 -44.01
N GLU F 250 -48.76 21.19 -44.17
CA GLU F 250 -48.16 22.27 -43.43
C GLU F 250 -48.56 22.17 -42.01
N ARG F 251 -49.74 21.56 -41.77
CA ARG F 251 -50.22 21.29 -40.43
C ARG F 251 -49.36 20.54 -39.49
N PHE F 252 -48.62 19.55 -40.04
CA PHE F 252 -47.80 18.63 -39.28
C PHE F 252 -46.32 18.86 -39.59
N ARG F 253 -46.05 19.44 -40.80
CA ARG F 253 -44.76 19.84 -41.17
C ARG F 253 -44.19 20.95 -40.29
N CYS F 254 -45.05 21.96 -39.92
CA CYS F 254 -44.70 23.13 -39.14
C CYS F 254 -44.11 22.70 -37.86
N PRO F 255 -44.73 21.95 -37.04
CA PRO F 255 -44.18 21.48 -35.81
C PRO F 255 -43.15 20.40 -36.03
N GLU F 256 -43.01 19.77 -37.24
CA GLU F 256 -42.06 18.73 -37.47
C GLU F 256 -40.64 19.21 -37.24
N THR F 257 -40.37 20.52 -37.38
CA THR F 257 -39.07 21.17 -37.24
C THR F 257 -38.49 20.99 -35.79
N LEU F 258 -39.35 20.77 -34.81
CA LEU F 258 -39.06 20.50 -33.37
C LEU F 258 -38.36 19.17 -33.25
N PHE F 259 -38.64 18.17 -34.07
CA PHE F 259 -38.00 16.90 -34.05
C PHE F 259 -36.75 16.89 -34.97
N GLN F 260 -36.82 17.71 -36.05
CA GLN F 260 -35.69 17.73 -37.02
C GLN F 260 -35.29 19.19 -37.30
N PRO F 261 -34.44 19.85 -36.47
CA PRO F 261 -33.95 21.19 -36.61
C PRO F 261 -33.20 21.51 -37.92
N SER F 262 -32.61 20.52 -38.58
CA SER F 262 -31.94 20.65 -39.88
C SER F 262 -32.88 21.12 -41.02
N PHE F 263 -34.19 20.97 -40.88
CA PHE F 263 -35.19 21.51 -41.83
C PHE F 263 -35.13 23.04 -41.97
N ILE F 264 -34.63 23.75 -40.95
CA ILE F 264 -34.44 25.22 -40.96
C ILE F 264 -32.96 25.63 -40.79
N GLY F 265 -32.04 24.75 -41.19
CA GLY F 265 -30.59 25.02 -41.24
C GLY F 265 -29.85 24.99 -39.90
N MET F 266 -30.52 24.75 -38.77
CA MET F 266 -29.89 24.71 -37.44
C MET F 266 -29.05 23.44 -37.23
N GLU F 267 -27.94 23.58 -36.50
CA GLU F 267 -27.06 22.45 -36.13
C GLU F 267 -27.57 21.64 -34.91
N SER F 268 -28.57 22.16 -34.20
CA SER F 268 -29.12 21.60 -32.96
C SER F 268 -29.85 20.26 -33.14
N ALA F 269 -30.08 19.54 -32.03
CA ALA F 269 -30.75 18.29 -32.00
C ALA F 269 -32.14 18.47 -31.54
N GLY F 270 -33.01 17.49 -31.91
CA GLY F 270 -34.41 17.53 -31.59
C GLY F 270 -34.86 17.46 -30.19
N ILE F 271 -36.08 17.92 -29.92
CA ILE F 271 -36.61 18.07 -28.54
C ILE F 271 -36.66 16.74 -27.78
N HIS F 272 -36.95 15.65 -28.49
CA HIS F 272 -36.90 14.30 -27.96
C HIS F 272 -35.47 13.95 -27.58
N GLU F 273 -34.48 14.28 -28.47
CA GLU F 273 -33.11 13.94 -28.33
C GLU F 273 -32.48 14.63 -27.15
N THR F 274 -32.82 15.90 -26.97
CA THR F 274 -32.35 16.74 -25.86
C THR F 274 -33.06 16.41 -24.55
N THR F 275 -34.28 15.87 -24.58
CA THR F 275 -34.88 15.20 -23.42
C THR F 275 -34.04 13.99 -22.99
N TYR F 276 -33.74 13.07 -23.91
CA TYR F 276 -32.90 11.91 -23.62
C TYR F 276 -31.49 12.29 -23.15
N ASN F 277 -30.78 13.16 -23.89
CA ASN F 277 -29.44 13.62 -23.52
C ASN F 277 -29.42 14.42 -22.19
N SER F 278 -30.53 15.05 -21.80
CA SER F 278 -30.69 15.66 -20.47
C SER F 278 -30.81 14.60 -19.36
N ILE F 279 -31.70 13.61 -19.51
CA ILE F 279 -31.90 12.58 -18.47
C ILE F 279 -30.62 11.75 -18.26
N MET F 280 -29.90 11.43 -19.34
CA MET F 280 -28.65 10.65 -19.28
C MET F 280 -27.49 11.36 -18.54
N LYS F 281 -27.59 12.66 -18.24
CA LYS F 281 -26.63 13.39 -17.39
C LYS F 281 -26.95 13.29 -15.88
N CYS F 282 -28.14 12.82 -15.51
CA CYS F 282 -28.63 12.74 -14.14
C CYS F 282 -28.19 11.45 -13.41
N ASP F 283 -28.23 11.44 -12.08
CA ASP F 283 -27.85 10.30 -11.24
C ASP F 283 -28.80 9.09 -11.35
N ILE F 284 -28.25 7.87 -11.38
CA ILE F 284 -29.00 6.63 -11.67
C ILE F 284 -30.15 6.39 -10.67
N ASP F 285 -29.94 6.73 -9.40
CA ASP F 285 -30.96 6.60 -8.35
C ASP F 285 -32.16 7.56 -8.53
N ILE F 286 -32.01 8.65 -9.31
CA ILE F 286 -33.10 9.59 -9.61
C ILE F 286 -33.72 9.36 -11.00
N ARG F 287 -33.01 8.75 -11.97
CA ARG F 287 -33.54 8.43 -13.32
C ARG F 287 -34.89 7.69 -13.26
N LYS F 288 -35.08 6.84 -12.24
CA LYS F 288 -36.31 6.10 -11.92
C LYS F 288 -37.54 7.00 -11.76
N ASP F 289 -37.37 8.20 -11.20
CA ASP F 289 -38.44 9.21 -11.12
C ASP F 289 -38.48 10.16 -12.33
N LEU F 290 -37.35 10.43 -13.00
CA LEU F 290 -37.31 11.28 -14.18
C LEU F 290 -38.10 10.66 -15.36
N TYR F 291 -37.71 9.47 -15.84
CA TYR F 291 -38.38 8.86 -17.01
C TYR F 291 -39.87 8.55 -16.78
N ALA F 292 -40.24 8.20 -15.55
CA ALA F 292 -41.62 7.93 -15.14
C ALA F 292 -42.50 9.20 -15.07
N ASN F 293 -41.90 10.39 -15.11
CA ASN F 293 -42.57 11.69 -15.00
C ASN F 293 -42.00 12.70 -16.01
N ASN F 294 -42.12 12.41 -17.31
CA ASN F 294 -41.88 13.41 -18.37
C ASN F 294 -43.07 14.38 -18.44
N VAL F 295 -42.99 15.52 -17.75
CA VAL F 295 -44.05 16.54 -17.70
C VAL F 295 -43.92 17.52 -18.87
N LEU F 296 -44.98 17.63 -19.68
CA LEU F 296 -45.17 18.62 -20.76
C LEU F 296 -45.77 19.91 -20.27
N SER F 297 -45.14 21.01 -20.68
CA SER F 297 -45.49 22.38 -20.31
C SER F 297 -45.42 23.33 -21.51
N GLY F 298 -46.21 24.40 -21.47
CA GLY F 298 -46.13 25.52 -22.42
C GLY F 298 -47.04 25.40 -23.63
N GLY F 299 -47.23 26.53 -24.33
CA GLY F 299 -48.18 26.71 -25.38
C GLY F 299 -47.98 25.85 -26.55
N THR F 300 -46.73 25.54 -26.84
CA THR F 300 -46.36 24.69 -28.08
C THR F 300 -46.77 23.24 -27.87
N THR F 301 -46.87 22.80 -26.63
CA THR F 301 -47.28 21.40 -26.33
C THR F 301 -48.84 21.11 -26.43
N MET F 302 -49.64 22.13 -26.79
CA MET F 302 -51.05 21.99 -26.80
C MET F 302 -51.59 21.52 -28.13
N TYR F 303 -50.76 21.19 -29.15
CA TYR F 303 -51.11 20.52 -30.33
C TYR F 303 -51.58 19.11 -30.04
N PRO F 304 -52.77 18.62 -30.47
CA PRO F 304 -53.27 17.25 -30.17
C PRO F 304 -52.38 16.13 -30.64
N GLY F 305 -52.44 15.03 -29.90
CA GLY F 305 -51.79 13.86 -30.34
C GLY F 305 -50.32 13.88 -30.01
N ILE F 306 -49.82 14.88 -29.16
CA ILE F 306 -48.39 15.00 -28.81
C ILE F 306 -47.85 13.91 -28.00
N ALA F 307 -48.60 13.36 -27.08
CA ALA F 307 -48.18 12.38 -26.17
C ALA F 307 -47.79 11.04 -26.69
N ASP F 308 -48.57 10.55 -27.66
CA ASP F 308 -48.32 9.28 -28.32
C ASP F 308 -47.01 9.42 -29.09
N ARG F 309 -46.74 10.54 -29.78
CA ARG F 309 -45.47 10.85 -30.52
C ARG F 309 -44.24 10.89 -29.62
N MET F 310 -44.32 11.67 -28.52
CA MET F 310 -43.36 11.81 -27.48
C MET F 310 -43.06 10.53 -26.75
N GLN F 311 -44.14 9.73 -26.50
CA GLN F 311 -44.01 8.36 -25.87
C GLN F 311 -43.16 7.45 -26.72
N LYS F 312 -43.42 7.44 -27.97
CA LYS F 312 -42.70 6.71 -28.98
C LYS F 312 -41.28 6.99 -29.04
N GLU F 313 -41.04 8.32 -29.21
CA GLU F 313 -39.71 8.82 -29.52
C GLU F 313 -38.78 8.54 -28.38
N ILE F 314 -39.21 8.81 -27.10
CA ILE F 314 -38.46 8.66 -25.91
C ILE F 314 -38.10 7.21 -25.50
N THR F 315 -39.05 6.26 -25.73
CA THR F 315 -38.89 4.82 -25.54
C THR F 315 -37.89 4.33 -26.54
N ALA F 316 -37.81 4.92 -27.77
CA ALA F 316 -36.85 4.46 -28.86
C ALA F 316 -35.44 4.87 -28.47
N LEU F 317 -35.30 6.06 -27.83
CA LEU F 317 -33.89 6.50 -27.43
C LEU F 317 -33.44 5.86 -26.13
N ALA F 318 -34.44 5.68 -25.16
CA ALA F 318 -34.23 5.26 -23.80
C ALA F 318 -34.35 3.78 -23.68
N PRO F 319 -33.57 3.10 -22.80
CA PRO F 319 -33.68 1.62 -22.49
C PRO F 319 -35.07 1.28 -22.00
N SER F 320 -35.51 0.07 -22.32
CA SER F 320 -36.75 -0.47 -22.06
C SER F 320 -36.77 -1.03 -20.60
N THR F 321 -35.84 -0.67 -19.70
CA THR F 321 -36.04 -0.89 -18.22
C THR F 321 -35.87 0.39 -17.41
N MET F 322 -36.29 1.48 -18.03
CA MET F 322 -36.83 2.65 -17.35
C MET F 322 -38.31 2.70 -17.67
N LYS F 323 -39.16 2.89 -16.65
CA LYS F 323 -40.58 3.15 -16.89
C LYS F 323 -40.68 4.45 -17.69
N ILE F 324 -41.18 4.40 -18.92
CA ILE F 324 -41.40 5.61 -19.72
C ILE F 324 -42.87 6.03 -19.66
N LYS F 325 -43.21 7.30 -19.37
CA LYS F 325 -44.63 7.70 -19.40
C LYS F 325 -44.61 9.23 -19.54
N ILE F 326 -45.46 9.76 -20.50
CA ILE F 326 -45.67 11.24 -20.77
C ILE F 326 -46.81 11.66 -19.77
N ILE F 327 -46.54 12.74 -19.05
CA ILE F 327 -47.52 13.43 -18.21
C ILE F 327 -47.86 14.74 -18.90
N ALA F 328 -49.12 14.87 -19.31
CA ALA F 328 -49.60 16.02 -19.95
C ALA F 328 -50.67 16.57 -19.10
N PRO F 329 -50.45 17.68 -18.37
CA PRO F 329 -51.48 18.33 -17.54
C PRO F 329 -52.78 18.71 -18.31
N PRO F 330 -53.93 18.91 -17.62
CA PRO F 330 -55.17 19.16 -18.23
C PRO F 330 -55.15 20.50 -18.96
N GLU F 331 -54.33 21.50 -18.48
CA GLU F 331 -54.33 22.85 -19.07
C GLU F 331 -52.90 23.29 -19.00
N ARG F 332 -51.97 22.50 -19.65
CA ARG F 332 -50.52 22.57 -19.64
C ARG F 332 -49.96 23.85 -20.09
N LYS F 333 -50.75 24.61 -20.83
CA LYS F 333 -50.41 26.00 -21.28
C LYS F 333 -50.23 27.02 -20.18
N TYR F 334 -50.84 26.78 -18.98
CA TYR F 334 -50.90 27.68 -17.91
C TYR F 334 -50.07 27.12 -16.80
N SER F 335 -49.42 25.94 -16.89
CA SER F 335 -48.84 25.27 -15.71
C SER F 335 -47.73 26.06 -15.03
N VAL F 336 -47.02 26.92 -15.76
CA VAL F 336 -46.04 27.85 -15.18
C VAL F 336 -46.73 28.83 -14.23
N TRP F 337 -47.79 29.50 -14.71
CA TRP F 337 -48.55 30.46 -13.93
C TRP F 337 -49.26 29.80 -12.74
N ILE F 338 -49.87 28.63 -12.96
CA ILE F 338 -50.55 27.86 -11.90
C ILE F 338 -49.54 27.43 -10.82
N GLY F 339 -48.36 26.97 -11.22
CA GLY F 339 -47.28 26.61 -10.29
C GLY F 339 -46.78 27.81 -9.50
N GLY F 340 -46.66 28.96 -10.16
CA GLY F 340 -46.36 30.23 -9.49
C GLY F 340 -47.44 30.64 -8.48
N SER F 341 -48.72 30.51 -8.85
CA SER F 341 -49.86 30.76 -7.96
C SER F 341 -49.85 29.83 -6.73
N ILE F 342 -49.58 28.54 -6.93
CA ILE F 342 -49.44 27.57 -5.83
C ILE F 342 -48.26 27.97 -4.92
N LEU F 343 -47.06 28.11 -5.48
CA LEU F 343 -45.83 28.40 -4.73
C LEU F 343 -45.95 29.71 -3.91
N ALA F 344 -46.44 30.79 -4.53
CA ALA F 344 -46.61 32.08 -3.89
C ALA F 344 -47.72 32.11 -2.82
N SER F 345 -48.59 31.10 -2.75
CA SER F 345 -49.64 30.98 -1.73
C SER F 345 -49.19 30.29 -0.43
N LEU F 346 -48.04 29.60 -0.42
CA LEU F 346 -47.56 28.82 0.73
C LEU F 346 -46.97 29.72 1.84
N SER F 347 -47.36 29.49 3.10
CA SER F 347 -46.84 30.22 4.27
C SER F 347 -45.34 30.03 4.50
N THR F 348 -44.79 28.86 4.10
CA THR F 348 -43.35 28.57 4.13
C THR F 348 -42.56 29.35 3.07
N PHE F 349 -43.19 29.79 1.98
CA PHE F 349 -42.54 30.54 0.90
C PHE F 349 -42.39 32.05 1.20
N GLN F 350 -43.18 32.60 2.13
CA GLN F 350 -43.15 34.04 2.47
C GLN F 350 -41.78 34.55 2.98
N GLN F 351 -40.89 33.64 3.37
CA GLN F 351 -39.50 33.92 3.77
C GLN F 351 -38.54 34.12 2.58
N MET F 352 -38.94 33.72 1.35
CA MET F 352 -38.05 33.69 0.17
C MET F 352 -37.98 35.00 -0.64
N TRP F 353 -39.00 35.86 -0.58
CA TRP F 353 -39.05 37.08 -1.40
C TRP F 353 -37.82 38.00 -1.19
N ILE F 354 -37.33 38.60 -2.28
CA ILE F 354 -36.39 39.73 -2.26
C ILE F 354 -37.11 40.95 -1.70
N SER F 355 -36.64 41.54 -0.60
CA SER F 355 -37.22 42.75 -0.02
C SER F 355 -36.67 44.04 -0.66
N LYS F 356 -37.43 45.14 -0.54
CA LYS F 356 -36.99 46.49 -0.96
C LYS F 356 -35.71 46.93 -0.23
N GLN F 357 -35.56 46.57 1.05
CA GLN F 357 -34.35 46.87 1.81
C GLN F 357 -33.11 46.14 1.26
N GLU F 358 -33.21 44.84 0.96
CA GLU F 358 -32.09 44.09 0.39
C GLU F 358 -31.70 44.63 -1.00
N TYR F 359 -32.69 45.05 -1.80
CA TYR F 359 -32.45 45.77 -3.05
C TYR F 359 -31.73 47.12 -2.82
N ASP F 360 -32.13 47.90 -1.82
CA ASP F 360 -31.45 49.16 -1.46
C ASP F 360 -30.00 48.95 -0.97
N GLU F 361 -29.69 47.81 -0.32
CA GLU F 361 -28.36 47.52 0.11
C GLU F 361 -27.38 47.02 -0.94
N ALA F 362 -27.86 46.15 -1.84
CA ALA F 362 -27.03 45.40 -2.80
C ALA F 362 -27.31 45.68 -4.29
N GLY F 363 -28.27 46.55 -4.60
CA GLY F 363 -28.70 46.88 -5.92
C GLY F 363 -29.34 45.63 -6.57
N PRO F 364 -29.51 45.72 -7.92
CA PRO F 364 -30.30 44.75 -8.68
C PRO F 364 -29.73 43.32 -8.49
N SER F 365 -28.47 43.19 -8.09
CA SER F 365 -27.69 41.95 -7.97
C SER F 365 -28.24 40.94 -6.96
N ILE F 366 -29.09 41.40 -6.03
CA ILE F 366 -29.65 40.61 -4.92
C ILE F 366 -30.36 39.32 -5.37
N VAL F 367 -30.97 39.30 -6.56
CA VAL F 367 -31.69 38.14 -7.10
C VAL F 367 -30.87 36.85 -7.06
N HIS F 368 -29.57 36.92 -7.40
CA HIS F 368 -28.67 35.75 -7.42
C HIS F 368 -28.32 35.19 -6.03
N ARG F 369 -28.75 35.85 -4.94
CA ARG F 369 -28.62 35.37 -3.55
C ARG F 369 -29.94 34.84 -2.96
N LYS F 370 -31.05 34.92 -3.72
CA LYS F 370 -32.41 34.57 -3.26
C LYS F 370 -33.13 33.58 -4.20
N CYS F 371 -32.88 33.65 -5.51
CA CYS F 371 -33.51 32.82 -6.54
C CYS F 371 -32.55 31.74 -7.07
N PHE F 372 -33.03 30.50 -7.17
CA PHE F 372 -32.22 29.30 -7.40
C PHE F 372 -32.90 28.30 -8.36
N ILE G 1 -44.42 67.56 -107.47
CA ILE G 1 -43.81 68.33 -106.26
C ILE G 1 -44.21 67.63 -105.02
N GLN G 2 -45.47 67.33 -104.91
CA GLN G 2 -46.04 66.93 -103.65
C GLN G 2 -45.43 65.66 -103.14
N LEU G 3 -45.25 64.67 -104.12
CA LEU G 3 -44.77 63.32 -103.84
C LEU G 3 -43.36 63.45 -103.26
N VAL G 4 -42.57 64.35 -103.86
CA VAL G 4 -41.21 64.59 -103.55
C VAL G 4 -41.09 65.23 -102.15
N GLU G 5 -42.00 66.16 -101.90
CA GLU G 5 -42.15 66.85 -100.65
C GLU G 5 -42.49 65.90 -99.53
N GLU G 6 -43.42 64.96 -99.73
CA GLU G 6 -43.76 63.94 -98.77
C GLU G 6 -42.52 63.04 -98.47
N GLU G 7 -41.69 62.62 -99.46
CA GLU G 7 -40.46 61.92 -99.29
C GLU G 7 -39.39 62.70 -98.55
N LEU G 8 -39.28 64.00 -98.82
CA LEU G 8 -38.35 64.85 -98.12
C LEU G 8 -38.63 65.01 -96.66
N ASP G 9 -39.93 65.20 -96.32
CA ASP G 9 -40.54 65.38 -94.93
C ASP G 9 -40.25 64.15 -94.08
N ARG G 10 -40.44 62.94 -94.65
CA ARG G 10 -40.12 61.66 -94.07
C ARG G 10 -38.74 61.45 -93.84
N ALA G 11 -37.87 61.96 -94.76
CA ALA G 11 -36.44 61.94 -94.69
C ALA G 11 -35.88 62.75 -93.59
N GLN G 12 -36.50 63.93 -93.44
CA GLN G 12 -36.21 64.84 -92.31
C GLN G 12 -36.51 64.45 -90.90
N GLU G 13 -37.65 63.82 -90.76
CA GLU G 13 -38.11 63.20 -89.51
C GLU G 13 -37.19 62.00 -88.99
N ARG G 14 -36.77 61.15 -89.96
CA ARG G 14 -35.85 60.11 -89.79
C ARG G 14 -34.49 60.58 -89.41
N LEU G 15 -34.01 61.70 -90.05
CA LEU G 15 -32.78 62.35 -89.68
C LEU G 15 -32.82 62.87 -88.31
N ALA G 16 -33.89 63.52 -87.88
CA ALA G 16 -33.95 64.03 -86.51
C ALA G 16 -33.83 62.86 -85.46
N THR G 17 -34.64 61.77 -85.73
CA THR G 17 -34.69 60.66 -84.83
C THR G 17 -33.37 59.95 -84.65
N ALA G 18 -32.62 59.82 -85.81
CA ALA G 18 -31.28 59.31 -85.77
C ALA G 18 -30.30 60.13 -85.04
N LEU G 19 -30.34 61.46 -85.23
CA LEU G 19 -29.54 62.37 -84.48
C LEU G 19 -29.76 62.38 -83.03
N GLN G 20 -31.03 62.31 -82.53
CA GLN G 20 -31.29 62.16 -81.09
C GLN G 20 -30.71 60.81 -80.54
N LYS G 21 -30.92 59.66 -81.24
CA LYS G 21 -30.43 58.35 -80.78
C LYS G 21 -28.92 58.33 -80.75
N LEU G 22 -28.31 59.00 -81.76
CA LEU G 22 -26.87 59.21 -81.89
C LEU G 22 -26.37 60.06 -80.71
N GLU G 23 -27.00 61.18 -80.35
CA GLU G 23 -26.60 62.02 -79.20
C GLU G 23 -26.64 61.26 -77.90
N GLU G 24 -27.68 60.38 -77.76
CA GLU G 24 -27.77 59.47 -76.64
C GLU G 24 -26.66 58.45 -76.54
N ALA G 25 -26.24 57.84 -77.71
CA ALA G 25 -25.20 56.82 -77.75
C ALA G 25 -23.87 57.48 -77.42
N GLU G 26 -23.63 58.76 -77.92
CA GLU G 26 -22.48 59.58 -77.50
C GLU G 26 -22.43 59.87 -76.09
N LYS G 27 -23.57 60.31 -75.45
CA LYS G 27 -23.63 60.53 -74.07
C LYS G 27 -23.30 59.31 -73.24
N ALA G 28 -23.87 58.11 -73.63
CA ALA G 28 -23.69 56.82 -73.00
C ALA G 28 -22.25 56.40 -73.13
N ALA G 29 -21.56 56.70 -74.22
CA ALA G 29 -20.16 56.49 -74.50
C ALA G 29 -19.26 57.33 -73.65
N ASP G 30 -19.67 58.68 -73.48
CA ASP G 30 -19.00 59.63 -72.60
C ASP G 30 -19.07 59.08 -71.18
N GLU G 31 -20.23 58.55 -70.77
CA GLU G 31 -20.45 58.02 -69.44
C GLU G 31 -19.62 56.78 -69.22
N SER G 32 -19.47 55.88 -70.19
CA SER G 32 -18.67 54.66 -70.03
C SER G 32 -17.26 55.08 -69.78
N GLU G 33 -16.90 56.08 -70.54
CA GLU G 33 -15.57 56.64 -70.43
C GLU G 33 -15.26 57.21 -69.06
N ARG G 34 -16.19 57.99 -68.44
CA ARG G 34 -16.05 58.51 -67.08
C ARG G 34 -15.95 57.52 -65.96
N GLY G 35 -16.84 56.50 -66.12
CA GLY G 35 -16.96 55.35 -65.28
C GLY G 35 -15.66 54.61 -65.21
N MET G 36 -15.05 54.37 -66.41
CA MET G 36 -13.86 53.74 -66.63
C MET G 36 -12.60 54.40 -65.96
N LYS G 37 -12.53 55.72 -66.10
CA LYS G 37 -11.50 56.53 -65.52
C LYS G 37 -11.39 56.50 -63.95
N VAL G 38 -12.50 56.45 -63.24
CA VAL G 38 -12.57 56.30 -61.83
C VAL G 38 -12.16 54.96 -61.38
N ILE G 39 -12.58 53.96 -62.17
CA ILE G 39 -12.25 52.58 -62.02
C ILE G 39 -10.75 52.27 -62.22
N GLU G 40 -10.13 52.86 -63.24
CA GLU G 40 -8.70 52.80 -63.47
C GLU G 40 -7.96 53.39 -62.30
N SER G 41 -8.41 54.59 -61.78
CA SER G 41 -7.75 55.19 -60.65
C SER G 41 -7.77 54.37 -59.38
N ARG G 42 -8.87 53.58 -59.15
CA ARG G 42 -9.07 52.68 -58.04
C ARG G 42 -8.17 51.47 -58.28
N ALA G 43 -8.09 51.03 -59.45
CA ALA G 43 -7.36 49.85 -59.80
C ALA G 43 -5.92 50.00 -59.48
N GLN G 44 -5.36 51.15 -59.84
CA GLN G 44 -4.00 51.53 -59.49
C GLN G 44 -3.78 51.52 -57.96
N LYS G 45 -4.71 52.17 -57.23
CA LYS G 45 -4.58 52.30 -55.81
C LYS G 45 -4.63 51.00 -54.99
N ASP G 46 -5.52 50.07 -55.37
CA ASP G 46 -5.69 48.73 -54.85
C ASP G 46 -4.48 47.80 -55.15
N GLU G 47 -3.93 48.01 -56.37
CA GLU G 47 -2.76 47.26 -56.75
C GLU G 47 -1.53 47.65 -55.88
N GLU G 48 -1.22 49.00 -55.75
CA GLU G 48 -0.10 49.51 -55.03
C GLU G 48 -0.14 49.02 -53.58
N LYS G 49 -1.37 49.17 -52.98
CA LYS G 49 -1.69 48.81 -51.65
C LYS G 49 -1.63 47.31 -51.49
N MET G 50 -2.11 46.43 -52.48
CA MET G 50 -1.94 45.00 -52.41
C MET G 50 -0.47 44.62 -52.45
N GLU G 51 0.35 45.19 -53.34
CA GLU G 51 1.83 45.12 -53.41
C GLU G 51 2.59 45.64 -52.17
N ILE G 52 2.14 46.81 -51.64
CA ILE G 52 2.75 47.32 -50.46
C ILE G 52 2.65 46.33 -49.29
N GLN G 53 1.45 45.74 -49.23
CA GLN G 53 1.16 44.72 -48.28
C GLN G 53 1.96 43.49 -48.49
N GLU G 54 2.33 43.12 -49.77
CA GLU G 54 3.07 41.94 -50.07
C GLU G 54 4.46 42.04 -49.46
N ILE G 55 5.13 43.20 -49.50
CA ILE G 55 6.35 43.48 -48.82
C ILE G 55 6.25 43.35 -47.27
N GLN G 56 5.18 44.04 -46.66
CA GLN G 56 4.93 44.04 -45.25
C GLN G 56 4.63 42.56 -44.71
N LEU G 57 3.91 41.76 -45.52
CA LEU G 57 3.52 40.46 -45.21
C LEU G 57 4.72 39.54 -45.11
N LYS G 58 5.65 39.72 -46.03
CA LYS G 58 6.91 39.02 -46.10
C LYS G 58 7.73 39.35 -44.93
N GLU G 59 7.78 40.66 -44.55
CA GLU G 59 8.44 41.13 -43.36
C GLU G 59 7.85 40.54 -42.11
N ALA G 60 6.51 40.45 -41.87
CA ALA G 60 5.92 39.91 -40.68
C ALA G 60 6.24 38.44 -40.49
N LYS G 61 6.36 37.69 -41.64
CA LYS G 61 6.61 36.25 -41.60
C LYS G 61 8.06 36.14 -41.14
N HIS G 62 8.97 36.93 -41.78
CA HIS G 62 10.44 36.84 -41.66
C HIS G 62 10.81 37.22 -40.22
N ILE G 63 10.16 38.29 -39.65
CA ILE G 63 10.24 38.71 -38.31
C ILE G 63 9.70 37.63 -37.31
N ALA G 64 8.52 37.02 -37.62
CA ALA G 64 7.96 36.00 -36.71
C ALA G 64 8.86 34.90 -36.64
N GLU G 65 9.35 34.43 -37.83
CA GLU G 65 10.20 33.31 -37.94
C GLU G 65 11.46 33.50 -37.17
N ASP G 66 12.09 34.70 -37.24
CA ASP G 66 13.31 34.96 -36.51
C ASP G 66 13.03 35.01 -34.98
N ALA G 67 11.83 35.51 -34.59
CA ALA G 67 11.44 35.37 -33.14
C ALA G 67 11.24 33.87 -32.69
N ASP G 68 10.61 32.98 -33.48
CA ASP G 68 10.41 31.61 -33.20
C ASP G 68 11.67 30.82 -33.01
N ARG G 69 12.74 30.99 -33.87
CA ARG G 69 14.02 30.38 -33.73
C ARG G 69 14.75 30.69 -32.46
N LYS G 70 14.70 31.96 -32.14
CA LYS G 70 15.28 32.43 -30.90
C LYS G 70 14.56 31.90 -29.63
N TYR G 71 13.15 31.91 -29.71
CA TYR G 71 12.34 31.45 -28.67
C TYR G 71 12.57 29.93 -28.40
N GLU G 72 12.65 29.14 -29.47
CA GLU G 72 13.00 27.68 -29.54
C GLU G 72 14.43 27.50 -29.02
N GLU G 73 15.46 28.39 -29.33
CA GLU G 73 16.86 28.33 -28.77
C GLU G 73 16.93 28.45 -27.30
N VAL G 74 16.19 29.43 -26.80
CA VAL G 74 16.02 29.73 -25.39
C VAL G 74 15.31 28.60 -24.66
N ALA G 75 14.26 28.07 -25.32
CA ALA G 75 13.55 26.92 -24.82
C ALA G 75 14.35 25.65 -24.63
N ARG G 76 15.28 25.37 -25.61
CA ARG G 76 16.17 24.23 -25.64
C ARG G 76 17.13 24.33 -24.49
N LYS G 77 17.70 25.59 -24.26
CA LYS G 77 18.57 25.87 -23.14
C LYS G 77 17.83 25.72 -21.90
N LEU G 78 16.54 26.14 -21.87
CA LEU G 78 15.71 26.08 -20.65
C LEU G 78 15.55 24.70 -20.11
N VAL G 79 15.18 23.70 -20.93
CA VAL G 79 15.05 22.32 -20.43
C VAL G 79 16.38 21.71 -19.95
N ILE G 80 17.55 22.11 -20.47
CA ILE G 80 18.79 21.71 -19.94
C ILE G 80 18.95 22.31 -18.51
N ILE G 81 18.61 23.60 -18.31
CA ILE G 81 18.73 24.21 -17.04
C ILE G 81 17.73 23.59 -16.04
N GLU G 82 16.48 23.28 -16.42
CA GLU G 82 15.48 22.64 -15.56
C GLU G 82 15.90 21.24 -15.09
N SER G 83 16.48 20.42 -15.97
CA SER G 83 17.00 19.10 -15.60
C SER G 83 18.19 19.21 -14.63
N ASP G 84 19.09 20.16 -14.90
CA ASP G 84 20.20 20.50 -14.10
C ASP G 84 19.84 21.19 -12.79
N LEU G 85 18.71 22.00 -12.72
CA LEU G 85 18.10 22.52 -11.50
C LEU G 85 17.53 21.40 -10.70
N GLU G 86 16.77 20.46 -11.29
CA GLU G 86 16.19 19.31 -10.57
C GLU G 86 17.28 18.45 -9.92
N ARG G 87 18.29 18.04 -10.70
CA ARG G 87 19.43 17.25 -10.18
C ARG G 87 20.21 18.02 -9.12
N ALA G 88 20.22 19.36 -9.17
CA ALA G 88 20.92 20.19 -8.21
C ALA G 88 20.07 20.20 -6.85
N GLU G 89 18.71 20.26 -6.92
CA GLU G 89 17.87 20.13 -5.76
C GLU G 89 17.92 18.75 -5.11
N GLU G 90 17.79 17.69 -5.90
CA GLU G 90 17.81 16.29 -5.45
C GLU G 90 19.10 15.93 -4.68
N ARG G 91 20.25 16.29 -5.25
CA ARG G 91 21.59 16.16 -4.62
C ARG G 91 21.73 17.03 -3.44
N ALA G 92 21.19 18.25 -3.46
CA ALA G 92 21.36 19.14 -2.27
C ALA G 92 20.69 18.51 -1.05
N GLU G 93 19.42 18.13 -1.21
CA GLU G 93 18.58 17.49 -0.19
C GLU G 93 19.04 16.09 0.23
N LEU G 94 19.57 15.28 -0.69
CA LEU G 94 20.11 13.97 -0.34
C LEU G 94 21.33 14.10 0.57
N SER G 95 22.18 15.11 0.33
CA SER G 95 23.28 15.41 1.11
C SER G 95 22.85 15.91 2.41
N GLU G 96 21.81 16.74 2.44
CA GLU G 96 21.25 17.26 3.70
C GLU G 96 20.67 16.14 4.61
N GLY G 97 19.93 15.19 3.99
CA GLY G 97 19.49 13.98 4.72
C GLY G 97 20.64 13.24 5.28
N LYS G 98 21.76 12.98 4.51
CA LYS G 98 22.92 12.24 4.93
C LYS G 98 23.65 13.02 6.02
N CYS G 99 23.73 14.37 5.86
CA CYS G 99 24.31 15.22 6.84
C CYS G 99 23.59 15.13 8.20
N ALA G 100 22.17 15.12 8.21
CA ALA G 100 21.39 14.88 9.39
C ALA G 100 21.59 13.59 10.07
N GLU G 101 21.72 12.46 9.27
CA GLU G 101 22.02 11.12 9.65
C GLU G 101 23.31 11.09 10.40
N LEU G 102 24.41 11.75 9.88
CA LEU G 102 25.71 11.78 10.50
C LEU G 102 25.71 12.56 11.79
N GLU G 103 24.86 13.62 11.82
CA GLU G 103 24.63 14.38 13.04
C GLU G 103 23.95 13.60 14.16
N GLU G 104 22.97 12.70 13.84
CA GLU G 104 22.36 11.88 14.83
C GLU G 104 23.40 10.87 15.41
N GLU G 105 24.20 10.27 14.52
CA GLU G 105 25.38 9.41 14.91
C GLU G 105 26.45 10.11 15.73
N LEU G 106 26.91 11.24 15.43
CA LEU G 106 27.90 11.95 16.32
C LEU G 106 27.27 12.19 17.72
N LYS G 107 25.96 12.58 17.74
CA LYS G 107 25.27 12.93 18.87
C LYS G 107 25.13 11.75 19.86
N THR G 108 24.84 10.53 19.31
CA THR G 108 24.84 9.28 20.05
C THR G 108 26.26 8.96 20.51
N VAL G 109 27.23 9.03 19.61
CA VAL G 109 28.58 8.68 19.82
C VAL G 109 29.18 9.46 20.95
N THR G 110 28.84 10.75 21.00
CA THR G 110 29.20 11.69 22.09
C THR G 110 28.68 11.23 23.38
N ASN G 111 27.42 10.87 23.43
CA ASN G 111 26.80 10.46 24.63
C ASN G 111 27.34 9.19 25.32
N ASN G 112 27.44 8.17 24.43
CA ASN G 112 28.37 7.02 24.68
C ASN G 112 29.75 7.50 25.06
N LEU G 113 30.40 8.53 24.42
CA LEU G 113 31.63 8.97 24.89
C LEU G 113 31.51 9.56 26.32
N LYS G 114 30.57 10.48 26.56
CA LYS G 114 30.26 11.05 27.92
C LYS G 114 29.83 9.96 28.94
N SER G 115 29.04 8.91 28.58
CA SER G 115 28.74 7.77 29.49
C SER G 115 30.11 7.01 29.81
N LEU G 116 30.86 6.79 28.73
CA LEU G 116 32.19 6.03 28.83
C LEU G 116 33.13 6.83 29.69
N GLU G 117 33.14 8.22 29.59
CA GLU G 117 34.05 9.04 30.39
C GLU G 117 33.71 8.82 31.88
N ALA G 118 32.40 8.76 32.32
CA ALA G 118 32.03 8.57 33.71
C ALA G 118 32.51 7.14 34.18
N GLN G 119 32.51 6.14 33.27
CA GLN G 119 32.91 4.77 33.54
C GLN G 119 34.39 4.59 33.74
N ALA G 120 35.06 5.24 32.82
CA ALA G 120 36.53 5.31 32.71
C ALA G 120 37.06 5.87 34.02
N GLU G 121 36.36 6.98 34.49
CA GLU G 121 36.64 7.73 35.72
C GLU G 121 36.55 6.87 36.96
N LYS G 122 35.49 6.04 36.96
CA LYS G 122 35.24 5.11 38.02
C LYS G 122 36.27 3.98 38.13
N TYR G 123 36.79 3.53 36.92
CA TYR G 123 37.75 2.44 36.81
C TYR G 123 39.02 2.98 37.35
N SER G 124 39.40 4.27 37.07
CA SER G 124 40.60 4.87 37.65
C SER G 124 40.51 4.90 39.15
N GLN G 125 39.37 5.41 39.71
CA GLN G 125 39.15 5.45 41.10
C GLN G 125 39.02 4.16 41.84
N LYS G 126 38.48 3.14 41.19
CA LYS G 126 38.34 1.84 41.74
C LYS G 126 39.74 1.21 41.72
N GLU G 127 40.60 1.43 40.68
CA GLU G 127 41.99 1.01 40.57
C GLU G 127 42.80 1.59 41.73
N ASP G 128 42.67 2.91 42.04
CA ASP G 128 43.40 3.54 43.10
C ASP G 128 43.24 2.93 44.45
N LYS G 129 41.94 2.63 44.72
CA LYS G 129 41.48 2.05 45.98
C LYS G 129 42.02 0.67 46.12
N TYR G 130 41.90 -0.08 44.99
CA TYR G 130 42.20 -1.48 44.96
C TYR G 130 43.69 -1.74 45.13
N GLU G 131 44.60 -0.82 44.57
CA GLU G 131 46.04 -0.79 44.75
C GLU G 131 46.36 -0.57 46.23
N GLU G 132 45.57 0.35 46.85
CA GLU G 132 45.72 0.58 48.27
C GLU G 132 45.38 -0.55 49.10
N GLU G 133 44.22 -1.22 48.80
CA GLU G 133 43.74 -2.48 49.35
C GLU G 133 44.65 -3.60 49.20
N ILE G 134 45.21 -3.79 48.03
CA ILE G 134 46.15 -4.84 47.80
C ILE G 134 47.39 -4.78 48.63
N LYS G 135 47.87 -3.48 48.72
CA LYS G 135 48.99 -3.15 49.51
C LYS G 135 48.76 -3.39 51.00
N VAL G 136 47.57 -2.89 51.49
CA VAL G 136 47.18 -3.19 52.88
C VAL G 136 46.98 -4.65 53.16
N LEU G 137 46.30 -5.43 52.22
CA LEU G 137 46.19 -6.86 52.43
C LEU G 137 47.46 -7.60 52.36
N SER G 138 48.36 -7.21 51.48
CA SER G 138 49.65 -7.89 51.35
C SER G 138 50.60 -7.77 52.56
N ASP G 139 50.66 -6.52 53.14
CA ASP G 139 51.49 -6.12 54.34
C ASP G 139 50.88 -6.92 55.47
N LYS G 140 49.53 -6.97 55.58
CA LYS G 140 48.79 -7.71 56.58
C LYS G 140 49.03 -9.24 56.55
N LEU G 141 49.07 -9.82 55.37
CA LEU G 141 49.41 -11.23 55.13
C LEU G 141 50.85 -11.54 55.63
N LYS G 142 51.81 -10.69 55.23
CA LYS G 142 53.24 -10.80 55.60
C LYS G 142 53.52 -10.67 57.13
N GLU G 143 52.81 -9.71 57.74
CA GLU G 143 52.83 -9.54 59.12
C GLU G 143 52.23 -10.75 59.89
N ALA G 144 51.09 -11.26 59.33
CA ALA G 144 50.33 -12.37 59.90
C ALA G 144 51.18 -13.61 59.85
N GLU G 145 51.87 -13.87 58.72
CA GLU G 145 52.80 -14.97 58.55
C GLU G 145 54.04 -14.91 59.44
N THR G 146 54.73 -13.74 59.52
CA THR G 146 55.93 -13.65 60.40
C THR G 146 55.62 -13.81 61.80
N ARG G 147 54.48 -13.24 62.31
CA ARG G 147 54.08 -13.34 63.68
C ARG G 147 53.58 -14.74 64.01
N ALA G 148 52.88 -15.37 63.08
CA ALA G 148 52.28 -16.67 63.13
C ALA G 148 53.42 -17.68 63.22
N GLU G 149 54.45 -17.41 62.38
CA GLU G 149 55.67 -18.18 62.35
C GLU G 149 56.49 -18.08 63.66
N PHE G 150 56.52 -16.85 64.31
CA PHE G 150 57.10 -16.57 65.65
C PHE G 150 56.38 -17.26 66.80
N ALA G 151 55.01 -17.28 66.73
CA ALA G 151 54.21 -18.00 67.61
C ALA G 151 54.46 -19.56 67.46
N GLU G 152 54.57 -20.17 66.25
CA GLU G 152 54.85 -21.58 66.04
C GLU G 152 56.18 -21.89 66.74
N ARG G 153 57.25 -20.99 66.56
CA ARG G 153 58.57 -21.13 67.21
C ARG G 153 58.39 -21.03 68.70
N SER G 154 57.37 -20.21 69.16
CA SER G 154 57.10 -20.12 70.56
C SER G 154 56.56 -21.34 71.20
N VAL G 155 55.66 -22.01 70.47
CA VAL G 155 55.13 -23.32 70.79
C VAL G 155 56.27 -24.38 70.81
N THR G 156 57.17 -24.35 69.77
CA THR G 156 58.21 -25.33 69.66
C THR G 156 59.17 -25.31 70.85
N LYS G 157 59.45 -24.11 71.39
CA LYS G 157 60.16 -23.77 72.52
C LYS G 157 59.50 -24.16 73.84
N LEU G 158 58.13 -23.96 73.93
CA LEU G 158 57.36 -24.51 75.02
C LEU G 158 57.29 -25.97 75.13
N GLU G 159 57.06 -26.66 74.00
CA GLU G 159 57.03 -28.10 73.76
C GLU G 159 58.30 -28.68 74.18
N LYS G 160 59.49 -28.05 73.78
CA LYS G 160 60.79 -28.54 74.18
C LYS G 160 60.92 -28.56 75.71
N SER G 161 60.40 -27.49 76.35
CA SER G 161 60.34 -27.42 77.76
C SER G 161 59.38 -28.48 78.38
N ILE G 162 58.24 -28.86 77.70
CA ILE G 162 57.38 -29.96 78.21
C ILE G 162 58.14 -31.24 78.20
N ASP G 163 58.87 -31.55 77.07
CA ASP G 163 59.67 -32.69 76.87
C ASP G 163 60.78 -32.83 77.96
N ASP G 164 61.49 -31.70 78.26
CA ASP G 164 62.41 -31.68 79.40
C ASP G 164 61.90 -31.95 80.74
N LEU G 165 60.75 -31.41 80.99
CA LEU G 165 60.10 -31.61 82.25
C LEU G 165 59.54 -33.03 82.42
N GLU G 166 59.04 -33.58 81.31
CA GLU G 166 58.48 -34.94 81.19
C GLU G 166 59.43 -36.00 81.42
N ASP G 167 60.63 -35.85 80.74
CA ASP G 167 61.78 -36.67 80.99
C ASP G 167 62.22 -36.64 82.38
N GLU G 168 62.35 -35.39 82.97
CA GLU G 168 62.85 -35.19 84.27
C GLU G 168 61.87 -35.81 85.25
N LEU G 169 60.55 -35.68 85.09
CA LEU G 169 59.49 -36.24 85.88
C LEU G 169 59.54 -37.75 85.85
N TYR G 170 59.79 -38.41 84.68
CA TYR G 170 60.02 -39.83 84.49
C TYR G 170 61.24 -40.31 85.25
N ALA G 171 62.37 -39.59 85.21
CA ALA G 171 63.58 -39.94 85.90
C ALA G 171 63.34 -39.88 87.39
N GLN G 172 62.60 -38.92 87.78
CA GLN G 172 62.12 -38.70 89.16
C GLN G 172 61.17 -39.83 89.57
N LYS G 173 60.27 -40.36 88.72
CA LYS G 173 59.50 -41.53 88.93
C LYS G 173 60.33 -42.81 89.07
N LEU G 174 61.42 -43.01 88.27
CA LEU G 174 62.25 -44.21 88.42
C LEU G 174 62.96 -44.28 89.77
N LYS G 175 63.55 -43.10 90.16
CA LYS G 175 64.20 -42.85 91.45
C LYS G 175 63.30 -42.95 92.67
N TYR G 176 62.05 -42.41 92.59
CA TYR G 176 61.00 -42.41 93.55
C TYR G 176 60.54 -43.81 93.79
N LYS G 177 60.39 -44.68 92.72
CA LYS G 177 60.00 -46.04 92.82
C LYS G 177 61.11 -46.78 93.56
N ALA G 178 62.38 -46.50 93.22
CA ALA G 178 63.55 -47.05 93.84
C ALA G 178 63.68 -46.73 95.27
N ILE G 179 63.42 -45.50 95.69
CA ILE G 179 63.61 -45.03 97.05
C ILE G 179 62.24 -44.43 97.60
N ILE H 1 -39.59 71.87 -108.77
CA ILE H 1 -39.13 70.49 -108.52
C ILE H 1 -37.76 70.30 -107.98
N GLN H 2 -36.70 70.89 -108.65
CA GLN H 2 -35.32 70.64 -108.41
C GLN H 2 -34.89 70.83 -106.99
N LEU H 3 -35.36 71.97 -106.40
CA LEU H 3 -35.08 72.30 -105.00
C LEU H 3 -35.66 71.28 -104.08
N VAL H 4 -36.91 70.80 -104.32
CA VAL H 4 -37.43 69.83 -103.36
C VAL H 4 -36.69 68.49 -103.45
N GLU H 5 -36.35 68.10 -104.69
CA GLU H 5 -35.58 66.91 -104.95
C GLU H 5 -34.24 66.89 -104.32
N GLU H 6 -33.42 68.00 -104.48
CA GLU H 6 -32.01 68.20 -103.98
C GLU H 6 -31.91 68.20 -102.48
N GLU H 7 -32.94 68.83 -101.84
CA GLU H 7 -33.14 68.83 -100.45
C GLU H 7 -33.47 67.45 -99.92
N LEU H 8 -34.29 66.65 -100.75
CA LEU H 8 -34.59 65.30 -100.30
C LEU H 8 -33.36 64.41 -100.26
N ASP H 9 -32.61 64.49 -101.35
CA ASP H 9 -31.48 63.63 -101.66
C ASP H 9 -30.38 63.77 -100.69
N ARG H 10 -30.00 65.04 -100.36
CA ARG H 10 -29.11 65.40 -99.34
C ARG H 10 -29.66 65.00 -98.04
N ALA H 11 -30.97 65.09 -97.82
CA ALA H 11 -31.54 64.61 -96.56
C ALA H 11 -31.37 63.16 -96.27
N GLN H 12 -31.49 62.32 -97.35
CA GLN H 12 -31.14 60.89 -97.38
C GLN H 12 -29.66 60.63 -97.22
N GLU H 13 -28.73 61.42 -97.86
CA GLU H 13 -27.33 61.33 -97.73
C GLU H 13 -26.83 61.54 -96.38
N ARG H 14 -27.41 62.57 -95.73
CA ARG H 14 -27.33 62.86 -94.39
C ARG H 14 -27.89 61.81 -93.46
N LEU H 15 -29.06 61.25 -93.77
CA LEU H 15 -29.60 60.17 -92.93
C LEU H 15 -28.73 58.97 -92.94
N ALA H 16 -28.26 58.58 -94.12
CA ALA H 16 -27.39 57.41 -94.30
C ALA H 16 -26.16 57.57 -93.46
N THR H 17 -25.62 58.82 -93.51
CA THR H 17 -24.41 59.17 -92.81
C THR H 17 -24.66 59.12 -91.29
N ALA H 18 -25.79 59.56 -90.79
CA ALA H 18 -26.17 59.55 -89.40
C ALA H 18 -26.33 58.16 -88.88
N LEU H 19 -26.91 57.19 -89.69
CA LEU H 19 -26.94 55.78 -89.32
C LEU H 19 -25.55 55.18 -89.22
N GLN H 20 -24.64 55.49 -90.17
CA GLN H 20 -23.28 55.03 -90.14
C GLN H 20 -22.56 55.48 -88.87
N LYS H 21 -22.73 56.72 -88.53
CA LYS H 21 -22.22 57.35 -87.37
C LYS H 21 -22.73 56.78 -86.05
N LEU H 22 -24.08 56.37 -85.99
CA LEU H 22 -24.80 55.68 -84.90
C LEU H 22 -24.17 54.29 -84.64
N GLU H 23 -23.87 53.51 -85.73
CA GLU H 23 -23.26 52.23 -85.61
C GLU H 23 -21.83 52.36 -85.02
N GLU H 24 -21.06 53.37 -85.47
CA GLU H 24 -19.73 53.73 -85.10
C GLU H 24 -19.65 54.12 -83.58
N ALA H 25 -20.63 54.95 -83.11
CA ALA H 25 -20.80 55.46 -81.76
C ALA H 25 -21.15 54.28 -80.82
N GLU H 26 -22.05 53.42 -81.36
CA GLU H 26 -22.41 52.13 -80.73
C GLU H 26 -21.25 51.23 -80.54
N LYS H 27 -20.34 51.06 -81.57
CA LYS H 27 -19.16 50.25 -81.58
C LYS H 27 -18.20 50.69 -80.57
N ALA H 28 -17.95 52.00 -80.50
CA ALA H 28 -17.02 52.76 -79.63
C ALA H 28 -17.52 52.68 -78.19
N ALA H 29 -18.79 52.70 -77.96
CA ALA H 29 -19.35 52.55 -76.62
C ALA H 29 -19.01 51.16 -76.22
N ASP H 30 -19.23 50.12 -77.10
CA ASP H 30 -18.86 48.79 -76.81
C ASP H 30 -17.40 48.57 -76.52
N GLU H 31 -16.52 49.20 -77.27
CA GLU H 31 -15.04 49.12 -77.03
C GLU H 31 -14.56 49.68 -75.71
N SER H 32 -15.18 50.86 -75.39
CA SER H 32 -15.04 51.46 -74.03
C SER H 32 -15.55 50.59 -72.86
N GLU H 33 -16.72 49.98 -72.93
CA GLU H 33 -17.37 49.14 -71.95
C GLU H 33 -16.57 47.87 -71.75
N ARG H 34 -16.08 47.25 -72.88
CA ARG H 34 -15.31 46.08 -72.82
C ARG H 34 -14.02 46.35 -72.07
N GLY H 35 -13.22 47.35 -72.51
CA GLY H 35 -12.10 47.83 -71.79
C GLY H 35 -12.34 48.11 -70.30
N MET H 36 -13.52 48.82 -70.07
CA MET H 36 -14.09 49.12 -68.74
C MET H 36 -14.32 47.83 -67.99
N LYS H 37 -14.94 46.77 -68.61
CA LYS H 37 -15.07 45.42 -68.02
C LYS H 37 -13.79 44.73 -67.62
N VAL H 38 -12.68 44.86 -68.47
CA VAL H 38 -11.40 44.27 -68.27
C VAL H 38 -10.66 44.87 -67.15
N ILE H 39 -10.62 46.22 -67.02
CA ILE H 39 -9.99 46.97 -65.92
C ILE H 39 -10.76 46.56 -64.64
N GLU H 40 -12.09 46.54 -64.74
CA GLU H 40 -12.96 46.37 -63.58
C GLU H 40 -12.76 45.04 -62.91
N SER H 41 -12.71 43.98 -63.73
CA SER H 41 -12.41 42.62 -63.34
C SER H 41 -10.97 42.49 -62.76
N ARG H 42 -9.98 43.24 -63.34
CA ARG H 42 -8.62 43.30 -62.76
C ARG H 42 -8.62 44.05 -61.42
N ALA H 43 -9.32 45.21 -61.20
CA ALA H 43 -9.45 45.96 -59.99
C ALA H 43 -10.02 45.13 -58.88
N GLN H 44 -11.10 44.40 -59.19
CA GLN H 44 -11.79 43.52 -58.25
C GLN H 44 -10.91 42.37 -57.80
N LYS H 45 -10.29 41.62 -58.72
CA LYS H 45 -9.37 40.53 -58.34
C LYS H 45 -8.24 41.02 -57.43
N ASP H 46 -7.67 42.20 -57.70
CA ASP H 46 -6.71 42.81 -56.82
C ASP H 46 -7.20 43.19 -55.48
N GLU H 47 -8.44 43.71 -55.48
CA GLU H 47 -9.06 44.05 -54.21
C GLU H 47 -9.25 42.83 -53.29
N GLU H 48 -9.84 41.77 -53.84
CA GLU H 48 -10.12 40.55 -53.07
C GLU H 48 -8.81 40.00 -52.50
N LYS H 49 -7.75 40.05 -53.32
CA LYS H 49 -6.39 39.72 -52.91
C LYS H 49 -5.81 40.67 -51.82
N MET H 50 -6.06 41.98 -51.97
CA MET H 50 -5.64 42.99 -50.99
C MET H 50 -6.23 42.81 -49.61
N GLU H 51 -7.54 42.63 -49.53
CA GLU H 51 -8.28 42.44 -48.28
C GLU H 51 -7.84 41.16 -47.56
N ILE H 52 -7.64 40.07 -48.31
CA ILE H 52 -7.06 38.82 -47.77
C ILE H 52 -5.68 39.08 -47.15
N GLN H 53 -4.79 39.82 -47.81
CA GLN H 53 -3.53 40.31 -47.36
C GLN H 53 -3.58 41.29 -46.20
N GLU H 54 -4.59 42.25 -46.07
CA GLU H 54 -4.67 43.12 -44.90
C GLU H 54 -4.92 42.29 -43.63
N ILE H 55 -5.79 41.27 -43.77
CA ILE H 55 -6.17 40.22 -42.81
C ILE H 55 -5.01 39.26 -42.56
N GLN H 56 -4.39 38.63 -43.57
CA GLN H 56 -3.21 37.80 -43.37
C GLN H 56 -2.09 38.48 -42.57
N LEU H 57 -1.88 39.80 -42.90
CA LEU H 57 -0.96 40.64 -42.20
C LEU H 57 -1.37 40.90 -40.73
N LYS H 58 -2.67 41.22 -40.40
CA LYS H 58 -3.21 41.38 -39.10
C LYS H 58 -3.15 40.13 -38.30
N GLU H 59 -3.51 38.99 -38.97
CA GLU H 59 -3.42 37.68 -38.41
C GLU H 59 -2.05 37.23 -38.04
N ALA H 60 -1.10 37.50 -38.93
CA ALA H 60 0.30 37.20 -38.71
C ALA H 60 0.89 37.97 -37.53
N LYS H 61 0.52 39.26 -37.38
CA LYS H 61 0.89 40.10 -36.20
C LYS H 61 0.30 39.51 -34.94
N HIS H 62 -1.02 39.08 -34.92
CA HIS H 62 -1.63 38.55 -33.62
C HIS H 62 -0.95 37.32 -33.15
N ILE H 63 -0.69 36.44 -34.09
CA ILE H 63 -0.02 35.10 -33.90
C ILE H 63 1.36 35.33 -33.39
N ALA H 64 2.04 36.34 -33.96
CA ALA H 64 3.44 36.69 -33.55
C ALA H 64 3.46 37.24 -32.11
N GLU H 65 2.51 38.18 -31.82
CA GLU H 65 2.39 38.84 -30.56
C GLU H 65 2.06 37.97 -29.36
N ASP H 66 1.17 36.95 -29.53
CA ASP H 66 0.83 36.00 -28.46
C ASP H 66 1.80 35.04 -28.15
N ALA H 67 2.55 34.64 -29.18
CA ALA H 67 3.73 33.78 -29.04
C ALA H 67 4.76 34.46 -28.32
N ASP H 68 4.96 35.77 -28.58
CA ASP H 68 5.94 36.60 -27.92
C ASP H 68 5.54 36.70 -26.44
N ARG H 69 4.20 36.85 -26.06
CA ARG H 69 3.78 36.99 -24.63
C ARG H 69 4.13 35.77 -23.73
N LYS H 70 3.82 34.58 -24.32
CA LYS H 70 4.16 33.40 -23.62
C LYS H 70 5.67 33.17 -23.44
N TYR H 71 6.50 33.38 -24.51
CA TYR H 71 7.97 33.31 -24.54
C TYR H 71 8.61 34.39 -23.62
N GLU H 72 8.13 35.64 -23.59
CA GLU H 72 8.54 36.67 -22.71
C GLU H 72 8.28 36.37 -21.29
N GLU H 73 7.12 35.78 -20.93
CA GLU H 73 6.78 35.24 -19.59
C GLU H 73 7.73 34.10 -19.32
N VAL H 74 8.02 33.19 -20.27
CA VAL H 74 8.93 32.10 -20.15
C VAL H 74 10.28 32.62 -19.80
N ALA H 75 10.73 33.71 -20.40
CA ALA H 75 11.95 34.45 -20.15
C ALA H 75 12.02 34.97 -18.76
N ARG H 76 10.96 35.56 -18.27
CA ARG H 76 10.87 36.10 -16.87
C ARG H 76 10.96 34.95 -15.89
N LYS H 77 10.28 33.87 -16.30
CA LYS H 77 10.41 32.59 -15.58
C LYS H 77 11.77 31.89 -15.58
N LEU H 78 12.57 31.90 -16.69
CA LEU H 78 13.84 31.35 -16.88
C LEU H 78 14.71 32.09 -15.80
N VAL H 79 14.65 33.40 -15.71
CA VAL H 79 15.50 34.20 -14.91
C VAL H 79 15.42 33.73 -13.39
N ILE H 80 14.14 33.40 -12.96
CA ILE H 80 13.83 32.86 -11.63
C ILE H 80 14.46 31.44 -11.45
N ILE H 81 14.35 30.59 -12.51
CA ILE H 81 14.84 29.25 -12.64
C ILE H 81 16.32 29.27 -12.55
N GLU H 82 16.97 30.23 -13.24
CA GLU H 82 18.37 30.50 -13.15
C GLU H 82 18.88 30.89 -11.74
N SER H 83 18.10 31.77 -11.04
CA SER H 83 18.41 32.16 -9.63
C SER H 83 18.28 31.04 -8.66
N ASP H 84 17.28 30.15 -8.94
CA ASP H 84 16.96 28.99 -8.24
C ASP H 84 17.99 27.90 -8.37
N LEU H 85 18.64 27.78 -9.58
CA LEU H 85 19.78 26.88 -9.92
C LEU H 85 20.92 27.21 -9.12
N GLU H 86 21.25 28.52 -9.11
CA GLU H 86 22.36 29.11 -8.31
C GLU H 86 22.23 28.83 -6.89
N ARG H 87 21.02 29.00 -6.33
CA ARG H 87 20.71 28.75 -4.95
C ARG H 87 20.80 27.24 -4.59
N ALA H 88 20.43 26.35 -5.56
CA ALA H 88 20.65 24.89 -5.41
C ALA H 88 22.04 24.52 -5.46
N GLU H 89 22.86 25.12 -6.31
CA GLU H 89 24.24 24.84 -6.38
C GLU H 89 24.94 25.16 -5.06
N GLU H 90 24.69 26.41 -4.55
CA GLU H 90 25.24 26.83 -3.31
C GLU H 90 24.90 25.95 -2.12
N ARG H 91 23.59 25.47 -2.07
CA ARG H 91 23.16 24.58 -1.03
C ARG H 91 23.79 23.17 -1.14
N ALA H 92 23.91 22.62 -2.36
CA ALA H 92 24.30 21.28 -2.59
C ALA H 92 25.70 21.11 -2.20
N GLU H 93 26.57 22.09 -2.74
CA GLU H 93 27.98 22.15 -2.54
C GLU H 93 28.35 22.30 -1.08
N LEU H 94 27.56 23.24 -0.40
CA LEU H 94 27.70 23.60 1.00
C LEU H 94 27.40 22.40 1.85
N SER H 95 26.33 21.63 1.50
CA SER H 95 25.89 20.53 2.31
C SER H 95 26.84 19.38 2.16
N GLU H 96 27.44 19.11 0.96
CA GLU H 96 28.48 18.10 0.77
C GLU H 96 29.78 18.43 1.52
N GLY H 97 30.18 19.68 1.57
CA GLY H 97 31.21 20.20 2.46
C GLY H 97 30.90 20.00 3.92
N LYS H 98 29.60 20.28 4.34
CA LYS H 98 29.19 20.00 5.72
C LYS H 98 29.24 18.53 6.00
N CYS H 99 28.81 17.67 5.02
CA CYS H 99 28.97 16.20 5.22
C CYS H 99 30.45 15.78 5.35
N ALA H 100 31.38 16.24 4.55
CA ALA H 100 32.80 15.91 4.49
C ALA H 100 33.44 16.32 5.85
N GLU H 101 33.02 17.46 6.28
CA GLU H 101 33.35 18.10 7.56
C GLU H 101 32.94 17.30 8.79
N LEU H 102 31.64 16.89 8.80
CA LEU H 102 30.98 16.16 9.82
C LEU H 102 31.57 14.77 9.89
N GLU H 103 31.98 14.19 8.75
CA GLU H 103 32.68 12.86 8.70
C GLU H 103 34.03 12.96 9.32
N GLU H 104 34.79 14.10 9.06
CA GLU H 104 36.05 14.34 9.72
C GLU H 104 35.85 14.56 11.21
N GLU H 105 34.81 15.29 11.73
CA GLU H 105 34.46 15.39 13.15
C GLU H 105 34.11 14.13 13.85
N LEU H 106 33.20 13.34 13.17
CA LEU H 106 32.79 12.06 13.61
C LEU H 106 33.82 11.06 13.70
N LYS H 107 34.77 11.03 12.70
CA LYS H 107 36.01 10.31 12.69
C LYS H 107 37.00 10.72 13.81
N THR H 108 37.23 11.98 14.15
CA THR H 108 38.12 12.38 15.17
C THR H 108 37.59 11.86 16.48
N VAL H 109 36.29 12.11 16.81
CA VAL H 109 35.64 11.80 18.04
C VAL H 109 35.68 10.34 18.22
N THR H 110 35.38 9.53 17.21
CA THR H 110 35.36 8.05 17.15
C THR H 110 36.74 7.41 17.41
N ASN H 111 37.84 7.98 16.82
CA ASN H 111 39.27 7.67 17.05
C ASN H 111 39.77 7.97 18.44
N ASN H 112 39.06 8.95 19.01
CA ASN H 112 39.35 9.50 20.28
C ASN H 112 38.68 8.66 21.36
N LEU H 113 37.31 8.55 21.39
CA LEU H 113 36.56 7.42 21.94
C LEU H 113 37.25 6.02 21.81
N LYS H 114 37.75 5.62 20.60
CA LYS H 114 38.51 4.35 20.52
C LYS H 114 39.73 4.14 21.26
N SER H 115 40.54 5.17 21.34
CA SER H 115 41.73 5.26 22.18
C SER H 115 41.38 5.27 23.69
N LEU H 116 40.28 6.00 24.07
CA LEU H 116 39.85 5.87 25.45
C LEU H 116 39.33 4.55 25.85
N GLU H 117 38.54 3.91 24.97
CA GLU H 117 37.82 2.60 25.11
C GLU H 117 38.87 1.51 25.34
N ALA H 118 39.92 1.63 24.55
CA ALA H 118 41.14 0.78 24.64
C ALA H 118 41.92 0.92 25.86
N GLN H 119 41.98 2.13 26.51
CA GLN H 119 42.53 2.37 27.83
C GLN H 119 41.56 1.81 28.81
N ALA H 120 40.21 1.93 28.65
CA ALA H 120 39.28 1.34 29.51
C ALA H 120 39.43 -0.14 29.68
N GLU H 121 39.61 -0.87 28.57
CA GLU H 121 39.71 -2.32 28.54
C GLU H 121 40.95 -2.83 29.27
N LYS H 122 42.11 -2.18 29.11
CA LYS H 122 43.30 -2.42 29.86
C LYS H 122 43.06 -2.18 31.30
N TYR H 123 42.20 -1.13 31.65
CA TYR H 123 41.82 -0.89 33.02
C TYR H 123 40.87 -1.95 33.51
N SER H 124 39.93 -2.42 32.69
CA SER H 124 38.94 -3.42 33.05
C SER H 124 39.61 -4.76 33.35
N GLN H 125 40.56 -5.18 32.50
CA GLN H 125 41.38 -6.37 32.72
C GLN H 125 42.27 -6.25 33.96
N LYS H 126 42.77 -5.05 34.30
CA LYS H 126 43.56 -4.94 35.45
C LYS H 126 42.78 -4.93 36.75
N GLU H 127 41.58 -4.23 36.70
CA GLU H 127 40.57 -4.04 37.71
C GLU H 127 40.12 -5.39 38.20
N ASP H 128 39.70 -6.23 37.23
CA ASP H 128 39.38 -7.65 37.35
C ASP H 128 40.45 -8.41 38.11
N LYS H 129 41.68 -8.24 37.65
CA LYS H 129 42.82 -8.76 38.33
C LYS H 129 42.97 -8.28 39.78
N TYR H 130 42.79 -7.00 40.05
CA TYR H 130 42.88 -6.40 41.29
C TYR H 130 41.80 -6.91 42.26
N GLU H 131 40.55 -7.12 41.79
CA GLU H 131 39.53 -7.85 42.57
C GLU H 131 39.92 -9.28 42.87
N GLU H 132 40.35 -10.04 41.86
CA GLU H 132 40.73 -11.45 42.02
C GLU H 132 41.87 -11.53 43.03
N GLU H 133 42.84 -10.64 42.90
CA GLU H 133 43.98 -10.52 43.90
C GLU H 133 43.50 -10.20 45.29
N ILE H 134 42.55 -9.25 45.44
CA ILE H 134 41.89 -8.87 46.70
C ILE H 134 41.19 -10.08 47.36
N LYS H 135 40.47 -10.89 46.58
CA LYS H 135 39.83 -12.13 47.02
C LYS H 135 40.88 -13.13 47.48
N VAL H 136 41.88 -13.45 46.64
CA VAL H 136 42.84 -14.39 46.91
C VAL H 136 43.56 -13.88 48.23
N LEU H 137 43.92 -12.59 48.38
CA LEU H 137 44.61 -12.11 49.55
C LEU H 137 43.77 -12.18 50.75
N SER H 138 42.45 -11.92 50.63
CA SER H 138 41.46 -11.96 51.73
C SER H 138 41.36 -13.34 52.27
N ASP H 139 41.28 -14.33 51.36
CA ASP H 139 41.23 -15.76 51.59
C ASP H 139 42.53 -16.30 52.25
N LYS H 140 43.73 -15.95 51.73
CA LYS H 140 45.10 -16.31 52.17
C LYS H 140 45.34 -15.72 53.55
N LEU H 141 44.93 -14.43 53.76
CA LEU H 141 44.98 -13.74 55.02
C LEU H 141 44.17 -14.36 56.11
N LYS H 142 42.89 -14.76 55.72
CA LYS H 142 42.04 -15.35 56.66
C LYS H 142 42.60 -16.69 57.13
N GLU H 143 43.23 -17.54 56.26
CA GLU H 143 43.88 -18.76 56.69
C GLU H 143 45.06 -18.52 57.67
N ALA H 144 45.89 -17.46 57.42
CA ALA H 144 46.91 -16.96 58.34
C ALA H 144 46.37 -16.43 59.62
N GLU H 145 45.28 -15.67 59.64
CA GLU H 145 44.53 -15.30 60.83
C GLU H 145 43.97 -16.42 61.67
N THR H 146 43.29 -17.46 61.03
CA THR H 146 42.75 -18.60 61.72
C THR H 146 43.82 -19.38 62.39
N ARG H 147 44.98 -19.48 61.74
CA ARG H 147 46.17 -20.15 62.30
C ARG H 147 46.81 -19.46 63.46
N ALA H 148 46.91 -18.17 63.39
CA ALA H 148 47.42 -17.23 64.42
C ALA H 148 46.55 -17.38 65.57
N GLU H 149 45.22 -17.43 65.40
CA GLU H 149 44.15 -17.44 66.36
C GLU H 149 44.26 -18.69 67.18
N PHE H 150 44.58 -19.74 66.44
CA PHE H 150 44.95 -21.06 66.94
C PHE H 150 46.27 -21.05 67.72
N ALA H 151 47.30 -20.34 67.28
CA ALA H 151 48.59 -20.30 67.99
C ALA H 151 48.40 -19.69 69.38
N GLU H 152 47.68 -18.51 69.51
CA GLU H 152 47.44 -17.85 70.79
C GLU H 152 46.74 -18.86 71.77
N ARG H 153 45.75 -19.56 71.26
CA ARG H 153 44.99 -20.55 72.03
C ARG H 153 45.85 -21.69 72.43
N SER H 154 46.83 -22.10 71.56
CA SER H 154 47.69 -23.23 71.94
C SER H 154 48.57 -22.84 73.07
N VAL H 155 49.10 -21.60 73.04
CA VAL H 155 50.00 -21.06 74.02
C VAL H 155 49.33 -21.10 75.32
N THR H 156 48.02 -20.63 75.37
CA THR H 156 47.31 -20.52 76.60
C THR H 156 47.13 -21.88 77.28
N LYS H 157 46.95 -22.99 76.44
CA LYS H 157 46.78 -24.34 76.70
C LYS H 157 48.02 -25.04 77.26
N LEU H 158 49.19 -24.73 76.63
CA LEU H 158 50.52 -25.20 77.01
C LEU H 158 50.95 -24.63 78.31
N GLU H 159 50.71 -23.26 78.55
CA GLU H 159 51.04 -22.56 79.76
C GLU H 159 50.39 -23.31 80.93
N LYS H 160 49.20 -24.00 80.73
CA LYS H 160 48.24 -24.53 81.70
C LYS H 160 48.79 -25.92 81.97
N SER H 161 49.23 -26.60 80.86
CA SER H 161 49.90 -27.92 80.91
C SER H 161 51.22 -27.85 81.50
N ILE H 162 51.95 -26.75 81.34
CA ILE H 162 53.22 -26.52 81.96
C ILE H 162 53.09 -26.34 83.35
N ASP H 163 52.13 -25.49 83.83
CA ASP H 163 51.81 -25.30 85.18
C ASP H 163 51.56 -26.62 85.87
N ASP H 164 50.70 -27.47 85.24
CA ASP H 164 50.35 -28.84 85.71
C ASP H 164 51.54 -29.74 85.81
N LEU H 165 52.50 -29.78 84.85
CA LEU H 165 53.62 -30.62 84.85
C LEU H 165 54.61 -30.23 85.86
N GLU H 166 54.81 -28.86 86.09
CA GLU H 166 55.75 -28.30 87.06
C GLU H 166 55.37 -28.67 88.44
N ASP H 167 54.04 -28.60 88.70
CA ASP H 167 53.35 -28.95 89.93
C ASP H 167 53.48 -30.40 90.26
N GLU H 168 53.35 -31.28 89.29
CA GLU H 168 53.50 -32.75 89.40
C GLU H 168 54.96 -33.06 89.68
N LEU H 169 55.85 -32.33 88.98
CA LEU H 169 57.28 -32.49 89.09
C LEU H 169 57.69 -32.15 90.48
N TYR H 170 57.17 -31.05 91.05
CA TYR H 170 57.45 -30.68 92.47
C TYR H 170 56.92 -31.65 93.41
N ALA H 171 55.64 -32.13 93.23
CA ALA H 171 54.94 -33.08 94.05
C ALA H 171 55.68 -34.42 94.04
N GLN H 172 56.22 -34.84 92.91
CA GLN H 172 57.14 -35.96 92.81
C GLN H 172 58.46 -35.81 93.54
N LYS H 173 59.01 -34.59 93.46
CA LYS H 173 60.18 -34.19 94.20
C LYS H 173 59.98 -34.21 95.69
N LEU H 174 58.78 -33.79 96.19
CA LEU H 174 58.52 -33.92 97.59
C LEU H 174 58.53 -35.35 98.06
N LYS H 175 57.87 -36.22 97.27
CA LYS H 175 57.75 -37.67 97.48
C LYS H 175 59.13 -38.39 97.48
N TYR H 176 59.98 -38.00 96.49
CA TYR H 176 61.33 -38.51 96.44
C TYR H 176 62.09 -38.01 97.68
N LYS H 177 62.00 -36.72 98.17
CA LYS H 177 62.71 -36.25 99.25
C LYS H 177 62.37 -36.94 100.48
N ALA H 178 60.97 -37.11 100.64
CA ALA H 178 60.42 -37.69 101.77
C ALA H 178 60.85 -39.10 102.20
N ILE H 179 60.96 -40.05 101.27
CA ILE H 179 61.45 -41.38 101.41
C ILE H 179 62.94 -41.35 101.03
N GLU I 1 -23.77 19.63 -79.48
CA GLU I 1 -24.59 19.66 -78.25
C GLU I 1 -25.88 20.44 -78.46
N THR I 2 -26.94 20.13 -77.71
CA THR I 2 -28.26 20.78 -77.86
C THR I 2 -28.25 22.25 -77.41
N THR I 3 -28.68 23.16 -78.28
CA THR I 3 -28.68 24.57 -77.99
C THR I 3 -29.90 24.89 -77.07
N ALA I 4 -29.61 25.41 -75.88
CA ALA I 4 -30.62 25.68 -74.88
C ALA I 4 -31.11 27.12 -75.01
N LEU I 5 -32.42 27.33 -75.11
CA LEU I 5 -33.00 28.66 -74.96
C LEU I 5 -33.01 29.03 -73.48
N VAL I 6 -32.38 30.16 -73.16
CA VAL I 6 -32.43 30.75 -71.82
C VAL I 6 -33.40 31.91 -71.92
N CYS I 7 -34.49 31.87 -71.13
CA CYS I 7 -35.50 32.86 -71.23
C CYS I 7 -35.64 33.43 -69.84
N ASP I 8 -35.17 34.66 -69.62
CA ASP I 8 -35.37 35.36 -68.36
C ASP I 8 -36.79 35.94 -68.25
N ASN I 9 -37.55 35.46 -67.24
CA ASN I 9 -38.89 35.89 -66.90
C ASN I 9 -38.91 37.25 -66.17
N GLY I 10 -38.32 38.29 -66.77
CA GLY I 10 -38.36 39.66 -66.25
C GLY I 10 -39.75 40.28 -66.34
N SER I 11 -40.07 41.23 -65.45
CA SER I 11 -41.44 41.58 -65.24
C SER I 11 -41.78 42.84 -66.01
N GLY I 12 -40.74 43.52 -66.63
CA GLY I 12 -41.08 44.65 -67.41
C GLY I 12 -40.27 44.54 -68.78
N LEU I 13 -39.37 43.59 -68.87
CA LEU I 13 -38.53 43.31 -70.02
C LEU I 13 -38.48 41.79 -70.02
N VAL I 14 -38.60 41.18 -71.22
CA VAL I 14 -38.25 39.82 -71.45
C VAL I 14 -36.82 39.90 -71.84
N LYS I 15 -35.90 38.96 -71.45
CA LYS I 15 -34.59 38.90 -72.05
C LYS I 15 -34.49 37.48 -72.47
N ALA I 16 -34.17 37.21 -73.77
CA ALA I 16 -34.14 35.85 -74.35
C ALA I 16 -33.02 35.60 -75.34
N GLY I 17 -32.56 34.30 -75.38
CA GLY I 17 -31.59 33.96 -76.40
C GLY I 17 -31.12 32.62 -76.17
N PHE I 18 -29.97 32.31 -76.79
CA PHE I 18 -29.35 30.98 -76.84
C PHE I 18 -28.16 30.86 -75.87
N ALA I 19 -28.04 29.74 -75.15
CA ALA I 19 -26.91 29.47 -74.25
C ALA I 19 -25.55 29.37 -74.96
N GLY I 20 -24.48 29.70 -74.24
CA GLY I 20 -23.11 29.75 -74.74
C GLY I 20 -22.69 31.13 -75.30
N ASP I 21 -23.64 32.00 -75.64
CA ASP I 21 -23.37 33.40 -76.00
C ASP I 21 -23.24 34.30 -74.75
N ASP I 22 -22.42 35.36 -74.86
CA ASP I 22 -22.09 36.27 -73.75
C ASP I 22 -23.20 37.28 -73.39
N ALA I 23 -24.27 37.39 -74.19
CA ALA I 23 -25.32 38.40 -74.05
C ALA I 23 -26.69 37.92 -74.61
N PRO I 24 -27.83 38.47 -74.16
CA PRO I 24 -29.18 38.09 -74.73
C PRO I 24 -29.25 38.44 -76.17
N ARG I 25 -29.97 37.73 -76.99
CA ARG I 25 -30.04 38.20 -78.37
C ARG I 25 -31.41 38.88 -78.60
N ALA I 26 -32.40 38.92 -77.71
CA ALA I 26 -33.65 39.63 -77.86
C ALA I 26 -33.91 40.22 -76.54
N VAL I 27 -34.25 41.51 -76.49
CA VAL I 27 -34.54 42.25 -75.34
C VAL I 27 -35.66 43.04 -75.82
N PHE I 28 -36.89 42.78 -75.28
CA PHE I 28 -38.11 43.48 -75.62
C PHE I 28 -39.00 43.60 -74.40
N PRO I 29 -39.92 44.57 -74.33
CA PRO I 29 -40.89 44.70 -73.27
C PRO I 29 -41.90 43.58 -72.95
N SER I 30 -42.10 43.25 -71.67
CA SER I 30 -43.07 42.19 -71.32
C SER I 30 -44.48 42.82 -71.32
N ILE I 31 -45.18 42.83 -72.54
CA ILE I 31 -46.40 43.54 -72.75
C ILE I 31 -47.15 42.68 -73.78
N VAL I 32 -48.45 42.44 -73.49
CA VAL I 32 -49.35 41.84 -74.48
C VAL I 32 -50.42 42.96 -74.72
N GLY I 33 -50.69 43.40 -75.95
CA GLY I 33 -51.68 44.34 -76.26
C GLY I 33 -52.77 43.58 -76.83
N ARG I 34 -54.02 43.79 -76.44
CA ARG I 34 -55.20 43.38 -77.10
C ARG I 34 -56.13 44.58 -77.38
N PRO I 35 -56.92 44.66 -78.40
CA PRO I 35 -57.73 45.79 -78.81
C PRO I 35 -58.65 46.37 -77.81
N ARG I 36 -58.71 47.74 -77.63
CA ARG I 36 -59.68 48.38 -76.87
C ARG I 36 -60.97 48.38 -77.64
N HIS I 37 -60.88 48.56 -79.04
CA HIS I 37 -61.98 48.62 -80.05
C HIS I 37 -61.57 47.77 -81.19
N GLN I 38 -62.47 47.16 -81.89
CA GLN I 38 -62.38 46.41 -83.08
C GLN I 38 -63.18 47.22 -84.06
N GLY I 39 -62.55 47.41 -85.23
CA GLY I 39 -63.04 48.21 -86.34
C GLY I 39 -62.01 49.21 -86.65
N VAL I 40 -60.91 49.26 -85.84
CA VAL I 40 -59.87 50.28 -85.94
C VAL I 40 -59.17 50.21 -87.32
N MET I 41 -58.95 49.00 -87.74
CA MET I 41 -58.25 48.77 -88.95
C MET I 41 -59.35 48.28 -89.86
N VAL I 42 -59.50 49.01 -90.98
CA VAL I 42 -60.43 48.71 -92.07
C VAL I 42 -59.54 48.85 -93.29
N GLY I 43 -59.56 47.82 -94.20
CA GLY I 43 -58.79 47.69 -95.44
C GLY I 43 -57.48 47.02 -95.10
N MET I 44 -57.09 46.87 -93.85
CA MET I 44 -55.96 46.10 -93.42
C MET I 44 -56.43 45.02 -92.46
N GLY I 45 -55.57 43.99 -92.25
CA GLY I 45 -55.95 42.88 -91.43
C GLY I 45 -55.99 43.41 -90.00
N GLN I 46 -56.81 42.88 -89.11
CA GLN I 46 -56.75 43.17 -87.65
C GLN I 46 -56.13 41.87 -87.07
N LYS I 47 -55.36 41.97 -85.94
CA LYS I 47 -55.06 40.79 -85.10
C LYS I 47 -55.60 41.34 -83.79
N ASP I 48 -55.80 40.36 -82.82
CA ASP I 48 -56.25 40.71 -81.46
C ASP I 48 -55.21 40.64 -80.35
N SER I 49 -54.06 40.20 -80.71
CA SER I 49 -53.01 39.86 -79.68
C SER I 49 -51.83 40.38 -80.40
N TYR I 50 -51.07 41.29 -79.71
CA TYR I 50 -49.80 41.81 -80.12
C TYR I 50 -48.96 41.53 -78.94
N VAL I 51 -47.64 41.23 -79.19
CA VAL I 51 -46.74 40.95 -78.12
C VAL I 51 -45.45 41.79 -78.29
N GLY I 52 -44.81 42.17 -77.19
CA GLY I 52 -43.48 42.78 -77.21
C GLY I 52 -43.44 44.05 -78.05
N ASP I 53 -42.39 44.24 -78.99
CA ASP I 53 -42.25 45.46 -79.76
C ASP I 53 -43.36 45.72 -80.72
N GLU I 54 -43.93 44.60 -81.21
CA GLU I 54 -45.10 44.73 -82.08
C GLU I 54 -46.29 45.46 -81.35
N ALA I 55 -46.54 45.11 -80.12
CA ALA I 55 -47.47 45.68 -79.25
C ALA I 55 -47.13 47.06 -78.92
N GLN I 56 -45.78 47.30 -78.70
CA GLN I 56 -45.29 48.62 -78.25
C GLN I 56 -45.69 49.63 -79.37
N SER I 57 -45.42 49.32 -80.71
CA SER I 57 -45.73 50.29 -81.73
C SER I 57 -47.18 50.70 -81.83
N LYS I 58 -48.11 49.82 -81.38
CA LYS I 58 -49.54 49.90 -81.44
C LYS I 58 -50.16 50.27 -80.18
N ARG I 59 -49.39 50.72 -79.12
CA ARG I 59 -49.86 51.01 -77.80
C ARG I 59 -51.14 51.86 -77.73
N GLY I 60 -51.38 52.85 -78.66
CA GLY I 60 -52.51 53.76 -78.62
C GLY I 60 -53.85 53.08 -78.67
N ILE I 61 -53.92 51.94 -79.34
CA ILE I 61 -55.15 51.22 -79.71
C ILE I 61 -55.24 49.92 -78.97
N LEU I 62 -54.17 49.61 -78.20
CA LEU I 62 -54.10 48.41 -77.43
C LEU I 62 -54.28 48.65 -76.01
N THR I 63 -54.87 47.72 -75.27
CA THR I 63 -54.85 47.56 -73.87
C THR I 63 -53.59 46.71 -73.56
N LEU I 64 -52.63 47.35 -72.84
CA LEU I 64 -51.47 46.62 -72.42
C LEU I 64 -51.76 45.96 -71.09
N LYS I 65 -51.26 44.69 -71.01
CA LYS I 65 -51.24 43.90 -69.85
C LYS I 65 -49.82 43.38 -69.62
N TYR I 66 -49.41 43.14 -68.37
CA TYR I 66 -48.14 42.57 -68.05
C TYR I 66 -48.42 41.12 -67.84
N PRO I 67 -47.62 40.14 -68.32
CA PRO I 67 -47.71 38.73 -68.08
C PRO I 67 -47.32 38.48 -66.65
N ILE I 68 -46.24 39.11 -66.16
CA ILE I 68 -45.66 38.87 -64.89
C ILE I 68 -45.71 40.20 -64.14
N GLU I 69 -46.48 40.15 -62.99
CA GLU I 69 -46.70 41.30 -62.09
C GLU I 69 -46.09 40.90 -60.76
N HIS I 70 -45.16 41.73 -60.28
CA HIS I 70 -44.34 41.52 -59.08
C HIS I 70 -43.59 40.16 -58.97
N GLY I 71 -43.03 39.71 -60.09
CA GLY I 71 -42.27 38.47 -60.18
C GLY I 71 -43.17 37.25 -60.14
N ILE I 72 -44.49 37.45 -60.18
CA ILE I 72 -45.45 36.45 -60.00
C ILE I 72 -46.15 36.39 -61.34
N ILE I 73 -46.28 35.16 -61.98
CA ILE I 73 -47.03 34.97 -63.17
C ILE I 73 -48.46 35.19 -62.80
N THR I 74 -49.20 36.21 -63.37
CA THR I 74 -50.53 36.52 -62.95
C THR I 74 -51.64 36.17 -63.86
N ASN I 75 -51.27 35.72 -65.03
CA ASN I 75 -52.09 35.38 -66.15
C ASN I 75 -51.26 34.39 -66.89
N TRP I 76 -51.74 33.14 -67.01
CA TRP I 76 -51.13 32.09 -67.77
C TRP I 76 -51.28 32.41 -69.24
N ASP I 77 -52.43 32.95 -69.68
CA ASP I 77 -52.67 33.32 -71.09
C ASP I 77 -51.64 34.35 -71.66
N ASP I 78 -51.21 35.33 -70.87
CA ASP I 78 -50.29 36.34 -71.35
C ASP I 78 -48.87 35.83 -71.33
N MET I 79 -48.57 34.91 -70.34
CA MET I 79 -47.28 34.18 -70.33
C MET I 79 -47.01 33.28 -71.54
N GLU I 80 -48.07 32.54 -71.99
CA GLU I 80 -48.10 31.87 -73.21
C GLU I 80 -47.90 32.66 -74.51
N LYS I 81 -48.42 33.85 -74.59
CA LYS I 81 -48.34 34.73 -75.73
C LYS I 81 -46.94 35.21 -75.91
N ILE I 82 -46.30 35.49 -74.76
CA ILE I 82 -44.88 35.94 -74.66
C ILE I 82 -44.03 34.82 -75.19
N TRP I 83 -44.33 33.61 -74.75
CA TRP I 83 -43.60 32.45 -75.18
C TRP I 83 -43.75 32.14 -76.60
N HIS I 84 -45.02 32.21 -77.17
CA HIS I 84 -45.25 31.88 -78.52
C HIS I 84 -44.48 32.79 -79.42
N HIS I 85 -44.53 34.10 -79.05
CA HIS I 85 -43.76 35.10 -79.70
C HIS I 85 -42.29 34.93 -79.57
N THR I 86 -41.71 34.52 -78.39
CA THR I 86 -40.32 34.32 -78.21
C THR I 86 -39.76 33.38 -79.20
N PHE I 87 -40.41 32.18 -79.32
CA PHE I 87 -39.86 31.15 -80.16
C PHE I 87 -40.02 31.54 -81.60
N TYR I 88 -41.27 31.92 -82.03
CA TYR I 88 -41.62 31.87 -83.49
C TYR I 88 -41.39 33.15 -84.19
N ASN I 89 -41.42 34.32 -83.52
CA ASN I 89 -41.26 35.65 -84.05
C ASN I 89 -39.86 36.20 -83.83
N GLU I 90 -39.35 36.13 -82.60
CA GLU I 90 -38.17 36.77 -82.21
C GLU I 90 -36.90 36.08 -82.53
N LEU I 91 -36.83 34.73 -82.41
CA LEU I 91 -35.63 33.86 -82.58
C LEU I 91 -35.77 33.01 -83.76
N ARG I 92 -37.03 33.00 -84.25
CA ARG I 92 -37.53 32.28 -85.40
C ARG I 92 -37.03 30.88 -85.45
N VAL I 93 -37.25 30.07 -84.32
CA VAL I 93 -36.79 28.69 -84.23
C VAL I 93 -37.86 27.85 -83.62
N ALA I 94 -37.83 26.51 -83.87
CA ALA I 94 -38.68 25.53 -83.26
C ALA I 94 -38.17 25.28 -81.85
N PRO I 95 -38.89 25.57 -80.75
CA PRO I 95 -38.59 25.28 -79.36
C PRO I 95 -38.46 23.81 -79.10
N GLU I 96 -39.17 22.95 -79.85
CA GLU I 96 -39.19 21.53 -79.73
C GLU I 96 -37.84 20.89 -80.05
N GLU I 97 -36.87 21.66 -80.65
CA GLU I 97 -35.47 21.27 -80.93
C GLU I 97 -34.55 21.67 -79.87
N HIS I 98 -34.94 22.61 -78.93
CA HIS I 98 -34.09 23.37 -78.02
C HIS I 98 -34.55 23.22 -76.62
N PRO I 99 -33.77 22.59 -75.71
CA PRO I 99 -34.05 22.62 -74.26
C PRO I 99 -34.26 24.03 -73.70
N THR I 100 -35.08 24.18 -72.65
CA THR I 100 -35.42 25.51 -72.10
C THR I 100 -34.98 25.68 -70.64
N LEU I 101 -34.29 26.79 -70.35
CA LEU I 101 -33.98 27.23 -68.98
C LEU I 101 -34.83 28.47 -68.64
N LEU I 102 -35.63 28.35 -67.59
CA LEU I 102 -36.52 29.41 -67.08
C LEU I 102 -35.98 29.98 -65.77
N THR I 103 -36.08 31.30 -65.60
CA THR I 103 -35.65 32.01 -64.39
C THR I 103 -36.82 32.22 -63.42
N GLU I 104 -36.57 32.22 -62.12
CA GLU I 104 -37.60 32.43 -61.09
C GLU I 104 -37.11 33.18 -59.85
N ALA I 105 -38.04 33.77 -59.11
CA ALA I 105 -37.80 34.24 -57.75
C ALA I 105 -37.56 33.07 -56.77
N PRO I 106 -36.79 33.27 -55.68
CA PRO I 106 -36.92 32.44 -54.49
C PRO I 106 -38.38 32.42 -53.98
N LEU I 107 -38.83 31.27 -53.46
CA LEU I 107 -40.22 31.05 -53.01
C LEU I 107 -41.29 31.31 -54.10
N ASN I 108 -40.93 31.25 -55.39
CA ASN I 108 -41.87 31.26 -56.51
C ASN I 108 -42.92 30.13 -56.34
N PRO I 109 -44.24 30.42 -56.38
CA PRO I 109 -45.25 29.48 -55.93
C PRO I 109 -45.12 28.14 -56.71
N LYS I 110 -45.26 27.04 -55.97
CA LYS I 110 -45.18 25.67 -56.46
C LYS I 110 -46.28 25.35 -57.47
N ALA I 111 -47.51 25.90 -57.17
CA ALA I 111 -48.54 25.69 -58.20
C ALA I 111 -48.20 26.32 -59.59
N ASN I 112 -47.50 27.48 -59.52
CA ASN I 112 -46.86 28.18 -60.65
C ASN I 112 -45.72 27.51 -61.27
N ARG I 113 -44.82 26.86 -60.53
CA ARG I 113 -43.68 26.08 -61.08
C ARG I 113 -44.18 24.92 -61.93
N GLU I 114 -45.21 24.25 -61.44
CA GLU I 114 -45.95 23.26 -62.16
C GLU I 114 -46.73 23.70 -63.38
N LYS I 115 -47.44 24.84 -63.36
CA LYS I 115 -48.21 25.24 -64.50
C LYS I 115 -47.28 25.63 -65.53
N MET I 116 -46.13 26.30 -65.21
CA MET I 116 -45.00 26.51 -66.13
C MET I 116 -44.43 25.23 -66.67
N THR I 117 -44.22 24.18 -65.88
CA THR I 117 -43.65 22.92 -66.41
C THR I 117 -44.58 22.27 -67.43
N GLN I 118 -45.87 22.16 -67.10
CA GLN I 118 -46.91 21.66 -67.92
C GLN I 118 -47.17 22.35 -69.27
N ILE I 119 -47.27 23.68 -69.25
CA ILE I 119 -47.41 24.55 -70.42
C ILE I 119 -46.24 24.45 -71.32
N MET I 120 -44.98 24.42 -70.81
CA MET I 120 -43.88 24.21 -71.70
C MET I 120 -43.86 22.90 -72.41
N PHE I 121 -44.15 21.81 -71.70
CA PHE I 121 -44.10 20.44 -72.23
C PHE I 121 -45.29 20.05 -73.10
N GLU I 122 -46.51 20.55 -72.87
CA GLU I 122 -47.66 20.05 -73.62
C GLU I 122 -47.91 20.80 -74.86
N THR I 123 -47.83 22.08 -74.83
CA THR I 123 -48.09 22.94 -75.96
C THR I 123 -46.87 23.14 -76.88
N PHE I 124 -45.68 23.55 -76.36
CA PHE I 124 -44.49 23.83 -77.05
C PHE I 124 -43.67 22.54 -77.41
N ASN I 125 -43.99 21.41 -76.67
CA ASN I 125 -43.36 20.16 -76.79
C ASN I 125 -41.86 20.14 -76.60
N VAL I 126 -41.35 20.83 -75.54
CA VAL I 126 -39.98 21.02 -75.33
C VAL I 126 -39.28 19.67 -75.14
N PRO I 127 -38.04 19.45 -75.58
CA PRO I 127 -37.38 18.15 -75.46
C PRO I 127 -36.90 17.90 -74.03
N ALA I 128 -36.50 18.97 -73.33
CA ALA I 128 -36.08 18.99 -71.94
C ALA I 128 -36.19 20.44 -71.38
N MET I 129 -36.21 20.59 -70.06
CA MET I 129 -36.23 21.92 -69.43
C MET I 129 -35.63 21.96 -68.02
N TYR I 130 -35.39 23.16 -67.50
CA TYR I 130 -34.99 23.39 -66.11
C TYR I 130 -35.50 24.76 -65.62
N VAL I 131 -35.61 24.95 -64.30
CA VAL I 131 -36.01 26.21 -63.67
C VAL I 131 -34.99 26.58 -62.58
N ALA I 132 -34.50 27.82 -62.56
CA ALA I 132 -33.42 28.25 -61.65
C ALA I 132 -33.67 29.64 -61.03
N ILE I 133 -33.26 29.81 -59.77
CA ILE I 133 -33.38 31.07 -59.04
C ILE I 133 -32.51 32.16 -59.68
N GLN I 134 -33.09 33.34 -59.92
CA GLN I 134 -32.44 34.47 -60.59
C GLN I 134 -31.04 34.80 -60.03
N ALA I 135 -30.96 34.98 -58.71
CA ALA I 135 -29.73 35.30 -58.00
C ALA I 135 -28.62 34.25 -58.13
N VAL I 136 -28.96 32.95 -58.14
CA VAL I 136 -27.96 31.88 -58.33
C VAL I 136 -27.27 32.00 -59.69
N LEU I 137 -28.04 32.33 -60.74
CA LEU I 137 -27.48 32.60 -62.06
C LEU I 137 -26.60 33.86 -62.05
N SER I 138 -27.07 34.98 -61.47
CA SER I 138 -26.22 36.18 -61.33
C SER I 138 -24.93 35.94 -60.56
N LEU I 139 -24.93 35.06 -59.56
CA LEU I 139 -23.70 34.69 -58.85
C LEU I 139 -22.75 33.89 -59.76
N TYR I 140 -23.25 32.94 -60.55
CA TYR I 140 -22.43 32.24 -61.55
C TYR I 140 -21.88 33.19 -62.63
N ALA I 141 -22.65 34.19 -63.06
CA ALA I 141 -22.15 35.25 -63.94
C ALA I 141 -21.06 36.12 -63.29
N SER I 142 -21.10 36.29 -61.96
CA SER I 142 -20.01 36.91 -61.19
C SER I 142 -18.81 35.99 -60.91
N GLY I 143 -18.80 34.76 -61.45
CA GLY I 143 -17.68 33.82 -61.38
C GLY I 143 -17.50 33.13 -60.02
N ARG I 144 -18.57 33.01 -59.22
CA ARG I 144 -18.51 32.62 -57.80
C ARG I 144 -19.46 31.47 -57.45
N THR I 145 -19.04 30.59 -56.55
CA THR I 145 -19.92 29.56 -55.95
C THR I 145 -20.72 30.09 -54.77
N THR I 146 -20.23 31.15 -54.10
CA THR I 146 -20.68 31.58 -52.78
C THR I 146 -20.70 33.11 -52.68
N GLY I 147 -21.77 33.67 -52.10
CA GLY I 147 -21.98 35.11 -51.96
C GLY I 147 -23.44 35.43 -51.70
N ILE I 148 -23.74 36.67 -51.28
CA ILE I 148 -25.13 37.13 -51.14
C ILE I 148 -25.46 38.09 -52.28
N VAL I 149 -26.55 37.79 -52.98
CA VAL I 149 -27.00 38.63 -54.09
C VAL I 149 -28.20 39.44 -53.67
N LEU I 150 -28.09 40.76 -53.79
CA LEU I 150 -29.23 41.66 -53.88
C LEU I 150 -29.68 41.67 -55.34
N ASP I 151 -30.76 40.96 -55.63
CA ASP I 151 -31.37 40.98 -56.96
C ASP I 151 -32.63 41.84 -56.93
N SER I 152 -32.63 42.96 -57.67
CA SER I 152 -33.76 43.88 -57.74
C SER I 152 -34.22 44.03 -59.20
N GLY I 153 -35.32 43.35 -59.51
CA GLY I 153 -35.88 43.24 -60.86
C GLY I 153 -36.75 44.43 -61.24
N ASP I 154 -37.70 44.20 -62.14
CA ASP I 154 -38.54 45.19 -62.71
C ASP I 154 -39.86 45.01 -62.05
N GLY I 155 -39.83 44.71 -60.68
CA GLY I 155 -41.02 44.21 -59.96
C GLY I 155 -40.86 43.51 -58.53
N VAL I 156 -39.71 42.94 -58.22
CA VAL I 156 -39.42 42.37 -56.90
C VAL I 156 -37.94 42.55 -56.54
N THR I 157 -37.64 42.66 -55.25
CA THR I 157 -36.27 42.68 -54.72
C THR I 157 -36.05 41.52 -53.74
N HIS I 158 -35.00 40.73 -53.95
CA HIS I 158 -34.62 39.63 -53.05
C HIS I 158 -33.18 39.80 -52.56
N ASN I 159 -32.95 39.39 -51.31
CA ASN I 159 -31.61 39.21 -50.78
C ASN I 159 -31.38 37.70 -50.57
N VAL I 160 -30.40 37.15 -51.29
CA VAL I 160 -30.29 35.72 -51.54
C VAL I 160 -28.86 35.26 -51.19
N PRO I 161 -28.62 34.78 -49.96
CA PRO I 161 -27.35 34.22 -49.56
C PRO I 161 -27.21 32.82 -50.17
N ILE I 162 -26.13 32.63 -50.93
CA ILE I 162 -25.87 31.44 -51.73
C ILE I 162 -24.49 30.89 -51.38
N TYR I 163 -24.39 29.58 -51.30
CA TYR I 163 -23.22 28.89 -50.79
C TYR I 163 -23.00 27.57 -51.54
N GLU I 164 -21.83 27.43 -52.15
CA GLU I 164 -21.46 26.33 -53.06
C GLU I 164 -22.49 26.02 -54.17
N GLY I 165 -23.20 27.05 -54.64
CA GLY I 165 -24.23 26.95 -55.69
C GLY I 165 -25.66 26.72 -55.21
N TYR I 166 -25.89 26.59 -53.90
CA TYR I 166 -27.23 26.44 -53.31
C TYR I 166 -27.65 27.70 -52.54
N ALA I 167 -28.87 28.20 -52.79
CA ALA I 167 -29.45 29.31 -52.03
C ALA I 167 -29.96 28.81 -50.67
N LEU I 168 -29.58 29.48 -49.57
CA LEU I 168 -29.83 29.01 -48.20
C LEU I 168 -31.31 29.20 -47.79
N PRO I 169 -32.12 28.13 -47.66
CA PRO I 169 -33.59 28.22 -47.70
C PRO I 169 -34.22 28.85 -46.46
N HIS I 170 -33.50 28.88 -45.33
CA HIS I 170 -33.93 29.52 -44.09
C HIS I 170 -33.54 31.01 -43.99
N ALA I 171 -32.65 31.49 -44.87
CA ALA I 171 -31.96 32.78 -44.73
C ALA I 171 -32.35 33.83 -45.79
N ILE I 172 -32.92 33.41 -46.92
CA ILE I 172 -33.35 34.31 -48.02
C ILE I 172 -34.43 35.29 -47.54
N MET I 173 -34.41 36.54 -48.03
CA MET I 173 -35.41 37.58 -47.74
C MET I 173 -36.01 38.15 -49.03
N ARG I 174 -37.29 38.54 -48.99
CA ARG I 174 -38.06 39.10 -50.11
C ARG I 174 -38.67 40.47 -49.77
N LEU I 175 -38.77 41.33 -50.78
CA LEU I 175 -39.51 42.59 -50.78
C LEU I 175 -40.17 42.81 -52.15
N ASP I 176 -41.50 42.82 -52.21
CA ASP I 176 -42.22 43.26 -53.33
C ASP I 176 -42.16 44.78 -53.36
N LEU I 177 -41.21 45.38 -54.19
CA LEU I 177 -40.96 46.76 -54.42
C LEU I 177 -39.74 46.82 -55.23
N ALA I 178 -39.91 47.31 -56.39
CA ALA I 178 -38.87 47.44 -57.33
C ALA I 178 -39.58 48.08 -58.54
N GLY I 179 -39.05 47.77 -59.74
CA GLY I 179 -39.25 48.56 -60.95
C GLY I 179 -40.69 48.77 -61.41
N ARG I 180 -41.59 47.79 -61.14
CA ARG I 180 -42.98 47.94 -61.56
C ARG I 180 -43.62 49.05 -60.69
N ASP I 181 -43.46 48.92 -59.34
CA ASP I 181 -44.00 49.73 -58.31
C ASP I 181 -43.47 51.10 -58.45
N LEU I 182 -42.19 51.20 -58.79
CA LEU I 182 -41.40 52.38 -58.90
C LEU I 182 -41.96 53.32 -59.94
N THR I 183 -42.49 52.80 -61.09
CA THR I 183 -43.16 53.57 -62.10
C THR I 183 -44.43 54.14 -61.58
N ASP I 184 -45.24 53.30 -60.83
CA ASP I 184 -46.55 53.74 -60.35
C ASP I 184 -46.35 54.81 -59.34
N TYR I 185 -45.36 54.68 -58.47
CA TYR I 185 -44.95 55.69 -57.49
C TYR I 185 -44.44 56.94 -58.10
N LEU I 186 -43.66 56.84 -59.18
CA LEU I 186 -43.07 58.01 -59.81
C LEU I 186 -44.16 58.88 -60.35
N MET I 187 -45.16 58.22 -60.98
CA MET I 187 -46.32 58.82 -61.59
C MET I 187 -47.15 59.56 -60.55
N LYS I 188 -47.32 58.94 -59.34
CA LYS I 188 -48.01 59.62 -58.31
C LYS I 188 -47.46 60.95 -57.89
N ILE I 189 -46.14 60.97 -57.63
CA ILE I 189 -45.36 62.08 -57.13
C ILE I 189 -45.10 63.23 -58.12
N LEU I 190 -45.13 62.93 -59.47
CA LEU I 190 -45.25 63.85 -60.55
C LEU I 190 -46.57 64.50 -60.56
N THR I 191 -47.76 63.86 -60.27
CA THR I 191 -49.10 64.45 -60.24
C THR I 191 -49.09 65.48 -59.14
N GLU I 192 -48.40 65.11 -58.03
CA GLU I 192 -48.22 65.99 -56.92
C GLU I 192 -47.50 67.24 -57.18
N ARG I 193 -46.53 67.22 -58.12
CA ARG I 193 -45.82 68.40 -58.60
C ARG I 193 -46.68 69.21 -59.55
N GLY I 194 -47.69 68.60 -60.13
CA GLY I 194 -48.60 69.27 -61.00
C GLY I 194 -48.34 68.89 -62.40
N TYR I 195 -47.59 67.79 -62.68
CA TYR I 195 -47.48 67.17 -63.95
C TYR I 195 -48.30 65.94 -63.89
N SER I 196 -49.70 66.10 -63.92
CA SER I 196 -50.62 65.00 -63.78
C SER I 196 -50.54 64.14 -65.03
N PHE I 197 -50.44 62.90 -64.77
CA PHE I 197 -50.37 61.80 -65.70
C PHE I 197 -51.42 60.91 -65.19
N VAL I 198 -52.39 60.43 -66.02
CA VAL I 198 -53.56 59.74 -65.56
C VAL I 198 -53.69 58.61 -66.57
N THR I 199 -53.03 58.70 -67.76
CA THR I 199 -53.10 57.74 -68.89
C THR I 199 -51.91 56.86 -68.76
N THR I 200 -52.14 55.53 -69.01
CA THR I 200 -51.22 54.45 -69.00
C THR I 200 -50.18 54.42 -70.04
N ALA I 201 -50.37 55.16 -71.15
CA ALA I 201 -49.47 55.30 -72.21
C ALA I 201 -48.47 56.25 -71.83
N GLU I 202 -48.91 57.35 -71.18
CA GLU I 202 -48.06 58.34 -70.58
C GLU I 202 -47.22 57.78 -69.47
N ARG I 203 -47.83 56.77 -68.73
CA ARG I 203 -47.16 55.89 -67.68
C ARG I 203 -45.91 55.24 -68.19
N GLU I 204 -45.91 54.81 -69.51
CA GLU I 204 -44.76 54.14 -70.09
C GLU I 204 -43.59 55.10 -70.39
N ILE I 205 -43.97 56.35 -70.68
CA ILE I 205 -42.97 57.45 -70.78
C ILE I 205 -42.32 57.68 -69.44
N VAL I 206 -43.16 57.64 -68.36
CA VAL I 206 -42.77 57.74 -66.96
C VAL I 206 -41.85 56.61 -66.54
N ARG I 207 -42.08 55.40 -67.11
CA ARG I 207 -41.21 54.31 -66.98
C ARG I 207 -39.84 54.49 -67.54
N ASP I 208 -39.83 55.08 -68.83
CA ASP I 208 -38.60 55.35 -69.54
C ASP I 208 -37.78 56.38 -68.83
N ILE I 209 -38.47 57.44 -68.32
CA ILE I 209 -37.92 58.52 -67.48
C ILE I 209 -37.23 58.12 -66.28
N LYS I 210 -37.90 57.18 -65.62
CA LYS I 210 -37.37 56.56 -64.43
C LYS I 210 -36.03 55.86 -64.64
N GLU I 211 -35.89 55.05 -65.71
CA GLU I 211 -34.74 54.30 -66.14
C GLU I 211 -33.66 55.23 -66.53
N LYS I 212 -33.93 56.41 -67.21
CA LYS I 212 -32.93 57.33 -67.65
C LYS I 212 -32.42 58.31 -66.66
N LEU I 213 -33.29 58.84 -65.78
CA LEU I 213 -33.04 60.01 -65.00
C LEU I 213 -32.92 59.70 -63.56
N CYS I 214 -33.49 58.59 -62.96
CA CYS I 214 -33.29 58.30 -61.60
C CYS I 214 -31.88 57.95 -61.23
N TYR I 215 -31.43 58.30 -60.03
CA TYR I 215 -30.15 58.10 -59.59
C TYR I 215 -30.31 57.84 -58.17
N VAL I 216 -29.37 56.98 -57.54
CA VAL I 216 -29.42 56.69 -56.14
C VAL I 216 -28.51 57.81 -55.49
N ALA I 217 -29.08 58.62 -54.56
CA ALA I 217 -28.33 59.54 -53.75
C ALA I 217 -27.52 58.77 -52.80
N LEU I 218 -26.31 59.34 -52.50
CA LEU I 218 -25.40 58.84 -51.47
C LEU I 218 -25.84 59.28 -50.07
N ASP I 219 -26.39 60.57 -50.01
CA ASP I 219 -27.04 61.03 -48.78
C ASP I 219 -28.34 61.71 -49.01
N PHE I 220 -29.45 61.08 -48.58
CA PHE I 220 -30.87 61.42 -48.85
C PHE I 220 -31.25 62.78 -48.27
N GLU I 221 -30.87 63.11 -47.04
CA GLU I 221 -31.18 64.38 -46.48
C GLU I 221 -30.42 65.47 -47.20
N ASN I 222 -29.06 65.28 -47.51
CA ASN I 222 -28.22 66.29 -48.15
C ASN I 222 -28.55 66.62 -49.53
N GLU I 223 -28.97 65.59 -50.35
CA GLU I 223 -29.54 65.84 -51.66
C GLU I 223 -30.90 66.46 -51.62
N MET I 224 -31.76 66.03 -50.73
CA MET I 224 -33.05 66.68 -50.52
C MET I 224 -32.92 68.14 -50.20
N ALA I 225 -31.91 68.45 -49.31
CA ALA I 225 -31.63 69.85 -48.98
C ALA I 225 -31.16 70.68 -50.12
N THR I 226 -30.30 70.06 -50.99
CA THR I 226 -29.78 70.66 -52.12
C THR I 226 -30.87 71.04 -53.06
N ALA I 227 -31.81 70.13 -53.38
CA ALA I 227 -32.95 70.47 -54.19
C ALA I 227 -33.89 71.55 -53.60
N ALA I 228 -34.01 71.63 -52.26
CA ALA I 228 -34.81 72.66 -51.60
C ALA I 228 -34.20 74.07 -51.61
N SER I 229 -32.85 74.17 -51.77
CA SER I 229 -31.95 75.31 -51.61
C SER I 229 -31.55 75.73 -53.00
N SER I 230 -31.74 74.92 -54.06
CA SER I 230 -31.24 75.31 -55.31
C SER I 230 -31.99 74.35 -56.22
N SER I 231 -32.27 74.78 -57.47
CA SER I 231 -32.75 74.00 -58.55
C SER I 231 -31.70 73.36 -59.41
N SER I 232 -30.63 72.83 -58.88
CA SER I 232 -29.63 72.13 -59.58
C SER I 232 -29.71 70.60 -59.60
N LEU I 233 -30.76 70.06 -58.97
CA LEU I 233 -31.15 68.68 -58.84
C LEU I 233 -32.37 68.35 -59.66
N GLU I 234 -32.46 68.92 -60.90
CA GLU I 234 -33.59 68.84 -61.79
C GLU I 234 -33.06 68.61 -63.20
N LYS I 235 -33.66 67.72 -63.98
CA LYS I 235 -33.18 67.52 -65.35
C LYS I 235 -34.38 67.60 -66.18
N SER I 236 -34.25 68.23 -67.35
CA SER I 236 -35.38 68.44 -68.28
C SER I 236 -35.57 67.17 -69.10
N TYR I 237 -36.86 66.92 -69.47
CA TYR I 237 -37.15 65.91 -70.44
C TYR I 237 -38.22 66.41 -71.42
N GLU I 238 -37.92 66.23 -72.73
CA GLU I 238 -38.83 66.71 -73.73
C GLU I 238 -39.72 65.51 -74.06
N LEU I 239 -41.04 65.59 -73.78
CA LEU I 239 -42.00 64.63 -74.28
C LEU I 239 -42.03 64.60 -75.77
N PRO I 240 -42.33 63.46 -76.48
CA PRO I 240 -42.21 63.20 -77.88
C PRO I 240 -43.38 63.90 -78.64
N ASP I 241 -44.32 64.64 -77.91
CA ASP I 241 -45.31 65.40 -78.62
C ASP I 241 -44.91 66.81 -78.57
N GLY I 242 -43.72 67.14 -78.03
CA GLY I 242 -43.24 68.38 -77.71
C GLY I 242 -43.46 68.49 -76.21
N GLN I 243 -43.34 69.74 -75.67
CA GLN I 243 -43.63 70.11 -74.30
C GLN I 243 -42.53 69.65 -73.40
N VAL I 244 -41.74 70.61 -72.89
CA VAL I 244 -40.62 70.33 -72.10
C VAL I 244 -41.09 70.29 -70.69
N ILE I 245 -40.91 69.08 -70.00
CA ILE I 245 -41.22 68.96 -68.57
C ILE I 245 -39.90 68.92 -67.82
N THR I 246 -40.02 69.31 -66.54
CA THR I 246 -38.85 69.40 -65.66
C THR I 246 -39.01 68.39 -64.60
N ILE I 247 -38.07 67.41 -64.49
CA ILE I 247 -38.21 66.39 -63.40
C ILE I 247 -37.27 66.79 -62.25
N GLY I 248 -37.82 67.02 -61.04
CA GLY I 248 -37.13 67.55 -59.86
C GLY I 248 -36.63 66.39 -58.99
N ASN I 249 -36.83 66.47 -57.64
CA ASN I 249 -36.32 65.71 -56.55
C ASN I 249 -36.86 64.31 -56.62
N GLU I 250 -37.88 64.06 -57.46
CA GLU I 250 -38.59 62.85 -57.78
C GLU I 250 -37.60 61.85 -58.28
N ARG I 251 -36.48 62.35 -58.85
CA ARG I 251 -35.40 61.49 -59.32
C ARG I 251 -34.77 60.57 -58.36
N PHE I 252 -34.66 61.01 -57.08
CA PHE I 252 -34.00 60.29 -56.02
C PHE I 252 -35.01 59.84 -54.96
N ARG I 253 -36.16 60.56 -54.90
CA ARG I 253 -37.24 60.20 -54.08
C ARG I 253 -37.86 58.86 -54.47
N CYS I 254 -38.02 58.62 -55.82
CA CYS I 254 -38.64 57.45 -56.40
C CYS I 254 -37.96 56.23 -55.91
N PRO I 255 -36.72 56.05 -56.08
CA PRO I 255 -35.99 54.89 -55.58
C PRO I 255 -35.79 54.97 -54.09
N GLU I 256 -36.01 56.12 -53.38
CA GLU I 256 -35.81 56.22 -51.96
C GLU I 256 -36.70 55.26 -51.20
N THR I 257 -37.86 54.86 -51.78
CA THR I 257 -38.85 53.97 -51.19
C THR I 257 -38.26 52.55 -50.89
N LEU I 258 -37.21 52.16 -51.59
CA LEU I 258 -36.43 50.90 -51.46
C LEU I 258 -35.72 50.89 -50.13
N PHE I 259 -35.27 52.03 -49.58
CA PHE I 259 -34.62 52.11 -48.33
C PHE I 259 -35.65 52.35 -47.19
N GLN I 260 -36.76 53.05 -47.55
CA GLN I 260 -37.79 53.37 -46.52
C GLN I 260 -39.18 52.99 -47.06
N PRO I 261 -39.63 51.71 -46.94
CA PRO I 261 -40.92 51.20 -47.37
C PRO I 261 -42.16 51.89 -46.74
N SER I 262 -42.06 52.52 -45.61
CA SER I 262 -43.11 53.30 -45.09
C SER I 262 -43.75 54.44 -45.84
N PHE I 263 -42.91 55.00 -46.82
CA PHE I 263 -43.28 56.08 -47.73
C PHE I 263 -44.48 55.65 -48.59
N ILE I 264 -44.66 54.33 -48.83
CA ILE I 264 -45.78 53.79 -49.59
C ILE I 264 -46.72 52.98 -48.70
N GLY I 265 -46.60 53.05 -47.36
CA GLY I 265 -47.47 52.47 -46.41
C GLY I 265 -47.22 50.98 -46.35
N MET I 266 -46.05 50.54 -45.95
CA MET I 266 -45.67 49.13 -45.76
C MET I 266 -45.15 49.05 -44.41
N GLU I 267 -45.18 47.81 -43.81
CA GLU I 267 -44.62 47.27 -42.61
C GLU I 267 -43.28 46.56 -42.87
N SER I 268 -42.82 46.50 -44.16
CA SER I 268 -41.57 46.03 -44.60
C SER I 268 -40.34 46.80 -44.25
N ALA I 269 -39.20 46.14 -44.17
CA ALA I 269 -37.96 46.80 -43.94
C ALA I 269 -37.22 46.96 -45.20
N GLY I 270 -36.28 47.94 -45.21
CA GLY I 270 -35.50 48.28 -46.37
C GLY I 270 -34.55 47.31 -46.93
N ILE I 271 -34.16 47.50 -48.20
CA ILE I 271 -33.31 46.55 -48.97
C ILE I 271 -31.93 46.30 -48.34
N HIS I 272 -31.34 47.33 -47.73
CA HIS I 272 -30.11 47.21 -46.94
C HIS I 272 -30.35 46.47 -45.62
N GLU I 273 -31.53 46.67 -45.00
CA GLU I 273 -31.84 46.05 -43.76
C GLU I 273 -32.04 44.56 -43.90
N THR I 274 -32.76 44.17 -44.96
CA THR I 274 -33.03 42.77 -45.29
C THR I 274 -31.78 42.10 -45.86
N THR I 275 -30.80 42.84 -46.40
CA THR I 275 -29.44 42.34 -46.65
C THR I 275 -28.78 41.92 -45.34
N TYR I 276 -28.71 42.82 -44.36
CA TYR I 276 -28.10 42.54 -43.05
C TYR I 276 -28.81 41.40 -42.30
N ASN I 277 -30.14 41.47 -42.16
CA ASN I 277 -30.93 40.43 -41.49
C ASN I 277 -30.77 39.06 -42.16
N SER I 278 -30.66 39.00 -43.50
CA SER I 278 -30.46 37.76 -44.24
C SER I 278 -29.10 37.12 -43.94
N ILE I 279 -27.99 37.88 -43.95
CA ILE I 279 -26.67 37.29 -43.62
C ILE I 279 -26.63 36.83 -42.16
N MET I 280 -27.28 37.55 -41.23
CA MET I 280 -27.32 37.17 -39.81
C MET I 280 -28.06 35.85 -39.52
N LYS I 281 -28.86 35.30 -40.47
CA LYS I 281 -29.43 33.93 -40.37
C LYS I 281 -28.39 32.83 -40.70
N CYS I 282 -27.26 33.17 -41.31
CA CYS I 282 -26.22 32.24 -41.75
C CYS I 282 -25.14 31.98 -40.68
N ASP I 283 -24.42 30.86 -40.79
CA ASP I 283 -23.36 30.46 -39.85
C ASP I 283 -22.06 31.27 -40.05
N ILE I 284 -21.30 31.51 -38.97
CA ILE I 284 -20.19 32.49 -38.95
C ILE I 284 -19.10 32.19 -39.99
N ASP I 285 -18.71 30.93 -40.16
CA ASP I 285 -17.68 30.54 -41.13
C ASP I 285 -18.11 30.70 -42.60
N ILE I 286 -19.42 30.80 -42.88
CA ILE I 286 -19.95 31.18 -44.20
C ILE I 286 -20.36 32.66 -44.27
N ARG I 287 -20.63 33.35 -43.16
CA ARG I 287 -20.79 34.82 -43.14
C ARG I 287 -19.59 35.50 -43.80
N LYS I 288 -18.38 34.98 -43.61
CA LYS I 288 -17.14 35.43 -44.27
C LYS I 288 -17.28 35.47 -45.79
N ASP I 289 -17.52 34.34 -46.44
CA ASP I 289 -17.64 34.29 -47.90
C ASP I 289 -18.94 34.93 -48.44
N LEU I 290 -19.99 35.04 -47.62
CA LEU I 290 -21.20 35.81 -47.96
C LEU I 290 -20.95 37.32 -47.95
N TYR I 291 -20.49 37.92 -46.84
CA TYR I 291 -20.16 39.34 -46.75
C TYR I 291 -19.10 39.76 -47.77
N ALA I 292 -18.08 38.92 -47.98
CA ALA I 292 -17.01 39.17 -48.94
C ALA I 292 -17.49 39.28 -50.40
N ASN I 293 -18.69 38.79 -50.71
CA ASN I 293 -19.32 38.79 -52.03
C ASN I 293 -20.79 39.29 -51.96
N ASN I 294 -21.01 40.54 -51.52
CA ASN I 294 -22.30 41.23 -51.71
C ASN I 294 -22.44 41.68 -53.19
N VAL I 295 -23.32 41.04 -53.95
CA VAL I 295 -23.50 41.27 -55.40
C VAL I 295 -24.81 42.00 -55.70
N LEU I 296 -24.75 43.07 -56.50
CA LEU I 296 -25.94 43.71 -57.08
C LEU I 296 -26.37 43.02 -58.38
N SER I 297 -27.68 42.86 -58.58
CA SER I 297 -28.27 42.20 -59.76
C SER I 297 -29.63 42.82 -60.14
N GLY I 298 -29.99 42.78 -61.42
CA GLY I 298 -31.31 43.18 -61.91
C GLY I 298 -31.42 44.64 -62.35
N GLY I 299 -32.51 44.97 -63.06
CA GLY I 299 -32.74 46.22 -63.71
C GLY I 299 -32.80 47.38 -62.83
N THR I 300 -33.29 47.18 -61.62
CA THR I 300 -33.45 48.33 -60.60
C THR I 300 -32.11 48.78 -60.07
N THR I 301 -31.08 47.92 -60.12
CA THR I 301 -29.72 48.24 -59.64
C THR I 301 -28.87 49.04 -60.64
N MET I 302 -29.43 49.45 -61.80
CA MET I 302 -28.67 50.12 -62.80
C MET I 302 -28.75 51.63 -62.70
N TYR I 303 -29.41 52.23 -61.68
CA TYR I 303 -29.35 53.58 -61.33
C TYR I 303 -27.96 53.97 -60.88
N PRO I 304 -27.26 55.01 -61.43
CA PRO I 304 -25.87 55.39 -61.01
C PRO I 304 -25.71 55.74 -59.57
N GLY I 305 -24.49 55.47 -59.08
CA GLY I 305 -24.17 55.92 -57.78
C GLY I 305 -24.69 55.00 -56.72
N ILE I 306 -25.26 53.83 -57.06
CA ILE I 306 -25.86 52.90 -56.08
C ILE I 306 -24.85 52.24 -55.12
N ALA I 307 -23.64 51.92 -55.59
CA ALA I 307 -22.66 51.28 -54.83
C ALA I 307 -22.13 51.95 -53.62
N ASP I 308 -21.90 53.27 -53.76
CA ASP I 308 -21.41 54.10 -52.66
C ASP I 308 -22.50 54.14 -51.60
N ARG I 309 -23.80 54.26 -51.96
CA ARG I 309 -24.98 54.24 -51.04
C ARG I 309 -25.13 52.94 -50.28
N MET I 310 -25.14 51.83 -51.01
CA MET I 310 -25.19 50.47 -50.45
C MET I 310 -23.94 50.14 -49.63
N GLN I 311 -22.75 50.61 -50.04
CA GLN I 311 -21.50 50.43 -49.22
C GLN I 311 -21.65 51.06 -47.85
N LYS I 312 -22.16 52.23 -47.82
CA LYS I 312 -22.46 52.99 -46.65
C LYS I 312 -23.36 52.34 -45.71
N GLU I 313 -24.51 51.97 -46.31
CA GLU I 313 -25.66 51.51 -45.52
C GLU I 313 -25.31 50.22 -44.83
N ILE I 314 -24.68 49.27 -45.55
CA ILE I 314 -24.34 47.93 -45.02
C ILE I 314 -23.24 47.99 -43.95
N THR I 315 -22.19 48.79 -44.13
CA THR I 315 -21.10 49.01 -43.16
C THR I 315 -21.70 49.56 -41.90
N ALA I 316 -22.80 50.39 -41.99
CA ALA I 316 -23.45 51.02 -40.78
C ALA I 316 -24.20 49.97 -40.01
N LEU I 317 -24.82 48.99 -40.74
CA LEU I 317 -25.59 47.90 -39.98
C LEU I 317 -24.68 46.80 -39.48
N ALA I 318 -23.60 46.47 -40.31
CA ALA I 318 -22.71 45.37 -40.14
C ALA I 318 -21.52 45.76 -39.35
N PRO I 319 -20.93 44.90 -38.48
CA PRO I 319 -19.64 45.13 -37.73
C PRO I 319 -18.50 45.42 -38.68
N SER I 320 -17.58 46.26 -38.22
CA SER I 320 -16.48 46.74 -38.90
C SER I 320 -15.33 45.69 -38.83
N THR I 321 -15.58 44.38 -38.65
CA THR I 321 -14.54 43.34 -38.96
C THR I 321 -14.98 42.22 -39.89
N MET I 322 -16.19 42.31 -40.44
CA MET I 322 -16.44 41.70 -41.75
C MET I 322 -15.86 42.64 -42.81
N LYS I 323 -15.15 42.09 -43.81
CA LYS I 323 -14.83 42.80 -45.05
C LYS I 323 -16.17 43.23 -45.67
N ILE I 324 -16.42 44.54 -45.85
CA ILE I 324 -17.60 44.93 -46.62
C ILE I 324 -17.21 45.40 -48.02
N LYS I 325 -17.83 44.91 -49.10
CA LYS I 325 -17.48 45.42 -50.44
C LYS I 325 -18.68 45.07 -51.33
N ILE I 326 -19.15 46.09 -52.15
CA ILE I 326 -20.28 45.96 -53.17
C ILE I 326 -19.55 45.49 -54.47
N ILE I 327 -20.10 44.41 -55.04
CA ILE I 327 -19.75 43.90 -56.37
C ILE I 327 -20.90 44.29 -57.29
N ALA I 328 -20.59 45.12 -58.29
CA ALA I 328 -21.53 45.51 -59.26
C ALA I 328 -21.02 45.09 -60.56
N PRO I 329 -21.57 44.05 -61.21
CA PRO I 329 -21.16 43.60 -62.55
C PRO I 329 -21.22 44.69 -63.64
N PRO I 330 -20.49 44.55 -64.79
CA PRO I 330 -20.39 45.53 -65.78
C PRO I 330 -21.75 45.72 -66.45
N GLU I 331 -22.62 44.65 -66.51
CA GLU I 331 -23.92 44.74 -67.24
C GLU I 331 -24.85 43.93 -66.40
N ARG I 332 -25.04 44.32 -65.09
CA ARG I 332 -25.75 43.65 -64.01
C ARG I 332 -27.16 43.40 -64.28
N LYS I 333 -27.74 44.13 -65.23
CA LYS I 333 -29.13 43.93 -65.72
C LYS I 333 -29.40 42.63 -66.41
N TYR I 334 -28.34 41.94 -66.94
CA TYR I 334 -28.43 40.79 -67.73
C TYR I 334 -27.85 39.66 -66.95
N SER I 335 -27.30 39.82 -65.73
CA SER I 335 -26.46 38.78 -65.10
C SER I 335 -27.20 37.47 -64.81
N VAL I 336 -28.53 37.53 -64.63
CA VAL I 336 -29.37 36.34 -64.55
C VAL I 336 -29.30 35.54 -65.86
N TRP I 337 -29.55 36.21 -66.99
CA TRP I 337 -29.55 35.57 -68.30
C TRP I 337 -28.14 35.07 -68.66
N ILE I 338 -27.10 35.86 -68.40
CA ILE I 338 -25.70 35.46 -68.62
C ILE I 338 -25.34 34.24 -67.76
N GLY I 339 -25.77 34.21 -66.50
CA GLY I 339 -25.58 33.07 -65.62
C GLY I 339 -26.27 31.82 -66.12
N GLY I 340 -27.49 31.96 -66.66
CA GLY I 340 -28.19 30.88 -67.35
C GLY I 340 -27.46 30.40 -68.61
N SER I 341 -26.90 31.32 -69.40
CA SER I 341 -26.09 30.98 -70.58
C SER I 341 -24.82 30.21 -70.22
N ILE I 342 -24.15 30.59 -69.12
CA ILE I 342 -23.01 29.86 -68.56
C ILE I 342 -23.49 28.48 -68.08
N LEU I 343 -24.46 28.42 -67.17
CA LEU I 343 -24.93 27.17 -66.55
C LEU I 343 -25.41 26.15 -67.60
N ALA I 344 -26.24 26.56 -68.55
CA ALA I 344 -26.76 25.70 -69.61
C ALA I 344 -25.69 25.26 -70.63
N SER I 345 -24.49 25.86 -70.63
CA SER I 345 -23.34 25.44 -71.46
C SER I 345 -22.22 24.75 -70.67
N LEU I 346 -22.35 24.55 -69.36
CA LEU I 346 -21.44 23.67 -68.60
C LEU I 346 -21.67 22.19 -68.97
N SER I 347 -20.60 21.42 -69.16
CA SER I 347 -20.69 19.97 -69.43
C SER I 347 -21.21 19.17 -68.22
N THR I 348 -20.94 19.64 -67.00
CA THR I 348 -21.43 19.04 -65.74
C THR I 348 -22.93 19.22 -65.53
N PHE I 349 -23.53 20.31 -66.04
CA PHE I 349 -24.96 20.61 -65.88
C PHE I 349 -25.88 19.75 -66.76
N GLN I 350 -25.39 19.16 -67.86
CA GLN I 350 -26.23 18.44 -68.83
C GLN I 350 -26.93 17.18 -68.24
N GLN I 351 -26.49 16.70 -67.09
CA GLN I 351 -27.15 15.65 -66.30
C GLN I 351 -28.43 16.12 -65.57
N MET I 352 -28.63 17.43 -65.40
CA MET I 352 -29.66 18.00 -64.51
C MET I 352 -31.05 18.17 -65.16
N TRP I 353 -31.15 18.29 -66.48
CA TRP I 353 -32.40 18.64 -67.18
C TRP I 353 -33.58 17.71 -66.83
N ILE I 354 -34.79 18.26 -66.72
CA ILE I 354 -36.05 17.51 -66.74
C ILE I 354 -36.25 16.97 -68.17
N SER I 355 -36.31 15.66 -68.36
CA SER I 355 -36.66 15.05 -69.65
C SER I 355 -38.17 14.95 -69.87
N LYS I 356 -38.60 14.86 -71.13
CA LYS I 356 -40.01 14.62 -71.51
C LYS I 356 -40.56 13.31 -70.92
N GLN I 357 -39.74 12.26 -70.81
CA GLN I 357 -40.15 11.00 -70.19
C GLN I 357 -40.47 11.16 -68.69
N GLU I 358 -39.63 11.85 -67.93
CA GLU I 358 -39.89 12.07 -66.49
C GLU I 358 -41.16 12.90 -66.27
N TYR I 359 -41.44 13.87 -67.15
CA TYR I 359 -42.72 14.59 -67.18
C TYR I 359 -43.90 13.67 -67.49
N ASP I 360 -43.79 12.77 -68.47
CA ASP I 360 -44.84 11.78 -68.77
C ASP I 360 -45.11 10.82 -67.59
N GLU I 361 -44.11 10.48 -66.76
CA GLU I 361 -44.29 9.63 -65.63
C GLU I 361 -44.91 10.25 -64.38
N ALA I 362 -44.50 11.49 -64.06
CA ALA I 362 -44.81 12.17 -62.79
C ALA I 362 -45.66 13.45 -62.90
N GLY I 363 -45.99 13.89 -64.13
CA GLY I 363 -46.70 15.08 -64.43
C GLY I 363 -45.82 16.30 -64.04
N PRO I 364 -46.47 17.48 -63.99
CA PRO I 364 -45.79 18.76 -63.88
C PRO I 364 -44.91 18.81 -62.60
N SER I 365 -45.16 17.91 -61.63
CA SER I 365 -44.52 17.74 -60.33
C SER I 365 -42.99 17.60 -60.38
N ILE I 366 -42.46 17.10 -61.51
CA ILE I 366 -41.07 16.70 -61.68
C ILE I 366 -40.04 17.81 -61.35
N VAL I 367 -40.40 19.08 -61.55
CA VAL I 367 -39.57 20.23 -61.18
C VAL I 367 -39.15 20.21 -59.71
N HIS I 368 -40.02 19.76 -58.80
CA HIS I 368 -39.73 19.67 -57.36
C HIS I 368 -38.83 18.47 -56.98
N ARG I 369 -38.44 17.61 -57.94
CA ARG I 369 -37.41 16.57 -57.76
C ARG I 369 -36.08 16.90 -58.46
N LYS I 370 -36.12 17.62 -59.58
CA LYS I 370 -34.94 17.95 -60.40
C LYS I 370 -34.31 19.32 -60.06
N CYS I 371 -35.10 20.27 -59.55
CA CYS I 371 -34.68 21.64 -59.23
C CYS I 371 -34.71 21.91 -57.72
N PHE I 372 -33.77 22.73 -57.24
CA PHE I 372 -33.48 22.95 -55.81
C PHE I 372 -33.28 24.43 -55.48
#